data_7UDG
#
_entry.id   7UDG
#
_cell.length_a   256.760
_cell.length_b   144.170
_cell.length_c   104.550
_cell.angle_alpha   90.000
_cell.angle_beta   90.000
_cell.angle_gamma   90.000
#
_symmetry.space_group_name_H-M   'P 21 21 2'
#
loop_
_entity.id
_entity.type
_entity.pdbx_description
1 polymer 'Integrin alpha-IIb heavy chain'
2 polymer 'Isoform Beta-3C of Integrin beta-3'
3 polymer '10E5 Fab heavy chain'
4 polymer '10E5 Fab light chain'
5 branched alpha-D-mannopyranose-(1-3)-[alpha-D-mannopyranose-(1-6)]beta-D-mannopyranose-(1-4)-2-acetamido-2-deoxy-beta-D-glucopyranose-(1-4)-2-acetamido-2-deoxy-beta-D-glucopyranose
6 branched 2-acetamido-2-deoxy-beta-D-glucopyranose-(1-4)-2-acetamido-2-deoxy-beta-D-glucopyranose
7 branched alpha-D-mannopyranose-(1-3)-beta-D-mannopyranose-(1-4)-2-acetamido-2-deoxy-beta-D-glucopyranose-(1-4)-2-acetamido-2-deoxy-beta-D-glucopyranose
8 non-polymer 'SULFATE ION'
9 non-polymer 'CALCIUM ION'
10 non-polymer 'MAGNESIUM ION'
11 non-polymer 2-acetamido-2-deoxy-beta-D-glucopyranose
12 non-polymer Lotrafiban
13 non-polymer 'CHLORIDE ION'
14 water water
#
loop_
_entity_poly.entity_id
_entity_poly.type
_entity_poly.pdbx_seq_one_letter_code
_entity_poly.pdbx_strand_id
1 'polypeptide(L)'
;LNLDPVQLTFYAGPNGSQFGFSLDFHKDSHGRVAIVVGAPRTLGPSQEETGGVFLCPWRAEGGQCPSLLFDLRDETRNVG
SQTLQTFKARQGLGASVVSWSDVIVACAPWQHWNVLEKTEEAEKTPVGSCFLAQPESGRRAEYSPCRGNTLSRIYVENDF
SWDKRYCEAGFSSVVTQAGELVLGAPGGYYFLGLLAQAPVADIFSSYRPGILLWHVSSQSLSFDSSNPEYFDGYWGYSVA
VGEFDGDLNTTEYVVGAPTWSWTLGAVEILDSYYQRLHRLRGEQMASYFGHSVAVTDVNGDGRHDLLVGAPLYMESRADR
KLAEVGRVYLFLQPRGPHALGAPSLLLTGTQLYGRFGSAIAPLGDLDRDGYNDIAVAAPYGGPSGRGQVLVFLGQSEGLR
SRPSQVLDSPFPTGSAFGFSLRGAVDIDDNGYPDLIVGAYGANQVAVYRAQPVVKAS
;
A,C
2 'polypeptide(L)'
;GPNICTTRGVSSCQQCLAVSPMCAWCSDEALPLGSPRCDLKENLLKDNCAPESIEFPVSEARVLEDRPLSDKGSGDSSQV
TQVSPQRIALRLRPDDSKNFSIQVRQVEDYPVDIYYLMDLSYSMKDDLWSIQNLGTKLATQMRKLTSNLRIGFGAFVDKP
VSPYMYISPPEALENPCYDMKTTCLPMFGYKHVLTLTDQVTRFNEEVKKQSVSRNRDAPEGGFDAIMQATVCDEKIGWRN
DASHLLVFTTDAKTHIALDGRLAGIVQPNDGQCHVGSDNHYSASTTMDYPSLGLMTEKLSQKNINLIFAVTENVVNLYQN
YSELIPGTTVGVLSMDSSNVLQLIVDAYGKIRSKVELEVRDLPEELSLSFNATCLNNEVIPGLKSCMGLKIGDTVSFSIE
AKVRGCPQEKEKSFTIKPVGFKDSLIVQVTFDCDCACQAQAEPNSHRCNNGNGTFECGVCRCGPGWLGSQCE
;
B,D
3 'polypeptide(L)'
;EVQLQQSGAELVKPGASVKLSCTASGFNIKDTYVHWVKQRPEQGLEWIGRIDPANGYTKYDPKFQGKATITADTSSNTAY
LQLSSLTSEDTAVYYCVRPLYDYYAMDYWGQGTSVTVSSAKTTAPSVYPLAPVCGDTTGSSVTLGCLVKGYFPEPVTLTW
NSGSLSSGVHTFPAVLQSDLYTLSSSVTVTSSTWPSQSITCNVAHPASSTKVDKKIEPRGP
;
E,H
4 'polypeptide(L)'
;DILMTQSPSSMSVSLGDTVSITCHASQGISSNIGWLQQKPGKSFMGLIYYGTNLVDGVPSRFSGSGSGADYSLTISSLDS
EDFADYYCVQYAQLPYTFGGGTKLEIKRADAAPTVSIFPPSSEQLTSGGASVVCFLNNFYPKDINVKWKIDGSERQNGVL
NSWTDQDSKDSTYSMSSTLTLTKDEYERHNSYTCEATHKTSTSPIVKSFNRNEC
;
F,L
#
loop_
_chem_comp.id
_chem_comp.type
_chem_comp.name
_chem_comp.formula
BMA D-saccharide, beta linking beta-D-mannopyranose 'C6 H12 O6'
CA non-polymer 'CALCIUM ION' 'Ca 2'
CL non-polymer 'CHLORIDE ION' 'Cl -1'
MAN D-saccharide, alpha linking alpha-D-mannopyranose 'C6 H12 O6'
MG non-polymer 'MAGNESIUM ION' 'Mg 2'
MWI non-polymer Lotrafiban 'C23 H32 N4 O4'
NAG D-saccharide, beta linking 2-acetamido-2-deoxy-beta-D-glucopyranose 'C8 H15 N O6'
SO4 non-polymer 'SULFATE ION' 'O4 S -2'
#
# COMPACT_ATOMS: atom_id res chain seq x y z
N LEU A 1 -6.36 -47.71 2.99
CA LEU A 1 -5.74 -49.01 2.80
C LEU A 1 -6.72 -50.15 3.04
N ASN A 2 -7.36 -50.12 4.21
CA ASN A 2 -8.16 -51.24 4.68
C ASN A 2 -9.64 -50.92 4.76
N LEU A 3 -10.13 -50.08 3.87
CA LEU A 3 -11.56 -49.99 3.64
C LEU A 3 -11.99 -51.12 2.72
N ASP A 4 -13.19 -51.65 2.95
CA ASP A 4 -13.66 -52.81 2.18
C ASP A 4 -14.40 -52.31 0.95
N PRO A 5 -13.84 -52.45 -0.26
CA PRO A 5 -14.52 -51.91 -1.45
C PRO A 5 -15.38 -52.94 -2.17
N VAL A 6 -15.67 -54.04 -1.49
CA VAL A 6 -16.41 -55.12 -2.13
C VAL A 6 -17.85 -55.15 -1.64
N GLN A 7 -18.02 -55.19 -0.32
CA GLN A 7 -19.33 -55.26 0.33
C GLN A 7 -19.64 -53.92 0.97
N LEU A 8 -20.24 -53.02 0.18
CA LEU A 8 -20.63 -51.71 0.67
C LEU A 8 -22.06 -51.75 1.22
N THR A 9 -22.42 -50.67 1.91
CA THR A 9 -23.78 -50.47 2.38
C THR A 9 -24.34 -49.25 1.67
N PHE A 10 -25.56 -49.37 1.15
CA PHE A 10 -26.21 -48.29 0.42
C PHE A 10 -27.50 -47.89 1.12
N TYR A 11 -27.57 -46.63 1.54
CA TYR A 11 -28.80 -45.97 1.97
C TYR A 11 -29.26 -45.04 0.85
N ALA A 12 -30.58 -44.85 0.74
CA ALA A 12 -31.13 -44.15 -0.41
C ALA A 12 -32.37 -43.37 -0.03
N GLY A 13 -32.57 -42.25 -0.72
CA GLY A 13 -33.70 -41.39 -0.49
C GLY A 13 -34.52 -41.17 -1.75
N PRO A 14 -35.47 -40.23 -1.69
CA PRO A 14 -36.35 -40.00 -2.83
C PRO A 14 -35.61 -39.44 -4.04
N ASN A 15 -36.12 -39.79 -5.22
CA ASN A 15 -35.55 -39.32 -6.47
C ASN A 15 -35.55 -37.79 -6.51
N GLY A 16 -34.39 -37.21 -6.79
CA GLY A 16 -34.26 -35.77 -6.90
C GLY A 16 -34.30 -35.01 -5.59
N SER A 17 -34.16 -35.68 -4.46
CA SER A 17 -34.11 -35.01 -3.16
C SER A 17 -32.71 -34.52 -2.80
N GLN A 18 -31.70 -34.90 -3.58
CA GLN A 18 -30.30 -34.65 -3.24
C GLN A 18 -29.98 -35.21 -1.86
N PHE A 19 -30.57 -36.36 -1.58
CA PHE A 19 -30.24 -37.17 -0.41
C PHE A 19 -28.76 -37.47 -0.40
N GLY A 20 -28.04 -37.00 0.62
CA GLY A 20 -26.61 -37.20 0.69
C GLY A 20 -25.78 -35.97 0.40
N PHE A 21 -26.40 -34.81 0.19
CA PHE A 21 -25.65 -33.57 0.05
C PHE A 21 -24.78 -33.32 1.26
N SER A 22 -25.23 -33.77 2.44
CA SER A 22 -24.49 -33.61 3.68
C SER A 22 -24.82 -34.80 4.58
N LEU A 23 -23.84 -35.21 5.40
CA LEU A 23 -24.05 -36.34 6.29
C LEU A 23 -23.15 -36.21 7.50
N ASP A 24 -23.44 -37.01 8.51
CA ASP A 24 -22.62 -37.10 9.72
C ASP A 24 -23.07 -38.33 10.51
N PHE A 25 -22.19 -38.78 11.39
CA PHE A 25 -22.52 -39.86 12.32
C PHE A 25 -23.25 -39.27 13.52
N HIS A 26 -24.20 -40.04 14.05
CA HIS A 26 -24.98 -39.62 15.22
C HIS A 26 -25.07 -40.74 16.23
N LYS A 27 -24.49 -40.54 17.41
CA LYS A 27 -24.64 -41.49 18.52
C LYS A 27 -25.77 -41.02 19.41
N ASP A 28 -26.67 -41.94 19.75
CA ASP A 28 -27.72 -41.58 20.68
C ASP A 28 -27.17 -41.59 22.11
N SER A 29 -28.05 -41.33 23.09
CA SER A 29 -27.59 -41.28 24.47
C SER A 29 -26.98 -42.59 24.92
N HIS A 30 -27.22 -43.68 24.20
CA HIS A 30 -26.67 -44.98 24.54
C HIS A 30 -25.41 -45.32 23.75
N GLY A 31 -25.01 -44.46 22.82
CA GLY A 31 -23.81 -44.70 22.03
C GLY A 31 -24.02 -45.43 20.72
N ARG A 32 -25.27 -45.76 20.37
CA ARG A 32 -25.55 -46.46 19.11
C ARG A 32 -25.40 -45.49 17.95
N VAL A 33 -24.52 -45.82 17.02
CA VAL A 33 -24.22 -44.91 15.91
C VAL A 33 -25.27 -45.07 14.82
N ALA A 34 -25.86 -43.95 14.41
CA ALA A 34 -26.71 -43.85 13.25
C ALA A 34 -26.06 -42.90 12.26
N ILE A 35 -26.71 -42.71 11.11
CA ILE A 35 -26.26 -41.74 10.11
C ILE A 35 -27.36 -40.72 9.89
N VAL A 36 -27.00 -39.44 9.99
CA VAL A 36 -27.93 -38.36 9.68
C VAL A 36 -27.60 -37.83 8.30
N VAL A 37 -28.60 -37.78 7.43
CA VAL A 37 -28.42 -37.41 6.04
C VAL A 37 -29.37 -36.25 5.72
N GLY A 38 -28.83 -35.20 5.12
CA GLY A 38 -29.64 -34.07 4.66
C GLY A 38 -29.91 -34.21 3.17
N ALA A 39 -31.16 -33.95 2.80
CA ALA A 39 -31.62 -33.99 1.41
C ALA A 39 -32.22 -32.63 1.08
N PRO A 40 -31.40 -31.66 0.67
CA PRO A 40 -31.87 -30.27 0.58
C PRO A 40 -33.00 -30.02 -0.41
N ARG A 41 -33.36 -30.98 -1.26
CA ARG A 41 -34.44 -30.75 -2.21
C ARG A 41 -35.61 -31.72 -2.01
N THR A 42 -35.78 -32.19 -0.77
CA THR A 42 -36.94 -33.02 -0.46
C THR A 42 -38.23 -32.20 -0.54
N LEU A 43 -39.29 -32.82 -1.04
CA LEU A 43 -40.56 -32.13 -1.14
C LEU A 43 -41.22 -31.96 0.23
N GLY A 44 -41.92 -30.84 0.39
CA GLY A 44 -42.57 -30.55 1.64
C GLY A 44 -44.05 -30.86 1.62
N PRO A 45 -44.86 -30.03 2.27
CA PRO A 45 -46.31 -30.27 2.28
C PRO A 45 -46.98 -29.76 1.01
N SER A 46 -46.57 -28.57 0.56
CA SER A 46 -47.12 -27.93 -0.62
C SER A 46 -46.56 -28.51 -1.92
N GLN A 47 -45.94 -29.69 -1.85
CA GLN A 47 -45.28 -30.33 -2.99
C GLN A 47 -44.19 -29.45 -3.57
N GLU A 48 -43.60 -28.59 -2.74
CA GLU A 48 -42.54 -27.69 -3.15
C GLU A 48 -41.25 -28.09 -2.42
N GLU A 49 -40.13 -27.96 -3.12
CA GLU A 49 -38.84 -28.29 -2.52
C GLU A 49 -38.61 -27.45 -1.29
N THR A 50 -38.47 -28.11 -0.14
CA THR A 50 -38.07 -27.45 1.09
C THR A 50 -36.86 -28.09 1.74
N GLY A 51 -36.43 -29.26 1.30
CA GLY A 51 -35.37 -29.99 1.96
C GLY A 51 -35.90 -30.90 3.05
N GLY A 52 -35.02 -31.79 3.50
CA GLY A 52 -35.39 -32.74 4.53
C GLY A 52 -34.19 -33.42 5.11
N VAL A 53 -34.38 -34.01 6.28
CA VAL A 53 -33.33 -34.69 7.03
C VAL A 53 -33.79 -36.10 7.35
N PHE A 54 -32.89 -37.06 7.20
CA PHE A 54 -33.18 -38.46 7.50
C PHE A 54 -32.19 -38.96 8.54
N LEU A 55 -32.69 -39.82 9.44
CA LEU A 55 -31.87 -40.44 10.48
C LEU A 55 -31.82 -41.94 10.20
N CYS A 56 -30.68 -42.41 9.71
CA CYS A 56 -30.56 -43.77 9.21
C CYS A 56 -30.00 -44.70 10.29
N PRO A 57 -30.75 -45.68 10.77
CA PRO A 57 -30.16 -46.69 11.66
C PRO A 57 -29.14 -47.54 10.93
N TRP A 58 -28.17 -48.04 11.66
CA TRP A 58 -27.11 -48.84 11.05
C TRP A 58 -27.60 -50.26 10.77
N ARG A 59 -27.67 -50.61 9.49
CA ARG A 59 -27.92 -51.97 9.05
C ARG A 59 -26.95 -52.26 7.91
N ALA A 60 -26.31 -53.43 7.94
CA ALA A 60 -25.37 -53.75 6.88
C ALA A 60 -26.04 -53.78 5.51
N GLU A 61 -27.36 -54.01 5.46
CA GLU A 61 -28.08 -54.00 4.19
C GLU A 61 -28.44 -52.60 3.73
N GLY A 62 -28.49 -51.62 4.62
CA GLY A 62 -28.90 -50.29 4.22
C GLY A 62 -30.38 -50.21 3.92
N GLY A 63 -30.74 -49.34 2.97
CA GLY A 63 -32.11 -49.23 2.50
C GLY A 63 -32.66 -47.83 2.73
N GLN A 64 -33.93 -47.77 3.13
CA GLN A 64 -34.62 -46.52 3.36
C GLN A 64 -34.46 -46.09 4.82
N CYS A 65 -34.61 -44.78 5.04
CA CYS A 65 -34.44 -44.22 6.37
C CYS A 65 -35.67 -43.42 6.77
N PRO A 66 -36.03 -43.42 8.05
CA PRO A 66 -37.14 -42.57 8.50
C PRO A 66 -36.74 -41.12 8.49
N SER A 67 -37.73 -40.25 8.29
CA SER A 67 -37.49 -38.83 8.32
C SER A 67 -37.22 -38.35 9.74
N LEU A 68 -36.41 -37.30 9.85
CA LEU A 68 -36.33 -36.49 11.06
C LEU A 68 -37.18 -35.25 10.83
N LEU A 69 -38.36 -35.24 11.43
CA LEU A 69 -39.39 -34.27 11.05
C LEU A 69 -39.11 -32.89 11.64
N PHE A 70 -39.29 -31.87 10.80
CA PHE A 70 -39.19 -30.48 11.21
C PHE A 70 -40.41 -29.73 10.69
N ASP A 71 -40.63 -28.53 11.26
CA ASP A 71 -41.72 -27.69 10.79
C ASP A 71 -41.36 -27.11 9.42
N LEU A 72 -42.28 -27.24 8.46
CA LEU A 72 -42.06 -26.75 7.11
C LEU A 72 -43.11 -25.71 6.70
N ARG A 73 -43.88 -25.20 7.65
CA ARG A 73 -44.89 -24.18 7.35
C ARG A 73 -44.27 -22.80 7.45
N ASP A 74 -44.61 -21.94 6.49
CA ASP A 74 -44.21 -20.53 6.57
C ASP A 74 -44.87 -19.87 7.77
N GLU A 75 -44.11 -19.04 8.47
CA GLU A 75 -44.59 -18.38 9.67
C GLU A 75 -44.83 -16.90 9.42
N THR A 76 -45.74 -16.34 10.23
CA THR A 76 -46.09 -14.93 10.15
C THR A 76 -46.43 -14.43 11.54
N ARG A 77 -45.85 -13.30 11.94
CA ARG A 77 -46.12 -12.72 13.25
C ARG A 77 -46.31 -11.22 13.10
N ASN A 78 -47.48 -10.73 13.51
CA ASN A 78 -47.79 -9.30 13.47
C ASN A 78 -47.54 -8.76 14.88
N VAL A 79 -46.36 -8.18 15.08
CA VAL A 79 -45.93 -7.70 16.38
C VAL A 79 -45.18 -6.40 16.21
N GLY A 80 -45.29 -5.53 17.20
CA GLY A 80 -44.54 -4.27 17.20
C GLY A 80 -44.85 -3.39 16.01
N SER A 81 -46.12 -3.33 15.59
CA SER A 81 -46.53 -2.61 14.41
C SER A 81 -45.70 -3.02 13.18
N GLN A 82 -45.26 -4.27 13.16
CA GLN A 82 -44.52 -4.83 12.05
C GLN A 82 -45.09 -6.20 11.72
N THR A 83 -44.61 -6.78 10.62
CA THR A 83 -45.04 -8.10 10.19
C THR A 83 -43.81 -8.92 9.83
N LEU A 84 -43.54 -9.95 10.62
CA LEU A 84 -42.39 -10.82 10.38
C LEU A 84 -42.83 -12.02 9.55
N GLN A 85 -41.97 -12.43 8.61
CA GLN A 85 -42.30 -13.50 7.69
C GLN A 85 -41.08 -14.41 7.49
N THR A 86 -41.30 -15.72 7.59
CA THR A 86 -40.33 -16.71 7.14
C THR A 86 -40.87 -17.42 5.91
N PHE A 87 -39.97 -17.74 4.99
CA PHE A 87 -40.32 -18.42 3.75
C PHE A 87 -39.39 -19.62 3.60
N LYS A 88 -39.96 -20.82 3.70
CA LYS A 88 -39.19 -22.05 3.68
C LYS A 88 -39.14 -22.70 2.32
N ALA A 89 -39.84 -22.16 1.32
CA ALA A 89 -39.78 -22.70 -0.02
C ALA A 89 -38.36 -22.63 -0.55
N ARG A 90 -37.85 -23.77 -1.03
CA ARG A 90 -36.50 -23.87 -1.59
C ARG A 90 -35.44 -23.39 -0.60
N GLN A 91 -35.69 -23.59 0.68
CA GLN A 91 -34.74 -23.20 1.72
C GLN A 91 -33.53 -24.13 1.79
N GLY A 92 -33.65 -25.34 1.28
CA GLY A 92 -32.53 -26.27 1.30
C GLY A 92 -32.23 -26.85 2.66
N LEU A 93 -33.25 -27.25 3.40
CA LEU A 93 -33.04 -27.91 4.68
C LEU A 93 -32.25 -29.19 4.47
N GLY A 94 -31.15 -29.32 5.18
CA GLY A 94 -30.27 -30.45 4.96
C GLY A 94 -29.10 -30.19 4.05
N ALA A 95 -28.83 -28.92 3.71
CA ALA A 95 -27.65 -28.58 2.95
C ALA A 95 -26.39 -28.57 3.80
N SER A 96 -26.54 -28.71 5.11
CA SER A 96 -25.45 -29.07 5.98
C SER A 96 -26.07 -29.70 7.23
N VAL A 97 -25.45 -30.77 7.71
CA VAL A 97 -25.89 -31.42 8.94
C VAL A 97 -24.66 -31.76 9.76
N VAL A 98 -24.81 -31.70 11.08
CA VAL A 98 -23.71 -32.00 11.98
C VAL A 98 -24.31 -32.48 13.29
N SER A 99 -23.66 -33.46 13.91
CA SER A 99 -24.13 -34.05 15.16
C SER A 99 -23.17 -33.69 16.29
N TRP A 100 -23.73 -33.52 17.48
CA TRP A 100 -22.93 -33.32 18.69
C TRP A 100 -23.76 -33.80 19.86
N SER A 101 -23.18 -34.69 20.68
CA SER A 101 -23.90 -35.36 21.76
C SER A 101 -25.09 -36.10 21.13
N ASP A 102 -26.28 -36.02 21.70
CA ASP A 102 -27.48 -36.60 21.11
C ASP A 102 -28.33 -35.55 20.41
N VAL A 103 -27.69 -34.52 19.87
CA VAL A 103 -28.37 -33.41 19.21
C VAL A 103 -27.94 -33.37 17.74
N ILE A 104 -28.91 -33.13 16.86
CA ILE A 104 -28.67 -32.97 15.44
C ILE A 104 -28.90 -31.52 15.07
N VAL A 105 -28.00 -30.96 14.26
CA VAL A 105 -28.11 -29.59 13.77
C VAL A 105 -28.18 -29.65 12.25
N ALA A 106 -29.36 -29.40 11.70
CA ALA A 106 -29.58 -29.37 10.26
C ALA A 106 -29.98 -27.95 9.86
N CYS A 107 -29.44 -27.48 8.75
CA CYS A 107 -29.54 -26.08 8.39
C CYS A 107 -30.14 -25.90 7.00
N ALA A 108 -30.85 -24.79 6.84
CA ALA A 108 -31.45 -24.38 5.58
C ALA A 108 -30.81 -23.05 5.20
N PRO A 109 -29.68 -23.07 4.50
CA PRO A 109 -28.97 -21.82 4.20
C PRO A 109 -29.82 -20.82 3.44
N TRP A 110 -30.77 -21.28 2.64
CA TRP A 110 -31.51 -20.38 1.78
C TRP A 110 -32.93 -20.14 2.27
N GLN A 111 -33.19 -20.33 3.56
CA GLN A 111 -34.47 -19.91 4.10
C GLN A 111 -34.57 -18.40 4.02
N HIS A 112 -35.68 -17.90 3.50
CA HIS A 112 -35.84 -16.47 3.27
C HIS A 112 -36.63 -15.82 4.41
N TRP A 113 -36.55 -14.50 4.46
CA TRP A 113 -37.03 -13.73 5.61
C TRP A 113 -37.33 -12.32 5.14
N ASN A 114 -38.39 -11.73 5.69
CA ASN A 114 -38.75 -10.37 5.35
C ASN A 114 -39.57 -9.78 6.48
N VAL A 115 -39.59 -8.46 6.55
CA VAL A 115 -40.32 -7.72 7.58
C VAL A 115 -41.06 -6.58 6.91
N LEU A 116 -42.34 -6.43 7.23
CA LEU A 116 -43.18 -5.39 6.64
C LEU A 116 -43.61 -4.39 7.71
N GLU A 117 -43.37 -3.11 7.46
CA GLU A 117 -43.84 -2.02 8.32
C GLU A 117 -44.50 -1.00 7.40
N LYS A 118 -45.84 -1.09 7.29
CA LYS A 118 -46.63 -0.24 6.40
C LYS A 118 -46.19 -0.52 4.97
N THR A 119 -45.69 0.46 4.23
CA THR A 119 -45.27 0.28 2.85
C THR A 119 -43.81 -0.10 2.70
N GLU A 120 -43.01 0.02 3.75
CA GLU A 120 -41.60 -0.34 3.69
C GLU A 120 -41.41 -1.81 4.02
N GLU A 121 -40.24 -2.34 3.65
CA GLU A 121 -39.92 -3.73 3.92
C GLU A 121 -38.43 -3.87 4.19
N ALA A 122 -38.08 -4.94 4.89
CA ALA A 122 -36.67 -5.23 5.12
C ALA A 122 -36.00 -5.83 3.90
N GLU A 123 -36.79 -6.29 2.93
CA GLU A 123 -36.42 -7.05 1.73
C GLU A 123 -36.40 -8.54 2.01
N LYS A 124 -37.01 -9.31 1.11
CA LYS A 124 -37.04 -10.78 1.18
C LYS A 124 -35.66 -11.32 0.84
N THR A 125 -34.94 -11.80 1.83
CA THR A 125 -33.53 -12.15 1.66
C THR A 125 -33.24 -13.49 2.35
N PRO A 126 -32.21 -14.22 1.88
CA PRO A 126 -31.86 -15.52 2.48
C PRO A 126 -30.94 -15.44 3.70
N VAL A 127 -31.54 -15.18 4.87
CA VAL A 127 -30.76 -15.11 6.10
C VAL A 127 -30.29 -16.49 6.53
N GLY A 128 -30.97 -17.54 6.10
CA GLY A 128 -30.66 -18.88 6.55
C GLY A 128 -31.24 -19.17 7.94
N SER A 129 -31.28 -20.45 8.27
CA SER A 129 -31.82 -20.90 9.54
C SER A 129 -31.37 -22.33 9.78
N CYS A 130 -31.09 -22.66 11.03
CA CYS A 130 -30.73 -24.01 11.42
C CYS A 130 -31.78 -24.56 12.38
N PHE A 131 -32.14 -25.82 12.17
CA PHE A 131 -33.08 -26.53 13.02
C PHE A 131 -32.30 -27.53 13.88
N LEU A 132 -32.69 -27.61 15.15
CA LEU A 132 -32.00 -28.46 16.10
C LEU A 132 -33.00 -29.44 16.68
N ALA A 133 -32.60 -30.72 16.75
CA ALA A 133 -33.47 -31.77 17.23
C ALA A 133 -32.72 -32.66 18.21
N GLN A 134 -33.44 -33.13 19.23
CA GLN A 134 -33.00 -34.19 20.13
C GLN A 134 -33.88 -35.39 19.84
N PRO A 135 -33.47 -36.29 18.95
CA PRO A 135 -34.38 -37.34 18.48
C PRO A 135 -35.00 -38.20 19.57
N GLU A 136 -34.25 -38.51 20.63
CA GLU A 136 -34.78 -39.40 21.66
C GLU A 136 -35.88 -38.73 22.49
N SER A 137 -35.80 -37.40 22.66
CA SER A 137 -36.77 -36.69 23.48
C SER A 137 -37.83 -35.97 22.68
N GLY A 138 -37.62 -35.79 21.38
CA GLY A 138 -38.58 -35.03 20.62
C GLY A 138 -38.46 -33.53 20.78
N ARG A 139 -37.43 -33.06 21.46
CA ARG A 139 -37.22 -31.62 21.59
C ARG A 139 -36.82 -31.02 20.24
N ARG A 140 -37.30 -29.82 19.97
CA ARG A 140 -36.93 -29.08 18.78
C ARG A 140 -36.58 -27.65 19.15
N ALA A 141 -35.79 -27.01 18.30
CA ALA A 141 -35.44 -25.61 18.48
C ALA A 141 -34.86 -25.10 17.17
N GLU A 142 -34.93 -23.79 16.99
CA GLU A 142 -34.38 -23.14 15.80
C GLU A 142 -33.34 -22.12 16.23
N TYR A 143 -32.49 -21.75 15.28
CA TYR A 143 -31.47 -20.73 15.52
C TYR A 143 -31.23 -20.02 14.20
N SER A 144 -31.58 -18.73 14.15
CA SER A 144 -31.46 -17.92 12.94
C SER A 144 -30.88 -16.57 13.33
N PRO A 145 -29.56 -16.49 13.52
CA PRO A 145 -28.96 -15.29 14.12
C PRO A 145 -28.95 -14.06 13.22
N CYS A 146 -29.16 -14.21 11.93
CA CYS A 146 -29.10 -13.09 11.01
C CYS A 146 -30.44 -12.42 10.76
N ARG A 147 -31.54 -13.02 11.20
CA ARG A 147 -32.83 -12.34 11.14
C ARG A 147 -32.75 -10.98 11.80
N GLY A 148 -33.28 -9.97 11.12
CA GLY A 148 -33.34 -8.63 11.66
C GLY A 148 -34.69 -8.00 11.38
N ASN A 149 -34.88 -6.80 11.92
CA ASN A 149 -36.11 -6.05 11.69
C ASN A 149 -35.83 -4.64 11.20
N THR A 150 -34.62 -4.38 10.72
CA THR A 150 -34.28 -3.06 10.18
C THR A 150 -34.80 -2.93 8.76
N LEU A 151 -35.44 -1.79 8.46
CA LEU A 151 -36.05 -1.59 7.16
C LEU A 151 -34.99 -1.25 6.11
N SER A 152 -35.38 -1.43 4.84
CA SER A 152 -34.42 -1.34 3.74
C SER A 152 -33.78 0.04 3.65
N ARG A 153 -34.58 1.09 3.86
CA ARG A 153 -34.07 2.45 3.75
C ARG A 153 -32.90 2.70 4.70
N ILE A 154 -32.98 2.15 5.92
CA ILE A 154 -31.93 2.40 6.90
C ILE A 154 -30.58 1.91 6.39
N TYR A 155 -30.55 0.67 5.89
CA TYR A 155 -29.31 0.10 5.38
C TYR A 155 -28.69 1.01 4.31
N VAL A 156 -29.53 1.64 3.49
CA VAL A 156 -29.02 2.51 2.44
C VAL A 156 -28.33 3.72 3.04
N GLU A 157 -28.96 4.33 4.05
CA GLU A 157 -28.38 5.50 4.70
C GLU A 157 -26.99 5.19 5.25
N ASN A 158 -26.88 4.11 6.02
CA ASN A 158 -25.63 3.73 6.67
C ASN A 158 -24.68 2.99 5.75
N ASP A 159 -24.89 3.04 4.43
CA ASP A 159 -24.02 2.39 3.45
C ASP A 159 -23.88 0.88 3.73
N PHE A 160 -25.02 0.23 3.96
CA PHE A 160 -25.12 -1.23 4.05
C PHE A 160 -24.19 -1.81 5.11
N SER A 161 -23.83 -1.03 6.11
CA SER A 161 -23.00 -1.54 7.18
C SER A 161 -23.82 -2.47 8.06
N TRP A 162 -23.18 -3.54 8.54
CA TRP A 162 -23.81 -4.54 9.40
C TRP A 162 -25.09 -5.06 8.78
N ASP A 163 -24.99 -5.43 7.50
CA ASP A 163 -26.10 -5.95 6.72
C ASP A 163 -26.02 -7.48 6.77
N LYS A 164 -26.85 -8.09 7.61
CA LYS A 164 -26.87 -9.54 7.75
C LYS A 164 -28.05 -10.17 7.01
N ARG A 165 -28.55 -9.52 5.97
CA ARG A 165 -29.78 -9.97 5.32
C ARG A 165 -29.57 -11.18 4.43
N TYR A 166 -28.36 -11.37 3.88
CA TYR A 166 -28.10 -12.47 2.95
C TYR A 166 -27.09 -13.46 3.50
N CYS A 167 -26.97 -13.56 4.84
CA CYS A 167 -26.03 -14.46 5.49
C CYS A 167 -25.96 -15.83 4.86
N GLU A 168 -27.13 -16.48 4.72
CA GLU A 168 -27.22 -17.91 4.48
C GLU A 168 -26.54 -18.68 5.60
N ALA A 169 -26.88 -18.32 6.84
CA ALA A 169 -26.35 -19.01 8.01
C ALA A 169 -26.69 -20.50 7.93
N GLY A 170 -25.73 -21.33 8.33
CA GLY A 170 -25.84 -22.76 8.17
C GLY A 170 -25.26 -23.31 6.89
N PHE A 171 -24.81 -22.44 5.99
CA PHE A 171 -24.10 -22.87 4.79
C PHE A 171 -23.05 -23.91 5.13
N SER A 172 -22.25 -23.64 6.16
CA SER A 172 -21.34 -24.61 6.74
C SER A 172 -21.54 -24.61 8.25
N SER A 173 -21.12 -25.70 8.91
CA SER A 173 -21.39 -25.80 10.33
C SER A 173 -20.37 -26.72 10.98
N VAL A 174 -20.27 -26.56 12.31
CA VAL A 174 -19.40 -27.40 13.13
C VAL A 174 -19.79 -27.13 14.58
N VAL A 175 -19.43 -28.05 15.48
CA VAL A 175 -19.74 -27.90 16.89
C VAL A 175 -18.50 -28.25 17.71
N THR A 176 -18.14 -27.37 18.63
CA THR A 176 -16.99 -27.62 19.49
C THR A 176 -17.33 -28.68 20.53
N GLN A 177 -16.30 -29.40 20.98
CA GLN A 177 -16.50 -30.45 21.96
C GLN A 177 -17.21 -29.90 23.19
N ALA A 178 -17.03 -28.62 23.49
CA ALA A 178 -17.75 -27.96 24.57
C ALA A 178 -19.24 -27.75 24.25
N GLY A 179 -19.64 -27.94 23.00
CA GLY A 179 -21.03 -27.79 22.63
C GLY A 179 -21.43 -26.43 22.13
N GLU A 180 -20.52 -25.68 21.52
CA GLU A 180 -20.83 -24.37 20.96
C GLU A 180 -21.00 -24.53 19.45
N LEU A 181 -22.21 -24.29 18.96
CA LEU A 181 -22.47 -24.37 17.53
C LEU A 181 -21.84 -23.16 16.83
N VAL A 182 -21.25 -23.42 15.67
CA VAL A 182 -20.59 -22.38 14.87
C VAL A 182 -21.10 -22.50 13.44
N LEU A 183 -21.75 -21.45 12.95
CA LEU A 183 -22.35 -21.43 11.63
C LEU A 183 -21.59 -20.49 10.71
N GLY A 184 -21.18 -21.00 9.55
CA GLY A 184 -20.63 -20.14 8.52
C GLY A 184 -21.76 -19.49 7.73
N ALA A 185 -21.61 -18.18 7.50
CA ALA A 185 -22.60 -17.41 6.75
C ALA A 185 -21.85 -16.62 5.67
N PRO A 186 -21.65 -17.20 4.49
CA PRO A 186 -20.80 -16.56 3.49
C PRO A 186 -21.38 -15.30 2.91
N GLY A 187 -22.69 -15.10 3.04
CA GLY A 187 -23.29 -13.88 2.52
C GLY A 187 -23.42 -12.75 3.49
N GLY A 188 -23.03 -12.95 4.75
CA GLY A 188 -23.18 -11.90 5.73
C GLY A 188 -22.34 -10.67 5.41
N TYR A 189 -22.81 -9.52 5.91
CA TYR A 189 -22.10 -8.24 5.77
C TYR A 189 -21.91 -7.88 4.30
N TYR A 190 -23.01 -7.97 3.55
CA TYR A 190 -23.03 -7.74 2.12
C TYR A 190 -21.97 -8.59 1.42
N PHE A 191 -22.04 -9.91 1.67
CA PHE A 191 -21.24 -10.93 0.98
C PHE A 191 -19.77 -10.92 1.37
N LEU A 192 -19.42 -10.30 2.49
CA LEU A 192 -18.10 -10.50 3.06
C LEU A 192 -18.02 -11.86 3.75
N GLY A 193 -19.05 -12.20 4.51
CA GLY A 193 -19.11 -13.45 5.22
C GLY A 193 -18.88 -13.25 6.71
N LEU A 194 -19.73 -13.87 7.52
CA LEU A 194 -19.60 -13.81 8.97
C LEU A 194 -19.74 -15.21 9.55
N LEU A 195 -19.33 -15.35 10.80
CA LEU A 195 -19.56 -16.54 11.60
C LEU A 195 -20.50 -16.19 12.75
N ALA A 196 -21.31 -17.17 13.16
CA ALA A 196 -22.18 -17.02 14.31
C ALA A 196 -21.95 -18.20 15.24
N GLN A 197 -21.74 -17.92 16.52
CA GLN A 197 -21.48 -18.95 17.52
C GLN A 197 -22.46 -18.78 18.67
N ALA A 198 -22.95 -19.90 19.20
CA ALA A 198 -23.84 -19.87 20.35
C ALA A 198 -23.93 -21.25 20.99
N PRO A 199 -23.92 -21.35 22.32
CA PRO A 199 -24.01 -22.67 22.96
C PRO A 199 -25.33 -23.34 22.62
N VAL A 200 -25.23 -24.61 22.21
CA VAL A 200 -26.41 -25.40 21.88
C VAL A 200 -27.43 -25.35 23.00
N ALA A 201 -26.95 -25.52 24.25
CA ALA A 201 -27.85 -25.51 25.39
C ALA A 201 -28.66 -24.23 25.47
N ASP A 202 -28.05 -23.09 25.14
CA ASP A 202 -28.74 -21.82 25.22
C ASP A 202 -29.69 -21.63 24.04
N ILE A 203 -29.37 -22.20 22.88
CA ILE A 203 -30.31 -22.17 21.76
C ILE A 203 -31.62 -22.81 22.15
N PHE A 204 -31.55 -23.95 22.83
CA PHE A 204 -32.77 -24.65 23.24
C PHE A 204 -33.52 -23.87 24.32
N SER A 205 -32.80 -23.36 25.32
CA SER A 205 -33.47 -22.71 26.44
C SER A 205 -34.02 -21.33 26.08
N SER A 206 -33.52 -20.72 25.02
CA SER A 206 -33.97 -19.39 24.64
C SER A 206 -34.95 -19.42 23.48
N TYR A 207 -35.23 -20.59 22.91
CA TYR A 207 -36.15 -20.70 21.79
C TYR A 207 -37.56 -21.00 22.27
N ARG A 208 -38.54 -20.34 21.65
CA ARG A 208 -39.94 -20.66 21.77
C ARG A 208 -40.51 -20.54 20.37
N PRO A 209 -41.45 -21.40 19.98
CA PRO A 209 -41.98 -21.35 18.61
C PRO A 209 -42.91 -20.15 18.43
N GLY A 210 -42.88 -19.60 17.21
CA GLY A 210 -43.71 -18.47 16.88
C GLY A 210 -43.14 -17.12 17.24
N ILE A 211 -41.99 -17.08 17.93
CA ILE A 211 -41.38 -15.80 18.29
C ILE A 211 -40.62 -15.20 17.11
N LEU A 212 -39.99 -16.05 16.29
CA LEU A 212 -39.34 -15.67 15.04
C LEU A 212 -38.13 -14.77 15.25
N LEU A 213 -38.26 -13.74 16.10
CA LEU A 213 -37.15 -12.85 16.45
C LEU A 213 -36.96 -12.89 17.96
N TRP A 214 -35.89 -13.55 18.41
CA TRP A 214 -35.60 -13.62 19.84
C TRP A 214 -34.10 -13.43 20.06
N HIS A 215 -33.74 -13.11 21.31
CA HIS A 215 -32.36 -12.88 21.68
C HIS A 215 -31.72 -14.17 22.20
N VAL A 216 -30.46 -14.37 21.83
CA VAL A 216 -29.62 -15.43 22.40
C VAL A 216 -28.38 -14.73 22.94
N SER A 217 -28.42 -14.33 24.22
CA SER A 217 -27.43 -13.39 24.75
C SER A 217 -26.01 -13.94 24.64
N SER A 218 -25.84 -15.24 24.87
CA SER A 218 -24.54 -15.89 24.84
C SER A 218 -23.99 -16.07 23.44
N GLN A 219 -24.63 -15.53 22.41
CA GLN A 219 -24.12 -15.72 21.06
C GLN A 219 -23.04 -14.69 20.74
N SER A 220 -22.33 -14.91 19.65
CA SER A 220 -21.19 -14.08 19.29
C SER A 220 -20.99 -14.13 17.79
N LEU A 221 -21.18 -12.99 17.12
CA LEU A 221 -21.01 -12.90 15.68
C LEU A 221 -19.68 -12.25 15.33
N SER A 222 -19.16 -12.59 14.16
CA SER A 222 -17.92 -11.98 13.69
C SER A 222 -18.21 -10.55 13.23
N PHE A 223 -17.24 -9.90 12.59
CA PHE A 223 -17.29 -8.46 12.40
C PHE A 223 -17.27 -8.07 10.93
N ASP A 224 -17.98 -6.99 10.62
CA ASP A 224 -17.94 -6.37 9.32
C ASP A 224 -16.57 -5.75 9.09
N SER A 225 -16.32 -5.32 7.85
CA SER A 225 -15.04 -4.70 7.51
C SER A 225 -15.25 -3.73 6.36
N SER A 226 -14.37 -2.74 6.31
CA SER A 226 -14.29 -1.80 5.19
C SER A 226 -13.07 -2.07 4.32
N ASN A 227 -12.40 -3.20 4.52
CA ASN A 227 -11.22 -3.55 3.73
C ASN A 227 -11.65 -4.28 2.47
N PRO A 228 -11.35 -3.77 1.28
CA PRO A 228 -11.81 -4.43 0.05
C PRO A 228 -11.25 -5.84 -0.14
N GLU A 229 -10.18 -6.20 0.57
CA GLU A 229 -9.66 -7.56 0.47
C GLU A 229 -10.70 -8.59 0.88
N TYR A 230 -11.62 -8.23 1.77
CA TYR A 230 -12.65 -9.14 2.24
C TYR A 230 -13.92 -9.11 1.39
N PHE A 231 -14.03 -8.16 0.47
CA PHE A 231 -15.28 -8.00 -0.27
C PHE A 231 -15.54 -9.20 -1.15
N ASP A 232 -16.78 -9.71 -1.10
CA ASP A 232 -17.21 -10.84 -1.91
C ASP A 232 -16.32 -12.05 -1.68
N GLY A 233 -15.90 -12.25 -0.43
CA GLY A 233 -14.97 -13.30 -0.09
C GLY A 233 -15.63 -14.57 0.40
N TYR A 234 -16.91 -14.49 0.75
CA TYR A 234 -17.68 -15.63 1.23
C TYR A 234 -17.00 -16.30 2.42
N TRP A 235 -16.40 -15.48 3.28
CA TRP A 235 -15.84 -15.89 4.55
C TRP A 235 -16.85 -16.73 5.35
N GLY A 236 -16.55 -17.99 5.58
CA GLY A 236 -17.53 -18.90 6.15
C GLY A 236 -18.13 -19.89 5.17
N TYR A 237 -17.62 -19.95 3.94
CA TYR A 237 -17.99 -21.01 3.02
C TYR A 237 -17.78 -22.38 3.64
N SER A 238 -16.69 -22.53 4.39
CA SER A 238 -16.38 -23.75 5.13
C SER A 238 -15.90 -23.36 6.52
N VAL A 239 -16.09 -24.24 7.49
CA VAL A 239 -15.69 -23.99 8.87
CA VAL A 239 -15.70 -23.99 8.88
C VAL A 239 -15.23 -25.29 9.50
N ALA A 240 -14.33 -25.16 10.49
CA ALA A 240 -13.83 -26.28 11.28
C ALA A 240 -13.20 -25.72 12.55
N VAL A 241 -13.00 -26.60 13.53
CA VAL A 241 -12.43 -26.20 14.80
C VAL A 241 -11.22 -27.07 15.14
N GLY A 242 -10.31 -26.51 15.92
CA GLY A 242 -9.12 -27.23 16.32
C GLY A 242 -8.39 -26.51 17.42
N GLU A 243 -7.23 -27.03 17.79
CA GLU A 243 -6.39 -26.44 18.83
C GLU A 243 -5.12 -25.91 18.19
N PHE A 244 -4.96 -24.59 18.15
CA PHE A 244 -3.88 -23.99 17.40
C PHE A 244 -3.08 -22.91 18.15
N ASP A 245 -3.39 -22.62 19.40
CA ASP A 245 -2.64 -21.61 20.15
C ASP A 245 -1.94 -22.16 21.39
N GLY A 246 -1.98 -23.47 21.63
CA GLY A 246 -1.35 -24.05 22.79
C GLY A 246 -2.13 -23.93 24.07
N ASP A 247 -3.22 -23.17 24.09
CA ASP A 247 -4.09 -23.05 25.27
C ASP A 247 -5.25 -24.01 25.09
N LEU A 248 -5.25 -25.10 25.87
CA LEU A 248 -6.29 -26.11 25.74
C LEU A 248 -7.64 -25.66 26.31
N ASN A 249 -7.68 -24.55 27.05
CA ASN A 249 -8.97 -24.03 27.52
C ASN A 249 -9.69 -23.26 26.42
N THR A 250 -8.95 -22.66 25.49
CA THR A 250 -9.53 -21.95 24.37
C THR A 250 -9.69 -22.90 23.17
N THR A 251 -10.75 -22.68 22.41
CA THR A 251 -11.00 -23.43 21.18
C THR A 251 -10.88 -22.48 19.99
N GLU A 252 -10.15 -22.91 18.97
CA GLU A 252 -9.87 -22.07 17.82
C GLU A 252 -10.78 -22.43 16.64
N TYR A 253 -11.08 -21.43 15.82
CA TYR A 253 -11.92 -21.60 14.65
C TYR A 253 -11.09 -21.50 13.37
N VAL A 254 -11.40 -22.36 12.40
CA VAL A 254 -10.81 -22.31 11.07
C VAL A 254 -11.91 -21.95 10.08
N VAL A 255 -11.66 -20.92 9.27
CA VAL A 255 -12.68 -20.37 8.37
C VAL A 255 -12.14 -20.36 6.95
N GLY A 256 -12.98 -20.81 6.01
CA GLY A 256 -12.63 -20.77 4.60
C GLY A 256 -13.27 -19.56 3.93
N ALA A 257 -12.48 -18.86 3.13
CA ALA A 257 -12.93 -17.69 2.36
C ALA A 257 -12.38 -17.84 0.95
N PRO A 258 -13.03 -18.67 0.12
CA PRO A 258 -12.40 -19.08 -1.15
C PRO A 258 -12.40 -18.02 -2.24
N THR A 259 -13.02 -16.86 -2.02
CA THR A 259 -12.93 -15.75 -2.97
C THR A 259 -12.32 -14.53 -2.31
N TRP A 260 -11.49 -14.74 -1.30
CA TRP A 260 -10.86 -13.65 -0.56
C TRP A 260 -9.82 -12.96 -1.42
N SER A 261 -9.76 -11.63 -1.30
CA SER A 261 -8.78 -10.79 -2.02
C SER A 261 -8.83 -11.05 -3.52
N TRP A 262 -9.98 -10.74 -4.11
CA TRP A 262 -10.20 -10.85 -5.55
C TRP A 262 -9.94 -12.28 -6.04
N THR A 263 -10.68 -13.21 -5.42
CA THR A 263 -10.67 -14.64 -5.76
C THR A 263 -9.30 -15.30 -5.58
N LEU A 264 -8.41 -14.69 -4.78
CA LEU A 264 -7.20 -15.40 -4.39
C LEU A 264 -7.52 -16.53 -3.42
N GLY A 265 -8.56 -16.36 -2.62
CA GLY A 265 -8.94 -17.37 -1.66
C GLY A 265 -8.06 -17.32 -0.43
N ALA A 266 -8.62 -17.68 0.72
CA ALA A 266 -7.85 -17.62 1.96
C ALA A 266 -8.50 -18.51 3.00
N VAL A 267 -7.70 -18.86 4.01
CA VAL A 267 -8.16 -19.59 5.19
C VAL A 267 -7.56 -18.89 6.41
N GLU A 268 -8.39 -18.67 7.42
CA GLU A 268 -7.96 -17.94 8.60
C GLU A 268 -8.23 -18.76 9.85
N ILE A 269 -7.26 -18.77 10.77
CA ILE A 269 -7.39 -19.42 12.06
C ILE A 269 -7.56 -18.33 13.12
N LEU A 270 -8.67 -18.37 13.83
CA LEU A 270 -9.02 -17.34 14.81
C LEU A 270 -9.21 -17.97 16.18
N ASP A 271 -9.26 -17.12 17.20
CA ASP A 271 -9.69 -17.57 18.51
C ASP A 271 -11.20 -17.42 18.61
N SER A 272 -11.77 -17.80 19.76
CA SER A 272 -13.21 -17.72 19.91
C SER A 272 -13.73 -16.27 19.88
N TYR A 273 -12.86 -15.27 19.95
CA TYR A 273 -13.27 -13.88 19.84
C TYR A 273 -13.01 -13.32 18.44
N TYR A 274 -12.88 -14.20 17.46
CA TYR A 274 -12.72 -13.86 16.05
C TYR A 274 -11.49 -13.00 15.79
N GLN A 275 -10.49 -13.08 16.66
CA GLN A 275 -9.23 -12.39 16.43
C GLN A 275 -8.31 -13.29 15.61
N ARG A 276 -7.73 -12.73 14.57
CA ARG A 276 -7.01 -13.53 13.58
C ARG A 276 -5.63 -13.91 14.10
N LEU A 277 -5.33 -15.21 14.09
CA LEU A 277 -4.03 -15.73 14.48
C LEU A 277 -3.12 -16.00 13.29
N HIS A 278 -3.60 -16.76 12.30
CA HIS A 278 -2.84 -16.97 11.09
CA HIS A 278 -2.85 -17.08 11.09
C HIS A 278 -3.75 -16.85 9.88
N ARG A 279 -3.13 -16.67 8.73
CA ARG A 279 -3.86 -16.56 7.47
C ARG A 279 -3.09 -17.31 6.40
N LEU A 280 -3.76 -18.24 5.74
CA LEU A 280 -3.20 -18.95 4.60
C LEU A 280 -3.80 -18.38 3.33
N ARG A 281 -2.94 -17.96 2.41
CA ARG A 281 -3.37 -17.35 1.17
C ARG A 281 -3.40 -18.38 0.04
N GLY A 282 -4.37 -18.24 -0.84
CA GLY A 282 -4.47 -19.13 -1.98
C GLY A 282 -3.27 -18.98 -2.90
N GLU A 283 -2.93 -20.08 -3.57
CA GLU A 283 -1.78 -20.10 -4.47
C GLU A 283 -2.10 -19.57 -5.86
N GLN A 284 -3.37 -19.62 -6.25
CA GLN A 284 -3.78 -19.35 -7.62
C GLN A 284 -5.23 -18.87 -7.59
N MET A 285 -5.51 -17.83 -8.36
CA MET A 285 -6.83 -17.21 -8.30
C MET A 285 -7.89 -18.11 -8.93
N ALA A 286 -9.10 -18.05 -8.37
CA ALA A 286 -10.24 -18.84 -8.76
C ALA A 286 -10.03 -20.34 -8.54
N SER A 287 -8.93 -20.72 -7.89
CA SER A 287 -8.75 -22.10 -7.49
C SER A 287 -9.72 -22.51 -6.40
N TYR A 288 -10.38 -21.54 -5.77
CA TYR A 288 -11.31 -21.75 -4.66
C TYR A 288 -10.61 -22.39 -3.47
N PHE A 289 -9.36 -22.00 -3.25
CA PHE A 289 -8.63 -22.33 -2.03
C PHE A 289 -9.44 -21.91 -0.82
N GLY A 290 -9.82 -22.87 0.01
CA GLY A 290 -10.73 -22.62 1.11
C GLY A 290 -12.10 -23.24 0.94
N HIS A 291 -12.34 -23.90 -0.20
CA HIS A 291 -13.62 -24.57 -0.43
C HIS A 291 -13.93 -25.57 0.68
N SER A 292 -12.91 -26.30 1.14
CA SER A 292 -13.06 -27.20 2.27
C SER A 292 -11.83 -27.12 3.15
N VAL A 293 -12.04 -27.25 4.45
CA VAL A 293 -10.96 -27.28 5.43
C VAL A 293 -11.15 -28.47 6.35
N ALA A 294 -10.04 -29.05 6.78
CA ALA A 294 -10.07 -30.21 7.67
C ALA A 294 -8.97 -30.06 8.72
N VAL A 295 -9.29 -30.48 9.95
CA VAL A 295 -8.37 -30.35 11.07
C VAL A 295 -8.18 -31.71 11.72
N THR A 296 -6.94 -32.20 11.74
CA THR A 296 -6.60 -33.45 12.42
C THR A 296 -5.08 -33.54 12.55
N ASP A 297 -4.63 -34.21 13.61
CA ASP A 297 -3.21 -34.45 13.82
C ASP A 297 -2.80 -35.65 12.98
N VAL A 298 -2.03 -35.43 11.91
CA VAL A 298 -1.69 -36.52 11.00
C VAL A 298 -0.31 -37.12 11.27
N ASN A 299 0.60 -36.37 11.92
CA ASN A 299 1.95 -36.85 12.17
C ASN A 299 2.15 -37.29 13.61
N GLY A 300 1.07 -37.46 14.36
CA GLY A 300 1.18 -38.09 15.67
C GLY A 300 2.08 -37.37 16.64
N ASP A 301 2.02 -36.04 16.64
CA ASP A 301 2.73 -35.25 17.63
C ASP A 301 1.78 -34.53 18.57
N GLY A 302 0.49 -34.81 18.48
CA GLY A 302 -0.49 -34.21 19.35
C GLY A 302 -0.96 -32.82 18.95
N ARG A 303 -0.34 -32.20 17.96
CA ARG A 303 -0.70 -30.87 17.51
C ARG A 303 -1.53 -30.99 16.24
N HIS A 304 -2.79 -30.56 16.30
CA HIS A 304 -3.69 -30.59 15.16
C HIS A 304 -3.03 -29.98 13.93
N ASP A 305 -3.25 -30.60 12.77
CA ASP A 305 -2.75 -30.09 11.52
C ASP A 305 -3.91 -29.64 10.64
N LEU A 306 -3.59 -28.78 9.68
CA LEU A 306 -4.59 -28.13 8.85
C LEU A 306 -4.49 -28.63 7.41
N LEU A 307 -5.64 -28.96 6.82
CA LEU A 307 -5.74 -29.31 5.41
C LEU A 307 -6.73 -28.38 4.74
N VAL A 308 -6.37 -27.90 3.55
CA VAL A 308 -7.21 -26.97 2.80
C VAL A 308 -7.35 -27.46 1.38
N GLY A 309 -8.58 -27.52 0.89
CA GLY A 309 -8.85 -27.98 -0.46
C GLY A 309 -9.02 -26.81 -1.42
N ALA A 310 -8.39 -26.92 -2.58
CA ALA A 310 -8.56 -25.94 -3.66
C ALA A 310 -8.98 -26.69 -4.92
N PRO A 311 -10.26 -27.08 -5.01
CA PRO A 311 -10.67 -28.09 -6.00
C PRO A 311 -10.54 -27.63 -7.44
N LEU A 312 -10.28 -26.34 -7.70
CA LEU A 312 -10.17 -25.84 -9.06
C LEU A 312 -8.74 -25.40 -9.41
N TYR A 313 -7.75 -25.84 -8.64
CA TYR A 313 -6.37 -25.51 -8.97
C TYR A 313 -6.01 -26.06 -10.33
N MET A 314 -5.38 -25.23 -11.17
CA MET A 314 -4.95 -25.61 -12.50
C MET A 314 -3.45 -25.88 -12.48
N GLU A 315 -3.07 -27.14 -12.69
CA GLU A 315 -1.68 -27.56 -12.60
C GLU A 315 -0.94 -27.23 -13.88
N SER A 316 0.31 -26.77 -13.74
CA SER A 316 1.12 -26.47 -14.91
CA SER A 316 1.12 -26.47 -14.91
C SER A 316 1.56 -27.76 -15.59
N ARG A 317 1.59 -27.73 -16.92
CA ARG A 317 1.99 -28.89 -17.71
C ARG A 317 2.83 -28.42 -18.89
N ALA A 318 3.25 -29.37 -19.71
CA ALA A 318 4.13 -29.05 -20.83
C ALA A 318 3.46 -28.09 -21.80
N ASP A 319 4.29 -27.28 -22.48
CA ASP A 319 3.83 -26.35 -23.51
C ASP A 319 2.97 -25.22 -22.91
N ARG A 320 3.31 -24.78 -21.71
CA ARG A 320 2.70 -23.61 -21.07
C ARG A 320 1.17 -23.75 -20.93
N LYS A 321 0.68 -24.97 -20.79
CA LYS A 321 -0.75 -25.22 -20.70
C LYS A 321 -1.12 -25.67 -19.29
N LEU A 322 -2.33 -25.32 -18.87
CA LEU A 322 -2.85 -25.60 -17.54
C LEU A 322 -3.93 -26.67 -17.62
N ALA A 323 -4.33 -27.17 -16.44
CA ALA A 323 -5.32 -28.24 -16.39
C ALA A 323 -5.98 -28.22 -15.02
N GLU A 324 -7.25 -27.83 -14.97
CA GLU A 324 -8.01 -27.86 -13.73
C GLU A 324 -8.09 -29.29 -13.19
N VAL A 325 -7.52 -29.52 -12.01
CA VAL A 325 -7.52 -30.85 -11.42
C VAL A 325 -7.83 -30.79 -9.92
N GLY A 326 -7.49 -29.67 -9.30
CA GLY A 326 -7.65 -29.54 -7.86
C GLY A 326 -6.40 -29.91 -7.10
N ARG A 327 -6.25 -29.29 -5.92
CA ARG A 327 -5.05 -29.47 -5.10
C ARG A 327 -5.43 -29.38 -3.63
N VAL A 328 -4.75 -30.17 -2.81
CA VAL A 328 -4.92 -30.17 -1.37
C VAL A 328 -3.60 -29.76 -0.72
N TYR A 329 -3.70 -28.94 0.34
CA TYR A 329 -2.55 -28.37 1.03
C TYR A 329 -2.50 -28.89 2.45
N LEU A 330 -1.33 -29.39 2.88
CA LEU A 330 -1.13 -29.88 4.23
C LEU A 330 -0.23 -28.90 4.98
N PHE A 331 -0.71 -28.37 6.10
CA PHE A 331 0.05 -27.49 6.97
C PHE A 331 0.22 -28.16 8.32
N LEU A 332 1.48 -28.40 8.69
CA LEU A 332 1.80 -29.05 9.96
C LEU A 332 2.00 -27.99 11.04
N GLN A 333 1.35 -28.17 12.18
CA GLN A 333 1.47 -27.19 13.25
C GLN A 333 2.85 -27.28 13.89
N PRO A 334 3.58 -26.18 14.01
CA PRO A 334 4.90 -26.22 14.61
C PRO A 334 4.84 -26.20 16.13
N ARG A 335 5.92 -26.69 16.73
CA ARG A 335 6.04 -26.78 18.17
C ARG A 335 5.94 -25.39 18.80
N GLY A 336 5.01 -25.22 19.74
CA GLY A 336 4.93 -24.01 20.51
C GLY A 336 4.40 -22.82 19.73
N PRO A 337 4.53 -21.62 20.31
CA PRO A 337 3.95 -20.42 19.69
C PRO A 337 4.69 -19.96 18.44
N HIS A 338 4.31 -20.49 17.28
CA HIS A 338 4.94 -20.10 16.03
C HIS A 338 3.91 -20.18 14.92
N ALA A 339 4.20 -19.47 13.82
CA ALA A 339 3.28 -19.41 12.70
C ALA A 339 3.34 -20.68 11.86
N LEU A 340 2.20 -21.02 11.26
CA LEU A 340 2.16 -22.13 10.31
C LEU A 340 2.91 -21.74 9.06
N GLY A 341 3.92 -22.51 8.69
CA GLY A 341 4.79 -22.17 7.60
C GLY A 341 4.21 -22.47 6.23
N ALA A 342 5.10 -22.63 5.26
CA ALA A 342 4.72 -23.09 3.94
C ALA A 342 4.09 -24.47 4.03
N PRO A 343 3.34 -24.89 3.02
CA PRO A 343 2.73 -26.23 3.07
C PRO A 343 3.80 -27.30 3.14
N SER A 344 3.59 -28.26 4.04
CA SER A 344 4.51 -29.39 4.14
C SER A 344 4.37 -30.33 2.95
N LEU A 345 3.19 -30.40 2.35
CA LEU A 345 2.90 -31.37 1.30
C LEU A 345 1.80 -30.81 0.41
N LEU A 346 1.98 -30.97 -0.90
CA LEU A 346 0.96 -30.63 -1.88
C LEU A 346 0.47 -31.91 -2.52
N LEU A 347 -0.84 -32.13 -2.48
CA LEU A 347 -1.49 -33.22 -3.18
C LEU A 347 -2.29 -32.62 -4.33
N THR A 348 -2.04 -33.10 -5.55
CA THR A 348 -2.66 -32.55 -6.74
C THR A 348 -3.40 -33.65 -7.49
N GLY A 349 -4.62 -33.33 -7.92
CA GLY A 349 -5.42 -34.27 -8.69
C GLY A 349 -4.80 -34.60 -10.03
N THR A 350 -5.42 -35.58 -10.68
CA THR A 350 -4.96 -36.09 -11.97
CA THR A 350 -4.96 -36.10 -11.97
C THR A 350 -6.01 -35.94 -13.06
N GLN A 351 -7.27 -36.26 -12.77
CA GLN A 351 -8.31 -36.21 -13.78
C GLN A 351 -8.78 -34.77 -14.00
N LEU A 352 -8.74 -34.33 -15.26
CA LEU A 352 -9.20 -32.99 -15.61
C LEU A 352 -10.63 -32.78 -15.13
N TYR A 353 -10.88 -31.60 -14.57
CA TYR A 353 -12.19 -31.23 -14.03
C TYR A 353 -12.64 -32.16 -12.91
N GLY A 354 -11.73 -32.93 -12.32
CA GLY A 354 -12.12 -33.88 -11.28
C GLY A 354 -12.46 -33.26 -9.95
N ARG A 355 -11.96 -32.04 -9.69
CA ARG A 355 -12.22 -31.29 -8.46
C ARG A 355 -11.69 -32.05 -7.25
N PHE A 356 -10.49 -32.58 -7.39
CA PHE A 356 -9.74 -33.15 -6.27
C PHE A 356 -9.63 -32.12 -5.15
N GLY A 357 -10.02 -32.52 -3.95
CA GLY A 357 -10.01 -31.61 -2.83
C GLY A 357 -11.33 -30.94 -2.58
N SER A 358 -12.39 -31.36 -3.25
CA SER A 358 -13.70 -30.78 -3.00
C SER A 358 -14.16 -31.05 -1.57
N ALA A 359 -13.80 -32.21 -1.02
CA ALA A 359 -14.10 -32.58 0.35
C ALA A 359 -12.89 -33.28 0.94
N ILE A 360 -12.65 -33.06 2.24
CA ILE A 360 -11.50 -33.62 2.94
C ILE A 360 -11.97 -34.10 4.31
N ALA A 361 -11.98 -35.42 4.53
CA ALA A 361 -12.51 -35.98 5.75
C ALA A 361 -11.39 -36.61 6.58
N PRO A 362 -11.16 -36.13 7.81
CA PRO A 362 -10.32 -36.88 8.74
C PRO A 362 -10.89 -38.28 8.94
N LEU A 363 -10.03 -39.29 8.86
CA LEU A 363 -10.44 -40.67 9.07
C LEU A 363 -10.08 -41.19 10.46
N GLY A 364 -9.32 -40.44 11.25
CA GLY A 364 -8.80 -41.15 12.38
C GLY A 364 -7.66 -42.04 11.88
N ASP A 365 -7.28 -43.01 12.73
CA ASP A 365 -6.24 -43.95 12.35
C ASP A 365 -6.91 -45.17 11.72
N LEU A 366 -6.89 -45.22 10.39
CA LEU A 366 -7.59 -46.28 9.67
C LEU A 366 -6.89 -47.63 9.86
N ASP A 367 -5.59 -47.70 9.58
CA ASP A 367 -4.84 -48.93 9.66
C ASP A 367 -4.24 -49.18 11.04
N ARG A 368 -4.57 -48.32 12.02
CA ARG A 368 -4.21 -48.54 13.43
C ARG A 368 -2.70 -48.60 13.64
N ASP A 369 -1.98 -47.67 13.02
CA ASP A 369 -0.53 -47.61 13.17
C ASP A 369 -0.06 -46.43 14.01
N GLY A 370 -0.97 -45.65 14.57
CA GLY A 370 -0.63 -44.52 15.41
C GLY A 370 -0.59 -43.18 14.71
N TYR A 371 -0.87 -43.14 13.42
CA TYR A 371 -0.90 -41.90 12.65
C TYR A 371 -2.27 -41.75 12.01
N ASN A 372 -2.92 -40.61 12.25
CA ASN A 372 -4.22 -40.38 11.67
C ASN A 372 -4.11 -40.20 10.16
N ASP A 373 -5.21 -40.47 9.48
CA ASP A 373 -5.26 -40.51 8.03
C ASP A 373 -6.43 -39.66 7.56
N ILE A 374 -6.49 -39.41 6.25
CA ILE A 374 -7.54 -38.58 5.67
C ILE A 374 -8.05 -39.23 4.38
N ALA A 375 -9.21 -38.76 3.94
CA ALA A 375 -9.77 -39.09 2.63
C ALA A 375 -10.02 -37.80 1.86
N VAL A 376 -9.62 -37.79 0.59
CA VAL A 376 -9.82 -36.64 -0.29
C VAL A 376 -10.79 -37.04 -1.40
N ALA A 377 -11.73 -36.16 -1.71
CA ALA A 377 -12.73 -36.42 -2.74
C ALA A 377 -12.35 -35.72 -4.04
N ALA A 378 -12.61 -36.41 -5.15
CA ALA A 378 -12.57 -35.84 -6.50
C ALA A 378 -13.89 -36.24 -7.15
N PRO A 379 -14.97 -35.51 -6.88
CA PRO A 379 -16.32 -36.01 -7.19
C PRO A 379 -16.58 -36.19 -8.68
N TYR A 380 -15.70 -35.74 -9.54
CA TYR A 380 -15.80 -36.01 -10.97
C TYR A 380 -14.48 -36.54 -11.50
N GLY A 381 -13.79 -37.33 -10.67
CA GLY A 381 -12.52 -37.90 -11.02
C GLY A 381 -12.60 -39.37 -11.39
N GLY A 382 -11.42 -40.00 -11.47
CA GLY A 382 -11.33 -41.35 -11.94
C GLY A 382 -11.28 -41.35 -13.46
N PRO A 383 -10.83 -42.46 -14.05
CA PRO A 383 -10.73 -42.51 -15.51
C PRO A 383 -12.06 -42.32 -16.22
N SER A 384 -13.17 -42.62 -15.55
CA SER A 384 -14.50 -42.44 -16.11
C SER A 384 -15.11 -41.09 -15.76
N GLY A 385 -14.47 -40.31 -14.88
CA GLY A 385 -15.09 -39.10 -14.41
C GLY A 385 -16.31 -39.31 -13.55
N ARG A 386 -16.52 -40.53 -13.04
CA ARG A 386 -17.67 -40.79 -12.18
C ARG A 386 -17.43 -40.35 -10.74
N GLY A 387 -16.19 -40.21 -10.31
CA GLY A 387 -15.89 -39.78 -8.96
C GLY A 387 -14.94 -40.74 -8.28
N GLN A 388 -14.07 -40.20 -7.42
CA GLN A 388 -13.10 -41.02 -6.71
C GLN A 388 -12.86 -40.42 -5.33
N VAL A 389 -12.68 -41.29 -4.34
CA VAL A 389 -12.25 -40.90 -3.00
C VAL A 389 -10.91 -41.54 -2.73
N LEU A 390 -9.91 -40.73 -2.39
CA LEU A 390 -8.54 -41.19 -2.21
C LEU A 390 -8.15 -41.11 -0.74
N VAL A 391 -7.53 -42.17 -0.24
CA VAL A 391 -7.07 -42.26 1.14
C VAL A 391 -5.59 -42.00 1.17
N PHE A 392 -5.16 -41.11 2.06
CA PHE A 392 -3.75 -40.85 2.32
C PHE A 392 -3.45 -41.12 3.79
N LEU A 393 -2.38 -41.84 4.05
CA LEU A 393 -2.04 -42.28 5.40
C LEU A 393 -1.04 -41.34 6.05
N GLY A 394 -1.27 -41.05 7.33
CA GLY A 394 -0.33 -40.24 8.08
C GLY A 394 0.99 -40.97 8.31
N GLN A 395 2.02 -40.18 8.56
CA GLN A 395 3.34 -40.71 8.87
C GLN A 395 4.04 -39.70 9.77
N SER A 396 5.24 -40.06 10.23
CA SER A 396 5.97 -39.18 11.14
C SER A 396 6.24 -37.82 10.52
N GLU A 397 6.38 -37.76 9.19
CA GLU A 397 6.71 -36.52 8.49
C GLU A 397 5.49 -35.84 7.88
N GLY A 398 4.28 -36.30 8.18
CA GLY A 398 3.09 -35.70 7.63
C GLY A 398 2.13 -36.70 7.03
N LEU A 399 2.03 -36.73 5.70
CA LEU A 399 1.19 -37.68 5.00
C LEU A 399 2.02 -38.33 3.90
N ARG A 400 1.55 -39.49 3.44
CA ARG A 400 2.14 -40.10 2.26
C ARG A 400 1.73 -39.33 1.01
N SER A 401 2.66 -39.17 0.08
CA SER A 401 2.39 -38.41 -1.14
C SER A 401 1.50 -39.18 -2.11
N ARG A 402 1.49 -40.50 -2.04
CA ARG A 402 0.67 -41.35 -2.89
C ARG A 402 -0.43 -42.02 -2.07
N PRO A 403 -1.59 -42.27 -2.66
CA PRO A 403 -2.70 -42.83 -1.88
C PRO A 403 -2.46 -44.29 -1.53
N SER A 404 -3.09 -44.72 -0.44
CA SER A 404 -3.02 -46.12 -0.03
C SER A 404 -4.16 -46.94 -0.57
N GLN A 405 -5.29 -46.29 -0.82
CA GLN A 405 -6.48 -46.95 -1.35
C GLN A 405 -7.27 -45.91 -2.13
N VAL A 406 -7.86 -46.33 -3.23
CA VAL A 406 -8.70 -45.48 -4.06
C VAL A 406 -10.08 -46.12 -4.16
N LEU A 407 -11.11 -45.34 -3.89
CA LEU A 407 -12.48 -45.81 -3.97
C LEU A 407 -13.13 -45.24 -5.22
N ASP A 408 -13.48 -46.13 -6.16
CA ASP A 408 -14.19 -45.71 -7.36
C ASP A 408 -15.68 -45.67 -7.08
N SER A 409 -16.36 -44.71 -7.68
CA SER A 409 -17.79 -44.52 -7.44
C SER A 409 -18.58 -45.76 -7.87
N PRO A 410 -19.48 -46.27 -7.04
CA PRO A 410 -20.39 -47.35 -7.47
C PRO A 410 -21.68 -46.86 -8.08
N PHE A 411 -21.81 -45.57 -8.30
CA PHE A 411 -22.99 -44.93 -8.83
C PHE A 411 -22.76 -44.55 -10.29
N PRO A 412 -23.80 -44.12 -11.01
CA PRO A 412 -23.63 -43.73 -12.41
C PRO A 412 -23.05 -42.32 -12.52
N THR A 413 -22.81 -41.89 -13.75
CA THR A 413 -22.25 -40.57 -14.00
C THR A 413 -23.16 -39.48 -13.45
N GLY A 414 -22.55 -38.46 -12.86
CA GLY A 414 -23.29 -37.34 -12.33
C GLY A 414 -23.74 -37.48 -10.90
N SER A 415 -23.25 -38.48 -10.17
CA SER A 415 -23.69 -38.69 -8.81
C SER A 415 -23.01 -37.75 -7.82
N ALA A 416 -21.93 -37.07 -8.22
CA ALA A 416 -21.12 -36.26 -7.31
C ALA A 416 -20.64 -37.10 -6.14
N PHE A 417 -20.23 -38.33 -6.44
CA PHE A 417 -19.69 -39.24 -5.43
C PHE A 417 -18.51 -38.60 -4.70
N GLY A 418 -18.66 -38.42 -3.39
CA GLY A 418 -17.62 -37.81 -2.60
C GLY A 418 -17.83 -36.34 -2.27
N PHE A 419 -18.85 -35.71 -2.85
CA PHE A 419 -19.12 -34.30 -2.58
C PHE A 419 -19.25 -34.03 -1.08
N SER A 420 -19.70 -35.01 -0.30
CA SER A 420 -19.67 -34.93 1.15
C SER A 420 -19.00 -36.19 1.68
N LEU A 421 -18.23 -36.04 2.75
CA LEU A 421 -17.57 -37.18 3.39
C LEU A 421 -17.70 -37.05 4.89
N ARG A 422 -17.41 -38.14 5.59
CA ARG A 422 -17.34 -38.14 7.04
C ARG A 422 -16.74 -39.46 7.50
N GLY A 423 -15.73 -39.41 8.37
CA GLY A 423 -15.09 -40.62 8.85
C GLY A 423 -14.81 -40.57 10.34
N ALA A 424 -13.82 -41.36 10.76
CA ALA A 424 -13.31 -41.37 12.14
C ALA A 424 -14.35 -41.84 13.15
N VAL A 425 -15.34 -42.61 12.72
CA VAL A 425 -16.33 -43.20 13.62
C VAL A 425 -16.52 -44.67 13.27
N ASP A 426 -16.56 -45.51 14.30
CA ASP A 426 -16.68 -46.96 14.16
C ASP A 426 -18.17 -47.31 14.26
N ILE A 427 -18.78 -47.65 13.14
CA ILE A 427 -20.24 -47.78 13.10
C ILE A 427 -20.71 -49.21 13.36
N ASP A 428 -19.97 -50.23 12.92
CA ASP A 428 -20.30 -51.62 13.22
C ASP A 428 -19.68 -52.11 14.51
N ASP A 429 -18.88 -51.27 15.17
CA ASP A 429 -18.22 -51.59 16.42
C ASP A 429 -17.26 -52.77 16.26
N ASN A 430 -16.39 -52.68 15.26
CA ASN A 430 -15.36 -53.68 15.06
C ASN A 430 -13.97 -53.16 15.41
N GLY A 431 -13.88 -52.01 16.06
CA GLY A 431 -12.62 -51.42 16.44
C GLY A 431 -11.92 -50.63 15.37
N TYR A 432 -12.51 -50.51 14.18
CA TYR A 432 -11.89 -49.79 13.08
C TYR A 432 -12.81 -48.67 12.60
N PRO A 433 -12.26 -47.48 12.34
CA PRO A 433 -13.11 -46.35 11.95
C PRO A 433 -13.49 -46.41 10.48
N ASP A 434 -14.74 -46.06 10.20
CA ASP A 434 -15.34 -46.27 8.90
C ASP A 434 -15.60 -44.95 8.20
N LEU A 435 -16.03 -45.03 6.94
CA LEU A 435 -16.22 -43.87 6.09
C LEU A 435 -17.59 -43.91 5.43
N ILE A 436 -18.31 -42.80 5.50
CA ILE A 436 -19.59 -42.66 4.78
C ILE A 436 -19.39 -41.61 3.70
N VAL A 437 -19.85 -41.93 2.49
CA VAL A 437 -19.66 -41.08 1.32
C VAL A 437 -21.02 -40.70 0.77
N GLY A 438 -21.23 -39.40 0.55
CA GLY A 438 -22.46 -38.92 -0.03
C GLY A 438 -22.35 -38.80 -1.54
N ALA A 439 -23.46 -39.12 -2.23
CA ALA A 439 -23.57 -38.94 -3.68
C ALA A 439 -24.97 -38.39 -3.96
N TYR A 440 -25.14 -37.09 -3.73
CA TYR A 440 -26.46 -36.48 -3.85
C TYR A 440 -27.01 -36.59 -5.27
N GLY A 441 -26.13 -36.61 -6.27
CA GLY A 441 -26.59 -36.76 -7.64
C GLY A 441 -27.34 -38.05 -7.86
N ALA A 442 -26.98 -39.10 -7.11
CA ALA A 442 -27.68 -40.37 -7.16
C ALA A 442 -28.62 -40.56 -5.98
N ASN A 443 -28.78 -39.53 -5.13
CA ASN A 443 -29.67 -39.58 -3.97
C ASN A 443 -29.37 -40.76 -3.05
N GLN A 444 -28.09 -41.13 -2.93
CA GLN A 444 -27.70 -42.27 -2.12
C GLN A 444 -26.46 -41.94 -1.30
N VAL A 445 -26.23 -42.74 -0.27
CA VAL A 445 -25.06 -42.67 0.59
C VAL A 445 -24.44 -44.06 0.66
N ALA A 446 -23.12 -44.13 0.52
CA ALA A 446 -22.39 -45.39 0.55
C ALA A 446 -21.55 -45.46 1.83
N VAL A 447 -21.65 -46.56 2.55
CA VAL A 447 -20.89 -46.77 3.79
C VAL A 447 -19.80 -47.78 3.49
N TYR A 448 -18.55 -47.37 3.70
CA TYR A 448 -17.41 -48.27 3.58
C TYR A 448 -16.95 -48.65 4.97
N ARG A 449 -16.82 -49.96 5.21
CA ARG A 449 -16.41 -50.48 6.51
C ARG A 449 -14.93 -50.81 6.47
N ALA A 450 -14.19 -50.31 7.45
CA ALA A 450 -12.79 -50.65 7.59
C ALA A 450 -12.65 -52.04 8.20
N GLN A 451 -11.74 -52.82 7.64
CA GLN A 451 -11.49 -54.18 8.09
C GLN A 451 -10.03 -54.33 8.49
N PRO A 452 -9.68 -55.37 9.24
CA PRO A 452 -8.28 -55.60 9.58
C PRO A 452 -7.39 -55.58 8.35
N VAL A 453 -6.11 -55.25 8.57
CA VAL A 453 -5.19 -54.99 7.48
C VAL A 453 -4.73 -56.30 6.86
N VAL A 454 -4.70 -56.34 5.53
CA VAL A 454 -4.22 -57.49 4.77
C VAL A 454 -2.84 -57.17 4.17
N GLY B 1 39.06 -49.59 -43.41
CA GLY B 1 39.14 -50.46 -42.24
C GLY B 1 37.78 -50.82 -41.66
N PRO B 2 37.78 -51.56 -40.55
CA PRO B 2 36.51 -51.92 -39.92
C PRO B 2 35.88 -50.72 -39.23
N ASN B 3 34.55 -50.75 -39.14
CA ASN B 3 33.78 -49.67 -38.54
C ASN B 3 32.66 -50.28 -37.70
N ILE B 4 31.78 -49.42 -37.20
CA ILE B 4 30.68 -49.90 -36.37
C ILE B 4 29.75 -50.82 -37.15
N CYS B 5 29.72 -50.68 -38.49
CA CYS B 5 28.83 -51.52 -39.29
C CYS B 5 29.31 -52.96 -39.33
N THR B 6 30.63 -53.18 -39.47
CA THR B 6 31.15 -54.54 -39.50
C THR B 6 31.42 -55.05 -38.09
N THR B 7 32.05 -54.24 -37.24
CA THR B 7 32.44 -54.69 -35.91
C THR B 7 31.23 -55.09 -35.06
N ARG B 8 30.04 -54.60 -35.39
CA ARG B 8 28.85 -55.05 -34.68
C ARG B 8 28.45 -56.48 -35.04
N GLY B 9 28.93 -56.98 -36.19
CA GLY B 9 28.64 -58.34 -36.62
C GLY B 9 27.15 -58.62 -36.70
N VAL B 10 26.47 -58.01 -37.65
CA VAL B 10 25.02 -58.12 -37.75
C VAL B 10 24.63 -59.44 -38.41
N SER B 11 23.35 -59.81 -38.29
CA SER B 11 22.87 -61.09 -38.78
C SER B 11 22.03 -60.98 -40.05
N SER B 12 21.35 -59.85 -40.28
CA SER B 12 20.45 -59.71 -41.41
C SER B 12 20.58 -58.30 -41.99
N CYS B 13 19.83 -58.06 -43.06
CA CYS B 13 19.79 -56.72 -43.64
C CYS B 13 19.11 -55.73 -42.71
N GLN B 14 18.06 -56.18 -42.02
CA GLN B 14 17.32 -55.31 -41.10
C GLN B 14 18.21 -54.85 -39.95
N GLN B 15 18.89 -55.80 -39.30
CA GLN B 15 19.79 -55.45 -38.21
C GLN B 15 20.92 -54.55 -38.69
N CYS B 16 21.35 -54.72 -39.95
CA CYS B 16 22.45 -53.92 -40.47
C CYS B 16 22.08 -52.45 -40.53
N LEU B 17 20.86 -52.15 -40.99
CA LEU B 17 20.43 -50.76 -41.07
C LEU B 17 20.20 -50.17 -39.69
N ALA B 18 19.86 -50.99 -38.70
CA ALA B 18 19.56 -50.49 -37.36
C ALA B 18 20.81 -50.04 -36.63
N VAL B 19 22.00 -50.42 -37.10
CA VAL B 19 23.23 -50.05 -36.41
C VAL B 19 23.42 -48.54 -36.45
N SER B 20 23.43 -47.97 -37.65
CA SER B 20 23.72 -46.56 -37.84
C SER B 20 23.14 -46.12 -39.17
N PRO B 21 22.74 -44.85 -39.31
CA PRO B 21 22.20 -44.38 -40.60
C PRO B 21 23.21 -44.43 -41.75
N MET B 22 24.49 -44.66 -41.47
CA MET B 22 25.50 -44.71 -42.52
C MET B 22 25.75 -46.12 -43.04
N CYS B 23 25.21 -47.15 -42.39
CA CYS B 23 25.50 -48.52 -42.78
C CYS B 23 24.62 -48.96 -43.95
N ALA B 24 25.16 -49.88 -44.75
CA ALA B 24 24.48 -50.42 -45.92
C ALA B 24 24.68 -51.92 -45.99
N TRP B 25 23.87 -52.58 -46.82
CA TRP B 25 23.83 -54.03 -46.89
C TRP B 25 23.97 -54.49 -48.33
N CYS B 26 24.78 -55.54 -48.52
CA CYS B 26 25.00 -56.13 -49.84
C CYS B 26 24.28 -57.47 -49.91
N SER B 27 23.34 -57.59 -50.84
CA SER B 27 22.55 -58.80 -51.04
C SER B 27 23.11 -59.69 -52.14
N ASP B 28 24.33 -59.43 -52.60
CA ASP B 28 24.88 -60.17 -53.71
C ASP B 28 25.26 -61.60 -53.29
N GLU B 29 25.20 -62.52 -54.25
CA GLU B 29 25.66 -63.88 -54.02
C GLU B 29 27.18 -63.97 -54.03
N ALA B 30 27.81 -63.50 -55.11
CA ALA B 30 29.26 -63.57 -55.28
C ALA B 30 29.91 -62.55 -54.36
N LEU B 31 30.00 -62.90 -53.08
CA LEU B 31 30.67 -62.10 -52.07
C LEU B 31 31.53 -63.06 -51.27
N PRO B 32 32.81 -62.73 -51.05
CA PRO B 32 33.70 -63.64 -50.31
C PRO B 32 33.15 -64.03 -48.95
N LEU B 33 33.60 -65.17 -48.43
CA LEU B 33 33.12 -65.62 -47.12
C LEU B 33 33.56 -64.66 -46.02
N GLY B 34 34.83 -64.26 -46.03
CA GLY B 34 35.36 -63.40 -45.00
C GLY B 34 34.96 -61.94 -45.10
N SER B 35 34.60 -61.48 -46.30
CA SER B 35 34.18 -60.10 -46.47
C SER B 35 32.80 -59.89 -45.87
N PRO B 36 32.59 -58.82 -45.10
CA PRO B 36 31.26 -58.57 -44.52
C PRO B 36 30.30 -57.97 -45.53
N ARG B 37 29.01 -58.19 -45.28
CA ARG B 37 27.95 -57.63 -46.11
C ARG B 37 27.42 -56.32 -45.57
N CYS B 38 27.84 -55.90 -44.39
CA CYS B 38 27.32 -54.71 -43.72
C CYS B 38 28.47 -53.75 -43.50
N ASP B 39 28.65 -52.81 -44.44
CA ASP B 39 29.73 -51.83 -44.37
C ASP B 39 29.20 -50.52 -44.95
N LEU B 40 30.10 -49.54 -45.04
CA LEU B 40 29.75 -48.31 -45.75
C LEU B 40 29.46 -48.64 -47.21
N LYS B 41 28.64 -47.81 -47.85
CA LYS B 41 28.32 -48.02 -49.25
C LYS B 41 29.57 -47.93 -50.13
N GLU B 42 30.54 -47.11 -49.73
CA GLU B 42 31.78 -47.00 -50.48
C GLU B 42 32.61 -48.29 -50.37
N ASN B 43 32.64 -48.91 -49.19
CA ASN B 43 33.43 -50.12 -49.01
C ASN B 43 32.84 -51.30 -49.77
N LEU B 44 31.51 -51.36 -49.89
CA LEU B 44 30.88 -52.48 -50.60
C LEU B 44 31.18 -52.42 -52.09
N LEU B 45 31.01 -51.25 -52.71
CA LEU B 45 31.39 -51.08 -54.10
C LEU B 45 32.88 -51.35 -54.30
N LYS B 46 33.70 -51.01 -53.29
CA LYS B 46 35.12 -51.33 -53.36
C LYS B 46 35.36 -52.83 -53.34
N ASP B 47 34.43 -53.61 -52.78
CA ASP B 47 34.53 -55.07 -52.71
C ASP B 47 33.66 -55.77 -53.76
N ASN B 48 33.46 -55.13 -54.92
CA ASN B 48 32.78 -55.74 -56.06
C ASN B 48 31.38 -56.24 -55.69
N CYS B 49 30.63 -55.41 -54.99
CA CYS B 49 29.23 -55.70 -54.70
C CYS B 49 28.37 -55.13 -55.83
N ALA B 50 27.44 -55.94 -56.33
CA ALA B 50 26.58 -55.51 -57.43
C ALA B 50 25.75 -54.30 -56.99
N PRO B 51 25.75 -53.20 -57.75
CA PRO B 51 25.04 -52.00 -57.29
C PRO B 51 23.55 -52.20 -57.07
N GLU B 52 22.91 -53.11 -57.80
CA GLU B 52 21.48 -53.33 -57.62
C GLU B 52 21.14 -54.05 -56.33
N SER B 53 22.09 -54.80 -55.76
CA SER B 53 21.86 -55.54 -54.53
C SER B 53 22.19 -54.74 -53.29
N ILE B 54 22.49 -53.45 -53.43
CA ILE B 54 22.88 -52.60 -52.31
C ILE B 54 21.63 -51.98 -51.70
N GLU B 55 21.40 -52.26 -50.41
CA GLU B 55 20.28 -51.69 -49.67
C GLU B 55 20.81 -50.56 -48.81
N PHE B 56 20.55 -49.32 -49.22
CA PHE B 56 21.02 -48.13 -48.51
C PHE B 56 19.98 -47.03 -48.63
N PRO B 57 18.98 -47.04 -47.75
CA PRO B 57 18.01 -45.94 -47.74
C PRO B 57 18.61 -44.67 -47.17
N VAL B 58 18.23 -43.53 -47.76
CA VAL B 58 18.69 -42.22 -47.34
C VAL B 58 17.51 -41.44 -46.79
N SER B 59 17.68 -40.87 -45.60
CA SER B 59 16.64 -40.03 -45.02
C SER B 59 16.46 -38.78 -45.86
N GLU B 60 15.23 -38.55 -46.33
CA GLU B 60 14.93 -37.41 -47.17
C GLU B 60 13.70 -36.68 -46.65
N ALA B 61 13.28 -35.66 -47.41
CA ALA B 61 12.10 -34.87 -47.09
C ALA B 61 11.65 -34.09 -48.31
N ARG B 62 10.54 -34.47 -48.92
CA ARG B 62 10.07 -33.83 -50.14
C ARG B 62 8.68 -33.24 -49.93
N VAL B 63 8.42 -32.13 -50.61
CA VAL B 63 7.17 -31.38 -50.46
C VAL B 63 6.13 -31.96 -51.41
N LEU B 64 4.89 -32.00 -50.96
CA LEU B 64 3.76 -32.44 -51.76
C LEU B 64 2.78 -31.32 -52.08
N GLU B 65 2.48 -30.47 -51.10
CA GLU B 65 1.67 -29.27 -51.29
C GLU B 65 2.52 -28.07 -50.90
N ASP B 66 2.77 -27.17 -51.86
CA ASP B 66 3.59 -25.98 -51.64
C ASP B 66 2.90 -24.76 -52.22
N ARG B 67 1.66 -24.52 -51.80
CA ARG B 67 0.94 -23.36 -52.28
C ARG B 67 1.67 -22.08 -51.87
N PRO B 68 1.67 -21.05 -52.70
CA PRO B 68 2.29 -19.79 -52.31
C PRO B 68 1.48 -19.07 -51.25
N LEU B 69 2.19 -18.35 -50.38
CA LEU B 69 1.52 -17.53 -49.37
C LEU B 69 0.75 -16.40 -50.04
N SER B 70 -0.49 -16.20 -49.61
CA SER B 70 -1.33 -15.19 -50.23
C SER B 70 -0.90 -13.79 -49.81
N ASP B 71 -0.86 -12.87 -50.79
CA ASP B 71 -0.60 -11.48 -50.47
C ASP B 71 -1.79 -10.83 -49.78
N LYS B 72 -3.01 -11.27 -50.11
CA LYS B 72 -4.24 -10.67 -49.61
C LYS B 72 -5.19 -11.76 -49.12
N GLY B 73 -5.68 -11.59 -47.90
CA GLY B 73 -6.72 -12.46 -47.36
C GLY B 73 -8.13 -12.01 -47.66
N SER B 74 -8.29 -10.78 -48.18
CA SER B 74 -9.60 -10.28 -48.55
C SER B 74 -10.14 -11.02 -49.76
N GLY B 75 -11.46 -11.13 -49.84
CA GLY B 75 -12.05 -11.80 -50.97
C GLY B 75 -11.73 -13.28 -50.96
N ASP B 76 -11.66 -13.85 -52.16
CA ASP B 76 -11.47 -15.28 -52.35
C ASP B 76 -12.59 -16.05 -51.67
N SER B 77 -12.52 -17.38 -51.69
CA SER B 77 -13.52 -18.23 -51.09
C SER B 77 -12.79 -19.14 -50.10
N SER B 78 -12.20 -18.52 -49.07
CA SER B 78 -11.36 -19.18 -48.08
C SER B 78 -10.18 -19.93 -48.72
N GLN B 79 -9.79 -19.52 -49.93
CA GLN B 79 -8.61 -20.04 -50.61
C GLN B 79 -7.36 -19.25 -50.24
N VAL B 80 -7.29 -18.76 -49.02
CA VAL B 80 -6.14 -18.01 -48.52
C VAL B 80 -5.14 -19.00 -47.95
N THR B 81 -3.87 -18.82 -48.30
CA THR B 81 -2.79 -19.64 -47.79
C THR B 81 -2.00 -18.83 -46.77
N GLN B 82 -1.91 -19.34 -45.54
CA GLN B 82 -1.14 -18.72 -44.48
C GLN B 82 0.11 -19.49 -44.10
N VAL B 83 0.17 -20.77 -44.43
CA VAL B 83 1.29 -21.64 -44.07
C VAL B 83 1.79 -22.32 -45.34
N SER B 84 3.12 -22.36 -45.50
CA SER B 84 3.74 -23.01 -46.63
C SER B 84 5.04 -23.67 -46.18
N PRO B 85 5.28 -24.93 -46.57
CA PRO B 85 4.35 -25.75 -47.35
C PRO B 85 3.20 -26.26 -46.50
N GLN B 86 2.15 -26.78 -47.15
CA GLN B 86 1.00 -27.27 -46.41
C GLN B 86 1.08 -28.77 -46.14
N ARG B 87 1.97 -29.48 -46.82
CA ARG B 87 2.08 -30.92 -46.65
C ARG B 87 3.42 -31.38 -47.22
N ILE B 88 4.15 -32.19 -46.47
CA ILE B 88 5.42 -32.74 -46.91
C ILE B 88 5.46 -34.23 -46.58
N ALA B 89 6.24 -34.96 -47.36
CA ALA B 89 6.54 -36.35 -47.07
C ALA B 89 7.88 -36.44 -46.34
N LEU B 90 7.94 -37.29 -45.33
CA LEU B 90 9.14 -37.45 -44.52
C LEU B 90 9.52 -38.92 -44.47
N ARG B 91 10.80 -39.21 -44.68
CA ARG B 91 11.32 -40.56 -44.64
C ARG B 91 12.52 -40.60 -43.72
N LEU B 92 12.52 -41.56 -42.79
CA LEU B 92 13.56 -41.64 -41.77
C LEU B 92 13.93 -43.10 -41.52
N ARG B 93 15.23 -43.38 -41.52
CA ARG B 93 15.75 -44.67 -41.10
C ARG B 93 16.13 -44.64 -39.63
N PRO B 94 16.28 -45.79 -38.97
CA PRO B 94 16.42 -45.80 -37.51
C PRO B 94 17.50 -44.87 -36.98
N ASP B 95 17.16 -44.15 -35.90
CA ASP B 95 18.03 -43.24 -35.17
C ASP B 95 18.57 -42.10 -36.02
N ASP B 96 17.99 -41.85 -37.18
CA ASP B 96 18.44 -40.78 -38.05
C ASP B 96 17.63 -39.51 -37.77
N SER B 97 17.95 -38.44 -38.50
CA SER B 97 17.20 -37.20 -38.39
C SER B 97 17.29 -36.46 -39.72
N LYS B 98 16.16 -35.86 -40.13
CA LYS B 98 16.11 -35.02 -41.33
C LYS B 98 15.44 -33.71 -40.95
N ASN B 99 15.76 -32.65 -41.69
CA ASN B 99 15.24 -31.32 -41.38
C ASN B 99 14.49 -30.74 -42.58
N PHE B 100 13.52 -29.89 -42.25
CA PHE B 100 12.67 -29.23 -43.23
C PHE B 100 12.31 -27.85 -42.69
N SER B 101 11.59 -27.07 -43.49
CA SER B 101 11.23 -25.72 -43.12
C SER B 101 9.73 -25.52 -43.20
N ILE B 102 9.29 -24.38 -42.66
CA ILE B 102 7.88 -23.98 -42.70
C ILE B 102 7.83 -22.46 -42.65
N GLN B 103 6.92 -21.89 -43.44
CA GLN B 103 6.72 -20.44 -43.48
C GLN B 103 5.32 -20.10 -42.98
N VAL B 104 5.23 -19.05 -42.15
CA VAL B 104 3.98 -18.55 -41.64
C VAL B 104 3.90 -17.05 -41.92
N ARG B 105 2.74 -16.59 -42.35
CA ARG B 105 2.53 -15.17 -42.65
C ARG B 105 1.22 -14.70 -42.02
N GLN B 106 1.29 -13.55 -41.36
CA GLN B 106 0.10 -12.87 -40.85
C GLN B 106 -0.49 -12.08 -42.02
N VAL B 107 -1.43 -12.70 -42.73
CA VAL B 107 -1.90 -12.16 -43.99
C VAL B 107 -2.63 -10.83 -43.78
N GLU B 108 -2.55 -9.97 -44.79
CA GLU B 108 -3.17 -8.66 -44.75
C GLU B 108 -4.61 -8.72 -45.26
N ASP B 109 -5.47 -7.90 -44.65
CA ASP B 109 -6.86 -7.74 -45.07
C ASP B 109 -7.66 -9.03 -44.86
N TYR B 110 -7.43 -9.69 -43.73
CA TYR B 110 -8.10 -10.93 -43.35
C TYR B 110 -9.42 -10.62 -42.64
N PRO B 111 -10.47 -11.38 -42.92
CA PRO B 111 -11.77 -11.11 -42.30
C PRO B 111 -11.72 -11.19 -40.78
N VAL B 112 -12.64 -10.46 -40.15
CA VAL B 112 -12.66 -10.30 -38.69
C VAL B 112 -14.10 -10.37 -38.20
N ASP B 113 -14.32 -11.12 -37.12
CA ASP B 113 -15.58 -11.12 -36.37
C ASP B 113 -15.35 -10.44 -35.03
N ILE B 114 -16.24 -9.52 -34.67
CA ILE B 114 -16.19 -8.86 -33.37
C ILE B 114 -17.57 -8.98 -32.74
N TYR B 115 -17.67 -9.74 -31.66
CA TYR B 115 -18.89 -9.83 -30.88
C TYR B 115 -18.71 -9.01 -29.62
N TYR B 116 -19.54 -7.99 -29.44
CA TYR B 116 -19.47 -7.12 -28.28
C TYR B 116 -20.33 -7.72 -27.19
N LEU B 117 -19.70 -8.16 -26.10
CA LEU B 117 -20.40 -8.72 -24.94
C LEU B 117 -20.34 -7.67 -23.84
N MET B 118 -21.49 -7.16 -23.43
CA MET B 118 -21.53 -5.97 -22.60
C MET B 118 -22.26 -6.22 -21.28
N ASP B 119 -21.62 -5.79 -20.18
CA ASP B 119 -22.28 -5.68 -18.89
C ASP B 119 -23.39 -4.65 -18.97
N LEU B 120 -24.62 -5.06 -18.62
CA LEU B 120 -25.74 -4.11 -18.54
C LEU B 120 -26.38 -4.13 -17.16
N SER B 121 -25.58 -4.37 -16.12
CA SER B 121 -26.02 -4.10 -14.76
C SER B 121 -26.11 -2.60 -14.53
N TYR B 122 -26.72 -2.21 -13.40
CA TYR B 122 -26.97 -0.79 -13.14
C TYR B 122 -25.68 0.02 -13.11
N SER B 123 -24.56 -0.59 -12.72
CA SER B 123 -23.27 0.09 -12.71
C SER B 123 -22.82 0.54 -14.09
N MET B 124 -23.45 0.06 -15.17
CA MET B 124 -23.10 0.44 -16.53
C MET B 124 -24.11 1.40 -17.14
N LYS B 125 -24.89 2.10 -16.31
CA LYS B 125 -25.94 2.98 -16.81
C LYS B 125 -25.35 4.04 -17.74
N ASP B 126 -24.14 4.51 -17.44
CA ASP B 126 -23.53 5.58 -18.21
C ASP B 126 -22.82 5.09 -19.46
N ASP B 127 -22.38 3.83 -19.49
CA ASP B 127 -21.61 3.35 -20.64
C ASP B 127 -22.47 3.23 -21.88
N LEU B 128 -23.73 2.83 -21.73
CA LEU B 128 -24.59 2.59 -22.87
C LEU B 128 -24.68 3.81 -23.79
N TRP B 129 -24.66 5.01 -23.21
CA TRP B 129 -24.88 6.21 -23.99
C TRP B 129 -23.67 6.60 -24.84
N SER B 130 -22.49 6.10 -24.51
CA SER B 130 -21.28 6.53 -25.22
C SER B 130 -20.96 5.66 -26.43
N ILE B 131 -21.56 4.49 -26.57
CA ILE B 131 -21.29 3.60 -27.69
C ILE B 131 -22.44 3.55 -28.67
N GLN B 132 -23.35 4.53 -28.64
CA GLN B 132 -24.52 4.50 -29.51
C GLN B 132 -24.18 4.74 -30.98
N ASN B 133 -22.96 5.20 -31.28
CA ASN B 133 -22.49 5.31 -32.65
C ASN B 133 -21.27 4.42 -32.89
N LEU B 134 -21.00 3.47 -31.99
CA LEU B 134 -19.79 2.67 -32.08
C LEU B 134 -19.74 1.81 -33.33
N GLY B 135 -20.89 1.31 -33.78
CA GLY B 135 -20.89 0.44 -34.95
C GLY B 135 -20.33 1.12 -36.19
N THR B 136 -20.80 2.35 -36.47
CA THR B 136 -20.25 3.08 -37.62
C THR B 136 -18.81 3.52 -37.35
N LYS B 137 -18.55 4.04 -36.15
CA LYS B 137 -17.19 4.47 -35.81
C LYS B 137 -16.21 3.31 -35.90
N LEU B 138 -16.65 2.10 -35.51
CA LEU B 138 -15.76 0.95 -35.56
C LEU B 138 -15.57 0.47 -37.00
N ALA B 139 -16.62 0.50 -37.82
CA ALA B 139 -16.47 0.14 -39.22
C ALA B 139 -15.49 1.07 -39.92
N THR B 140 -15.47 2.35 -39.51
CA THR B 140 -14.60 3.31 -40.15
C THR B 140 -13.13 3.02 -39.87
N GLN B 141 -12.81 2.59 -38.66
CA GLN B 141 -11.41 2.35 -38.29
C GLN B 141 -10.95 0.98 -38.75
N MET B 142 -11.81 -0.03 -38.68
CA MET B 142 -11.43 -1.37 -39.12
C MET B 142 -11.34 -1.48 -40.63
N ARG B 143 -12.05 -0.62 -41.36
CA ARG B 143 -11.96 -0.61 -42.82
C ARG B 143 -10.53 -0.41 -43.31
N LYS B 144 -9.66 0.15 -42.47
CA LYS B 144 -8.26 0.33 -42.83
C LYS B 144 -7.49 -0.98 -42.77
N LEU B 145 -7.97 -1.96 -42.02
CA LEU B 145 -7.26 -3.22 -41.82
C LEU B 145 -7.92 -4.42 -42.46
N THR B 146 -9.23 -4.38 -42.70
CA THR B 146 -9.94 -5.51 -43.29
C THR B 146 -11.11 -4.99 -44.11
N SER B 147 -11.41 -5.70 -45.19
CA SER B 147 -12.60 -5.39 -45.99
C SER B 147 -13.79 -6.27 -45.63
N ASN B 148 -13.59 -7.30 -44.83
CA ASN B 148 -14.66 -8.19 -44.39
C ASN B 148 -14.78 -8.07 -42.88
N LEU B 149 -15.71 -7.25 -42.41
CA LEU B 149 -15.97 -7.08 -40.99
C LEU B 149 -17.40 -7.46 -40.67
N ARG B 150 -17.60 -8.17 -39.56
CA ARG B 150 -18.92 -8.48 -39.04
C ARG B 150 -18.92 -8.23 -37.54
N ILE B 151 -19.98 -7.58 -37.05
CA ILE B 151 -20.08 -7.26 -35.62
C ILE B 151 -21.41 -7.74 -35.08
N GLY B 152 -21.41 -8.12 -33.81
CA GLY B 152 -22.62 -8.56 -33.14
C GLY B 152 -22.62 -8.09 -31.69
N PHE B 153 -23.74 -8.29 -31.02
CA PHE B 153 -23.93 -7.72 -29.71
C PHE B 153 -24.66 -8.69 -28.80
N GLY B 154 -24.15 -8.86 -27.57
CA GLY B 154 -24.88 -9.54 -26.53
C GLY B 154 -24.72 -8.79 -25.23
N ALA B 155 -25.60 -9.10 -24.28
CA ALA B 155 -25.62 -8.42 -23.00
C ALA B 155 -25.80 -9.42 -21.87
N PHE B 156 -25.29 -9.06 -20.69
CA PHE B 156 -25.41 -9.89 -19.51
C PHE B 156 -25.56 -9.02 -18.28
N VAL B 157 -26.17 -9.60 -17.24
CA VAL B 157 -26.13 -9.01 -15.91
C VAL B 157 -25.61 -10.07 -14.95
N ASP B 158 -26.52 -10.87 -14.40
CA ASP B 158 -26.14 -11.94 -13.48
C ASP B 158 -27.27 -12.97 -13.49
N LYS B 159 -27.09 -14.03 -12.73
CA LYS B 159 -28.12 -15.07 -12.64
C LYS B 159 -29.39 -14.51 -12.02
N PRO B 160 -30.52 -14.49 -12.73
CA PRO B 160 -31.76 -13.96 -12.15
C PRO B 160 -32.34 -14.86 -11.07
N VAL B 161 -31.70 -14.90 -9.90
CA VAL B 161 -32.17 -15.71 -8.79
C VAL B 161 -31.61 -15.11 -7.51
N SER B 162 -32.40 -15.18 -6.44
CA SER B 162 -31.94 -14.70 -5.14
C SER B 162 -30.67 -15.45 -4.74
N PRO B 163 -29.68 -14.78 -4.12
CA PRO B 163 -29.71 -13.40 -3.64
C PRO B 163 -29.24 -12.33 -4.62
N TYR B 164 -28.70 -12.73 -5.77
CA TYR B 164 -28.27 -11.73 -6.75
C TYR B 164 -29.44 -10.86 -7.21
N MET B 165 -30.65 -11.40 -7.19
CA MET B 165 -31.82 -10.71 -7.71
C MET B 165 -32.68 -10.21 -6.57
N TYR B 166 -33.11 -8.95 -6.66
CA TYR B 166 -34.11 -8.44 -5.74
C TYR B 166 -35.44 -9.15 -6.01
N ILE B 167 -36.05 -9.69 -4.96
CA ILE B 167 -37.25 -10.50 -5.10
C ILE B 167 -38.42 -9.95 -4.29
N SER B 168 -38.33 -8.71 -3.81
CA SER B 168 -39.44 -8.12 -3.10
C SER B 168 -39.40 -6.62 -3.27
N PRO B 169 -40.57 -5.95 -3.37
CA PRO B 169 -41.94 -6.45 -3.47
C PRO B 169 -42.18 -7.04 -4.86
N PRO B 170 -43.40 -7.52 -5.16
CA PRO B 170 -43.66 -8.01 -6.53
C PRO B 170 -43.24 -7.01 -7.61
N GLU B 171 -43.53 -5.72 -7.39
CA GLU B 171 -43.11 -4.68 -8.31
C GLU B 171 -41.64 -4.78 -8.69
N ALA B 172 -40.79 -5.21 -7.76
CA ALA B 172 -39.35 -5.20 -8.02
C ALA B 172 -38.93 -6.21 -9.08
N LEU B 173 -39.71 -7.29 -9.24
CA LEU B 173 -39.36 -8.28 -10.26
C LEU B 173 -39.53 -7.70 -11.66
N GLU B 174 -40.64 -7.00 -11.89
CA GLU B 174 -40.83 -6.35 -13.19
C GLU B 174 -39.85 -5.20 -13.36
N ASN B 175 -39.57 -4.46 -12.30
CA ASN B 175 -38.75 -3.25 -12.36
C ASN B 175 -37.84 -3.22 -11.13
N PRO B 176 -36.59 -3.68 -11.25
CA PRO B 176 -35.72 -3.73 -10.07
C PRO B 176 -35.39 -2.36 -9.50
N CYS B 177 -35.51 -1.29 -10.29
CA CYS B 177 -35.20 0.05 -9.84
C CYS B 177 -36.38 0.71 -9.15
N TYR B 178 -37.37 -0.07 -8.69
CA TYR B 178 -38.60 0.52 -8.19
C TYR B 178 -38.34 1.43 -6.99
N ASP B 179 -37.47 1.02 -6.07
CA ASP B 179 -37.31 1.78 -4.82
C ASP B 179 -36.52 3.05 -5.03
N MET B 180 -36.13 3.34 -6.27
CA MET B 180 -35.51 4.57 -6.68
C MET B 180 -36.56 5.35 -7.48
N LYS B 181 -36.13 6.25 -8.37
CA LYS B 181 -37.05 7.08 -9.16
C LYS B 181 -36.89 6.86 -10.65
N THR B 182 -36.59 5.61 -11.03
CA THR B 182 -36.44 5.26 -12.44
C THR B 182 -37.01 3.87 -12.68
N THR B 183 -37.03 3.48 -13.94
CA THR B 183 -37.38 2.14 -14.37
C THR B 183 -36.13 1.49 -14.98
N CYS B 184 -36.01 0.17 -14.80
CA CYS B 184 -35.00 -0.60 -15.53
C CYS B 184 -35.61 -1.94 -15.92
N LEU B 185 -34.87 -2.68 -16.74
CA LEU B 185 -35.34 -3.95 -17.25
C LEU B 185 -35.33 -5.01 -16.15
N PRO B 186 -36.24 -5.99 -16.24
CA PRO B 186 -36.16 -7.13 -15.33
C PRO B 186 -34.82 -7.81 -15.48
N MET B 187 -34.36 -8.43 -14.41
N MET B 187 -34.36 -8.44 -14.40
CA MET B 187 -33.04 -9.04 -14.43
CA MET B 187 -33.08 -9.13 -14.40
C MET B 187 -32.99 -10.17 -15.46
C MET B 187 -33.01 -10.17 -15.52
N PHE B 188 -31.82 -10.36 -16.06
CA PHE B 188 -31.61 -11.41 -17.05
C PHE B 188 -30.16 -11.87 -16.98
N GLY B 189 -29.97 -13.18 -17.16
CA GLY B 189 -28.64 -13.77 -17.15
C GLY B 189 -27.82 -13.28 -18.33
N TYR B 190 -28.04 -13.88 -19.50
CA TYR B 190 -27.37 -13.45 -20.72
C TYR B 190 -28.36 -13.50 -21.88
N LYS B 191 -28.40 -12.44 -22.68
CA LYS B 191 -29.24 -12.43 -23.87
C LYS B 191 -28.41 -12.08 -25.09
N HIS B 192 -28.51 -12.93 -26.11
CA HIS B 192 -27.97 -12.59 -27.43
C HIS B 192 -28.91 -11.60 -28.10
N VAL B 193 -28.31 -10.57 -28.71
CA VAL B 193 -29.08 -9.45 -29.28
C VAL B 193 -28.91 -9.38 -30.79
N LEU B 194 -27.67 -9.41 -31.27
CA LEU B 194 -27.39 -9.21 -32.68
C LEU B 194 -26.41 -10.26 -33.17
N THR B 195 -26.86 -11.11 -34.08
CA THR B 195 -25.96 -12.05 -34.75
C THR B 195 -24.94 -11.30 -35.57
N LEU B 196 -23.73 -11.86 -35.65
CA LEU B 196 -22.64 -11.25 -36.42
C LEU B 196 -23.08 -10.95 -37.84
N THR B 197 -22.96 -9.68 -38.24
CA THR B 197 -23.41 -9.23 -39.54
C THR B 197 -22.51 -8.10 -40.03
N ASP B 198 -22.54 -7.87 -41.34
CA ASP B 198 -21.75 -6.79 -41.93
C ASP B 198 -22.50 -5.48 -42.04
N GLN B 199 -23.82 -5.47 -41.78
CA GLN B 199 -24.61 -4.25 -41.76
C GLN B 199 -24.40 -3.58 -40.40
N VAL B 200 -23.40 -2.69 -40.34
CA VAL B 200 -23.00 -2.11 -39.06
C VAL B 200 -24.10 -1.25 -38.44
N THR B 201 -24.94 -0.61 -39.26
CA THR B 201 -26.00 0.21 -38.70
C THR B 201 -27.02 -0.59 -37.91
N ARG B 202 -27.02 -1.92 -38.05
CA ARG B 202 -27.83 -2.76 -37.18
C ARG B 202 -27.30 -2.75 -35.76
N PHE B 203 -25.97 -2.64 -35.60
CA PHE B 203 -25.38 -2.55 -34.27
C PHE B 203 -25.85 -1.27 -33.57
N ASN B 204 -25.71 -0.13 -34.24
CA ASN B 204 -26.12 1.14 -33.65
C ASN B 204 -27.56 1.10 -33.18
N GLU B 205 -28.45 0.58 -34.05
CA GLU B 205 -29.88 0.66 -33.76
C GLU B 205 -30.28 -0.32 -32.68
N GLU B 206 -29.68 -1.51 -32.64
CA GLU B 206 -29.95 -2.42 -31.54
C GLU B 206 -29.40 -1.89 -30.23
N VAL B 207 -28.26 -1.20 -30.28
CA VAL B 207 -27.68 -0.60 -29.08
C VAL B 207 -28.61 0.48 -28.52
N LYS B 208 -29.09 1.37 -29.40
CA LYS B 208 -29.96 2.45 -28.96
C LYS B 208 -31.22 1.95 -28.28
N LYS B 209 -31.68 0.72 -28.58
CA LYS B 209 -32.85 0.15 -27.93
C LYS B 209 -32.51 -0.58 -26.64
N GLN B 210 -31.23 -0.76 -26.33
CA GLN B 210 -30.84 -1.48 -25.12
C GLN B 210 -30.95 -0.58 -23.90
N SER B 211 -31.17 -1.22 -22.74
CA SER B 211 -31.15 -0.51 -21.47
C SER B 211 -30.63 -1.48 -20.41
N VAL B 212 -30.39 -0.95 -19.22
CA VAL B 212 -29.72 -1.70 -18.16
C VAL B 212 -30.76 -2.25 -17.18
N SER B 213 -30.35 -3.28 -16.45
CA SER B 213 -31.10 -3.83 -15.33
C SER B 213 -30.34 -3.50 -14.04
N ARG B 214 -30.72 -4.15 -12.94
CA ARG B 214 -30.08 -3.90 -11.67
C ARG B 214 -30.14 -5.15 -10.82
N ASN B 215 -29.02 -5.51 -10.20
CA ASN B 215 -29.02 -6.62 -9.26
C ASN B 215 -28.33 -6.22 -7.96
N ARG B 216 -28.06 -7.18 -7.09
CA ARG B 216 -27.64 -6.85 -5.73
C ARG B 216 -26.12 -6.79 -5.56
N ASP B 217 -25.42 -7.88 -5.83
CA ASP B 217 -24.00 -7.94 -5.53
C ASP B 217 -23.16 -7.44 -6.71
N ALA B 218 -22.07 -6.76 -6.37
CA ALA B 218 -21.24 -6.13 -7.40
C ALA B 218 -20.72 -7.10 -8.45
N PRO B 219 -20.20 -8.29 -8.11
CA PRO B 219 -19.73 -9.19 -9.17
C PRO B 219 -20.88 -9.64 -10.05
N GLU B 220 -20.61 -9.77 -11.34
CA GLU B 220 -21.65 -10.07 -12.30
C GLU B 220 -21.38 -11.41 -12.99
N GLY B 221 -22.39 -11.90 -13.70
CA GLY B 221 -22.33 -13.21 -14.33
C GLY B 221 -21.77 -13.21 -15.73
N GLY B 222 -20.71 -12.44 -15.96
CA GLY B 222 -20.17 -12.31 -17.30
C GLY B 222 -19.60 -13.59 -17.86
N PHE B 223 -19.06 -14.46 -17.00
CA PHE B 223 -18.43 -15.66 -17.52
C PHE B 223 -19.46 -16.62 -18.09
N ASP B 224 -20.64 -16.71 -17.49
CA ASP B 224 -21.75 -17.40 -18.13
C ASP B 224 -21.92 -16.91 -19.56
N ALA B 225 -21.80 -15.60 -19.77
CA ALA B 225 -22.03 -15.05 -21.10
C ALA B 225 -20.87 -15.35 -22.03
N ILE B 226 -19.64 -15.35 -21.52
CA ILE B 226 -18.50 -15.69 -22.36
C ILE B 226 -18.63 -17.12 -22.86
N MET B 227 -19.09 -18.03 -22.01
CA MET B 227 -19.25 -19.42 -22.41
C MET B 227 -20.23 -19.53 -23.56
N GLN B 228 -21.44 -19.00 -23.38
CA GLN B 228 -22.48 -19.16 -24.38
C GLN B 228 -22.10 -18.51 -25.69
N ALA B 229 -21.51 -17.31 -25.64
CA ALA B 229 -21.08 -16.64 -26.86
C ALA B 229 -20.02 -17.43 -27.60
N THR B 230 -19.32 -18.34 -26.91
CA THR B 230 -18.28 -19.15 -27.52
C THR B 230 -18.83 -20.45 -28.08
N VAL B 231 -19.63 -21.16 -27.29
CA VAL B 231 -20.08 -22.50 -27.68
C VAL B 231 -21.34 -22.47 -28.53
N CYS B 232 -22.00 -21.32 -28.65
CA CYS B 232 -23.17 -21.20 -29.53
C CYS B 232 -22.72 -20.65 -30.88
N ASP B 233 -22.00 -21.50 -31.62
CA ASP B 233 -21.45 -21.12 -32.92
C ASP B 233 -22.51 -20.51 -33.83
N GLU B 234 -23.59 -21.25 -34.07
CA GLU B 234 -24.56 -20.85 -35.08
C GLU B 234 -25.27 -19.56 -34.70
N LYS B 235 -25.62 -19.40 -33.41
CA LYS B 235 -26.41 -18.24 -33.01
C LYS B 235 -25.59 -16.97 -33.04
N ILE B 236 -24.37 -17.01 -32.52
CA ILE B 236 -23.52 -15.82 -32.59
C ILE B 236 -23.09 -15.56 -34.03
N GLY B 237 -22.76 -16.61 -34.76
CA GLY B 237 -22.48 -16.47 -36.17
C GLY B 237 -21.02 -16.37 -36.55
N TRP B 238 -20.12 -16.91 -35.72
CA TRP B 238 -18.70 -16.88 -36.06
C TRP B 238 -18.45 -17.55 -37.40
N ARG B 239 -17.70 -16.87 -38.26
CA ARG B 239 -17.34 -17.44 -39.55
C ARG B 239 -16.14 -18.36 -39.40
N ASN B 240 -16.06 -19.35 -40.30
CA ASN B 240 -14.97 -20.32 -40.23
C ASN B 240 -13.63 -19.66 -40.43
N ASP B 241 -13.44 -19.02 -41.59
CA ASP B 241 -12.17 -18.38 -41.93
C ASP B 241 -12.27 -16.89 -41.58
N ALA B 242 -11.95 -16.57 -40.33
CA ALA B 242 -11.97 -15.20 -39.82
C ALA B 242 -11.37 -15.19 -38.43
N SER B 243 -10.78 -14.05 -38.05
CA SER B 243 -10.32 -13.85 -36.69
C SER B 243 -11.51 -13.55 -35.79
N HIS B 244 -11.58 -14.23 -34.64
CA HIS B 244 -12.72 -14.14 -33.74
C HIS B 244 -12.35 -13.32 -32.52
N LEU B 245 -12.95 -12.15 -32.39
CA LEU B 245 -12.70 -11.24 -31.28
C LEU B 245 -13.96 -11.16 -30.42
N LEU B 246 -13.84 -11.56 -29.15
CA LEU B 246 -14.95 -11.53 -28.19
C LEU B 246 -14.63 -10.46 -27.16
N VAL B 247 -15.27 -9.31 -27.29
CA VAL B 247 -14.94 -8.15 -26.46
C VAL B 247 -15.84 -8.13 -25.23
N PHE B 248 -15.23 -8.28 -24.06
CA PHE B 248 -15.94 -8.39 -22.79
C PHE B 248 -15.71 -7.10 -22.01
N THR B 249 -16.78 -6.35 -21.76
CA THR B 249 -16.69 -5.09 -21.03
C THR B 249 -17.44 -5.21 -19.70
N THR B 250 -16.78 -4.80 -18.62
CA THR B 250 -17.42 -4.77 -17.31
C THR B 250 -16.66 -3.80 -16.41
N ASP B 251 -17.33 -3.36 -15.34
CA ASP B 251 -16.76 -2.43 -14.39
C ASP B 251 -16.64 -3.03 -12.99
N ALA B 252 -16.63 -4.36 -12.88
CA ALA B 252 -16.72 -4.99 -11.58
C ALA B 252 -16.07 -6.36 -11.64
N LYS B 253 -15.89 -6.96 -10.46
CA LYS B 253 -15.47 -8.35 -10.34
C LYS B 253 -16.45 -9.24 -11.07
N THR B 254 -16.05 -10.48 -11.30
CA THR B 254 -16.90 -11.45 -11.96
C THR B 254 -17.08 -12.67 -11.08
N HIS B 255 -18.23 -13.32 -11.22
CA HIS B 255 -18.46 -14.58 -10.54
C HIS B 255 -17.68 -15.68 -11.24
N ILE B 256 -17.31 -16.69 -10.47
CA ILE B 256 -16.52 -17.81 -10.95
C ILE B 256 -17.20 -19.10 -10.56
N ALA B 257 -16.66 -20.21 -11.07
CA ALA B 257 -17.21 -21.53 -10.72
C ALA B 257 -17.21 -21.74 -9.21
N LEU B 258 -18.28 -22.35 -8.71
CA LEU B 258 -18.57 -22.66 -7.32
C LEU B 258 -19.14 -21.44 -6.58
N ASP B 259 -19.22 -20.27 -7.20
CA ASP B 259 -19.98 -19.19 -6.60
C ASP B 259 -21.47 -19.50 -6.56
N GLY B 260 -21.97 -20.21 -7.56
CA GLY B 260 -23.40 -20.47 -7.67
C GLY B 260 -24.04 -21.13 -6.47
N ARG B 261 -23.24 -21.74 -5.60
CA ARG B 261 -23.78 -22.40 -4.43
C ARG B 261 -24.49 -21.42 -3.50
N LEU B 262 -24.15 -20.13 -3.56
CA LEU B 262 -24.92 -19.16 -2.78
C LEU B 262 -26.32 -18.96 -3.34
N ALA B 263 -26.58 -19.36 -4.59
CA ALA B 263 -27.94 -19.37 -5.11
C ALA B 263 -28.55 -20.77 -5.10
N GLY B 264 -27.93 -21.71 -4.38
CA GLY B 264 -28.36 -23.09 -4.40
C GLY B 264 -28.02 -23.85 -5.67
N ILE B 265 -27.24 -23.26 -6.56
CA ILE B 265 -26.89 -23.91 -7.82
C ILE B 265 -25.59 -24.67 -7.61
N VAL B 266 -25.60 -25.97 -7.82
CA VAL B 266 -24.41 -26.78 -7.63
C VAL B 266 -24.00 -27.56 -8.89
N GLN B 267 -24.89 -27.72 -9.86
CA GLN B 267 -24.58 -28.48 -11.06
C GLN B 267 -23.43 -27.82 -11.82
N PRO B 268 -22.34 -28.53 -12.09
CA PRO B 268 -21.24 -27.91 -12.83
C PRO B 268 -21.69 -27.42 -14.21
N ASN B 269 -20.99 -26.41 -14.70
CA ASN B 269 -21.22 -25.93 -16.06
C ASN B 269 -20.82 -27.03 -17.04
N ASP B 270 -21.69 -27.30 -18.01
CA ASP B 270 -21.45 -28.39 -18.95
C ASP B 270 -20.79 -27.93 -20.24
N GLY B 271 -20.58 -26.64 -20.42
CA GLY B 271 -19.92 -26.15 -21.61
C GLY B 271 -20.72 -26.27 -22.88
N GLN B 272 -22.00 -26.58 -22.79
CA GLN B 272 -22.84 -26.74 -23.95
C GLN B 272 -23.65 -25.47 -24.20
N CYS B 273 -24.11 -25.31 -25.43
CA CYS B 273 -24.96 -24.18 -25.77
C CYS B 273 -26.35 -24.38 -25.18
N HIS B 274 -26.88 -23.32 -24.55
CA HIS B 274 -28.22 -23.35 -23.98
C HIS B 274 -29.00 -22.07 -24.29
N VAL B 275 -28.76 -21.47 -25.45
CA VAL B 275 -29.46 -20.26 -25.89
C VAL B 275 -30.41 -20.67 -27.00
N GLY B 276 -31.71 -20.56 -26.75
CA GLY B 276 -32.73 -21.05 -27.66
C GLY B 276 -33.28 -19.97 -28.56
N SER B 277 -34.53 -20.15 -28.99
CA SER B 277 -35.14 -19.20 -29.90
C SER B 277 -35.35 -17.85 -29.24
N ASP B 278 -35.57 -17.84 -27.92
CA ASP B 278 -35.82 -16.59 -27.21
C ASP B 278 -34.54 -15.79 -26.95
N ASN B 279 -33.38 -16.32 -27.34
CA ASN B 279 -32.08 -15.64 -27.26
C ASN B 279 -31.64 -15.38 -25.82
N HIS B 280 -32.16 -16.11 -24.84
CA HIS B 280 -31.72 -15.99 -23.45
C HIS B 280 -31.07 -17.28 -22.99
N TYR B 281 -30.13 -17.17 -22.06
CA TYR B 281 -29.46 -18.33 -21.47
C TYR B 281 -30.42 -19.02 -20.52
N SER B 282 -30.89 -20.22 -20.90
CA SER B 282 -31.98 -20.86 -20.18
C SER B 282 -31.50 -21.63 -18.95
N ALA B 283 -30.22 -21.93 -18.85
CA ALA B 283 -29.67 -22.63 -17.70
C ALA B 283 -29.06 -21.67 -16.68
N SER B 284 -29.31 -20.37 -16.81
CA SER B 284 -28.72 -19.38 -15.92
C SER B 284 -29.03 -19.70 -14.45
N THR B 285 -30.27 -20.05 -14.17
CA THR B 285 -30.71 -20.28 -12.80
C THR B 285 -30.50 -21.71 -12.33
N THR B 286 -29.95 -22.59 -13.18
CA THR B 286 -29.82 -23.99 -12.84
C THR B 286 -28.41 -24.55 -13.00
N MET B 287 -27.47 -23.79 -13.55
CA MET B 287 -26.15 -24.32 -13.86
C MET B 287 -25.09 -23.34 -13.37
N ASP B 288 -24.05 -23.86 -12.71
CA ASP B 288 -23.06 -23.02 -12.08
C ASP B 288 -22.29 -22.20 -13.12
N TYR B 289 -21.63 -21.14 -12.66
CA TYR B 289 -20.73 -20.39 -13.50
C TYR B 289 -19.63 -21.30 -14.02
N PRO B 290 -19.07 -21.01 -15.20
CA PRO B 290 -18.01 -21.84 -15.75
C PRO B 290 -16.67 -21.60 -15.08
N SER B 291 -15.81 -22.61 -15.13
CA SER B 291 -14.47 -22.51 -14.59
C SER B 291 -13.51 -21.97 -15.65
N LEU B 292 -12.42 -21.36 -15.19
CA LEU B 292 -11.42 -20.81 -16.11
C LEU B 292 -10.89 -21.88 -17.05
N GLY B 293 -10.61 -23.09 -16.52
CA GLY B 293 -10.13 -24.16 -17.37
C GLY B 293 -11.15 -24.60 -18.41
N LEU B 294 -12.44 -24.58 -18.05
CA LEU B 294 -13.45 -24.92 -19.04
C LEU B 294 -13.58 -23.82 -20.08
N MET B 295 -13.48 -22.55 -19.66
CA MET B 295 -13.51 -21.45 -20.62
C MET B 295 -12.33 -21.51 -21.57
N THR B 296 -11.16 -21.89 -21.06
CA THR B 296 -9.99 -22.01 -21.92
C THR B 296 -10.20 -23.08 -22.98
N GLU B 297 -10.77 -24.23 -22.60
CA GLU B 297 -11.02 -25.30 -23.56
C GLU B 297 -11.91 -24.82 -24.70
N LYS B 298 -13.02 -24.14 -24.36
CA LYS B 298 -13.97 -23.74 -25.39
C LYS B 298 -13.46 -22.57 -26.23
N LEU B 299 -12.76 -21.61 -25.60
CA LEU B 299 -12.15 -20.54 -26.38
C LEU B 299 -11.13 -21.09 -27.36
N SER B 300 -10.28 -22.00 -26.90
CA SER B 300 -9.31 -22.63 -27.79
C SER B 300 -10.01 -23.45 -28.87
N GLN B 301 -11.10 -24.14 -28.50
CA GLN B 301 -11.79 -25.02 -29.43
C GLN B 301 -12.41 -24.24 -30.58
N LYS B 302 -12.95 -23.04 -30.29
CA LYS B 302 -13.63 -22.24 -31.29
C LYS B 302 -12.78 -21.08 -31.80
N ASN B 303 -11.46 -21.10 -31.53
CA ASN B 303 -10.54 -20.07 -32.01
C ASN B 303 -11.01 -18.67 -31.64
N ILE B 304 -11.53 -18.52 -30.44
CA ILE B 304 -11.99 -17.23 -29.95
C ILE B 304 -10.86 -16.54 -29.21
N ASN B 305 -10.67 -15.26 -29.50
CA ASN B 305 -9.71 -14.42 -28.77
C ASN B 305 -10.50 -13.55 -27.81
N LEU B 306 -10.34 -13.80 -26.52
CA LEU B 306 -11.07 -13.04 -25.51
C LEU B 306 -10.35 -11.74 -25.21
N ILE B 307 -11.12 -10.66 -25.08
CA ILE B 307 -10.59 -9.34 -24.80
C ILE B 307 -11.28 -8.80 -23.56
N PHE B 308 -10.55 -8.72 -22.45
CA PHE B 308 -11.04 -8.13 -21.21
C PHE B 308 -10.89 -6.62 -21.31
N ALA B 309 -11.95 -5.95 -21.72
CA ALA B 309 -11.99 -4.49 -21.73
C ALA B 309 -12.66 -4.06 -20.43
N VAL B 310 -11.87 -3.79 -19.40
CA VAL B 310 -12.41 -3.49 -18.09
C VAL B 310 -11.85 -2.15 -17.59
N THR B 311 -12.49 -1.63 -16.55
CA THR B 311 -12.09 -0.35 -15.98
C THR B 311 -10.90 -0.52 -15.04
N GLU B 312 -10.18 0.59 -14.82
CA GLU B 312 -8.89 0.51 -14.13
C GLU B 312 -9.01 -0.06 -12.73
N ASN B 313 -10.18 0.05 -12.10
CA ASN B 313 -10.34 -0.45 -10.74
C ASN B 313 -10.26 -1.97 -10.66
N VAL B 314 -10.35 -2.66 -11.80
CA VAL B 314 -10.34 -4.12 -11.81
C VAL B 314 -9.40 -4.66 -12.87
N VAL B 315 -8.50 -3.82 -13.39
CA VAL B 315 -7.59 -4.27 -14.45
C VAL B 315 -6.61 -5.29 -13.90
N ASN B 316 -5.99 -4.99 -12.74
CA ASN B 316 -5.08 -5.95 -12.12
C ASN B 316 -5.74 -7.31 -11.96
N LEU B 317 -7.01 -7.32 -11.57
CA LEU B 317 -7.78 -8.56 -11.47
C LEU B 317 -7.79 -9.28 -12.81
N TYR B 318 -8.34 -8.64 -13.84
CA TYR B 318 -8.49 -9.32 -15.12
C TYR B 318 -7.16 -9.53 -15.83
N GLN B 319 -6.14 -8.72 -15.55
CA GLN B 319 -4.81 -9.05 -16.05
CA GLN B 319 -4.80 -9.04 -16.04
C GLN B 319 -4.33 -10.37 -15.47
N ASN B 320 -4.70 -10.65 -14.23
CA ASN B 320 -4.28 -11.88 -13.57
C ASN B 320 -5.05 -13.09 -14.12
N TYR B 321 -6.36 -12.93 -14.34
CA TYR B 321 -7.12 -13.96 -15.05
C TYR B 321 -6.55 -14.17 -16.45
N SER B 322 -6.23 -13.08 -17.14
CA SER B 322 -5.67 -13.16 -18.49
C SER B 322 -4.44 -14.07 -18.54
N GLU B 323 -3.67 -14.11 -17.46
CA GLU B 323 -2.48 -14.96 -17.45
C GLU B 323 -2.85 -16.43 -17.29
N LEU B 324 -4.00 -16.73 -16.69
CA LEU B 324 -4.47 -18.09 -16.53
C LEU B 324 -5.24 -18.60 -17.76
N ILE B 325 -5.51 -17.73 -18.73
CA ILE B 325 -6.18 -18.10 -19.97
C ILE B 325 -5.30 -17.63 -21.13
N PRO B 326 -4.30 -18.41 -21.55
CA PRO B 326 -3.41 -17.93 -22.62
C PRO B 326 -4.16 -17.54 -23.87
N GLY B 327 -3.63 -16.53 -24.56
CA GLY B 327 -4.27 -15.97 -25.74
C GLY B 327 -5.26 -14.86 -25.45
N THR B 328 -5.44 -14.47 -24.19
CA THR B 328 -6.37 -13.43 -23.81
C THR B 328 -5.64 -12.10 -23.69
N THR B 329 -6.30 -11.03 -24.15
CA THR B 329 -5.74 -9.69 -24.18
C THR B 329 -6.57 -8.77 -23.28
N VAL B 330 -5.91 -7.82 -22.64
CA VAL B 330 -6.58 -6.88 -21.74
C VAL B 330 -6.34 -5.45 -22.22
N GLY B 331 -7.40 -4.65 -22.17
CA GLY B 331 -7.29 -3.23 -22.41
C GLY B 331 -8.03 -2.46 -21.34
N VAL B 332 -7.60 -1.22 -21.13
CA VAL B 332 -8.14 -0.39 -20.06
C VAL B 332 -9.32 0.41 -20.60
N LEU B 333 -10.47 0.25 -19.97
CA LEU B 333 -11.70 0.90 -20.39
C LEU B 333 -11.99 2.10 -19.49
N SER B 334 -12.42 3.20 -20.10
N SER B 334 -12.42 3.21 -20.10
CA SER B 334 -12.83 4.36 -19.31
CA SER B 334 -12.83 4.36 -19.31
C SER B 334 -14.13 4.05 -18.58
C SER B 334 -14.15 4.08 -18.60
N MET B 335 -14.42 4.88 -17.56
CA MET B 335 -15.59 4.67 -16.72
C MET B 335 -16.91 4.80 -17.48
N ASP B 336 -16.87 5.22 -18.75
CA ASP B 336 -18.07 5.29 -19.58
C ASP B 336 -17.87 4.60 -20.94
N SER B 337 -16.81 3.81 -21.10
CA SER B 337 -16.52 3.08 -22.34
C SER B 337 -16.29 4.02 -23.52
N SER B 338 -15.88 5.27 -23.24
CA SER B 338 -15.66 6.26 -24.28
C SER B 338 -14.44 5.95 -25.15
N ASN B 339 -13.57 5.04 -24.72
CA ASN B 339 -12.36 4.70 -25.44
C ASN B 339 -12.37 3.27 -25.98
N VAL B 340 -13.53 2.60 -25.93
CA VAL B 340 -13.60 1.19 -26.31
C VAL B 340 -13.21 0.99 -27.76
N LEU B 341 -13.39 2.01 -28.60
CA LEU B 341 -13.06 1.88 -30.02
C LEU B 341 -11.57 1.66 -30.22
N GLN B 342 -10.75 2.54 -29.65
CA GLN B 342 -9.30 2.39 -29.80
C GLN B 342 -8.80 1.13 -29.09
N LEU B 343 -9.39 0.83 -27.93
CA LEU B 343 -9.02 -0.37 -27.18
C LEU B 343 -9.15 -1.63 -28.02
N ILE B 344 -10.18 -1.69 -28.86
CA ILE B 344 -10.39 -2.85 -29.72
C ILE B 344 -9.35 -2.91 -30.83
N VAL B 345 -9.01 -1.76 -31.40
CA VAL B 345 -8.03 -1.73 -32.49
C VAL B 345 -6.65 -2.14 -31.98
N ASP B 346 -6.23 -1.59 -30.84
CA ASP B 346 -4.94 -1.96 -30.27
C ASP B 346 -4.91 -3.42 -29.84
N ALA B 347 -6.07 -3.98 -29.48
CA ALA B 347 -6.11 -5.40 -29.14
C ALA B 347 -5.98 -6.27 -30.38
N TYR B 348 -6.61 -5.87 -31.49
CA TYR B 348 -6.49 -6.62 -32.73
C TYR B 348 -5.07 -6.58 -33.26
N GLY B 349 -4.37 -5.46 -33.06
CA GLY B 349 -2.97 -5.39 -33.45
C GLY B 349 -2.09 -6.26 -32.57
N LYS B 350 -2.35 -6.25 -31.26
CA LYS B 350 -1.58 -7.09 -30.35
C LYS B 350 -1.89 -8.57 -30.55
N ILE B 351 -3.11 -8.89 -31.01
CA ILE B 351 -3.48 -10.28 -31.21
C ILE B 351 -2.77 -10.86 -32.44
N ARG B 352 -2.66 -10.08 -33.52
CA ARG B 352 -1.98 -10.53 -34.72
C ARG B 352 -0.50 -10.14 -34.73
N SER B 353 0.10 -9.95 -33.55
CA SER B 353 1.52 -9.62 -33.42
C SER B 353 2.37 -10.82 -33.06
N LYS B 354 1.79 -12.01 -32.98
CA LYS B 354 2.51 -13.19 -32.52
C LYS B 354 2.21 -14.38 -33.42
N VAL B 355 3.24 -15.19 -33.68
CA VAL B 355 3.10 -16.49 -34.33
C VAL B 355 3.75 -17.51 -33.42
N GLU B 356 2.96 -18.45 -32.91
CA GLU B 356 3.45 -19.46 -31.99
C GLU B 356 3.07 -20.83 -32.54
N LEU B 357 4.08 -21.63 -32.88
CA LEU B 357 3.83 -22.93 -33.47
C LEU B 357 3.31 -23.92 -32.44
N GLU B 358 2.51 -24.87 -32.92
CA GLU B 358 1.94 -25.92 -32.09
C GLU B 358 2.00 -27.23 -32.86
N VAL B 359 2.16 -28.33 -32.13
CA VAL B 359 2.30 -29.65 -32.73
C VAL B 359 1.14 -30.53 -32.25
N ARG B 360 0.56 -31.29 -33.17
CA ARG B 360 -0.52 -32.21 -32.85
C ARG B 360 -0.20 -33.60 -33.35
N ASP B 361 -0.52 -34.61 -32.53
CA ASP B 361 -0.42 -36.02 -32.91
C ASP B 361 1.02 -36.42 -33.21
N LEU B 362 1.98 -35.81 -32.53
CA LEU B 362 3.37 -36.21 -32.68
C LEU B 362 3.56 -37.59 -32.05
N PRO B 363 4.13 -38.55 -32.78
CA PRO B 363 4.37 -39.88 -32.19
C PRO B 363 5.29 -39.80 -30.98
N GLU B 364 5.34 -40.91 -30.24
CA GLU B 364 6.17 -40.96 -29.04
C GLU B 364 7.65 -40.95 -29.39
N GLU B 365 8.05 -41.72 -30.42
CA GLU B 365 9.46 -41.87 -30.76
C GLU B 365 10.06 -40.65 -31.44
N LEU B 366 9.24 -39.75 -31.98
CA LEU B 366 9.75 -38.57 -32.67
C LEU B 366 9.92 -37.41 -31.69
N SER B 367 11.05 -36.71 -31.82
CA SER B 367 11.29 -35.46 -31.11
C SER B 367 11.63 -34.37 -32.13
N LEU B 368 11.24 -33.14 -31.80
CA LEU B 368 11.42 -32.02 -32.72
C LEU B 368 12.25 -30.93 -32.06
N SER B 369 12.88 -30.11 -32.90
CA SER B 369 13.68 -28.97 -32.48
C SER B 369 13.44 -27.83 -33.46
N PHE B 370 13.43 -26.60 -32.95
CA PHE B 370 12.99 -25.46 -33.73
C PHE B 370 14.00 -24.32 -33.71
N ASN B 371 14.17 -23.68 -34.85
CA ASN B 371 14.99 -22.48 -35.00
C ASN B 371 14.14 -21.41 -35.67
N ALA B 372 13.91 -20.30 -34.98
CA ALA B 372 13.01 -19.26 -35.45
C ALA B 372 13.77 -18.12 -36.11
N THR B 373 13.09 -17.44 -37.05
CA THR B 373 13.66 -16.32 -37.80
C THR B 373 12.62 -15.20 -37.82
N CYS B 374 12.53 -14.47 -36.71
CA CYS B 374 11.68 -13.30 -36.66
C CYS B 374 12.45 -12.09 -37.18
N LEU B 375 11.76 -10.94 -37.26
CA LEU B 375 12.38 -9.66 -37.61
C LEU B 375 13.02 -9.79 -39.00
N ASN B 376 14.29 -9.40 -39.18
CA ASN B 376 14.96 -9.45 -40.47
C ASN B 376 16.04 -10.52 -40.41
N ASN B 377 15.66 -11.76 -40.74
CA ASN B 377 16.60 -12.85 -40.98
C ASN B 377 17.48 -13.15 -39.77
N GLU B 378 16.98 -12.89 -38.57
CA GLU B 378 17.71 -13.14 -37.33
C GLU B 378 17.30 -14.51 -36.80
N VAL B 379 18.25 -15.44 -36.77
CA VAL B 379 17.98 -16.80 -36.29
C VAL B 379 17.99 -16.80 -34.77
N ILE B 380 17.06 -17.55 -34.18
CA ILE B 380 16.95 -17.68 -32.73
C ILE B 380 16.82 -19.17 -32.40
N PRO B 381 17.90 -19.84 -32.00
CA PRO B 381 17.81 -21.30 -31.79
C PRO B 381 16.97 -21.65 -30.57
N GLY B 382 16.35 -22.83 -30.65
CA GLY B 382 15.51 -23.32 -29.56
C GLY B 382 14.33 -22.41 -29.27
N LEU B 383 13.59 -22.05 -30.31
CA LEU B 383 12.43 -21.17 -30.16
C LEU B 383 11.42 -21.48 -31.26
N LYS B 384 10.14 -21.47 -30.89
CA LYS B 384 9.07 -21.81 -31.82
C LYS B 384 7.96 -20.75 -31.81
N SER B 385 8.30 -19.50 -31.50
CA SER B 385 7.32 -18.44 -31.42
C SER B 385 7.96 -17.09 -31.70
N CYS B 386 7.32 -16.30 -32.54
CA CYS B 386 7.74 -14.93 -32.83
C CYS B 386 6.76 -13.94 -32.21
N MET B 387 7.29 -12.76 -31.86
CA MET B 387 6.49 -11.72 -31.25
C MET B 387 6.87 -10.38 -31.86
N GLY B 388 6.04 -9.38 -31.61
CA GLY B 388 6.30 -8.04 -32.11
C GLY B 388 6.07 -7.88 -33.59
N LEU B 389 5.19 -8.68 -34.17
CA LEU B 389 4.95 -8.68 -35.60
C LEU B 389 3.89 -7.65 -35.98
N LYS B 390 3.79 -7.39 -37.29
CA LYS B 390 2.76 -6.53 -37.84
C LYS B 390 2.02 -7.29 -38.93
N ILE B 391 0.85 -6.76 -39.32
CA ILE B 391 0.10 -7.36 -40.40
C ILE B 391 0.93 -7.30 -41.68
N GLY B 392 1.06 -8.45 -42.34
CA GLY B 392 1.86 -8.56 -43.53
C GLY B 392 3.26 -9.07 -43.31
N ASP B 393 3.70 -9.19 -42.05
CA ASP B 393 5.01 -9.73 -41.76
C ASP B 393 5.02 -11.24 -41.93
N THR B 394 6.20 -11.77 -42.24
CA THR B 394 6.37 -13.20 -42.47
C THR B 394 7.59 -13.69 -41.71
N VAL B 395 7.44 -14.84 -41.05
CA VAL B 395 8.51 -15.50 -40.33
C VAL B 395 8.68 -16.90 -40.90
N SER B 396 9.76 -17.57 -40.49
CA SER B 396 10.02 -18.92 -40.93
C SER B 396 10.71 -19.68 -39.80
N PHE B 397 10.53 -21.00 -39.80
CA PHE B 397 11.12 -21.85 -38.79
C PHE B 397 11.81 -23.03 -39.46
N SER B 398 12.97 -23.41 -38.92
CA SER B 398 13.66 -24.62 -39.35
C SER B 398 13.43 -25.71 -38.30
N ILE B 399 13.04 -26.88 -38.77
CA ILE B 399 12.62 -27.97 -37.89
C ILE B 399 13.47 -29.20 -38.19
N GLU B 400 13.89 -29.90 -37.13
CA GLU B 400 14.62 -31.16 -37.25
C GLU B 400 13.89 -32.23 -36.45
N ALA B 401 13.60 -33.35 -37.11
CA ALA B 401 12.89 -34.47 -36.50
C ALA B 401 13.88 -35.60 -36.27
N LYS B 402 14.01 -36.03 -35.01
CA LYS B 402 14.95 -37.07 -34.62
C LYS B 402 14.16 -38.27 -34.09
N VAL B 403 14.29 -39.41 -34.78
CA VAL B 403 13.52 -40.62 -34.44
C VAL B 403 14.39 -41.55 -33.62
N ARG B 404 13.78 -42.19 -32.62
CA ARG B 404 14.48 -43.07 -31.69
C ARG B 404 14.20 -44.52 -32.08
N GLY B 405 15.22 -45.21 -32.58
CA GLY B 405 15.06 -46.59 -32.97
C GLY B 405 14.17 -46.72 -34.20
N CYS B 406 13.35 -47.77 -34.22
CA CYS B 406 12.36 -47.96 -35.27
C CYS B 406 11.03 -48.33 -34.61
N PRO B 407 9.93 -47.68 -34.99
CA PRO B 407 8.63 -47.99 -34.39
C PRO B 407 7.91 -49.11 -35.14
N GLN B 408 6.85 -49.62 -34.51
CA GLN B 408 6.11 -50.74 -35.07
C GLN B 408 5.30 -50.33 -36.29
N GLU B 409 4.50 -49.26 -36.16
CA GLU B 409 3.79 -48.70 -37.29
C GLU B 409 4.76 -47.92 -38.17
N LYS B 410 4.80 -48.26 -39.45
CA LYS B 410 5.77 -47.69 -40.37
C LYS B 410 5.30 -46.43 -41.07
N GLU B 411 4.04 -46.03 -40.88
CA GLU B 411 3.53 -44.82 -41.52
C GLU B 411 2.56 -44.11 -40.57
N LYS B 412 2.98 -42.97 -40.05
CA LYS B 412 2.16 -42.10 -39.20
C LYS B 412 2.15 -40.70 -39.80
N SER B 413 1.43 -39.79 -39.15
CA SER B 413 1.35 -38.42 -39.63
C SER B 413 0.99 -37.49 -38.47
N PHE B 414 1.64 -36.33 -38.44
CA PHE B 414 1.37 -35.30 -37.43
C PHE B 414 1.22 -33.95 -38.12
N THR B 415 0.95 -32.91 -37.32
CA THR B 415 0.58 -31.60 -37.86
C THR B 415 1.32 -30.49 -37.11
N ILE B 416 1.77 -29.49 -37.87
CA ILE B 416 2.34 -28.26 -37.33
C ILE B 416 1.37 -27.13 -37.68
N LYS B 417 0.89 -26.40 -36.66
CA LYS B 417 -0.09 -25.35 -36.89
C LYS B 417 0.16 -24.19 -35.94
N PRO B 418 0.16 -22.95 -36.43
CA PRO B 418 0.24 -21.80 -35.54
C PRO B 418 -1.05 -21.61 -34.76
N VAL B 419 -0.92 -21.15 -33.52
CA VAL B 419 -2.08 -20.98 -32.66
C VAL B 419 -3.05 -19.99 -33.28
N GLY B 420 -4.32 -20.38 -33.39
CA GLY B 420 -5.35 -19.54 -33.95
C GLY B 420 -5.51 -19.63 -35.45
N PHE B 421 -4.50 -20.10 -36.17
CA PHE B 421 -4.50 -20.07 -37.63
C PHE B 421 -5.39 -21.18 -38.21
N LYS B 422 -5.87 -20.95 -39.43
CA LYS B 422 -6.64 -21.96 -40.12
C LYS B 422 -5.72 -22.99 -40.78
N ASP B 423 -4.80 -22.53 -41.62
CA ASP B 423 -3.93 -23.41 -42.38
C ASP B 423 -2.93 -24.09 -41.45
N SER B 424 -2.24 -25.10 -41.99
CA SER B 424 -1.37 -25.95 -41.18
C SER B 424 -0.45 -26.73 -42.11
N LEU B 425 0.65 -27.22 -41.53
CA LEU B 425 1.58 -28.10 -42.22
C LEU B 425 1.38 -29.53 -41.71
N ILE B 426 1.05 -30.44 -42.62
CA ILE B 426 0.91 -31.86 -42.32
C ILE B 426 2.19 -32.57 -42.73
N VAL B 427 2.73 -33.38 -41.83
CA VAL B 427 3.96 -34.11 -42.08
C VAL B 427 3.62 -35.60 -42.13
N GLN B 428 3.74 -36.20 -43.32
CA GLN B 428 3.51 -37.63 -43.50
C GLN B 428 4.84 -38.35 -43.34
N VAL B 429 5.03 -39.00 -42.21
CA VAL B 429 6.27 -39.71 -41.93
C VAL B 429 6.16 -41.13 -42.45
N THR B 430 7.28 -41.65 -42.96
CA THR B 430 7.42 -43.06 -43.31
C THR B 430 8.73 -43.55 -42.72
N PHE B 431 8.67 -44.64 -41.96
CA PHE B 431 9.84 -45.20 -41.28
C PHE B 431 10.40 -46.35 -42.10
N ASP B 432 11.39 -46.05 -42.94
CA ASP B 432 12.03 -47.05 -43.80
C ASP B 432 13.05 -47.80 -42.95
N CYS B 433 12.57 -48.84 -42.26
CA CYS B 433 13.44 -49.69 -41.47
C CYS B 433 13.79 -50.99 -42.18
N ASP B 434 12.92 -51.46 -43.06
CA ASP B 434 13.12 -52.73 -43.74
C ASP B 434 13.92 -52.56 -45.02
N CYS B 435 14.31 -53.69 -45.60
CA CYS B 435 15.00 -53.73 -46.87
C CYS B 435 14.05 -54.23 -47.95
N ALA B 436 14.31 -53.81 -49.19
CA ALA B 436 13.48 -54.26 -50.30
C ALA B 436 13.65 -55.75 -50.55
N CYS B 437 14.84 -56.30 -50.29
CA CYS B 437 15.09 -57.72 -50.53
C CYS B 437 14.34 -58.63 -49.58
N GLN B 438 13.71 -58.09 -48.52
CA GLN B 438 12.91 -58.92 -47.63
C GLN B 438 11.58 -59.30 -48.25
N ALA B 439 11.05 -58.49 -49.16
CA ALA B 439 9.82 -58.85 -49.85
C ALA B 439 10.00 -60.09 -50.72
N GLN B 440 11.24 -60.46 -51.05
CA GLN B 440 11.50 -61.61 -51.89
C GLN B 440 12.33 -62.65 -51.15
N ALA B 441 11.89 -63.02 -49.95
CA ALA B 441 12.59 -64.02 -49.17
C ALA B 441 12.15 -65.43 -49.58
N GLU B 442 13.02 -66.40 -49.30
CA GLU B 442 12.75 -67.80 -49.62
C GLU B 442 12.50 -68.57 -48.33
N PRO B 443 11.25 -68.69 -47.89
CA PRO B 443 10.96 -69.53 -46.72
C PRO B 443 11.17 -70.99 -47.03
N ASN B 444 11.72 -71.72 -46.05
CA ASN B 444 12.05 -73.13 -46.21
C ASN B 444 13.00 -73.34 -47.38
N SER B 445 14.02 -72.48 -47.45
CA SER B 445 15.05 -72.60 -48.48
C SER B 445 15.88 -73.84 -48.26
N HIS B 446 16.22 -74.52 -49.36
CA HIS B 446 17.10 -75.67 -49.31
C HIS B 446 18.57 -75.28 -49.42
N ARG B 447 18.87 -74.00 -49.13
CA ARG B 447 20.22 -73.53 -48.89
C ARG B 447 20.55 -73.39 -47.40
N CYS B 448 19.55 -73.58 -46.52
CA CYS B 448 19.67 -73.24 -45.11
C CYS B 448 19.32 -74.45 -44.25
N ASN B 449 20.31 -75.33 -44.04
CA ASN B 449 20.24 -76.40 -43.03
C ASN B 449 19.11 -77.39 -43.33
N ASN B 450 18.98 -77.78 -44.60
CA ASN B 450 18.00 -78.79 -45.04
C ASN B 450 16.57 -78.35 -44.74
N GLY B 451 16.22 -77.14 -45.17
CA GLY B 451 14.88 -76.64 -45.01
C GLY B 451 14.49 -76.19 -43.62
N ASN B 452 15.45 -75.93 -42.74
CA ASN B 452 15.19 -75.47 -41.39
C ASN B 452 15.29 -73.96 -41.24
N GLY B 453 15.46 -73.22 -42.32
CA GLY B 453 15.63 -71.80 -42.26
C GLY B 453 15.17 -71.10 -43.52
N THR B 454 15.21 -69.77 -43.48
CA THR B 454 14.75 -68.92 -44.57
C THR B 454 15.95 -68.15 -45.15
N PHE B 455 15.95 -68.03 -46.48
CA PHE B 455 17.01 -67.34 -47.21
C PHE B 455 16.48 -65.98 -47.68
N GLU B 456 17.00 -64.91 -47.09
CA GLU B 456 16.61 -63.56 -47.47
C GLU B 456 17.85 -62.68 -47.59
N CYS B 457 17.88 -61.85 -48.63
CA CYS B 457 18.93 -60.85 -48.86
C CYS B 457 20.32 -61.47 -48.94
N GLY B 458 20.41 -62.76 -49.25
CA GLY B 458 21.69 -63.42 -49.44
C GLY B 458 22.22 -64.17 -48.23
N VAL B 459 21.45 -64.31 -47.15
CA VAL B 459 21.88 -65.00 -45.95
C VAL B 459 20.75 -65.89 -45.45
N CYS B 460 21.10 -66.80 -44.54
CA CYS B 460 20.14 -67.73 -43.95
C CYS B 460 19.66 -67.22 -42.60
N ARG B 461 18.35 -67.31 -42.37
CA ARG B 461 17.73 -66.83 -41.14
C ARG B 461 16.92 -67.96 -40.53
N CYS B 462 17.04 -68.12 -39.21
CA CYS B 462 16.23 -69.10 -38.50
C CYS B 462 14.75 -68.74 -38.63
N GLY B 463 13.96 -69.67 -39.15
CA GLY B 463 12.58 -69.40 -39.45
C GLY B 463 11.71 -69.21 -38.21
N PRO B 464 10.39 -69.16 -38.41
CA PRO B 464 9.48 -69.02 -37.27
C PRO B 464 9.42 -70.30 -36.44
N GLY B 465 9.43 -70.13 -35.12
CA GLY B 465 9.36 -71.23 -34.19
C GLY B 465 10.70 -71.67 -33.64
N TRP B 466 11.80 -71.34 -34.30
CA TRP B 466 13.14 -71.68 -33.80
C TRP B 466 13.67 -70.59 -32.88
N LEU C 1 36.38 46.57 21.10
CA LEU C 1 35.73 45.41 20.49
C LEU C 1 36.64 44.77 19.44
N ASN C 2 36.12 43.76 18.74
CA ASN C 2 36.92 43.02 17.78
C ASN C 2 36.61 43.41 16.34
N LEU C 3 35.41 43.08 15.87
CA LEU C 3 34.97 43.46 14.53
C LEU C 3 34.33 44.84 14.61
N ASP C 4 34.84 45.78 13.83
CA ASP C 4 34.35 47.15 13.87
C ASP C 4 32.93 47.22 13.31
N PRO C 5 31.92 47.58 14.12
CA PRO C 5 30.55 47.68 13.62
C PRO C 5 30.14 49.09 13.19
N VAL C 6 31.08 50.02 13.14
CA VAL C 6 30.78 51.41 12.86
C VAL C 6 31.13 51.78 11.42
N GLN C 7 32.37 51.51 11.01
N GLN C 7 32.36 51.52 11.01
CA GLN C 7 32.86 51.80 9.67
CA GLN C 7 32.83 51.83 9.65
C GLN C 7 32.94 50.49 8.90
C GLN C 7 32.94 50.51 8.89
N LEU C 8 31.85 50.13 8.24
CA LEU C 8 31.82 48.93 7.41
C LEU C 8 32.24 49.26 5.99
N THR C 9 32.35 48.21 5.17
CA THR C 9 32.53 48.35 3.73
C THR C 9 31.44 47.55 3.04
N PHE C 10 30.71 48.19 2.15
CA PHE C 10 29.59 47.57 1.45
C PHE C 10 29.94 47.39 -0.02
N TYR C 11 29.72 46.17 -0.52
CA TYR C 11 29.74 45.87 -1.95
C TYR C 11 28.32 45.55 -2.39
N ALA C 12 27.99 45.89 -3.63
CA ALA C 12 26.63 45.76 -4.12
C ALA C 12 26.61 45.23 -5.54
N GLY C 13 25.69 44.31 -5.80
CA GLY C 13 25.44 43.80 -7.13
C GLY C 13 24.06 44.20 -7.62
N PRO C 14 23.69 43.74 -8.82
CA PRO C 14 22.44 44.20 -9.43
C PRO C 14 21.21 43.76 -8.65
N ASN C 15 20.08 44.38 -8.98
CA ASN C 15 18.83 44.08 -8.32
C ASN C 15 18.33 42.68 -8.68
N GLY C 16 17.84 41.96 -7.67
CA GLY C 16 17.28 40.63 -7.86
C GLY C 16 18.29 39.63 -8.39
N SER C 17 19.57 40.01 -8.34
CA SER C 17 20.62 39.10 -8.76
C SER C 17 21.06 38.18 -7.64
N GLN C 18 20.61 38.43 -6.41
CA GLN C 18 21.02 37.65 -5.24
C GLN C 18 22.53 37.67 -5.07
N PHE C 19 23.14 38.79 -5.46
CA PHE C 19 24.53 39.07 -5.15
C PHE C 19 24.78 38.92 -3.66
N GLY C 20 25.65 37.98 -3.29
CA GLY C 20 25.93 37.68 -1.91
C GLY C 20 25.36 36.37 -1.42
N PHE C 21 24.70 35.60 -2.28
CA PHE C 21 24.24 34.27 -1.89
C PHE C 21 25.40 33.40 -1.43
N SER C 22 26.59 33.62 -1.99
CA SER C 22 27.80 32.90 -1.61
C SER C 22 28.98 33.82 -1.84
N LEU C 23 30.03 33.63 -1.05
CA LEU C 23 31.24 34.44 -1.16
C LEU C 23 32.43 33.66 -0.61
N ASP C 24 33.63 34.20 -0.83
CA ASP C 24 34.86 33.64 -0.31
C ASP C 24 35.98 34.64 -0.55
N PHE C 25 37.11 34.41 0.12
CA PHE C 25 38.30 35.20 -0.09
C PHE C 25 39.16 34.56 -1.18
N HIS C 26 39.74 35.39 -2.04
CA HIS C 26 40.54 34.91 -3.17
C HIS C 26 41.88 35.65 -3.18
N LYS C 27 42.98 34.91 -3.07
CA LYS C 27 44.31 35.46 -3.23
C LYS C 27 44.79 35.19 -4.66
N ASP C 28 45.23 36.24 -5.35
CA ASP C 28 45.82 36.06 -6.66
C ASP C 28 47.22 35.45 -6.53
N SER C 29 48.01 35.50 -7.60
CA SER C 29 49.35 34.93 -7.54
C SER C 29 50.35 35.83 -6.83
N HIS C 30 49.96 37.06 -6.49
CA HIS C 30 50.83 37.98 -5.75
C HIS C 30 50.46 38.07 -4.28
N GLY C 31 49.43 37.34 -3.84
CA GLY C 31 49.01 37.38 -2.47
C GLY C 31 47.96 38.41 -2.13
N ARG C 32 47.55 39.24 -3.09
CA ARG C 32 46.59 40.30 -2.83
C ARG C 32 45.19 39.74 -2.67
N VAL C 33 44.53 40.09 -1.57
CA VAL C 33 43.25 39.50 -1.22
C VAL C 33 42.13 40.26 -1.94
N ALA C 34 41.21 39.51 -2.53
CA ALA C 34 39.98 40.04 -3.11
C ALA C 34 38.80 39.21 -2.63
N ILE C 35 37.60 39.60 -3.00
CA ILE C 35 36.38 38.91 -2.62
C ILE C 35 35.67 38.44 -3.87
N VAL C 36 35.37 37.15 -3.95
CA VAL C 36 34.55 36.59 -5.01
C VAL C 36 33.13 36.43 -4.47
N VAL C 37 32.15 36.91 -5.24
CA VAL C 37 30.76 36.91 -4.81
C VAL C 37 29.93 36.14 -5.83
N GLY C 38 28.97 35.37 -5.33
CA GLY C 38 28.04 34.65 -6.18
C GLY C 38 26.71 35.38 -6.26
N ALA C 39 26.15 35.44 -7.45
CA ALA C 39 24.87 36.10 -7.70
C ALA C 39 24.03 35.20 -8.59
N PRO C 40 23.41 34.17 -8.01
CA PRO C 40 22.85 33.08 -8.82
C PRO C 40 21.59 33.43 -9.59
N ARG C 41 21.08 34.66 -9.49
CA ARG C 41 19.93 35.09 -10.29
C ARG C 41 20.30 36.27 -11.19
N THR C 42 21.58 36.39 -11.51
CA THR C 42 22.01 37.43 -12.43
C THR C 42 21.49 37.14 -13.82
N LEU C 43 20.98 38.17 -14.48
CA LEU C 43 20.53 38.02 -15.85
C LEU C 43 21.70 37.68 -16.76
N GLY C 44 21.44 36.82 -17.74
CA GLY C 44 22.43 36.48 -18.72
C GLY C 44 22.24 37.26 -20.00
N PRO C 45 22.72 36.73 -21.11
CA PRO C 45 22.54 37.42 -22.39
C PRO C 45 21.12 37.27 -22.93
N SER C 46 20.56 36.07 -22.80
CA SER C 46 19.21 35.76 -23.26
C SER C 46 18.13 36.48 -22.45
N GLN C 47 18.52 37.35 -21.52
CA GLN C 47 17.62 38.07 -20.62
C GLN C 47 16.88 37.14 -19.67
N GLU C 48 17.34 35.89 -19.53
CA GLU C 48 16.80 34.96 -18.55
C GLU C 48 17.84 34.71 -17.46
N GLU C 49 17.35 34.44 -16.25
CA GLU C 49 18.24 34.24 -15.12
C GLU C 49 19.20 33.08 -15.40
N THR C 50 20.50 33.35 -15.25
CA THR C 50 21.51 32.32 -15.38
C THR C 50 22.53 32.33 -14.25
N GLY C 51 22.57 33.37 -13.43
CA GLY C 51 23.56 33.48 -12.37
C GLY C 51 24.89 33.99 -12.89
N GLY C 52 25.67 34.61 -12.01
CA GLY C 52 26.95 35.15 -12.41
C GLY C 52 27.87 35.27 -11.22
N VAL C 53 29.13 35.61 -11.52
CA VAL C 53 30.17 35.70 -10.50
C VAL C 53 30.86 37.06 -10.59
N PHE C 54 31.18 37.64 -9.44
CA PHE C 54 31.84 38.93 -9.37
C PHE C 54 33.10 38.82 -8.52
N LEU C 55 34.19 39.41 -9.02
CA LEU C 55 35.47 39.43 -8.33
C LEU C 55 35.72 40.85 -7.83
N CYS C 56 35.40 41.07 -6.55
CA CYS C 56 35.48 42.39 -5.94
C CYS C 56 36.89 42.65 -5.43
N PRO C 57 37.62 43.61 -5.98
CA PRO C 57 38.90 44.01 -5.37
C PRO C 57 38.67 44.74 -4.06
N TRP C 58 39.64 44.60 -3.15
CA TRP C 58 39.50 45.20 -1.83
C TRP C 58 39.63 46.72 -1.92
N ARG C 59 38.55 47.42 -1.56
CA ARG C 59 38.55 48.87 -1.45
C ARG C 59 37.78 49.23 -0.20
N ALA C 60 38.39 50.03 0.68
CA ALA C 60 37.74 50.36 1.94
C ALA C 60 36.39 51.02 1.76
N GLU C 61 36.13 51.61 0.59
CA GLU C 61 34.86 52.27 0.30
C GLU C 61 33.87 51.39 -0.45
N GLY C 62 34.28 50.20 -0.90
CA GLY C 62 33.36 49.29 -1.55
C GLY C 62 32.95 49.76 -2.94
N GLY C 63 31.74 49.36 -3.34
CA GLY C 63 31.15 49.79 -4.60
C GLY C 63 30.76 48.62 -5.48
N GLN C 64 30.77 48.86 -6.79
CA GLN C 64 30.48 47.81 -7.76
C GLN C 64 31.72 46.96 -8.01
N CYS C 65 31.50 45.80 -8.64
CA CYS C 65 32.59 44.87 -8.90
C CYS C 65 32.54 44.38 -10.33
N PRO C 66 33.70 44.09 -10.93
CA PRO C 66 33.70 43.56 -12.28
C PRO C 66 33.20 42.12 -12.32
N SER C 67 32.55 41.77 -13.44
CA SER C 67 32.09 40.41 -13.62
C SER C 67 33.26 39.47 -13.86
N LEU C 68 33.12 38.24 -13.38
CA LEU C 68 34.02 37.14 -13.74
C LEU C 68 33.27 36.30 -14.76
N LEU C 69 33.64 36.45 -16.03
CA LEU C 69 32.80 36.00 -17.14
C LEU C 69 32.94 34.51 -17.40
N PHE C 70 31.80 33.85 -17.60
CA PHE C 70 31.75 32.44 -17.99
C PHE C 70 30.87 32.29 -19.23
N ASP C 71 30.98 31.12 -19.87
CA ASP C 71 30.21 30.81 -21.06
C ASP C 71 28.79 30.42 -20.64
N LEU C 72 27.80 31.20 -21.08
CA LEU C 72 26.41 30.98 -20.71
C LEU C 72 25.56 30.50 -21.88
N ARG C 73 26.19 29.90 -22.90
CA ARG C 73 25.49 29.38 -24.07
C ARG C 73 25.03 27.96 -23.82
N ASP C 74 23.79 27.67 -24.22
CA ASP C 74 23.30 26.30 -24.21
C ASP C 74 24.01 25.50 -25.30
N GLU C 75 24.73 24.47 -24.90
CA GLU C 75 25.57 23.69 -25.80
C GLU C 75 24.86 22.44 -26.27
N THR C 76 25.15 22.04 -27.51
CA THR C 76 24.56 20.86 -28.12
C THR C 76 25.65 20.08 -28.85
N ARG C 77 25.53 18.76 -28.83
CA ARG C 77 26.49 17.91 -29.55
C ARG C 77 25.78 16.68 -30.09
N ASN C 78 25.82 16.50 -31.41
CA ASN C 78 25.31 15.29 -32.04
C ASN C 78 26.48 14.32 -32.17
N VAL C 79 26.51 13.29 -31.33
CA VAL C 79 27.60 12.33 -31.32
C VAL C 79 27.07 10.97 -30.90
N GLY C 80 27.65 9.92 -31.48
CA GLY C 80 27.29 8.56 -31.12
C GLY C 80 25.85 8.20 -31.36
N SER C 81 25.27 8.68 -32.46
CA SER C 81 23.84 8.58 -32.77
C SER C 81 22.98 9.13 -31.64
N GLN C 82 23.53 10.06 -30.86
CA GLN C 82 22.84 10.69 -29.74
C GLN C 82 22.98 12.19 -29.85
N THR C 83 22.20 12.91 -29.04
CA THR C 83 22.18 14.36 -29.04
C THR C 83 22.32 14.85 -27.61
N LEU C 84 23.46 15.47 -27.30
CA LEU C 84 23.72 15.98 -25.97
C LEU C 84 23.30 17.44 -25.87
N GLN C 85 22.70 17.80 -24.73
CA GLN C 85 22.18 19.14 -24.52
C GLN C 85 22.49 19.61 -23.10
N THR C 86 22.93 20.85 -22.98
CA THR C 86 23.01 21.54 -21.70
C THR C 86 22.05 22.72 -21.73
N PHE C 87 21.44 22.98 -20.58
CA PHE C 87 20.49 24.09 -20.42
C PHE C 87 20.93 24.90 -19.22
N LYS C 88 21.37 26.13 -19.47
CA LYS C 88 21.89 26.99 -18.42
C LYS C 88 20.88 28.01 -17.93
N ALA C 89 19.64 27.94 -18.40
CA ALA C 89 18.59 28.81 -17.89
C ALA C 89 18.24 28.40 -16.46
N ARG C 90 18.23 29.39 -15.55
CA ARG C 90 17.92 29.18 -14.14
C ARG C 90 18.86 28.16 -13.49
N GLN C 91 20.12 28.15 -13.93
CA GLN C 91 21.11 27.22 -13.38
C GLN C 91 21.67 27.68 -12.04
N GLY C 92 21.50 28.95 -11.69
CA GLY C 92 22.01 29.46 -10.44
C GLY C 92 23.53 29.45 -10.36
N LEU C 93 24.19 29.95 -11.41
CA LEU C 93 25.63 30.10 -11.37
C LEU C 93 26.03 31.08 -10.27
N GLY C 94 26.81 30.59 -9.32
CA GLY C 94 27.17 31.37 -8.16
C GLY C 94 26.42 31.01 -6.90
N ALA C 95 25.63 29.93 -6.92
CA ALA C 95 25.01 29.43 -5.69
C ALA C 95 26.03 28.83 -4.74
N SER C 96 27.28 28.68 -5.18
CA SER C 96 28.37 28.26 -4.30
C SER C 96 29.67 28.66 -4.97
N VAL C 97 30.53 29.36 -4.23
CA VAL C 97 31.84 29.74 -4.73
C VAL C 97 32.89 29.36 -3.69
N VAL C 98 34.06 28.97 -4.18
CA VAL C 98 35.18 28.61 -3.32
C VAL C 98 36.46 28.95 -4.07
N SER C 99 37.44 29.48 -3.34
CA SER C 99 38.73 29.84 -3.91
C SER C 99 39.82 28.94 -3.34
N TRP C 100 40.79 28.62 -4.18
CA TRP C 100 41.95 27.84 -3.78
C TRP C 100 43.09 28.21 -4.71
N SER C 101 44.23 28.60 -4.13
CA SER C 101 45.35 29.15 -4.89
C SER C 101 44.85 30.31 -5.75
N ASP C 102 45.29 30.36 -7.02
CA ASP C 102 44.80 31.36 -7.96
C ASP C 102 43.62 30.87 -8.80
N VAL C 103 42.76 30.04 -8.21
CA VAL C 103 41.67 29.39 -8.94
C VAL C 103 40.37 29.65 -8.22
N ILE C 104 39.31 29.81 -9.00
CA ILE C 104 37.95 30.07 -8.51
C ILE C 104 37.02 29.01 -9.07
N VAL C 105 36.19 28.43 -8.21
CA VAL C 105 35.23 27.39 -8.60
C VAL C 105 33.83 27.92 -8.27
N ALA C 106 33.12 28.36 -9.30
CA ALA C 106 31.73 28.79 -9.16
C ALA C 106 30.81 27.74 -9.77
N CYS C 107 29.84 27.28 -9.00
CA CYS C 107 28.99 26.15 -9.37
C CYS C 107 27.55 26.60 -9.62
N ALA C 108 26.94 26.00 -10.62
CA ALA C 108 25.53 26.19 -10.95
C ALA C 108 24.81 24.88 -10.68
N PRO C 109 24.30 24.66 -9.47
CA PRO C 109 23.77 23.32 -9.13
C PRO C 109 22.52 22.95 -9.89
N TRP C 110 21.82 23.91 -10.51
CA TRP C 110 20.58 23.60 -11.22
C TRP C 110 20.76 23.66 -12.73
N GLN C 111 21.99 23.62 -13.22
CA GLN C 111 22.22 23.45 -14.65
C GLN C 111 21.64 22.11 -15.09
N HIS C 112 20.84 22.14 -16.14
CA HIS C 112 20.14 20.94 -16.59
C HIS C 112 20.90 20.28 -17.74
N TRP C 113 20.47 19.06 -18.06
CA TRP C 113 21.19 18.19 -18.97
C TRP C 113 20.23 17.14 -19.51
N ASN C 114 20.46 16.74 -20.76
CA ASN C 114 19.59 15.78 -21.41
C ASN C 114 20.36 15.11 -22.54
N VAL C 115 19.97 13.87 -22.85
CA VAL C 115 20.57 13.09 -23.92
C VAL C 115 19.45 12.48 -24.73
N LEU C 116 19.38 12.83 -26.01
CA LEU C 116 18.34 12.32 -26.91
C LEU C 116 18.88 11.16 -27.73
N GLU C 117 18.00 10.22 -28.04
CA GLU C 117 18.32 9.15 -28.98
C GLU C 117 17.00 8.72 -29.62
N LYS C 118 16.76 9.19 -30.85
CA LYS C 118 15.51 8.96 -31.56
C LYS C 118 14.33 9.46 -30.75
N THR C 119 13.49 8.54 -30.26
CA THR C 119 12.33 8.92 -29.46
C THR C 119 12.57 8.81 -27.96
N GLU C 120 13.64 8.13 -27.54
CA GLU C 120 13.95 7.97 -26.13
C GLU C 120 14.82 9.13 -25.64
N GLU C 121 15.07 9.17 -24.35
CA GLU C 121 15.87 10.24 -23.75
C GLU C 121 16.32 9.83 -22.36
N ALA C 122 17.30 10.56 -21.84
CA ALA C 122 17.79 10.36 -20.49
C ALA C 122 17.09 11.25 -19.47
N GLU C 123 16.10 12.04 -19.91
CA GLU C 123 15.34 13.01 -19.12
C GLU C 123 16.14 14.29 -18.86
N LYS C 124 15.45 15.43 -18.84
CA LYS C 124 16.06 16.74 -18.63
C LYS C 124 16.11 17.00 -17.12
N THR C 125 17.29 16.79 -16.53
CA THR C 125 17.43 16.76 -15.08
C THR C 125 18.58 17.65 -14.63
N PRO C 126 18.50 18.21 -13.42
CA PRO C 126 19.55 19.12 -12.93
C PRO C 126 20.78 18.40 -12.39
N VAL C 127 21.65 17.97 -13.30
CA VAL C 127 22.88 17.29 -12.90
C VAL C 127 23.86 18.25 -12.24
N GLY C 128 23.68 19.55 -12.44
CA GLY C 128 24.61 20.52 -11.90
C GLY C 128 25.96 20.52 -12.59
N SER C 129 26.60 21.68 -12.63
CA SER C 129 27.95 21.80 -13.15
C SER C 129 28.68 22.88 -12.38
N CYS C 130 30.01 22.81 -12.40
CA CYS C 130 30.85 23.84 -11.81
C CYS C 130 31.73 24.45 -12.88
N PHE C 131 31.96 25.76 -12.76
CA PHE C 131 32.82 26.50 -13.68
C PHE C 131 34.08 26.92 -12.95
N LEU C 132 35.24 26.59 -13.53
CA LEU C 132 36.52 26.93 -12.95
C LEU C 132 37.19 28.04 -13.75
N ALA C 133 37.97 28.86 -13.06
CA ALA C 133 38.60 30.01 -13.69
C ALA C 133 39.90 30.35 -12.99
N GLN C 134 40.92 30.64 -13.79
CA GLN C 134 42.16 31.25 -13.30
C GLN C 134 42.17 32.70 -13.77
N PRO C 135 41.73 33.66 -12.96
CA PRO C 135 41.40 35.00 -13.49
C PRO C 135 42.57 35.71 -14.15
N GLU C 136 43.80 35.51 -13.67
CA GLU C 136 44.94 36.21 -14.25
C GLU C 136 45.26 35.68 -15.65
N SER C 137 45.34 34.35 -15.80
CA SER C 137 45.62 33.76 -17.10
C SER C 137 44.40 33.69 -18.00
N GLY C 138 43.20 33.92 -17.47
CA GLY C 138 42.01 33.83 -18.28
C GLY C 138 41.60 32.43 -18.67
N ARG C 139 42.24 31.40 -18.12
CA ARG C 139 41.88 30.04 -18.46
C ARG C 139 40.57 29.66 -17.79
N ARG C 140 39.82 28.77 -18.46
CA ARG C 140 38.54 28.29 -17.97
C ARG C 140 38.50 26.78 -18.05
N ALA C 141 37.61 26.20 -17.24
CA ALA C 141 37.34 24.77 -17.27
C ALA C 141 36.02 24.51 -16.55
N GLU C 142 35.32 23.47 -16.98
CA GLU C 142 34.08 23.06 -16.34
C GLU C 142 34.25 21.66 -15.78
N TYR C 143 33.36 21.30 -14.85
CA TYR C 143 33.38 19.97 -14.26
C TYR C 143 31.96 19.59 -13.91
N SER C 144 31.44 18.55 -14.56
CA SER C 144 30.08 18.08 -14.32
C SER C 144 30.14 16.55 -14.23
N PRO C 145 30.49 16.02 -13.06
CA PRO C 145 30.73 14.58 -12.96
C PRO C 145 29.47 13.74 -13.02
N CYS C 146 28.29 14.36 -12.97
CA CYS C 146 27.04 13.63 -12.89
C CYS C 146 26.32 13.48 -14.22
N ARG C 147 26.82 14.10 -15.28
CA ARG C 147 26.23 13.88 -16.61
C ARG C 147 26.34 12.40 -16.98
N GLY C 148 25.41 11.96 -17.81
CA GLY C 148 25.38 10.56 -18.24
C GLY C 148 24.62 10.41 -19.53
N ASN C 149 24.88 9.29 -20.21
CA ASN C 149 24.28 9.00 -21.51
C ASN C 149 23.40 7.75 -21.46
N THR C 150 22.89 7.41 -20.28
CA THR C 150 22.01 6.27 -20.13
C THR C 150 20.56 6.73 -20.21
N LEU C 151 19.78 6.06 -21.06
CA LEU C 151 18.42 6.48 -21.33
C LEU C 151 17.52 6.22 -20.13
N SER C 152 16.29 6.73 -20.22
CA SER C 152 15.35 6.62 -19.10
C SER C 152 14.92 5.18 -18.88
N ARG C 153 14.67 4.43 -19.96
CA ARG C 153 14.23 3.05 -19.85
C ARG C 153 15.16 2.22 -18.97
N ILE C 154 16.47 2.47 -19.06
CA ILE C 154 17.44 1.63 -18.38
C ILE C 154 17.34 1.80 -16.87
N TYR C 155 17.29 3.05 -16.40
CA TYR C 155 17.21 3.30 -14.96
C TYR C 155 16.02 2.57 -14.33
N VAL C 156 14.92 2.43 -15.08
CA VAL C 156 13.75 1.74 -14.54
C VAL C 156 14.03 0.25 -14.36
N GLU C 157 14.60 -0.38 -15.39
CA GLU C 157 14.89 -1.81 -15.33
C GLU C 157 15.73 -2.19 -14.12
N ASN C 158 16.61 -1.27 -13.68
CA ASN C 158 17.57 -1.56 -12.62
C ASN C 158 17.18 -0.93 -11.29
N ASP C 159 15.89 -0.62 -11.10
CA ASP C 159 15.37 -0.09 -9.84
C ASP C 159 16.09 1.21 -9.44
N PHE C 160 16.40 2.03 -10.43
CA PHE C 160 16.93 3.38 -10.25
C PHE C 160 18.27 3.40 -9.52
N SER C 161 19.01 2.29 -9.53
CA SER C 161 20.31 2.26 -8.87
C SER C 161 21.34 3.04 -9.68
N TRP C 162 22.25 3.71 -8.97
CA TRP C 162 23.28 4.56 -9.58
C TRP C 162 22.66 5.59 -10.52
N ASP C 163 21.71 6.35 -9.98
CA ASP C 163 20.99 7.36 -10.75
C ASP C 163 21.51 8.74 -10.36
N LYS C 164 22.48 9.24 -11.12
CA LYS C 164 23.11 10.52 -10.84
C LYS C 164 22.49 11.67 -11.63
N ARG C 165 21.25 11.52 -12.09
CA ARG C 165 20.64 12.52 -12.96
C ARG C 165 20.23 13.79 -12.22
N TYR C 166 19.98 13.69 -10.92
CA TYR C 166 19.48 14.83 -10.15
C TYR C 166 20.50 15.35 -9.14
N CYS C 167 21.79 14.99 -9.33
CA CYS C 167 22.87 15.37 -8.44
C CYS C 167 22.75 16.79 -7.88
N GLU C 168 22.64 17.76 -8.78
CA GLU C 168 22.91 19.16 -8.45
C GLU C 168 24.32 19.31 -7.88
N ALA C 169 25.30 18.80 -8.62
CA ALA C 169 26.69 18.92 -8.20
C ALA C 169 27.05 20.38 -7.98
N GLY C 170 27.89 20.64 -6.98
CA GLY C 170 28.24 22.00 -6.64
C GLY C 170 27.25 22.71 -5.74
N PHE C 171 26.16 22.05 -5.33
CA PHE C 171 25.26 22.58 -4.30
C PHE C 171 26.05 23.12 -3.13
N SER C 172 27.01 22.34 -2.64
CA SER C 172 28.06 22.81 -1.74
C SER C 172 29.41 22.42 -2.34
N SER C 173 30.47 23.04 -1.85
CA SER C 173 31.79 22.82 -2.40
C SER C 173 32.84 23.11 -1.32
N VAL C 174 34.07 22.64 -1.61
CA VAL C 174 35.24 22.83 -0.75
C VAL C 174 36.45 22.26 -1.50
N VAL C 175 37.65 22.78 -1.21
CA VAL C 175 38.89 22.30 -1.81
C VAL C 175 39.89 22.00 -0.70
N THR C 176 40.56 20.86 -0.79
CA THR C 176 41.57 20.52 0.19
C THR C 176 42.83 21.36 -0.02
N GLN C 177 43.69 21.37 1.01
N GLN C 177 43.69 21.37 1.00
CA GLN C 177 44.95 22.10 0.91
CA GLN C 177 44.95 22.11 0.89
C GLN C 177 45.79 21.60 -0.26
C GLN C 177 45.80 21.60 -0.25
N ALA C 178 45.62 20.35 -0.66
CA ALA C 178 46.33 19.77 -1.79
C ALA C 178 45.67 20.09 -3.12
N GLY C 179 44.48 20.70 -3.11
CA GLY C 179 43.81 21.05 -4.35
C GLY C 179 42.84 20.02 -4.86
N GLU C 180 42.18 19.29 -3.97
CA GLU C 180 41.17 18.31 -4.36
C GLU C 180 39.80 18.97 -4.23
N LEU C 181 39.17 19.25 -5.37
CA LEU C 181 37.82 19.78 -5.37
C LEU C 181 36.83 18.69 -4.96
N VAL C 182 36.04 18.96 -3.94
CA VAL C 182 35.02 18.05 -3.45
C VAL C 182 33.67 18.75 -3.56
N LEU C 183 32.76 18.16 -4.32
CA LEU C 183 31.45 18.74 -4.55
C LEU C 183 30.40 17.97 -3.76
N GLY C 184 29.37 18.68 -3.32
CA GLY C 184 28.23 18.09 -2.67
C GLY C 184 27.06 18.03 -3.64
N ALA C 185 26.58 16.81 -3.88
CA ALA C 185 25.44 16.55 -4.76
C ALA C 185 24.33 15.96 -3.92
N PRO C 186 23.43 16.78 -3.38
CA PRO C 186 22.38 16.24 -2.51
C PRO C 186 21.31 15.46 -3.26
N GLY C 187 21.05 15.78 -4.51
CA GLY C 187 20.09 15.01 -5.27
C GLY C 187 20.64 13.79 -5.94
N GLY C 188 21.92 13.49 -5.73
CA GLY C 188 22.51 12.31 -6.34
C GLY C 188 21.91 11.02 -5.83
N TYR C 189 22.01 9.99 -6.68
CA TYR C 189 21.51 8.66 -6.39
C TYR C 189 20.04 8.72 -5.96
N TYR C 190 19.25 9.45 -6.75
CA TYR C 190 17.83 9.62 -6.50
C TYR C 190 17.58 10.22 -5.12
N PHE C 191 18.22 11.37 -4.87
CA PHE C 191 18.05 12.18 -3.66
C PHE C 191 18.59 11.50 -2.41
N LEU C 192 19.43 10.48 -2.56
CA LEU C 192 20.22 10.01 -1.43
C LEU C 192 21.38 10.95 -1.14
N GLY C 193 21.92 11.58 -2.17
CA GLY C 193 23.08 12.45 -2.02
C GLY C 193 24.38 11.72 -2.28
N LEU C 194 25.33 12.39 -2.92
CA LEU C 194 26.63 11.81 -3.18
C LEU C 194 27.68 12.90 -3.13
N LEU C 195 28.95 12.48 -3.15
CA LEU C 195 30.07 13.39 -3.21
C LEU C 195 30.88 13.10 -4.46
N ALA C 196 31.41 14.16 -5.07
CA ALA C 196 32.29 14.04 -6.22
C ALA C 196 33.62 14.70 -5.88
N GLN C 197 34.71 13.94 -6.00
CA GLN C 197 36.05 14.45 -5.76
C GLN C 197 36.85 14.38 -7.04
N ALA C 198 37.73 15.36 -7.25
CA ALA C 198 38.60 15.39 -8.42
C ALA C 198 39.68 16.45 -8.23
N PRO C 199 40.92 16.15 -8.61
CA PRO C 199 41.98 17.16 -8.52
C PRO C 199 41.69 18.33 -9.46
N VAL C 200 42.01 19.53 -8.99
CA VAL C 200 41.78 20.73 -9.79
C VAL C 200 42.58 20.66 -11.09
N ALA C 201 43.90 20.47 -10.97
CA ALA C 201 44.77 20.45 -12.13
C ALA C 201 44.29 19.43 -13.16
N ASP C 202 43.82 18.27 -12.69
CA ASP C 202 43.31 17.26 -13.60
C ASP C 202 41.99 17.67 -14.25
N ILE C 203 41.27 18.63 -13.67
CA ILE C 203 40.07 19.14 -14.33
C ILE C 203 40.45 20.05 -15.49
N PHE C 204 41.48 20.88 -15.30
CA PHE C 204 41.89 21.80 -16.36
C PHE C 204 42.54 21.07 -17.53
N SER C 205 43.37 20.07 -17.25
CA SER C 205 44.09 19.37 -18.30
C SER C 205 43.21 18.35 -19.03
N SER C 206 42.09 17.93 -18.45
CA SER C 206 41.20 16.96 -19.07
C SER C 206 39.94 17.57 -19.66
N TYR C 207 39.81 18.90 -19.64
CA TYR C 207 38.65 19.58 -20.19
C TYR C 207 38.99 20.22 -21.53
N ARG C 208 38.05 20.10 -22.47
CA ARG C 208 38.09 20.83 -23.73
C ARG C 208 36.68 21.31 -24.01
N PRO C 209 36.53 22.42 -24.73
CA PRO C 209 35.18 22.94 -25.00
C PRO C 209 34.45 22.06 -26.00
N GLY C 210 33.14 21.91 -25.79
CA GLY C 210 32.30 21.22 -26.73
C GLY C 210 32.30 19.71 -26.62
N ILE C 211 32.95 19.15 -25.60
CA ILE C 211 32.94 17.70 -25.41
C ILE C 211 31.76 17.25 -24.57
N LEU C 212 31.42 18.03 -23.54
CA LEU C 212 30.26 17.82 -22.67
C LEU C 212 30.36 16.55 -21.83
N LEU C 213 30.71 15.41 -22.44
CA LEU C 213 30.91 14.16 -21.72
C LEU C 213 32.38 13.76 -21.86
N TRP C 214 33.13 13.81 -20.75
CA TRP C 214 34.52 13.42 -20.78
C TRP C 214 34.89 12.69 -19.49
N HIS C 215 35.93 11.87 -19.58
CA HIS C 215 36.39 11.06 -18.45
C HIS C 215 37.43 11.82 -17.64
N VAL C 216 37.24 11.86 -16.33
CA VAL C 216 38.27 12.29 -15.39
C VAL C 216 38.62 11.06 -14.55
N SER C 217 39.71 10.39 -14.90
CA SER C 217 40.03 9.10 -14.27
C SER C 217 40.42 9.26 -12.81
N SER C 218 40.99 10.41 -12.44
CA SER C 218 41.41 10.65 -11.07
C SER C 218 40.25 11.07 -10.17
N GLN C 219 39.02 11.08 -10.67
CA GLN C 219 37.88 11.47 -9.86
C GLN C 219 37.35 10.27 -9.08
N SER C 220 36.71 10.56 -7.95
CA SER C 220 36.21 9.53 -7.05
C SER C 220 34.87 9.98 -6.50
N LEU C 221 33.82 9.23 -6.78
CA LEU C 221 32.47 9.55 -6.32
C LEU C 221 32.07 8.60 -5.19
N SER C 222 31.18 9.10 -4.32
CA SER C 222 30.69 8.29 -3.21
C SER C 222 29.78 7.20 -3.76
N PHE C 223 29.13 6.47 -2.86
CA PHE C 223 28.43 5.25 -3.24
C PHE C 223 26.95 5.33 -2.95
N ASP C 224 26.18 4.54 -3.71
CA ASP C 224 24.75 4.40 -3.51
C ASP C 224 24.48 3.50 -2.30
N SER C 225 23.21 3.30 -1.96
CA SER C 225 22.87 2.48 -0.81
C SER C 225 21.42 2.01 -0.93
N SER C 226 21.18 0.77 -0.48
CA SER C 226 19.83 0.25 -0.38
C SER C 226 19.21 0.50 1.00
N ASN C 227 19.98 1.02 1.94
CA ASN C 227 19.52 1.30 3.31
C ASN C 227 18.50 2.42 3.31
N PRO C 228 17.25 2.17 3.68
CA PRO C 228 16.23 3.25 3.67
C PRO C 228 16.57 4.41 4.60
N GLU C 229 17.49 4.23 5.55
CA GLU C 229 17.91 5.34 6.40
C GLU C 229 18.45 6.49 5.57
N TYR C 230 19.12 6.18 4.48
CA TYR C 230 19.73 7.21 3.65
C TYR C 230 18.78 7.81 2.62
N PHE C 231 17.58 7.27 2.46
CA PHE C 231 16.67 7.75 1.43
C PHE C 231 16.23 9.18 1.74
N ASP C 232 16.30 10.04 0.72
CA ASP C 232 15.82 11.42 0.81
C ASP C 232 16.54 12.20 1.91
N GLY C 233 17.83 11.93 2.08
CA GLY C 233 18.60 12.53 3.15
C GLY C 233 19.47 13.70 2.72
N TYR C 234 19.54 13.95 1.41
CA TYR C 234 20.28 15.08 0.85
C TYR C 234 21.73 15.09 1.32
N TRP C 235 22.36 13.92 1.29
CA TRP C 235 23.75 13.73 1.68
C TRP C 235 24.67 14.57 0.80
N GLY C 236 25.24 15.63 1.37
CA GLY C 236 26.01 16.58 0.60
C GLY C 236 25.41 17.96 0.54
N TYR C 237 24.34 18.20 1.32
CA TYR C 237 23.76 19.54 1.42
C TYR C 237 24.80 20.55 1.87
N SER C 238 25.78 20.12 2.66
CA SER C 238 26.90 20.94 3.07
C SER C 238 28.13 20.05 3.11
N VAL C 239 29.31 20.68 3.14
CA VAL C 239 30.56 19.91 3.12
C VAL C 239 31.70 20.79 3.61
N ALA C 240 32.65 20.15 4.30
CA ALA C 240 33.90 20.78 4.72
C ALA C 240 34.95 19.67 4.81
N VAL C 241 36.17 20.05 5.22
CA VAL C 241 37.30 19.13 5.32
C VAL C 241 38.04 19.38 6.63
N GLY C 242 38.96 18.48 6.95
CA GLY C 242 39.73 18.62 8.17
C GLY C 242 40.63 17.42 8.38
N GLU C 243 41.16 17.31 9.60
CA GLU C 243 42.02 16.21 10.00
C GLU C 243 41.43 15.57 11.25
N PHE C 244 40.96 14.32 11.11
CA PHE C 244 40.25 13.64 12.19
C PHE C 244 40.72 12.22 12.46
N ASP C 245 41.56 11.62 11.61
CA ASP C 245 41.97 10.24 11.79
C ASP C 245 43.39 10.10 12.35
N GLY C 246 44.09 11.20 12.60
CA GLY C 246 45.43 11.16 13.14
C GLY C 246 46.53 11.07 12.11
N ASP C 247 46.27 10.45 10.96
CA ASP C 247 47.24 10.40 9.88
C ASP C 247 47.21 11.72 9.13
N LEU C 248 48.36 12.40 9.08
CA LEU C 248 48.45 13.69 8.42
C LEU C 248 48.62 13.59 6.91
N ASN C 249 48.97 12.40 6.41
CA ASN C 249 49.04 12.21 4.95
C ASN C 249 47.64 12.27 4.33
N THR C 250 46.66 11.65 4.98
CA THR C 250 45.30 11.60 4.48
C THR C 250 44.54 12.87 4.86
N THR C 251 43.46 13.12 4.10
CA THR C 251 42.52 14.20 4.39
C THR C 251 41.13 13.58 4.58
N GLU C 252 40.39 14.09 5.55
CA GLU C 252 39.07 13.58 5.88
C GLU C 252 38.00 14.58 5.45
N TYR C 253 36.84 14.06 5.06
CA TYR C 253 35.73 14.87 4.59
C TYR C 253 34.61 14.89 5.63
N VAL C 254 33.87 16.00 5.66
CA VAL C 254 32.69 16.15 6.50
C VAL C 254 31.51 16.47 5.59
N VAL C 255 30.40 15.75 5.81
CA VAL C 255 29.24 15.84 4.93
C VAL C 255 27.99 15.97 5.79
N GLY C 256 27.14 16.94 5.45
CA GLY C 256 25.87 17.10 6.11
C GLY C 256 24.75 16.45 5.32
N ALA C 257 23.89 15.71 6.03
CA ALA C 257 22.69 15.11 5.46
C ALA C 257 21.53 15.56 6.33
N PRO C 258 20.95 16.73 6.03
CA PRO C 258 20.00 17.33 6.98
C PRO C 258 18.65 16.63 7.04
N THR C 259 18.32 15.75 6.10
CA THR C 259 17.08 14.99 6.16
C THR C 259 17.33 13.49 6.25
N TRP C 260 18.52 13.09 6.69
CA TRP C 260 18.87 11.69 6.88
C TRP C 260 17.92 11.02 7.87
N SER C 261 17.64 9.74 7.61
CA SER C 261 16.85 8.88 8.48
C SER C 261 15.51 9.54 8.86
N TRP C 262 14.71 9.79 7.83
CA TRP C 262 13.40 10.41 7.98
C TRP C 262 13.51 11.75 8.69
N THR C 263 14.30 12.65 8.08
CA THR C 263 14.45 14.04 8.49
C THR C 263 14.98 14.20 9.91
N LEU C 264 15.57 13.14 10.50
CA LEU C 264 16.33 13.32 11.73
C LEU C 264 17.58 14.17 11.50
N GLY C 265 18.20 14.04 10.33
CA GLY C 265 19.39 14.79 10.01
C GLY C 265 20.61 14.13 10.61
N ALA C 266 21.77 14.25 9.95
CA ALA C 266 22.99 13.68 10.48
C ALA C 266 24.17 14.27 9.73
N VAL C 267 25.36 14.13 10.33
CA VAL C 267 26.61 14.55 9.73
C VAL C 267 27.59 13.40 9.87
N GLU C 268 28.35 13.13 8.81
CA GLU C 268 29.26 12.00 8.79
C GLU C 268 30.68 12.46 8.47
N ILE C 269 31.65 11.90 9.17
CA ILE C 269 33.06 12.12 8.89
C ILE C 269 33.59 10.91 8.13
N LEU C 270 34.31 11.16 7.04
CA LEU C 270 34.74 10.10 6.14
C LEU C 270 36.23 10.26 5.82
N ASP C 271 36.84 9.19 5.32
CA ASP C 271 38.18 9.27 4.75
C ASP C 271 38.05 9.70 3.29
N SER C 272 39.20 9.83 2.61
CA SER C 272 39.18 10.23 1.21
C SER C 272 38.58 9.17 0.30
N TYR C 273 38.29 7.97 0.81
CA TYR C 273 37.63 6.92 0.05
C TYR C 273 36.17 6.74 0.43
N TYR C 274 35.59 7.71 1.14
CA TYR C 274 34.17 7.77 1.47
C TYR C 274 33.73 6.69 2.46
N GLN C 275 34.67 6.13 3.20
CA GLN C 275 34.32 5.19 4.26
C GLN C 275 33.98 5.95 5.53
N ARG C 276 32.88 5.59 6.16
CA ARG C 276 32.39 6.33 7.32
C ARG C 276 33.26 6.04 8.54
N LEU C 277 33.78 7.11 9.15
CA LEU C 277 34.55 7.01 10.39
C LEU C 277 33.69 7.29 11.63
N HIS C 278 32.91 8.37 11.61
CA HIS C 278 31.99 8.65 12.70
CA HIS C 278 32.01 8.71 12.70
C HIS C 278 30.70 9.22 12.11
N ARG C 279 29.63 9.08 12.88
CA ARG C 279 28.32 9.60 12.46
C ARG C 279 27.67 10.32 13.63
N LEU C 280 27.25 11.56 13.39
CA LEU C 280 26.55 12.37 14.39
C LEU C 280 25.10 12.52 13.97
N ARG C 281 24.19 11.98 14.78
CA ARG C 281 22.78 12.01 14.47
C ARG C 281 22.14 13.28 15.00
N GLY C 282 21.10 13.72 14.30
CA GLY C 282 20.37 14.89 14.75
C GLY C 282 19.62 14.62 16.04
N GLU C 283 19.31 15.71 16.74
CA GLU C 283 18.61 15.63 18.01
C GLU C 283 17.09 15.73 17.84
N GLN C 284 16.63 16.43 16.82
CA GLN C 284 15.21 16.72 16.65
C GLN C 284 14.86 16.65 15.18
N MET C 285 13.74 16.02 14.87
CA MET C 285 13.36 15.84 13.47
C MET C 285 12.89 17.15 12.86
N ALA C 286 13.35 17.40 11.63
CA ALA C 286 13.10 18.60 10.84
C ALA C 286 13.86 19.82 11.37
N SER C 287 14.76 19.63 12.34
CA SER C 287 15.65 20.70 12.75
C SER C 287 16.67 21.04 11.68
N TYR C 288 16.75 20.22 10.63
CA TYR C 288 17.76 20.37 9.57
C TYR C 288 19.17 20.30 10.13
N PHE C 289 19.36 19.42 11.11
CA PHE C 289 20.68 19.15 11.67
C PHE C 289 21.65 18.77 10.57
N GLY C 290 22.58 19.67 10.25
CA GLY C 290 23.51 19.42 9.17
C GLY C 290 23.35 20.38 8.02
N HIS C 291 22.49 21.40 8.21
CA HIS C 291 22.34 22.43 7.19
C HIS C 291 23.66 23.13 6.90
N SER C 292 24.55 23.18 7.89
CA SER C 292 25.86 23.78 7.70
C SER C 292 26.85 23.06 8.61
N VAL C 293 28.08 22.93 8.13
CA VAL C 293 29.15 22.31 8.89
C VAL C 293 30.39 23.19 8.82
N ALA C 294 31.15 23.23 9.91
CA ALA C 294 32.35 24.03 10.00
C ALA C 294 33.40 23.29 10.80
N VAL C 295 34.66 23.47 10.41
CA VAL C 295 35.78 22.74 11.00
C VAL C 295 36.87 23.73 11.40
N THR C 296 37.18 23.79 12.69
CA THR C 296 38.26 24.62 13.19
C THR C 296 38.61 24.18 14.61
N ASP C 297 39.88 24.37 14.97
CA ASP C 297 40.35 24.05 16.32
C ASP C 297 40.08 25.26 17.20
N VAL C 298 39.05 25.16 18.05
CA VAL C 298 38.67 26.29 18.88
C VAL C 298 39.37 26.32 20.24
N ASN C 299 39.88 25.20 20.73
CA ASN C 299 40.45 25.12 22.07
C ASN C 299 41.97 24.92 22.05
N GLY C 300 42.62 25.35 20.97
CA GLY C 300 44.07 25.37 20.84
C GLY C 300 44.82 24.12 21.26
N ASP C 301 44.27 22.95 20.98
CA ASP C 301 44.95 21.69 21.22
C ASP C 301 45.43 21.03 19.93
N GLY C 302 45.28 21.72 18.79
CA GLY C 302 45.77 21.23 17.52
C GLY C 302 44.87 20.27 16.80
N ARG C 303 43.79 19.80 17.43
CA ARG C 303 42.88 18.84 16.81
C ARG C 303 41.64 19.57 16.33
N HIS C 304 41.40 19.56 15.03
CA HIS C 304 40.22 20.20 14.44
C HIS C 304 38.96 19.77 15.17
N ASP C 305 38.11 20.73 15.49
CA ASP C 305 36.82 20.47 16.12
C ASP C 305 35.71 20.68 15.11
N LEU C 306 34.52 20.19 15.45
CA LEU C 306 33.39 20.16 14.52
C LEU C 306 32.22 20.96 15.08
N LEU C 307 31.65 21.81 14.24
CA LEU C 307 30.45 22.57 14.55
C LEU C 307 29.37 22.23 13.52
N VAL C 308 28.15 22.02 14.01
CA VAL C 308 27.03 21.62 13.16
C VAL C 308 25.85 22.54 13.48
N GLY C 309 25.17 22.98 12.43
CA GLY C 309 24.03 23.88 12.56
C GLY C 309 22.73 23.16 12.26
N ALA C 310 21.76 23.34 13.16
CA ALA C 310 20.38 22.86 13.01
C ALA C 310 19.47 24.08 13.08
N PRO C 311 19.40 24.87 12.01
CA PRO C 311 18.75 26.19 12.10
C PRO C 311 17.26 26.14 12.36
N LEU C 312 16.62 24.98 12.32
CA LEU C 312 15.20 24.89 12.61
C LEU C 312 14.91 24.18 13.93
N TYR C 313 15.92 23.95 14.76
CA TYR C 313 15.69 23.33 16.06
C TYR C 313 14.70 24.15 16.87
N MET C 314 13.68 23.48 17.41
CA MET C 314 12.69 24.11 18.26
C MET C 314 13.06 23.89 19.72
N GLU C 315 13.17 24.99 20.47
CA GLU C 315 13.59 24.93 21.86
C GLU C 315 12.38 24.72 22.78
N SER C 316 12.61 24.04 23.89
CA SER C 316 11.55 23.77 24.85
C SER C 316 11.26 25.01 25.68
N ARG C 317 10.01 25.42 25.71
CA ARG C 317 9.55 26.57 26.51
C ARG C 317 8.66 26.08 27.65
N ALA C 318 8.08 27.04 28.37
CA ALA C 318 7.15 26.70 29.42
C ALA C 318 5.80 26.30 28.82
N ASP C 319 5.03 25.55 29.62
CA ASP C 319 3.71 25.05 29.21
C ASP C 319 3.79 24.10 28.04
N ARG C 320 4.87 23.32 27.97
CA ARG C 320 5.06 22.31 26.92
C ARG C 320 5.01 22.93 25.52
N LYS C 321 5.54 24.13 25.40
CA LYS C 321 5.58 24.84 24.13
C LYS C 321 6.93 24.66 23.44
N LEU C 322 6.95 24.92 22.14
CA LEU C 322 8.16 24.84 21.33
C LEU C 322 8.31 26.11 20.52
N ALA C 323 9.55 26.48 20.24
CA ALA C 323 9.83 27.73 19.54
C ALA C 323 11.04 27.53 18.62
N GLU C 324 10.81 27.59 17.32
CA GLU C 324 11.90 27.42 16.36
C GLU C 324 12.90 28.58 16.49
N VAL C 325 14.15 28.24 16.78
CA VAL C 325 15.17 29.25 17.05
C VAL C 325 16.48 28.87 16.39
N GLY C 326 16.70 27.57 16.18
CA GLY C 326 17.97 27.06 15.70
C GLY C 326 18.94 26.76 16.82
N ARG C 327 19.91 25.91 16.52
CA ARG C 327 20.89 25.46 17.50
C ARG C 327 22.18 25.09 16.79
N VAL C 328 23.30 25.39 17.44
CA VAL C 328 24.63 25.00 16.96
C VAL C 328 25.23 24.03 17.96
N TYR C 329 25.80 22.94 17.45
CA TYR C 329 26.39 21.90 18.28
C TYR C 329 27.90 21.92 18.12
N LEU C 330 28.63 21.83 19.22
CA LEU C 330 30.09 21.81 19.20
C LEU C 330 30.59 20.44 19.60
N PHE C 331 31.45 19.86 18.76
CA PHE C 331 32.06 18.56 19.03
C PHE C 331 33.57 18.74 19.03
N LEU C 332 34.20 18.54 20.18
CA LEU C 332 35.66 18.60 20.27
C LEU C 332 36.25 17.23 19.98
N GLN C 333 37.39 17.22 19.30
CA GLN C 333 38.03 15.96 18.97
C GLN C 333 38.80 15.44 20.19
N PRO C 334 38.54 14.21 20.64
CA PRO C 334 39.22 13.69 21.82
C PRO C 334 40.62 13.19 21.51
N ARG C 335 41.38 12.97 22.58
CA ARG C 335 42.75 12.47 22.44
C ARG C 335 42.74 11.10 21.78
N GLY C 336 43.52 10.97 20.71
CA GLY C 336 43.71 9.69 20.07
C GLY C 336 42.64 9.36 19.04
N PRO C 337 42.48 8.07 18.75
CA PRO C 337 41.54 7.65 17.69
C PRO C 337 40.09 7.57 18.14
N HIS C 338 39.76 7.95 19.37
CA HIS C 338 38.43 7.76 19.91
C HIS C 338 37.38 8.44 19.04
N ALA C 339 36.16 7.92 19.11
CA ALA C 339 35.05 8.49 18.35
C ALA C 339 34.57 9.78 19.00
N LEU C 340 34.08 10.69 18.15
CA LEU C 340 33.58 11.97 18.65
C LEU C 340 32.30 11.74 19.45
N GLY C 341 32.31 12.21 20.70
CA GLY C 341 31.25 11.89 21.65
C GLY C 341 30.09 12.85 21.61
N ALA C 342 29.47 13.04 22.78
CA ALA C 342 28.35 13.93 22.91
C ALA C 342 28.79 15.38 22.65
N PRO C 343 27.83 16.27 22.35
CA PRO C 343 28.19 17.68 22.15
C PRO C 343 28.87 18.26 23.38
N SER C 344 29.99 18.95 23.15
CA SER C 344 30.68 19.64 24.24
C SER C 344 30.01 20.96 24.61
N LEU C 345 29.15 21.49 23.74
CA LEU C 345 28.45 22.74 23.98
C LEU C 345 27.27 22.84 23.02
N LEU C 346 26.17 23.41 23.51
CA LEU C 346 24.97 23.65 22.71
C LEU C 346 24.69 25.14 22.69
N LEU C 347 24.78 25.75 21.52
CA LEU C 347 24.44 27.15 21.32
C LEU C 347 23.08 27.23 20.63
N THR C 348 22.15 27.97 21.24
CA THR C 348 20.75 28.00 20.83
C THR C 348 20.33 29.44 20.56
N GLY C 349 19.68 29.66 19.42
CA GLY C 349 19.15 30.97 19.10
C GLY C 349 18.07 31.41 20.07
N THR C 350 17.75 32.70 19.98
CA THR C 350 16.74 33.29 20.85
C THR C 350 15.59 33.92 20.09
N GLN C 351 15.81 34.41 18.87
CA GLN C 351 14.75 35.05 18.11
C GLN C 351 13.93 34.01 17.36
N LEU C 352 12.61 34.11 17.47
CA LEU C 352 11.72 33.17 16.79
C LEU C 352 11.94 33.25 15.28
N TYR C 353 12.02 32.08 14.64
CA TYR C 353 12.30 31.94 13.21
C TYR C 353 13.63 32.57 12.82
N GLY C 354 14.52 32.81 13.79
CA GLY C 354 15.81 33.41 13.50
C GLY C 354 16.72 32.53 12.67
N ARG C 355 16.51 31.22 12.68
CA ARG C 355 17.35 30.25 11.95
C ARG C 355 18.81 30.37 12.37
N PHE C 356 19.03 30.54 13.68
CA PHE C 356 20.37 30.52 14.25
C PHE C 356 21.07 29.23 13.88
N GLY C 357 22.22 29.36 13.23
CA GLY C 357 22.93 28.21 12.70
C GLY C 357 22.77 27.99 11.21
N SER C 358 22.27 28.99 10.48
CA SER C 358 22.17 28.84 9.03
CA SER C 358 22.17 28.85 9.03
C SER C 358 23.54 28.92 8.35
N ALA C 359 24.54 29.45 9.04
CA ALA C 359 25.90 29.53 8.54
C ALA C 359 26.83 29.58 9.73
N ILE C 360 27.98 28.91 9.59
CA ILE C 360 28.99 28.88 10.65
C ILE C 360 30.34 29.10 9.99
N ALA C 361 31.06 30.15 10.41
CA ALA C 361 32.29 30.55 9.74
C ALA C 361 33.44 30.59 10.74
N PRO C 362 34.50 29.83 10.52
CA PRO C 362 35.72 30.02 11.33
C PRO C 362 36.33 31.39 11.05
N LEU C 363 36.82 32.03 12.11
CA LEU C 363 37.38 33.37 12.01
C LEU C 363 38.88 33.41 12.26
N GLY C 364 39.53 32.26 12.41
CA GLY C 364 40.89 32.30 12.92
C GLY C 364 40.88 32.81 14.35
N ASP C 365 42.04 33.28 14.81
CA ASP C 365 42.15 33.89 16.13
C ASP C 365 41.85 35.38 15.98
N LEU C 366 40.71 35.81 16.50
CA LEU C 366 40.21 37.17 16.28
C LEU C 366 40.92 38.18 17.17
N ASP C 367 41.08 37.85 18.45
CA ASP C 367 41.74 38.75 19.40
C ASP C 367 43.19 38.35 19.64
N ARG C 368 43.72 37.42 18.84
CA ARG C 368 45.10 36.96 18.94
C ARG C 368 45.46 36.63 20.39
N ASP C 369 44.66 35.73 20.98
CA ASP C 369 44.88 35.27 22.33
C ASP C 369 45.33 33.82 22.41
N GLY C 370 45.31 33.10 21.30
CA GLY C 370 45.73 31.71 21.27
C GLY C 370 44.64 30.72 20.94
N TYR C 371 43.41 31.17 20.71
CA TYR C 371 42.28 30.29 20.46
C TYR C 371 41.47 30.80 19.27
N ASN C 372 41.18 29.92 18.33
CA ASN C 372 40.39 30.30 17.16
C ASN C 372 38.92 30.50 17.55
N ASP C 373 38.24 31.34 16.79
CA ASP C 373 36.90 31.79 17.12
C ASP C 373 35.99 31.61 15.91
N ILE C 374 34.67 31.60 16.17
CA ILE C 374 33.69 31.34 15.13
C ILE C 374 32.65 32.44 15.11
N ALA C 375 31.93 32.52 13.99
CA ALA C 375 30.78 33.40 13.83
C ALA C 375 29.60 32.57 13.38
N VAL C 376 28.45 32.78 14.01
CA VAL C 376 27.23 32.05 13.70
C VAL C 376 26.18 33.04 13.23
N ALA C 377 25.47 32.70 12.17
CA ALA C 377 24.48 33.59 11.59
C ALA C 377 23.08 33.22 12.04
N ALA C 378 22.23 34.24 12.17
CA ALA C 378 20.79 34.09 12.34
C ALA C 378 20.14 35.02 11.33
N PRO C 379 20.03 34.58 10.07
CA PRO C 379 19.67 35.51 8.99
C PRO C 379 18.31 36.17 9.15
N TYR C 380 17.50 35.73 10.12
CA TYR C 380 16.24 36.40 10.44
C TYR C 380 16.12 36.61 11.94
N GLY C 381 17.26 36.63 12.64
CA GLY C 381 17.31 36.86 14.06
C GLY C 381 17.58 38.31 14.41
N GLY C 382 18.01 38.54 15.64
CA GLY C 382 18.08 39.87 16.19
C GLY C 382 16.73 40.28 16.71
N PRO C 383 16.69 41.26 17.62
CA PRO C 383 15.40 41.69 18.16
C PRO C 383 14.46 42.24 17.10
N SER C 384 15.01 42.68 15.97
CA SER C 384 14.23 43.20 14.86
C SER C 384 13.90 42.15 13.80
N GLY C 385 14.56 40.99 13.84
CA GLY C 385 14.35 40.00 12.80
C GLY C 385 14.98 40.36 11.47
N ARG C 386 15.86 41.36 11.44
CA ARG C 386 16.48 41.80 10.20
C ARG C 386 17.76 41.03 9.87
N GLY C 387 18.23 40.16 10.76
CA GLY C 387 19.44 39.42 10.52
C GLY C 387 20.51 39.76 11.56
N GLN C 388 21.23 38.74 12.03
CA GLN C 388 22.18 38.96 13.11
C GLN C 388 23.30 37.93 13.02
N VAL C 389 24.53 38.38 13.21
CA VAL C 389 25.69 37.51 13.30
C VAL C 389 26.26 37.61 14.71
N LEU C 390 26.58 36.46 15.31
CA LEU C 390 27.09 36.40 16.67
C LEU C 390 28.48 35.79 16.66
N VAL C 391 29.43 36.46 17.31
CA VAL C 391 30.81 36.01 17.41
C VAL C 391 31.00 35.28 18.73
N PHE C 392 31.56 34.08 18.67
CA PHE C 392 31.88 33.28 19.85
C PHE C 392 33.38 33.05 19.91
N LEU C 393 34.00 33.42 21.03
CA LEU C 393 35.44 33.33 21.19
C LEU C 393 35.85 31.97 21.72
N GLY C 394 37.00 31.49 21.25
CA GLY C 394 37.52 30.23 21.71
C GLY C 394 38.07 30.31 23.12
N GLN C 395 38.11 29.15 23.77
CA GLN C 395 38.66 29.03 25.12
C GLN C 395 39.20 27.62 25.29
N SER C 396 39.92 27.42 26.40
CA SER C 396 40.51 26.10 26.64
C SER C 396 39.43 25.02 26.73
N GLU C 397 38.28 25.36 27.31
CA GLU C 397 37.17 24.41 27.43
C GLU C 397 36.32 24.32 26.17
N GLY C 398 36.66 25.05 25.11
CA GLY C 398 35.90 24.99 23.89
C GLY C 398 35.48 26.36 23.37
N LEU C 399 34.24 26.74 23.66
CA LEU C 399 33.71 28.03 23.25
C LEU C 399 32.98 28.67 24.42
N ARG C 400 32.94 30.00 24.41
CA ARG C 400 32.17 30.72 25.40
C ARG C 400 30.68 30.46 25.19
N SER C 401 29.96 30.28 26.31
CA SER C 401 28.51 30.08 26.23
C SER C 401 27.79 31.28 25.65
N ARG C 402 28.37 32.48 25.76
CA ARG C 402 27.74 33.71 25.31
C ARG C 402 28.63 34.42 24.30
N PRO C 403 28.03 35.18 23.37
CA PRO C 403 28.84 35.84 22.35
C PRO C 403 29.57 37.04 22.91
N SER C 404 30.75 37.30 22.34
CA SER C 404 31.49 38.49 22.73
C SER C 404 30.94 39.72 22.03
N GLN C 405 30.39 39.53 20.84
CA GLN C 405 30.03 40.63 19.95
C GLN C 405 28.85 40.17 19.10
N VAL C 406 28.03 41.14 18.69
CA VAL C 406 26.82 40.85 17.92
C VAL C 406 26.71 41.86 16.81
N LEU C 407 26.75 41.39 15.57
CA LEU C 407 26.66 42.24 14.39
C LEU C 407 25.22 42.20 13.87
N ASP C 408 24.51 43.32 13.98
CA ASP C 408 23.14 43.42 13.51
C ASP C 408 23.11 43.88 12.06
N SER C 409 22.14 43.36 11.32
CA SER C 409 22.06 43.63 9.88
C SER C 409 21.98 45.12 9.64
N PRO C 410 22.85 45.68 8.79
CA PRO C 410 22.70 47.09 8.42
C PRO C 410 21.72 47.31 7.28
N PHE C 411 21.08 46.26 6.80
CA PHE C 411 20.21 46.27 5.65
C PHE C 411 18.75 46.23 6.04
N PRO C 412 17.83 46.52 5.12
CA PRO C 412 16.41 46.44 5.47
C PRO C 412 15.96 45.02 5.78
N THR C 413 14.68 44.85 6.10
CA THR C 413 14.18 43.51 6.40
C THR C 413 14.19 42.65 5.15
N GLY C 414 14.46 41.37 5.33
CA GLY C 414 14.47 40.43 4.24
C GLY C 414 15.81 40.28 3.53
N SER C 415 16.85 40.97 3.98
CA SER C 415 18.15 40.86 3.33
C SER C 415 18.76 39.47 3.43
N ALA C 416 18.27 38.64 4.36
CA ALA C 416 18.90 37.36 4.70
C ALA C 416 20.35 37.55 5.14
N PHE C 417 20.64 38.72 5.70
CA PHE C 417 21.96 39.07 6.21
C PHE C 417 22.55 37.96 7.07
N GLY C 418 23.68 37.40 6.65
CA GLY C 418 24.31 36.31 7.34
C GLY C 418 24.14 34.96 6.69
N PHE C 419 23.23 34.84 5.71
CA PHE C 419 23.04 33.56 5.04
C PHE C 419 24.34 32.98 4.51
N SER C 420 25.29 33.84 4.16
CA SER C 420 26.63 33.40 3.77
C SER C 420 27.66 34.15 4.60
N LEU C 421 28.59 33.40 5.21
CA LEU C 421 29.65 33.95 6.02
C LEU C 421 30.99 33.40 5.56
N ARG C 422 32.05 34.12 5.91
CA ARG C 422 33.42 33.67 5.63
C ARG C 422 34.38 34.60 6.35
N GLY C 423 35.39 34.03 6.98
CA GLY C 423 36.36 34.78 7.75
C GLY C 423 37.72 34.15 7.70
N ALA C 424 38.51 34.40 8.75
CA ALA C 424 39.86 33.88 8.93
C ALA C 424 40.84 34.41 7.90
N VAL C 425 40.56 35.56 7.28
CA VAL C 425 41.43 36.16 6.28
C VAL C 425 41.61 37.64 6.60
N ASP C 426 42.86 38.09 6.60
CA ASP C 426 43.18 39.50 6.81
C ASP C 426 43.16 40.19 5.45
N ILE C 427 42.09 40.92 5.16
CA ILE C 427 41.95 41.48 3.83
C ILE C 427 42.69 42.82 3.71
N ASP C 428 42.73 43.61 4.77
CA ASP C 428 43.37 44.91 4.73
C ASP C 428 44.80 44.88 5.27
N ASP C 429 45.34 43.68 5.54
CA ASP C 429 46.73 43.50 5.97
C ASP C 429 47.06 44.32 7.20
N ASN C 430 46.17 44.28 8.19
CA ASN C 430 46.42 44.90 9.48
C ASN C 430 46.79 43.87 10.54
N GLY C 431 47.12 42.64 10.13
CA GLY C 431 47.50 41.59 11.04
C GLY C 431 46.37 40.86 11.71
N TYR C 432 45.12 41.18 11.37
CA TYR C 432 43.96 40.62 12.07
C TYR C 432 42.94 40.08 11.09
N PRO C 433 42.36 38.91 11.39
CA PRO C 433 41.43 38.28 10.44
C PRO C 433 40.09 38.99 10.40
N ASP C 434 39.55 39.14 9.19
CA ASP C 434 38.34 39.91 8.97
C ASP C 434 37.19 38.97 8.59
N LEU C 435 36.00 39.56 8.46
CA LEU C 435 34.78 38.79 8.24
C LEU C 435 33.93 39.44 7.16
N ILE C 436 33.56 38.68 6.13
CA ILE C 436 32.65 39.13 5.09
C ILE C 436 31.30 38.47 5.31
N VAL C 437 30.23 39.22 5.06
CA VAL C 437 28.87 38.76 5.28
C VAL C 437 28.05 39.06 4.03
N GLY C 438 27.32 38.06 3.55
CA GLY C 438 26.46 38.23 2.39
C GLY C 438 25.01 38.44 2.81
N ALA C 439 24.29 39.24 2.02
CA ALA C 439 22.86 39.48 2.21
C ALA C 439 22.23 39.50 0.83
N TYR C 440 22.02 38.30 0.26
CA TYR C 440 21.54 38.19 -1.11
C TYR C 440 20.20 38.87 -1.29
N GLY C 441 19.41 39.00 -0.22
CA GLY C 441 18.13 39.68 -0.32
C GLY C 441 18.27 41.12 -0.74
N ALA C 442 19.24 41.83 -0.17
CA ALA C 442 19.52 43.21 -0.52
C ALA C 442 20.58 43.34 -1.60
N ASN C 443 21.07 42.22 -2.13
CA ASN C 443 22.05 42.20 -3.21
C ASN C 443 23.33 42.94 -2.82
N GLN C 444 23.79 42.71 -1.60
CA GLN C 444 24.96 43.39 -1.08
C GLN C 444 25.79 42.47 -0.19
N VAL C 445 27.04 42.86 -0.01
CA VAL C 445 27.99 42.16 0.85
C VAL C 445 28.63 43.17 1.78
N ALA C 446 28.58 42.90 3.08
CA ALA C 446 29.18 43.75 4.09
C ALA C 446 30.50 43.14 4.58
N VAL C 447 31.50 43.99 4.77
CA VAL C 447 32.84 43.56 5.16
C VAL C 447 33.17 44.18 6.51
N TYR C 448 33.49 43.34 7.48
CA TYR C 448 33.82 43.77 8.84
C TYR C 448 35.32 43.60 9.06
N ARG C 449 35.98 44.71 9.43
CA ARG C 449 37.41 44.71 9.66
C ARG C 449 37.70 44.52 11.14
N ALA C 450 38.68 43.66 11.44
CA ALA C 450 39.10 43.42 12.81
C ALA C 450 40.04 44.52 13.27
N GLN C 451 39.75 45.10 14.36
CA GLN C 451 40.55 46.18 14.92
C GLN C 451 41.49 45.66 15.99
N PRO C 452 42.69 46.24 16.11
CA PRO C 452 43.67 45.74 17.07
C PRO C 452 43.15 45.76 18.50
N VAL C 453 43.69 44.86 19.32
CA VAL C 453 43.29 44.75 20.71
C VAL C 453 44.34 45.40 21.62
N GLY D 1 -1.16 38.19 72.42
CA GLY D 1 -0.57 39.52 72.57
C GLY D 1 0.47 39.84 71.50
N PRO D 2 1.64 39.22 71.59
CA PRO D 2 2.69 39.48 70.60
C PRO D 2 2.54 38.61 69.36
N ASN D 3 2.84 39.20 68.22
CA ASN D 3 2.82 38.52 66.93
C ASN D 3 3.57 39.38 65.91
N ILE D 4 3.62 38.91 64.67
CA ILE D 4 4.39 39.59 63.63
C ILE D 4 3.80 40.92 63.21
N CYS D 5 2.58 41.26 63.65
CA CYS D 5 2.00 42.55 63.29
C CYS D 5 2.55 43.67 64.18
N THR D 6 2.54 43.46 65.49
CA THR D 6 2.97 44.51 66.42
C THR D 6 4.49 44.67 66.43
N THR D 7 5.22 43.55 66.46
CA THR D 7 6.67 43.61 66.59
C THR D 7 7.35 44.25 65.38
N ARG D 8 6.67 44.29 64.23
CA ARG D 8 7.28 44.88 63.03
C ARG D 8 7.52 46.37 63.20
N GLY D 9 6.73 47.05 64.04
CA GLY D 9 6.86 48.49 64.20
C GLY D 9 6.54 49.24 62.92
N VAL D 10 5.32 49.07 62.41
CA VAL D 10 4.93 49.63 61.13
C VAL D 10 4.64 51.12 61.29
N SER D 11 4.81 51.85 60.20
CA SER D 11 4.67 53.30 60.20
C SER D 11 3.36 53.78 59.57
N SER D 12 2.68 52.92 58.81
CA SER D 12 1.45 53.32 58.13
C SER D 12 0.50 52.14 58.08
N CYS D 13 -0.76 52.44 57.77
CA CYS D 13 -1.75 51.38 57.56
C CYS D 13 -1.37 50.55 56.34
N GLN D 14 -0.97 51.22 55.25
CA GLN D 14 -0.55 50.51 54.05
C GLN D 14 0.60 49.56 54.35
N GLN D 15 1.53 49.98 55.20
CA GLN D 15 2.63 49.10 55.60
C GLN D 15 2.15 47.99 56.51
N CYS D 16 1.10 48.25 57.29
CA CYS D 16 0.58 47.23 58.20
C CYS D 16 -0.05 46.07 57.45
N LEU D 17 -0.90 46.37 56.46
CA LEU D 17 -1.49 45.31 55.66
C LEU D 17 -0.43 44.51 54.92
N ALA D 18 0.67 45.17 54.52
CA ALA D 18 1.74 44.51 53.80
C ALA D 18 2.51 43.50 54.64
N VAL D 19 2.31 43.50 55.96
CA VAL D 19 3.02 42.55 56.82
C VAL D 19 2.49 41.14 56.60
N SER D 20 1.17 40.98 56.57
CA SER D 20 0.54 39.67 56.45
C SER D 20 -0.96 39.83 56.24
N PRO D 21 -1.61 38.91 55.54
CA PRO D 21 -3.09 38.97 55.44
C PRO D 21 -3.78 38.80 56.78
N MET D 22 -3.03 38.40 57.81
CA MET D 22 -3.56 38.21 59.15
C MET D 22 -3.70 39.51 59.91
N CYS D 23 -2.92 40.53 59.56
CA CYS D 23 -2.87 41.76 60.33
C CYS D 23 -4.02 42.71 59.96
N ALA D 24 -4.39 43.56 60.91
CA ALA D 24 -5.39 44.59 60.73
C ALA D 24 -4.84 45.90 61.29
N TRP D 25 -5.59 46.98 61.07
CA TRP D 25 -5.15 48.31 61.49
C TRP D 25 -6.32 49.05 62.13
N CYS D 26 -6.02 49.79 63.20
CA CYS D 26 -6.99 50.64 63.89
C CYS D 26 -6.60 52.09 63.69
N SER D 27 -7.50 52.88 63.13
CA SER D 27 -7.26 54.29 62.85
C SER D 27 -7.96 55.21 63.84
N ASP D 28 -8.56 54.67 64.89
CA ASP D 28 -9.25 55.47 65.88
C ASP D 28 -8.27 56.45 66.53
N GLU D 29 -8.57 57.74 66.42
CA GLU D 29 -7.69 58.77 66.99
C GLU D 29 -7.61 58.65 68.51
N ALA D 30 -8.68 58.18 69.14
CA ALA D 30 -8.73 58.02 70.59
C ALA D 30 -8.28 56.63 71.03
N LEU D 31 -7.17 56.16 70.45
CA LEU D 31 -6.59 54.90 70.91
C LEU D 31 -5.56 55.17 72.00
N PRO D 32 -5.45 54.29 73.00
CA PRO D 32 -4.39 54.44 73.99
C PRO D 32 -3.02 54.56 73.33
N LEU D 33 -2.20 55.48 73.85
CA LEU D 33 -0.85 55.64 73.33
C LEU D 33 -0.07 54.35 73.46
N GLY D 34 -0.07 53.75 74.65
CA GLY D 34 0.52 52.44 74.85
C GLY D 34 -0.37 51.34 74.29
N SER D 35 -0.51 51.31 72.97
CA SER D 35 -1.36 50.33 72.30
C SER D 35 -0.99 50.27 70.83
N PRO D 36 -0.74 49.07 70.28
CA PRO D 36 -0.33 48.97 68.88
C PRO D 36 -1.51 49.19 67.94
N ARG D 37 -1.23 49.88 66.84
CA ARG D 37 -2.24 50.10 65.81
C ARG D 37 -2.29 48.99 64.78
N CYS D 38 -1.31 48.08 64.79
CA CYS D 38 -1.22 47.00 63.82
C CYS D 38 -1.22 45.68 64.58
N ASP D 39 -2.33 44.95 64.53
CA ASP D 39 -2.47 43.69 65.25
C ASP D 39 -3.60 42.91 64.59
N LEU D 40 -3.86 41.71 65.11
CA LEU D 40 -5.00 40.93 64.64
C LEU D 40 -6.29 41.69 64.91
N LYS D 41 -7.33 41.36 64.14
CA LYS D 41 -8.59 42.08 64.27
C LYS D 41 -9.19 41.94 65.67
N GLU D 42 -8.95 40.80 66.32
CA GLU D 42 -9.53 40.57 67.64
C GLU D 42 -8.84 41.41 68.71
N ASN D 43 -7.50 41.40 68.71
CA ASN D 43 -6.75 42.16 69.72
C ASN D 43 -7.07 43.65 69.68
N LEU D 44 -7.42 44.17 68.51
CA LEU D 44 -7.76 45.59 68.40
C LEU D 44 -9.11 45.88 69.04
N LEU D 45 -10.12 45.05 68.79
CA LEU D 45 -11.41 45.21 69.42
C LEU D 45 -11.34 45.11 70.93
N LYS D 46 -10.34 44.41 71.48
CA LYS D 46 -10.17 44.36 72.92
C LYS D 46 -9.81 45.72 73.50
N ASP D 47 -9.14 46.57 72.72
CA ASP D 47 -8.74 47.90 73.16
C ASP D 47 -9.77 48.96 72.81
N ASN D 48 -11.06 48.61 72.82
CA ASN D 48 -12.16 49.54 72.57
C ASN D 48 -12.04 50.24 71.22
N CYS D 49 -11.20 49.73 70.32
CA CYS D 49 -11.05 50.34 69.01
C CYS D 49 -12.41 50.39 68.32
N ALA D 50 -12.84 51.60 67.94
CA ALA D 50 -14.13 51.80 67.29
C ALA D 50 -14.28 50.83 66.13
N PRO D 51 -15.28 49.94 66.16
CA PRO D 51 -15.41 48.93 65.11
C PRO D 51 -15.39 49.49 63.69
N GLU D 52 -16.06 50.63 63.47
CA GLU D 52 -16.06 51.22 62.13
C GLU D 52 -14.70 51.77 61.72
N SER D 53 -13.82 52.02 62.68
CA SER D 53 -12.49 52.56 62.39
C SER D 53 -11.47 51.48 62.03
N ILE D 54 -11.88 50.21 61.99
CA ILE D 54 -10.97 49.09 61.74
C ILE D 54 -10.83 48.88 60.24
N GLU D 55 -9.59 48.65 59.80
CA GLU D 55 -9.28 48.37 58.41
C GLU D 55 -8.74 46.95 58.32
N PHE D 56 -9.47 46.06 57.65
CA PHE D 56 -9.07 44.67 57.52
C PHE D 56 -9.67 44.07 56.26
N PRO D 57 -9.12 44.37 55.08
CA PRO D 57 -9.68 43.81 53.85
C PRO D 57 -9.50 42.30 53.81
N VAL D 58 -10.50 41.62 53.25
CA VAL D 58 -10.52 40.17 53.14
C VAL D 58 -10.45 39.80 51.67
N SER D 59 -9.55 38.87 51.34
CA SER D 59 -9.50 38.36 49.97
C SER D 59 -10.75 37.56 49.66
N GLU D 60 -11.43 37.92 48.58
CA GLU D 60 -12.71 37.30 48.24
C GLU D 60 -12.76 37.07 46.73
N ALA D 61 -13.59 36.11 46.35
CA ALA D 61 -13.93 35.86 44.96
C ALA D 61 -15.43 36.01 44.79
N ARG D 62 -15.83 36.71 43.73
CA ARG D 62 -17.24 36.99 43.47
C ARG D 62 -17.54 36.70 42.01
N VAL D 63 -18.71 36.13 41.75
CA VAL D 63 -19.11 35.73 40.40
C VAL D 63 -19.97 36.83 39.79
N LEU D 64 -19.63 37.24 38.57
CA LEU D 64 -20.32 38.30 37.85
C LEU D 64 -21.21 37.75 36.74
N GLU D 65 -20.63 36.97 35.83
CA GLU D 65 -21.37 36.30 34.78
C GLU D 65 -21.34 34.80 35.04
N ASP D 66 -22.52 34.18 35.07
CA ASP D 66 -22.65 32.79 35.52
C ASP D 66 -23.71 32.07 34.69
N ARG D 67 -23.61 32.16 33.37
CA ARG D 67 -24.54 31.46 32.51
C ARG D 67 -24.40 29.95 32.69
N PRO D 68 -25.50 29.21 32.61
CA PRO D 68 -25.43 27.75 32.73
C PRO D 68 -24.80 27.12 31.50
N LEU D 69 -24.23 25.94 31.70
CA LEU D 69 -23.64 25.17 30.61
C LEU D 69 -24.74 24.65 29.69
N SER D 70 -24.60 24.91 28.39
CA SER D 70 -25.64 24.52 27.44
C SER D 70 -25.70 23.01 27.28
N ASP D 71 -26.93 22.51 27.11
CA ASP D 71 -27.12 21.07 26.93
C ASP D 71 -26.83 20.64 25.49
N LYS D 72 -27.18 21.48 24.52
CA LYS D 72 -26.97 21.18 23.11
C LYS D 72 -26.19 22.31 22.46
N GLY D 73 -25.50 21.98 21.37
CA GLY D 73 -24.71 22.94 20.62
C GLY D 73 -25.31 23.42 19.32
N SER D 74 -26.56 23.11 19.04
CA SER D 74 -27.22 23.52 17.81
C SER D 74 -27.82 24.92 17.96
N GLY D 75 -28.61 25.34 16.99
CA GLY D 75 -29.28 26.63 17.10
C GLY D 75 -28.35 27.79 16.84
N ASP D 76 -28.42 28.80 17.71
CA ASP D 76 -27.56 29.97 17.61
C ASP D 76 -26.26 29.71 18.34
N SER D 77 -25.14 30.03 17.68
CA SER D 77 -23.83 29.85 18.30
C SER D 77 -23.57 30.86 19.41
N SER D 78 -24.25 32.01 19.38
CA SER D 78 -24.08 33.00 20.45
C SER D 78 -24.64 32.50 21.77
N GLN D 79 -25.63 31.60 21.73
CA GLN D 79 -26.25 31.07 22.93
C GLN D 79 -25.44 29.94 23.56
N VAL D 80 -24.43 29.41 22.88
CA VAL D 80 -23.67 28.27 23.36
C VAL D 80 -22.75 28.70 24.50
N THR D 81 -22.73 27.92 25.57
CA THR D 81 -21.90 28.17 26.73
C THR D 81 -21.16 26.89 27.08
N GLN D 82 -19.84 26.91 26.97
CA GLN D 82 -19.00 25.75 27.25
C GLN D 82 -18.21 25.88 28.55
N VAL D 83 -18.10 27.09 29.10
CA VAL D 83 -17.33 27.35 30.32
C VAL D 83 -18.23 28.02 31.33
N SER D 84 -18.07 27.64 32.61
CA SER D 84 -18.81 28.25 33.69
C SER D 84 -17.94 28.29 34.94
N PRO D 85 -17.80 29.46 35.59
CA PRO D 85 -18.37 30.74 35.17
C PRO D 85 -17.62 31.39 34.00
N GLN D 86 -18.12 32.53 33.52
CA GLN D 86 -17.47 33.26 32.44
C GLN D 86 -16.71 34.48 32.91
N ARG D 87 -17.05 35.03 34.08
CA ARG D 87 -16.41 36.24 34.58
C ARG D 87 -16.53 36.26 36.09
N ILE D 88 -15.41 36.43 36.78
CA ILE D 88 -15.39 36.54 38.24
C ILE D 88 -14.46 37.67 38.64
N ALA D 89 -14.75 38.28 39.80
CA ALA D 89 -13.95 39.35 40.36
C ALA D 89 -13.15 38.81 41.53
N LEU D 90 -11.83 38.96 41.46
CA LEU D 90 -10.92 38.45 42.46
C LEU D 90 -10.30 39.62 43.22
N ARG D 91 -10.30 39.52 44.55
CA ARG D 91 -9.70 40.53 45.41
C ARG D 91 -8.60 39.88 46.24
N LEU D 92 -7.40 40.44 46.20
CA LEU D 92 -6.25 39.90 46.91
C LEU D 92 -5.52 41.02 47.63
N ARG D 93 -5.33 40.86 48.93
CA ARG D 93 -4.44 41.75 49.66
C ARG D 93 -3.02 41.17 49.64
N PRO D 94 -2.01 41.99 49.93
CA PRO D 94 -0.62 41.55 49.69
C PRO D 94 -0.31 40.18 50.29
N ASP D 95 0.37 39.36 49.48
CA ASP D 95 0.88 38.03 49.86
C ASP D 95 -0.22 37.05 50.23
N ASP D 96 -1.48 37.35 49.92
CA ASP D 96 -2.58 36.45 50.23
C ASP D 96 -2.86 35.54 49.04
N SER D 97 -3.87 34.68 49.19
CA SER D 97 -4.29 33.79 48.11
C SER D 97 -5.74 33.41 48.32
N LYS D 98 -6.55 33.59 47.28
CA LYS D 98 -7.92 33.13 47.26
C LYS D 98 -8.06 32.08 46.17
N ASN D 99 -9.16 31.33 46.19
CA ASN D 99 -9.37 30.24 45.26
C ASN D 99 -10.78 30.27 44.69
N PHE D 100 -10.91 29.71 43.49
CA PHE D 100 -12.17 29.71 42.75
C PHE D 100 -12.24 28.45 41.91
N SER D 101 -13.37 28.26 41.23
CA SER D 101 -13.62 27.05 40.47
C SER D 101 -14.10 27.41 39.06
N ILE D 102 -13.92 26.44 38.14
CA ILE D 102 -14.34 26.58 36.76
C ILE D 102 -14.84 25.23 36.26
N GLN D 103 -15.90 25.25 35.46
CA GLN D 103 -16.46 24.06 34.83
C GLN D 103 -16.35 24.18 33.32
N VAL D 104 -15.94 23.08 32.68
CA VAL D 104 -15.82 23.01 31.22
C VAL D 104 -16.63 21.81 30.74
N ARG D 105 -17.20 21.94 29.55
CA ARG D 105 -18.03 20.88 28.99
C ARG D 105 -17.78 20.75 27.49
N GLN D 106 -17.50 19.52 27.04
CA GLN D 106 -17.53 19.22 25.63
C GLN D 106 -18.98 19.15 25.19
N VAL D 107 -19.53 20.28 24.73
CA VAL D 107 -20.96 20.38 24.48
C VAL D 107 -21.38 19.43 23.38
N GLU D 108 -22.50 18.75 23.59
CA GLU D 108 -23.02 17.80 22.63
C GLU D 108 -23.63 18.53 21.43
N ASP D 109 -23.50 17.91 20.26
CA ASP D 109 -24.08 18.42 19.02
C ASP D 109 -23.49 19.77 18.64
N TYR D 110 -22.16 19.85 18.65
CA TYR D 110 -21.45 21.06 18.26
C TYR D 110 -21.17 21.04 16.76
N PRO D 111 -21.27 22.19 16.08
CA PRO D 111 -21.00 22.22 14.64
C PRO D 111 -19.59 21.73 14.33
N VAL D 112 -19.43 21.13 13.15
CA VAL D 112 -18.16 20.52 12.73
C VAL D 112 -17.88 20.89 11.29
N ASP D 113 -16.68 21.38 11.03
CA ASP D 113 -16.15 21.57 9.69
C ASP D 113 -15.08 20.53 9.41
N ILE D 114 -15.11 19.94 8.22
CA ILE D 114 -14.12 18.94 7.83
C ILE D 114 -13.60 19.30 6.45
N TYR D 115 -12.32 19.63 6.35
CA TYR D 115 -11.64 19.86 5.07
C TYR D 115 -10.76 18.65 4.78
N TYR D 116 -11.03 17.99 3.65
CA TYR D 116 -10.30 16.80 3.24
C TYR D 116 -9.15 17.21 2.32
N LEU D 117 -7.92 17.10 2.83
CA LEU D 117 -6.72 17.41 2.07
C LEU D 117 -6.10 16.10 1.59
N MET D 118 -5.99 15.93 0.28
CA MET D 118 -5.68 14.63 -0.32
C MET D 118 -4.42 14.69 -1.17
N ASP D 119 -3.51 13.76 -0.92
CA ASP D 119 -2.37 13.54 -1.82
C ASP D 119 -2.89 12.96 -3.12
N LEU D 120 -2.59 13.63 -4.23
CA LEU D 120 -2.96 13.12 -5.55
C LEU D 120 -1.73 12.83 -6.42
N SER D 121 -0.58 12.58 -5.80
CA SER D 121 0.54 12.04 -6.55
C SER D 121 0.19 10.66 -7.08
N TYR D 122 0.99 10.18 -8.02
CA TYR D 122 0.63 8.94 -8.72
C TYR D 122 0.56 7.75 -7.78
N SER D 123 1.24 7.81 -6.64
CA SER D 123 1.16 6.70 -5.70
C SER D 123 -0.20 6.61 -5.01
N MET D 124 -1.15 7.49 -5.33
CA MET D 124 -2.43 7.55 -4.63
C MET D 124 -3.60 7.47 -5.59
N LYS D 125 -3.49 6.64 -6.64
CA LYS D 125 -4.58 6.57 -7.61
C LYS D 125 -5.67 5.62 -7.16
N ASP D 126 -5.29 4.42 -6.70
CA ASP D 126 -6.26 3.46 -6.22
C ASP D 126 -7.04 3.98 -5.01
N ASP D 127 -6.52 5.00 -4.32
CA ASP D 127 -7.23 5.59 -3.19
C ASP D 127 -8.50 6.31 -3.63
N LEU D 128 -8.51 6.84 -4.87
CA LEU D 128 -9.66 7.61 -5.33
C LEU D 128 -10.91 6.75 -5.47
N TRP D 129 -10.76 5.51 -5.96
CA TRP D 129 -11.92 4.65 -6.17
C TRP D 129 -12.61 4.28 -4.86
N SER D 130 -11.98 4.52 -3.71
CA SER D 130 -12.61 4.22 -2.43
C SER D 130 -13.54 5.37 -2.01
N ILE D 131 -13.07 6.61 -2.14
CA ILE D 131 -13.77 7.76 -1.60
C ILE D 131 -14.76 8.36 -2.62
N GLN D 132 -15.21 7.57 -3.60
CA GLN D 132 -16.13 8.10 -4.61
C GLN D 132 -17.41 8.64 -3.98
N ASN D 133 -17.88 8.01 -2.91
CA ASN D 133 -19.11 8.42 -2.23
C ASN D 133 -18.86 8.73 -0.76
N LEU D 134 -17.66 9.22 -0.44
CA LEU D 134 -17.31 9.51 0.95
C LEU D 134 -18.23 10.58 1.54
N GLY D 135 -18.56 11.61 0.76
CA GLY D 135 -19.38 12.70 1.27
C GLY D 135 -20.70 12.23 1.84
N THR D 136 -21.41 11.37 1.10
CA THR D 136 -22.67 10.83 1.58
C THR D 136 -22.45 9.94 2.80
N LYS D 137 -21.51 9.01 2.70
CA LYS D 137 -21.26 8.07 3.78
C LYS D 137 -20.77 8.79 5.04
N LEU D 138 -19.82 9.71 4.87
CA LEU D 138 -19.28 10.43 6.02
C LEU D 138 -20.35 11.30 6.68
N ALA D 139 -21.20 11.93 5.87
CA ALA D 139 -22.28 12.75 6.44
C ALA D 139 -23.23 11.89 7.27
N THR D 140 -23.52 10.68 6.82
CA THR D 140 -24.45 9.81 7.53
C THR D 140 -23.95 9.50 8.94
N GLN D 141 -22.65 9.25 9.09
CA GLN D 141 -22.10 8.91 10.40
C GLN D 141 -21.91 10.15 11.27
N MET D 142 -21.52 11.28 10.68
CA MET D 142 -21.32 12.49 11.47
C MET D 142 -22.64 13.08 11.94
N ARG D 143 -23.71 12.91 11.17
CA ARG D 143 -25.02 13.41 11.61
C ARG D 143 -25.50 12.70 12.86
N LYS D 144 -24.88 11.58 13.25
CA LYS D 144 -25.13 11.01 14.57
C LYS D 144 -24.53 11.89 15.67
N LEU D 145 -23.44 12.59 15.37
CA LEU D 145 -22.75 13.43 16.34
C LEU D 145 -23.13 14.90 16.26
N THR D 146 -23.38 15.43 15.06
CA THR D 146 -23.63 16.85 14.88
C THR D 146 -24.75 17.09 13.88
N SER D 147 -25.51 18.15 14.12
CA SER D 147 -26.54 18.61 13.19
C SER D 147 -26.00 19.56 12.14
N ASN D 148 -25.02 20.39 12.51
CA ASN D 148 -24.41 21.36 11.60
C ASN D 148 -23.09 20.80 11.10
N LEU D 149 -23.11 20.16 9.94
CA LEU D 149 -21.92 19.61 9.32
C LEU D 149 -21.62 20.32 8.01
N ARG D 150 -20.34 20.55 7.75
CA ARG D 150 -19.87 21.11 6.48
C ARG D 150 -18.57 20.41 6.09
N ILE D 151 -18.43 20.10 4.80
CA ILE D 151 -17.26 19.40 4.30
C ILE D 151 -16.77 20.07 3.03
N GLY D 152 -15.46 19.96 2.79
CA GLY D 152 -14.82 20.53 1.62
C GLY D 152 -13.62 19.70 1.23
N PHE D 153 -13.09 20.00 0.04
CA PHE D 153 -12.08 19.16 -0.59
C PHE D 153 -10.93 20.00 -1.14
N GLY D 154 -9.72 19.52 -0.90
CA GLY D 154 -8.54 20.08 -1.53
C GLY D 154 -7.55 18.97 -1.79
N ALA D 155 -6.64 19.21 -2.73
CA ALA D 155 -5.66 18.19 -3.12
C ALA D 155 -4.33 18.84 -3.43
N PHE D 156 -3.27 18.05 -3.31
CA PHE D 156 -1.90 18.53 -3.52
C PHE D 156 -1.08 17.45 -4.23
N VAL D 157 0.09 17.87 -4.70
CA VAL D 157 1.11 16.94 -5.19
C VAL D 157 2.45 17.38 -4.61
N ASP D 158 3.08 18.35 -5.26
CA ASP D 158 4.39 18.87 -4.87
C ASP D 158 4.62 20.13 -5.70
N LYS D 159 5.76 20.76 -5.49
CA LYS D 159 6.04 22.02 -6.19
C LYS D 159 6.26 21.78 -7.68
N PRO D 160 5.45 22.39 -8.56
CA PRO D 160 5.61 22.13 -10.01
C PRO D 160 6.86 22.77 -10.61
N VAL D 161 8.02 22.17 -10.34
CA VAL D 161 9.29 22.71 -10.81
C VAL D 161 10.33 21.60 -10.69
N SER D 162 11.26 21.58 -11.63
CA SER D 162 12.36 20.63 -11.56
C SER D 162 13.14 20.82 -10.26
N PRO D 163 13.57 19.73 -9.60
CA PRO D 163 13.52 18.33 -10.02
C PRO D 163 12.28 17.55 -9.55
N TYR D 164 11.35 18.21 -8.86
CA TYR D 164 10.13 17.52 -8.45
C TYR D 164 9.26 17.17 -9.63
N MET D 165 9.32 17.94 -10.71
CA MET D 165 8.45 17.80 -11.86
C MET D 165 9.24 17.26 -13.05
N TYR D 166 8.62 16.36 -13.81
CA TYR D 166 9.18 15.95 -15.08
C TYR D 166 8.97 17.06 -16.10
N ILE D 167 10.05 17.47 -16.76
CA ILE D 167 10.02 18.64 -17.64
C ILE D 167 10.41 18.30 -19.08
N SER D 168 10.45 17.02 -19.43
CA SER D 168 10.80 16.66 -20.80
C SER D 168 10.18 15.32 -21.14
N PRO D 169 9.73 15.12 -22.39
CA PRO D 169 9.60 16.08 -23.49
C PRO D 169 8.46 17.08 -23.24
N PRO D 170 8.17 18.01 -24.20
CA PRO D 170 7.03 18.91 -24.03
C PRO D 170 5.72 18.17 -23.76
N GLU D 171 5.65 16.92 -24.20
CA GLU D 171 4.50 16.08 -23.89
C GLU D 171 4.35 15.87 -22.39
N ALA D 172 5.47 15.82 -21.66
CA ALA D 172 5.42 15.46 -20.24
C ALA D 172 4.85 16.57 -19.36
N LEU D 173 4.88 17.82 -19.83
CA LEU D 173 4.31 18.92 -19.05
C LEU D 173 2.78 18.90 -19.07
N GLU D 174 2.18 18.38 -20.13
CA GLU D 174 0.73 18.23 -20.20
C GLU D 174 0.24 16.91 -19.64
N ASN D 175 1.07 15.86 -19.74
CA ASN D 175 0.69 14.51 -19.35
C ASN D 175 1.90 13.83 -18.73
N PRO D 176 2.11 14.02 -17.43
CA PRO D 176 3.27 13.41 -16.77
C PRO D 176 3.34 11.89 -16.89
N CYS D 177 2.31 11.25 -17.43
CA CYS D 177 2.26 9.80 -17.60
C CYS D 177 2.35 9.42 -19.08
N TYR D 178 3.24 10.09 -19.82
CA TYR D 178 3.33 9.85 -21.26
C TYR D 178 4.12 8.58 -21.58
N ASP D 179 5.24 8.36 -20.89
CA ASP D 179 6.07 7.18 -21.14
C ASP D 179 5.36 5.90 -20.71
N MET D 180 4.36 6.02 -19.86
CA MET D 180 3.46 4.92 -19.55
C MET D 180 2.23 5.00 -20.44
N LYS D 181 1.61 3.85 -20.68
CA LYS D 181 0.47 3.77 -21.58
C LYS D 181 -0.80 4.27 -20.89
N THR D 182 -0.79 5.55 -20.50
CA THR D 182 -1.92 6.12 -19.79
C THR D 182 -1.83 7.65 -19.86
N THR D 183 -2.70 8.31 -19.09
CA THR D 183 -2.79 9.77 -19.05
C THR D 183 -3.09 10.20 -17.63
N CYS D 184 -2.44 11.28 -17.18
CA CYS D 184 -2.72 11.86 -15.89
C CYS D 184 -2.63 13.37 -15.98
N LEU D 185 -3.17 14.05 -14.97
CA LEU D 185 -3.23 15.50 -14.97
C LEU D 185 -1.84 16.12 -14.98
N PRO D 186 -1.71 17.34 -15.49
CA PRO D 186 -0.48 18.10 -15.25
C PRO D 186 -0.26 18.29 -13.75
N MET D 187 0.97 18.62 -13.40
CA MET D 187 1.32 18.72 -11.99
C MET D 187 0.83 20.05 -11.40
N PHE D 188 0.48 20.00 -10.11
CA PHE D 188 0.03 21.20 -9.40
C PHE D 188 0.51 21.12 -7.96
N GLY D 189 0.90 22.26 -7.41
CA GLY D 189 1.31 22.31 -6.02
C GLY D 189 0.17 22.02 -5.07
N TYR D 190 -0.81 22.93 -5.04
CA TYR D 190 -2.00 22.76 -4.24
C TYR D 190 -3.13 23.51 -4.91
N LYS D 191 -4.31 22.91 -4.93
CA LYS D 191 -5.50 23.55 -5.47
C LYS D 191 -6.68 23.31 -4.54
N HIS D 192 -7.42 24.38 -4.28
CA HIS D 192 -8.67 24.30 -3.53
C HIS D 192 -9.80 23.93 -4.49
N VAL D 193 -10.59 22.93 -4.12
CA VAL D 193 -11.63 22.39 -4.99
C VAL D 193 -13.03 22.82 -4.54
N LEU D 194 -13.42 22.46 -3.32
CA LEU D 194 -14.77 22.70 -2.84
C LEU D 194 -14.71 23.39 -1.48
N THR D 195 -15.18 24.63 -1.43
CA THR D 195 -15.36 25.31 -0.16
C THR D 195 -16.29 24.52 0.74
N LEU D 196 -16.02 24.56 2.05
CA LEU D 196 -16.86 23.90 3.04
C LEU D 196 -18.32 24.28 2.82
N THR D 197 -19.18 23.26 2.74
CA THR D 197 -20.60 23.47 2.45
C THR D 197 -21.42 22.39 3.13
N ASP D 198 -22.70 22.68 3.33
CA ASP D 198 -23.62 21.77 3.97
C ASP D 198 -24.38 20.89 2.97
N GLN D 199 -23.97 20.90 1.71
CA GLN D 199 -24.56 20.06 0.66
C GLN D 199 -23.55 18.97 0.33
N VAL D 200 -23.71 17.81 0.98
CA VAL D 200 -22.73 16.73 0.88
C VAL D 200 -22.73 16.04 -0.46
N THR D 201 -23.73 16.30 -1.32
CA THR D 201 -23.69 15.75 -2.67
C THR D 201 -22.69 16.49 -3.55
N ARG D 202 -22.42 17.76 -3.25
CA ARG D 202 -21.38 18.49 -3.96
C ARG D 202 -20.01 17.86 -3.74
N PHE D 203 -19.78 17.30 -2.57
CA PHE D 203 -18.50 16.62 -2.28
C PHE D 203 -18.29 15.46 -3.23
N ASN D 204 -19.28 14.57 -3.34
CA ASN D 204 -19.17 13.42 -4.23
C ASN D 204 -19.10 13.84 -5.69
N GLU D 205 -19.74 14.97 -6.05
CA GLU D 205 -19.66 15.46 -7.42
C GLU D 205 -18.24 15.80 -7.81
N GLU D 206 -17.55 16.61 -6.98
CA GLU D 206 -16.21 17.08 -7.33
C GLU D 206 -15.17 15.97 -7.19
N VAL D 207 -15.41 14.99 -6.32
CA VAL D 207 -14.43 13.92 -6.12
C VAL D 207 -14.33 13.05 -7.37
N LYS D 208 -15.47 12.71 -7.99
CA LYS D 208 -15.44 11.91 -9.21
C LYS D 208 -14.74 12.63 -10.36
N LYS D 209 -14.64 13.96 -10.30
CA LYS D 209 -13.95 14.74 -11.33
C LYS D 209 -12.45 14.85 -11.08
N GLN D 210 -11.94 14.27 -10.00
CA GLN D 210 -10.54 14.37 -9.67
C GLN D 210 -9.75 13.19 -10.24
N SER D 211 -8.51 13.45 -10.61
CA SER D 211 -7.59 12.42 -11.07
C SER D 211 -6.19 12.76 -10.59
N VAL D 212 -5.34 11.74 -10.50
CA VAL D 212 -4.01 11.91 -9.95
C VAL D 212 -3.09 12.55 -10.99
N SER D 213 -1.98 13.09 -10.48
CA SER D 213 -0.87 13.55 -11.29
C SER D 213 0.32 12.64 -11.03
N ARG D 214 1.53 13.09 -11.40
CA ARG D 214 2.73 12.29 -11.18
C ARG D 214 3.91 13.24 -11.02
N ASN D 215 4.78 12.92 -10.06
CA ASN D 215 6.02 13.67 -9.89
C ASN D 215 7.13 12.67 -9.61
N ARG D 216 8.33 13.19 -9.31
CA ARG D 216 9.53 12.36 -9.36
C ARG D 216 9.89 11.77 -8.00
N ASP D 217 10.10 12.61 -7.00
CA ASP D 217 10.61 12.15 -5.70
C ASP D 217 9.46 11.74 -4.79
N ALA D 218 9.70 10.70 -4.00
CA ALA D 218 8.72 10.14 -3.07
C ALA D 218 8.10 11.19 -2.15
N PRO D 219 8.88 11.97 -1.39
CA PRO D 219 8.26 12.92 -0.47
C PRO D 219 7.51 13.99 -1.23
N GLU D 220 6.36 14.38 -0.69
CA GLU D 220 5.43 15.26 -1.41
C GLU D 220 5.32 16.61 -0.72
N GLY D 221 4.64 17.53 -1.40
CA GLY D 221 4.48 18.88 -0.90
C GLY D 221 3.18 19.09 -0.13
N GLY D 222 2.87 18.17 0.78
CA GLY D 222 1.63 18.28 1.52
C GLY D 222 1.59 19.47 2.45
N PHE D 223 2.74 19.81 3.04
CA PHE D 223 2.75 20.86 4.07
C PHE D 223 2.36 22.21 3.49
N ASP D 224 2.82 22.50 2.26
CA ASP D 224 2.35 23.69 1.56
C ASP D 224 0.84 23.76 1.54
N ALA D 225 0.19 22.61 1.31
CA ALA D 225 -1.27 22.57 1.25
C ALA D 225 -1.89 22.75 2.63
N ILE D 226 -1.26 22.18 3.65
CA ILE D 226 -1.74 22.38 5.03
C ILE D 226 -1.72 23.85 5.38
N MET D 227 -0.65 24.56 5.01
CA MET D 227 -0.55 25.98 5.31
C MET D 227 -1.67 26.77 4.65
N GLN D 228 -1.83 26.63 3.34
CA GLN D 228 -2.86 27.37 2.63
C GLN D 228 -4.25 27.02 3.15
N ALA D 229 -4.50 25.74 3.37
CA ALA D 229 -5.81 25.34 3.91
C ALA D 229 -6.05 25.93 5.28
N THR D 230 -5.00 26.28 6.00
CA THR D 230 -5.16 26.83 7.35
C THR D 230 -5.39 28.33 7.32
N VAL D 231 -4.62 29.05 6.49
CA VAL D 231 -4.62 30.50 6.54
C VAL D 231 -5.55 31.15 5.52
N CYS D 232 -6.03 30.39 4.53
CA CYS D 232 -6.96 30.94 3.53
C CYS D 232 -8.39 30.82 4.06
N ASP D 233 -8.69 31.70 5.03
CA ASP D 233 -9.95 31.62 5.75
C ASP D 233 -11.17 31.64 4.83
N GLU D 234 -11.25 32.66 3.97
CA GLU D 234 -12.47 32.85 3.19
C GLU D 234 -12.69 31.73 2.19
N LYS D 235 -11.63 31.29 1.51
CA LYS D 235 -11.79 30.27 0.47
C LYS D 235 -12.13 28.92 1.06
N ILE D 236 -11.32 28.46 2.02
CA ILE D 236 -11.64 27.20 2.70
C ILE D 236 -12.98 27.30 3.39
N GLY D 237 -13.27 28.47 3.97
CA GLY D 237 -14.58 28.71 4.52
C GLY D 237 -14.80 28.17 5.92
N TRP D 238 -13.73 28.10 6.73
CA TRP D 238 -13.89 27.66 8.11
C TRP D 238 -14.93 28.53 8.82
N ARG D 239 -15.67 27.91 9.73
CA ARG D 239 -16.71 28.61 10.46
C ARG D 239 -16.20 29.05 11.83
N ASN D 240 -16.72 30.18 12.31
CA ASN D 240 -16.24 30.77 13.56
C ASN D 240 -16.54 29.87 14.74
N ASP D 241 -17.75 29.32 14.82
CA ASP D 241 -18.20 28.54 15.96
C ASP D 241 -18.40 27.10 15.52
N ALA D 242 -17.30 26.37 15.38
CA ALA D 242 -17.34 24.97 14.96
C ALA D 242 -15.98 24.35 15.22
N SER D 243 -15.98 23.02 15.35
CA SER D 243 -14.74 22.26 15.41
C SER D 243 -14.15 22.16 14.01
N HIS D 244 -12.87 22.50 13.87
CA HIS D 244 -12.20 22.54 12.57
C HIS D 244 -11.28 21.33 12.46
N LEU D 245 -11.65 20.39 11.61
CA LEU D 245 -10.84 19.20 11.36
C LEU D 245 -10.20 19.33 9.99
N LEU D 246 -8.88 19.25 9.94
CA LEU D 246 -8.13 19.18 8.70
C LEU D 246 -7.62 17.75 8.57
N VAL D 247 -8.04 17.06 7.51
CA VAL D 247 -7.70 15.65 7.31
C VAL D 247 -6.62 15.60 6.24
N PHE D 248 -5.43 15.17 6.63
CA PHE D 248 -4.26 15.14 5.76
C PHE D 248 -3.93 13.68 5.44
N THR D 249 -4.06 13.32 4.17
CA THR D 249 -3.80 11.95 3.71
C THR D 249 -2.61 11.93 2.76
N THR D 250 -1.75 10.94 2.94
CA THR D 250 -0.57 10.73 2.10
C THR D 250 -0.03 9.34 2.40
N ASP D 251 0.79 8.83 1.48
CA ASP D 251 1.43 7.53 1.64
C ASP D 251 2.94 7.61 1.58
N ALA D 252 3.50 8.80 1.75
CA ALA D 252 4.94 9.00 1.61
C ALA D 252 5.42 10.02 2.62
N LYS D 253 6.74 10.21 2.65
CA LYS D 253 7.31 11.29 3.44
C LYS D 253 6.81 12.64 2.95
N THR D 254 7.16 13.69 3.67
CA THR D 254 6.75 15.03 3.32
C THR D 254 7.96 15.93 3.24
N HIS D 255 7.89 16.93 2.37
CA HIS D 255 8.93 17.94 2.31
C HIS D 255 8.77 18.89 3.47
N ILE D 256 9.91 19.36 4.00
CA ILE D 256 9.95 20.26 5.14
C ILE D 256 10.72 21.50 4.73
N ALA D 257 10.67 22.53 5.59
CA ALA D 257 11.34 23.79 5.30
C ALA D 257 12.82 23.55 5.04
N LEU D 258 13.37 24.34 4.11
CA LEU D 258 14.75 24.31 3.62
C LEU D 258 14.95 23.18 2.60
N ASP D 259 13.93 22.36 2.33
CA ASP D 259 14.03 21.41 1.23
C ASP D 259 13.90 22.10 -0.12
N GLY D 260 13.23 23.26 -0.16
CA GLY D 260 12.99 23.94 -1.42
C GLY D 260 14.26 24.40 -2.12
N ARG D 261 15.38 24.45 -1.40
CA ARG D 261 16.64 24.86 -2.03
C ARG D 261 17.04 23.94 -3.16
N LEU D 262 16.54 22.70 -3.17
CA LEU D 262 16.81 21.81 -4.28
C LEU D 262 16.10 22.22 -5.56
N ALA D 263 15.11 23.12 -5.49
CA ALA D 263 14.45 23.65 -6.67
C ALA D 263 14.82 25.10 -6.94
N GLY D 264 15.81 25.64 -6.21
CA GLY D 264 16.16 27.04 -6.31
C GLY D 264 15.33 27.95 -5.43
N ILE D 265 14.53 27.39 -4.53
CA ILE D 265 13.61 28.15 -3.69
C ILE D 265 14.28 28.40 -2.35
N VAL D 266 14.46 29.67 -1.99
CA VAL D 266 15.14 30.00 -0.76
C VAL D 266 14.32 30.96 0.10
N GLN D 267 13.26 31.52 -0.45
CA GLN D 267 12.43 32.44 0.31
C GLN D 267 11.72 31.69 1.44
N PRO D 268 11.82 32.15 2.69
CA PRO D 268 11.11 31.46 3.77
C PRO D 268 9.60 31.56 3.56
N ASN D 269 8.89 30.58 4.11
CA ASN D 269 7.43 30.61 4.03
C ASN D 269 6.90 31.78 4.84
N ASP D 270 6.00 32.56 4.23
CA ASP D 270 5.49 33.76 4.87
C ASP D 270 4.20 33.52 5.65
N GLY D 271 3.62 32.32 5.58
CA GLY D 271 2.44 32.02 6.35
C GLY D 271 1.20 32.80 5.94
N GLN D 272 1.15 33.30 4.71
CA GLN D 272 0.02 34.06 4.22
C GLN D 272 -0.70 33.28 3.13
N CYS D 273 -1.92 33.71 2.83
CA CYS D 273 -2.72 33.06 1.81
C CYS D 273 -2.27 33.52 0.43
N HIS D 274 -2.08 32.56 -0.47
CA HIS D 274 -1.70 32.86 -1.85
C HIS D 274 -2.49 32.00 -2.82
N VAL D 275 -3.79 31.88 -2.57
CA VAL D 275 -4.69 31.10 -3.41
C VAL D 275 -5.71 32.08 -3.97
N GLY D 276 -5.50 32.52 -5.22
CA GLY D 276 -6.36 33.49 -5.87
C GLY D 276 -7.54 32.84 -6.56
N SER D 277 -8.14 33.60 -7.50
CA SER D 277 -9.38 33.16 -8.15
C SER D 277 -9.24 31.80 -8.83
N ASP D 278 -8.05 31.47 -9.34
CA ASP D 278 -7.82 30.19 -10.01
C ASP D 278 -7.77 29.01 -9.05
N ASN D 279 -7.84 29.24 -7.74
CA ASN D 279 -7.90 28.23 -6.69
C ASN D 279 -6.61 27.42 -6.57
N HIS D 280 -5.56 27.78 -7.29
CA HIS D 280 -4.26 27.15 -7.13
C HIS D 280 -3.36 27.99 -6.24
N TYR D 281 -2.41 27.34 -5.58
CA TYR D 281 -1.44 28.01 -4.73
C TYR D 281 -0.40 28.70 -5.61
N SER D 282 -0.48 30.04 -5.69
CA SER D 282 0.33 30.80 -6.62
C SER D 282 1.79 30.97 -6.19
N ALA D 283 2.12 30.70 -4.92
CA ALA D 283 3.47 30.85 -4.42
C ALA D 283 4.17 29.51 -4.24
N SER D 284 3.75 28.50 -5.00
CA SER D 284 4.33 27.17 -4.85
C SER D 284 5.77 27.13 -5.34
N THR D 285 6.06 27.84 -6.44
CA THR D 285 7.37 27.80 -7.10
C THR D 285 8.25 28.98 -6.74
N THR D 286 7.82 29.82 -5.79
CA THR D 286 8.59 30.99 -5.37
C THR D 286 8.81 31.05 -3.87
N MET D 287 8.27 30.09 -3.11
CA MET D 287 8.30 30.16 -1.66
C MET D 287 8.51 28.77 -1.08
N ASP D 288 9.37 28.68 -0.07
CA ASP D 288 9.82 27.39 0.45
C ASP D 288 8.72 26.72 1.27
N TYR D 289 8.93 25.43 1.56
CA TYR D 289 8.01 24.69 2.40
C TYR D 289 7.97 25.32 3.80
N PRO D 290 6.82 25.31 4.46
CA PRO D 290 6.75 25.89 5.81
C PRO D 290 7.43 24.98 6.82
N SER D 291 7.89 25.59 7.91
CA SER D 291 8.54 24.86 8.98
C SER D 291 7.49 24.32 9.96
N LEU D 292 7.92 23.38 10.80
CA LEU D 292 7.03 22.82 11.81
C LEU D 292 6.50 23.90 12.73
N GLY D 293 7.38 24.79 13.19
CA GLY D 293 6.94 25.86 14.08
C GLY D 293 5.93 26.78 13.43
N LEU D 294 6.15 27.13 12.17
CA LEU D 294 5.22 28.03 11.48
C LEU D 294 3.84 27.40 11.36
N MET D 295 3.79 26.12 10.96
CA MET D 295 2.52 25.40 10.90
C MET D 295 1.82 25.41 12.24
N THR D 296 2.57 25.18 13.33
CA THR D 296 1.99 25.15 14.66
C THR D 296 1.33 26.48 15.00
N GLU D 297 2.02 27.59 14.70
CA GLU D 297 1.48 28.92 14.98
C GLU D 297 0.14 29.13 14.28
N LYS D 298 0.09 28.88 12.96
CA LYS D 298 -1.12 29.14 12.20
C LYS D 298 -2.24 28.18 12.59
N LEU D 299 -1.93 26.90 12.80
CA LEU D 299 -2.95 25.96 13.25
C LEU D 299 -3.54 26.40 14.59
N SER D 300 -2.71 26.92 15.49
CA SER D 300 -3.21 27.41 16.76
C SER D 300 -4.05 28.67 16.57
N GLN D 301 -3.63 29.56 15.69
CA GLN D 301 -4.33 30.84 15.52
C GLN D 301 -5.72 30.63 14.92
N LYS D 302 -5.84 29.74 13.94
CA LYS D 302 -7.11 29.48 13.28
C LYS D 302 -7.90 28.37 13.94
N ASN D 303 -7.39 27.79 15.03
CA ASN D 303 -8.03 26.70 15.74
C ASN D 303 -8.36 25.53 14.81
N ILE D 304 -7.30 24.96 14.23
CA ILE D 304 -7.40 23.84 13.31
C ILE D 304 -6.83 22.61 13.99
N ASN D 305 -7.57 21.50 13.93
CA ASN D 305 -7.10 20.20 14.41
C ASN D 305 -6.57 19.43 13.21
N LEU D 306 -5.24 19.40 13.08
CA LEU D 306 -4.61 18.69 11.96
C LEU D 306 -4.56 17.20 12.27
N ILE D 307 -5.09 16.40 11.36
CA ILE D 307 -5.14 14.95 11.51
C ILE D 307 -4.27 14.33 10.42
N PHE D 308 -3.20 13.65 10.85
CA PHE D 308 -2.31 12.94 9.94
C PHE D 308 -2.90 11.56 9.67
N ALA D 309 -3.49 11.37 8.49
CA ALA D 309 -4.04 10.08 8.06
C ALA D 309 -3.06 9.47 7.05
N VAL D 310 -2.03 8.82 7.58
CA VAL D 310 -0.92 8.32 6.77
C VAL D 310 -0.90 6.80 6.83
N THR D 311 -0.18 6.21 5.88
CA THR D 311 -0.13 4.77 5.73
C THR D 311 0.90 4.15 6.68
N GLU D 312 0.81 2.82 6.82
CA GLU D 312 1.63 2.07 7.77
C GLU D 312 3.12 2.38 7.67
N ASN D 313 3.61 2.66 6.46
CA ASN D 313 5.04 2.83 6.23
C ASN D 313 5.60 4.15 6.75
N VAL D 314 4.75 5.10 7.13
CA VAL D 314 5.25 6.40 7.59
C VAL D 314 4.48 6.86 8.83
N VAL D 315 3.82 5.93 9.52
CA VAL D 315 3.12 6.30 10.75
C VAL D 315 4.10 6.81 11.79
N ASN D 316 5.17 6.05 12.02
CA ASN D 316 6.19 6.45 12.99
C ASN D 316 6.71 7.86 12.69
N LEU D 317 6.89 8.17 11.41
CA LEU D 317 7.33 9.51 11.02
C LEU D 317 6.33 10.56 11.48
N TYR D 318 5.08 10.46 11.02
CA TYR D 318 4.10 11.49 11.33
C TYR D 318 3.63 11.44 12.78
N GLN D 319 3.76 10.29 13.45
CA GLN D 319 3.54 10.27 14.89
C GLN D 319 4.59 11.11 15.60
N ASN D 320 5.79 11.20 15.03
CA ASN D 320 6.86 12.00 15.62
C ASN D 320 6.69 13.48 15.30
N TYR D 321 6.29 13.81 14.08
CA TYR D 321 5.88 15.18 13.78
C TYR D 321 4.71 15.60 14.66
N SER D 322 3.87 14.64 15.07
CA SER D 322 2.72 14.96 15.91
C SER D 322 3.15 15.45 17.28
N GLU D 323 4.23 14.89 17.83
CA GLU D 323 4.72 15.35 19.12
C GLU D 323 5.38 16.72 19.04
N LEU D 324 5.83 17.11 17.85
CA LEU D 324 6.39 18.44 17.64
C LEU D 324 5.31 19.47 17.32
N ILE D 325 4.13 19.05 16.90
CA ILE D 325 3.00 19.95 16.69
C ILE D 325 1.89 19.54 17.64
N PRO D 326 1.90 20.04 18.88
CA PRO D 326 0.90 19.60 19.86
C PRO D 326 -0.52 19.88 19.39
N GLY D 327 -1.41 18.94 19.67
CA GLY D 327 -2.80 19.02 19.26
C GLY D 327 -3.12 18.23 18.02
N THR D 328 -2.12 17.81 17.25
CA THR D 328 -2.37 17.02 16.05
C THR D 328 -2.63 15.56 16.43
N THR D 329 -3.37 14.88 15.57
CA THR D 329 -3.76 13.49 15.79
C THR D 329 -3.31 12.65 14.61
N VAL D 330 -2.85 11.42 14.89
CA VAL D 330 -2.37 10.50 13.86
C VAL D 330 -3.25 9.26 13.85
N GLY D 331 -3.70 8.88 12.65
CA GLY D 331 -4.37 7.61 12.45
C GLY D 331 -3.69 6.84 11.33
N VAL D 332 -4.02 5.55 11.23
CA VAL D 332 -3.42 4.66 10.26
C VAL D 332 -4.33 4.56 9.05
N LEU D 333 -3.85 5.01 7.90
CA LEU D 333 -4.57 4.95 6.65
C LEU D 333 -4.13 3.71 5.89
N SER D 334 -5.09 3.04 5.26
CA SER D 334 -4.77 1.89 4.42
C SER D 334 -4.11 2.36 3.13
N MET D 335 -3.60 1.39 2.36
CA MET D 335 -2.99 1.71 1.08
C MET D 335 -4.00 2.21 0.06
N ASP D 336 -5.31 2.07 0.35
CA ASP D 336 -6.35 2.49 -0.57
C ASP D 336 -7.37 3.40 0.10
N SER D 337 -7.05 3.95 1.28
CA SER D 337 -7.90 4.90 1.99
C SER D 337 -9.29 4.34 2.24
N SER D 338 -9.39 3.01 2.33
CA SER D 338 -10.68 2.37 2.52
C SER D 338 -11.24 2.60 3.92
N ASN D 339 -10.39 2.91 4.89
CA ASN D 339 -10.82 3.07 6.27
C ASN D 339 -10.75 4.53 6.72
N VAL D 340 -10.81 5.47 5.78
CA VAL D 340 -10.60 6.87 6.14
C VAL D 340 -11.82 7.42 6.88
N LEU D 341 -13.01 6.93 6.55
CA LEU D 341 -14.23 7.38 7.24
C LEU D 341 -14.11 7.12 8.74
N GLN D 342 -13.85 5.86 9.10
CA GLN D 342 -13.74 5.51 10.52
C GLN D 342 -12.50 6.12 11.16
N LEU D 343 -11.45 6.37 10.37
CA LEU D 343 -10.28 7.07 10.89
C LEU D 343 -10.65 8.49 11.32
N ILE D 344 -11.49 9.16 10.55
CA ILE D 344 -11.89 10.52 10.87
C ILE D 344 -12.78 10.55 12.10
N VAL D 345 -13.78 9.66 12.14
CA VAL D 345 -14.69 9.61 13.28
C VAL D 345 -13.92 9.34 14.57
N ASP D 346 -12.96 8.42 14.53
CA ASP D 346 -12.13 8.15 15.71
C ASP D 346 -11.36 9.39 16.12
N ALA D 347 -10.74 10.07 15.14
CA ALA D 347 -9.96 11.26 15.45
C ALA D 347 -10.83 12.36 16.06
N TYR D 348 -12.02 12.58 15.51
CA TYR D 348 -12.94 13.56 16.09
C TYR D 348 -13.23 13.24 17.55
N GLY D 349 -13.49 11.97 17.86
CA GLY D 349 -13.68 11.58 19.24
C GLY D 349 -12.43 11.77 20.08
N LYS D 350 -11.27 11.39 19.55
CA LYS D 350 -10.01 11.59 20.26
C LYS D 350 -9.69 13.07 20.40
N ILE D 351 -10.06 13.90 19.43
CA ILE D 351 -9.83 15.34 19.52
C ILE D 351 -10.70 15.95 20.61
N ARG D 352 -11.95 15.50 20.73
CA ARG D 352 -12.86 16.03 21.73
C ARG D 352 -12.84 15.25 23.04
N SER D 353 -11.82 14.41 23.24
CA SER D 353 -11.65 13.66 24.48
C SER D 353 -10.75 14.38 25.48
N LYS D 354 -10.29 15.58 25.16
CA LYS D 354 -9.30 16.26 25.97
C LYS D 354 -9.78 17.68 26.28
N VAL D 355 -9.53 18.11 27.50
CA VAL D 355 -9.79 19.48 27.95
C VAL D 355 -8.53 19.94 28.67
N GLU D 356 -7.82 20.89 28.06
CA GLU D 356 -6.59 21.41 28.63
C GLU D 356 -6.71 22.93 28.79
N LEU D 357 -6.38 23.41 30.00
CA LEU D 357 -6.45 24.83 30.29
C LEU D 357 -5.14 25.51 29.93
N GLU D 358 -5.23 26.62 29.20
CA GLU D 358 -4.12 27.54 29.05
C GLU D 358 -4.52 28.88 29.65
N VAL D 359 -3.52 29.63 30.10
CA VAL D 359 -3.74 30.92 30.73
C VAL D 359 -3.14 32.00 29.85
N ARG D 360 -3.88 33.09 29.68
CA ARG D 360 -3.45 34.21 28.83
C ARG D 360 -3.48 35.49 29.66
N ASP D 361 -2.42 36.29 29.54
CA ASP D 361 -2.31 37.60 30.18
C ASP D 361 -2.16 37.52 31.70
N LEU D 362 -1.52 36.47 32.20
CA LEU D 362 -1.29 36.38 33.63
C LEU D 362 -0.20 37.36 34.04
N PRO D 363 -0.41 38.16 35.08
CA PRO D 363 0.62 39.12 35.50
C PRO D 363 1.84 38.42 36.09
N GLU D 364 2.94 39.18 36.17
CA GLU D 364 4.20 38.65 36.65
C GLU D 364 4.11 38.16 38.09
N GLU D 365 3.32 38.85 38.92
CA GLU D 365 3.25 38.59 40.36
C GLU D 365 2.26 37.50 40.73
N LEU D 366 1.38 37.10 39.82
CA LEU D 366 0.42 36.04 40.12
C LEU D 366 0.98 34.67 39.74
N SER D 367 0.68 33.69 40.57
CA SER D 367 1.02 32.29 40.31
C SER D 367 -0.22 31.44 40.57
N LEU D 368 -0.43 30.43 39.72
CA LEU D 368 -1.64 29.63 39.77
C LEU D 368 -1.32 28.16 40.04
N SER D 369 -2.26 27.49 40.70
CA SER D 369 -2.22 26.05 40.89
C SER D 369 -3.60 25.48 40.57
N PHE D 370 -3.64 24.23 40.14
CA PHE D 370 -4.87 23.64 39.61
C PHE D 370 -5.12 22.27 40.23
N ASN D 371 -6.39 21.96 40.46
CA ASN D 371 -6.82 20.62 40.87
C ASN D 371 -7.96 20.19 39.95
N ALA D 372 -7.69 19.20 39.10
CA ALA D 372 -8.66 18.72 38.14
C ALA D 372 -9.54 17.65 38.76
N THR D 373 -10.80 17.59 38.31
CA THR D 373 -11.75 16.55 38.69
C THR D 373 -12.26 15.94 37.38
N CYS D 374 -11.48 15.02 36.83
CA CYS D 374 -11.78 14.44 35.53
C CYS D 374 -12.85 13.34 35.66
N LEU D 375 -12.56 12.18 35.08
CA LEU D 375 -13.46 11.03 35.11
C LEU D 375 -14.01 10.79 36.52
N ASN D 376 -15.32 10.73 36.63
CA ASN D 376 -16.03 10.56 37.91
C ASN D 376 -15.69 11.75 38.80
N ASN D 377 -15.45 11.54 40.10
CA ASN D 377 -15.01 12.63 40.98
C ASN D 377 -13.62 12.33 41.51
N GLU D 378 -12.68 12.04 40.62
CA GLU D 378 -11.30 11.73 40.97
C GLU D 378 -10.48 13.01 40.90
N VAL D 379 -10.17 13.57 42.06
CA VAL D 379 -9.41 14.82 42.15
C VAL D 379 -7.93 14.51 41.93
N ILE D 380 -7.32 15.24 41.01
CA ILE D 380 -5.92 15.01 40.63
C ILE D 380 -5.13 16.28 40.89
N PRO D 381 -4.26 16.30 41.90
CA PRO D 381 -3.56 17.55 42.26
C PRO D 381 -2.47 17.90 41.24
N GLY D 382 -2.21 19.20 41.12
CA GLY D 382 -1.15 19.69 40.26
C GLY D 382 -1.34 19.43 38.78
N LEU D 383 -2.59 19.40 38.30
CA LEU D 383 -2.88 19.09 36.91
C LEU D 383 -3.96 20.04 36.39
N LYS D 384 -3.78 20.48 35.14
CA LYS D 384 -4.70 21.42 34.50
C LYS D 384 -5.25 20.85 33.21
N SER D 385 -5.41 19.53 33.14
CA SER D 385 -5.84 18.89 31.89
C SER D 385 -6.47 17.54 32.20
N CYS D 386 -7.49 17.19 31.42
CA CYS D 386 -8.16 15.90 31.53
C CYS D 386 -8.03 15.12 30.23
N MET D 387 -8.07 13.79 30.36
CA MET D 387 -7.99 12.89 29.22
C MET D 387 -8.98 11.75 29.40
N GLY D 388 -9.32 11.11 28.29
CA GLY D 388 -10.24 9.99 28.32
C GLY D 388 -11.70 10.38 28.40
N LEU D 389 -12.07 11.58 27.96
CA LEU D 389 -13.42 12.09 28.09
C LEU D 389 -14.25 11.76 26.85
N LYS D 390 -15.56 11.67 27.06
CA LYS D 390 -16.51 11.49 25.96
C LYS D 390 -17.29 12.78 25.76
N ILE D 391 -17.89 12.90 24.58
CA ILE D 391 -18.69 14.09 24.29
C ILE D 391 -19.86 14.18 25.24
N GLY D 392 -20.07 15.36 25.81
CA GLY D 392 -21.14 15.60 26.75
C GLY D 392 -20.72 15.60 28.21
N ASP D 393 -19.53 15.05 28.52
CA ASP D 393 -19.05 15.04 29.89
C ASP D 393 -18.68 16.45 30.34
N THR D 394 -18.60 16.60 31.66
CA THR D 394 -18.25 17.87 32.28
C THR D 394 -17.13 17.64 33.28
N VAL D 395 -16.11 18.48 33.24
CA VAL D 395 -15.00 18.42 34.19
C VAL D 395 -14.91 19.77 34.91
N SER D 396 -14.23 19.77 36.05
CA SER D 396 -14.08 20.96 36.86
C SER D 396 -12.66 21.07 37.39
N PHE D 397 -12.20 22.30 37.54
CA PHE D 397 -10.90 22.59 38.14
C PHE D 397 -11.07 23.56 39.29
N SER D 398 -10.35 23.33 40.37
CA SER D 398 -10.23 24.30 41.44
C SER D 398 -8.89 25.01 41.27
N ILE D 399 -8.91 26.34 41.35
CA ILE D 399 -7.77 27.17 41.03
C ILE D 399 -7.46 28.08 42.21
N GLU D 400 -6.19 28.13 42.61
CA GLU D 400 -5.73 28.99 43.70
C GLU D 400 -4.79 30.05 43.14
N ALA D 401 -5.13 31.32 43.37
CA ALA D 401 -4.33 32.44 42.88
C ALA D 401 -3.57 33.04 44.05
N LYS D 402 -2.24 33.09 43.94
CA LYS D 402 -1.36 33.62 44.98
C LYS D 402 -0.55 34.76 44.39
N VAL D 403 -0.73 35.97 44.96
CA VAL D 403 0.00 37.15 44.55
C VAL D 403 1.19 37.36 45.47
N ARG D 404 2.31 37.80 44.90
CA ARG D 404 3.54 38.06 45.65
C ARG D 404 3.73 39.56 45.73
N GLY D 405 3.61 40.11 46.94
CA GLY D 405 3.75 41.52 47.17
C GLY D 405 2.54 42.29 46.67
N CYS D 406 2.73 43.59 46.51
CA CYS D 406 1.69 44.44 45.94
C CYS D 406 2.19 44.99 44.61
N PRO D 407 1.52 44.71 43.50
CA PRO D 407 1.92 45.28 42.21
C PRO D 407 1.56 46.75 42.11
N GLN D 408 2.16 47.42 41.12
CA GLN D 408 1.94 48.85 40.94
C GLN D 408 0.54 49.16 40.44
N GLU D 409 0.11 48.46 39.39
CA GLU D 409 -1.25 48.61 38.88
C GLU D 409 -2.22 47.88 39.80
N LYS D 410 -3.20 48.61 40.32
CA LYS D 410 -4.13 48.03 41.28
C LYS D 410 -5.25 47.22 40.63
N GLU D 411 -5.39 47.26 39.31
CA GLU D 411 -6.45 46.54 38.63
C GLU D 411 -5.91 45.96 37.32
N LYS D 412 -6.04 44.64 37.16
CA LYS D 412 -5.69 43.95 35.94
C LYS D 412 -6.74 42.88 35.69
N SER D 413 -6.56 42.12 34.60
CA SER D 413 -7.44 40.99 34.32
C SER D 413 -6.73 40.04 33.36
N PHE D 414 -6.99 38.75 33.53
CA PHE D 414 -6.44 37.72 32.66
C PHE D 414 -7.56 36.77 32.22
N THR D 415 -7.20 35.79 31.41
CA THR D 415 -8.15 34.86 30.81
C THR D 415 -7.73 33.43 31.13
N ILE D 416 -8.72 32.58 31.37
CA ILE D 416 -8.53 31.14 31.47
C ILE D 416 -9.41 30.50 30.40
N LYS D 417 -8.79 29.91 29.39
CA LYS D 417 -9.51 29.34 28.28
C LYS D 417 -9.01 27.93 27.99
N PRO D 418 -9.91 26.99 27.70
CA PRO D 418 -9.47 25.67 27.26
C PRO D 418 -8.98 25.71 25.82
N VAL D 419 -7.98 24.88 25.53
CA VAL D 419 -7.37 24.86 24.21
C VAL D 419 -8.41 24.48 23.16
N GLY D 420 -8.64 25.37 22.21
CA GLY D 420 -9.58 25.15 21.14
C GLY D 420 -10.98 25.67 21.40
N PHE D 421 -11.31 25.99 22.64
CA PHE D 421 -12.65 26.41 22.99
C PHE D 421 -12.84 27.90 22.71
N LYS D 422 -14.09 28.29 22.51
CA LYS D 422 -14.44 29.68 22.25
C LYS D 422 -14.66 30.46 23.55
N ASP D 423 -15.58 29.99 24.39
CA ASP D 423 -15.86 30.65 25.65
C ASP D 423 -14.65 30.58 26.57
N SER D 424 -14.59 31.53 27.51
CA SER D 424 -13.43 31.65 28.39
C SER D 424 -13.88 32.25 29.71
N LEU D 425 -13.03 32.09 30.72
CA LEU D 425 -13.24 32.69 32.03
C LEU D 425 -12.36 33.92 32.14
N ILE D 426 -12.97 35.09 32.16
CA ILE D 426 -12.25 36.35 32.35
C ILE D 426 -12.21 36.66 33.84
N VAL D 427 -11.01 36.62 34.41
CA VAL D 427 -10.81 36.90 35.83
C VAL D 427 -10.37 38.36 35.97
N GLN D 428 -11.17 39.15 36.67
CA GLN D 428 -10.87 40.57 36.91
C GLN D 428 -10.31 40.71 38.32
N VAL D 429 -9.01 40.96 38.40
CA VAL D 429 -8.30 41.01 39.68
C VAL D 429 -8.27 42.45 40.18
N THR D 430 -8.43 42.61 41.49
CA THR D 430 -8.21 43.88 42.19
C THR D 430 -7.30 43.60 43.37
N PHE D 431 -6.22 44.37 43.49
CA PHE D 431 -5.27 44.19 44.57
C PHE D 431 -5.59 45.15 45.70
N ASP D 432 -5.88 44.60 46.88
CA ASP D 432 -6.30 45.39 48.03
C ASP D 432 -5.09 45.67 48.91
N CYS D 433 -4.28 46.65 48.48
CA CYS D 433 -3.11 47.07 49.24
C CYS D 433 -3.37 48.30 50.08
N ASP D 434 -4.21 49.22 49.63
CA ASP D 434 -4.42 50.50 50.27
C ASP D 434 -5.62 50.43 51.21
N CYS D 435 -5.52 51.12 52.35
CA CYS D 435 -6.60 51.19 53.31
C CYS D 435 -7.62 52.24 52.90
N ALA D 436 -8.84 52.07 53.40
CA ALA D 436 -9.92 52.98 53.03
C ALA D 436 -9.68 54.37 53.62
N CYS D 437 -9.09 54.44 54.82
CA CYS D 437 -8.84 55.70 55.48
C CYS D 437 -7.84 56.59 54.73
N GLN D 438 -7.22 56.08 53.65
CA GLN D 438 -6.27 56.88 52.89
C GLN D 438 -6.96 57.96 52.04
N ALA D 439 -8.26 57.85 51.81
CA ALA D 439 -8.98 58.91 51.09
C ALA D 439 -9.18 60.14 51.96
N GLN D 440 -9.42 59.97 53.27
CA GLN D 440 -9.55 61.07 54.21
C GLN D 440 -8.19 61.61 54.68
N ALA D 441 -7.12 61.35 53.94
CA ALA D 441 -5.81 61.85 54.31
C ALA D 441 -5.79 63.37 54.23
N GLU D 442 -5.21 64.00 55.24
CA GLU D 442 -5.15 65.45 55.34
C GLU D 442 -3.74 65.94 55.05
N PRO D 443 -3.44 66.36 53.83
CA PRO D 443 -2.09 66.84 53.53
C PRO D 443 -1.80 68.14 54.25
N ASN D 444 -0.57 68.26 54.75
CA ASN D 444 -0.11 69.46 55.46
C ASN D 444 -1.00 69.75 56.66
N SER D 445 -1.19 68.74 57.51
CA SER D 445 -2.09 68.86 58.64
C SER D 445 -1.43 69.60 59.79
N HIS D 446 -2.23 70.41 60.50
CA HIS D 446 -1.74 71.10 61.69
C HIS D 446 -1.22 70.12 62.73
N ARG D 447 -1.82 68.94 62.80
CA ARG D 447 -1.55 67.94 63.84
C ARG D 447 -0.19 67.26 63.66
N CYS D 448 0.52 67.53 62.57
CA CYS D 448 1.80 66.88 62.28
C CYS D 448 2.86 67.95 62.03
N ASN D 449 3.63 68.28 63.08
CA ASN D 449 4.81 69.14 62.97
C ASN D 449 4.47 70.56 62.54
N ASN D 450 3.30 71.06 62.96
CA ASN D 450 2.80 72.40 62.66
C ASN D 450 2.42 72.57 61.19
N GLY D 451 2.55 71.54 60.37
CA GLY D 451 2.14 71.63 58.97
C GLY D 451 3.17 71.15 57.97
N ASN D 452 3.94 70.12 58.34
CA ASN D 452 4.98 69.58 57.47
C ASN D 452 4.68 68.18 56.96
N GLY D 453 3.76 67.45 57.58
CA GLY D 453 3.48 66.09 57.17
C GLY D 453 2.04 65.82 56.78
N THR D 454 1.67 64.55 56.69
CA THR D 454 0.34 64.14 56.29
C THR D 454 -0.29 63.29 57.39
N PHE D 455 -1.55 63.59 57.71
CA PHE D 455 -2.29 62.88 58.75
C PHE D 455 -3.29 61.94 58.07
N GLU D 456 -2.91 60.67 57.96
CA GLU D 456 -3.79 59.64 57.40
C GLU D 456 -3.93 58.51 58.40
N CYS D 457 -5.17 58.06 58.62
CA CYS D 457 -5.45 56.87 59.43
C CYS D 457 -4.94 57.00 60.86
N GLY D 458 -4.88 58.24 61.39
CA GLY D 458 -4.57 58.47 62.78
C GLY D 458 -3.10 58.59 63.13
N VAL D 459 -2.20 58.59 62.14
CA VAL D 459 -0.77 58.77 62.39
C VAL D 459 -0.20 59.75 61.37
N CYS D 460 0.98 60.27 61.68
CA CYS D 460 1.64 61.29 60.86
C CYS D 460 2.68 60.62 59.98
N ARG D 461 2.53 60.77 58.66
CA ARG D 461 3.53 60.33 57.70
C ARG D 461 4.34 61.52 57.23
N CYS D 462 5.64 61.31 57.04
CA CYS D 462 6.47 62.34 56.42
C CYS D 462 6.08 62.46 54.96
N GLY D 463 5.63 63.65 54.56
CA GLY D 463 5.02 63.84 53.26
C GLY D 463 5.97 63.71 52.09
N PRO D 464 5.54 64.18 50.92
CA PRO D 464 6.38 64.10 49.73
C PRO D 464 7.50 65.13 49.74
N GLY D 465 8.67 64.72 49.25
CA GLY D 465 9.83 65.57 49.19
C GLY D 465 10.75 65.50 50.39
N TRP D 466 10.29 64.93 51.50
CA TRP D 466 11.12 64.77 52.68
C TRP D 466 11.76 63.39 52.67
N LEU D 467 12.97 63.32 53.23
CA LEU D 467 13.70 62.07 53.35
C LEU D 467 13.73 61.61 54.80
N GLY D 468 13.71 60.29 54.99
CA GLY D 468 13.73 59.69 56.30
C GLY D 468 12.34 59.31 56.79
N SER D 469 12.32 58.36 57.72
CA SER D 469 11.05 57.92 58.32
C SER D 469 10.56 58.89 59.39
N GLN D 470 11.44 59.73 59.93
CA GLN D 470 11.06 60.73 60.93
C GLN D 470 11.51 62.13 60.52
N CYS D 471 11.76 62.35 59.22
CA CYS D 471 12.14 63.65 58.68
C CYS D 471 13.36 64.23 59.36
N GLU E 1 49.73 4.41 -15.71
CA GLU E 1 49.72 4.57 -17.16
C GLU E 1 48.70 3.63 -17.80
N VAL E 2 48.09 4.07 -18.89
CA VAL E 2 47.07 3.30 -19.60
C VAL E 2 47.73 2.43 -20.65
N GLN E 3 47.28 1.17 -20.76
CA GLN E 3 47.77 0.24 -21.76
C GLN E 3 46.83 -0.94 -21.89
N LEU E 4 46.50 -1.34 -23.12
CA LEU E 4 45.60 -2.46 -23.38
C LEU E 4 46.43 -3.68 -23.80
N GLN E 5 46.32 -4.75 -23.03
CA GLN E 5 47.05 -5.99 -23.30
C GLN E 5 46.05 -7.04 -23.75
N GLN E 6 46.23 -7.52 -24.98
CA GLN E 6 45.33 -8.50 -25.57
C GLN E 6 45.97 -9.89 -25.51
N SER E 7 45.27 -10.86 -26.10
CA SER E 7 45.75 -12.23 -26.11
C SER E 7 46.80 -12.43 -27.20
N GLY E 8 47.30 -13.66 -27.32
CA GLY E 8 48.26 -14.00 -28.35
C GLY E 8 47.58 -14.42 -29.65
N ALA E 9 48.40 -14.54 -30.69
CA ALA E 9 47.89 -14.92 -32.01
C ALA E 9 47.13 -16.24 -31.92
N GLU E 10 46.01 -16.31 -32.62
CA GLU E 10 45.14 -17.48 -32.60
C GLU E 10 45.07 -18.11 -33.99
N LEU E 11 45.23 -19.43 -34.04
CA LEU E 11 45.15 -20.19 -35.27
C LEU E 11 44.10 -21.27 -35.10
N VAL E 12 43.04 -21.19 -35.89
CA VAL E 12 41.88 -22.07 -35.76
C VAL E 12 41.41 -22.47 -37.16
N LYS E 13 40.53 -23.45 -37.20
CA LYS E 13 39.99 -24.00 -38.43
C LYS E 13 38.62 -23.40 -38.74
N PRO E 14 38.17 -23.45 -39.99
CA PRO E 14 36.85 -22.91 -40.33
C PRO E 14 35.75 -23.59 -39.54
N GLY E 15 34.69 -22.83 -39.25
CA GLY E 15 33.58 -23.32 -38.47
C GLY E 15 33.80 -23.34 -36.98
N ALA E 16 35.02 -23.15 -36.50
CA ALA E 16 35.31 -23.16 -35.08
C ALA E 16 34.79 -21.87 -34.45
N SER E 17 35.23 -21.59 -33.21
CA SER E 17 34.81 -20.40 -32.49
C SER E 17 35.89 -20.05 -31.49
N VAL E 18 36.55 -18.91 -31.71
CA VAL E 18 37.64 -18.45 -30.86
C VAL E 18 37.15 -17.27 -30.03
N LYS E 19 37.70 -17.13 -28.82
CA LYS E 19 37.34 -16.05 -27.89
C LYS E 19 38.59 -15.25 -27.59
N LEU E 20 38.63 -14.01 -28.07
CA LEU E 20 39.76 -13.13 -27.85
C LEU E 20 39.62 -12.40 -26.51
N SER E 21 40.72 -11.77 -26.08
CA SER E 21 40.80 -11.17 -24.76
C SER E 21 41.49 -9.82 -24.84
N CYS E 22 41.13 -8.92 -23.93
CA CYS E 22 41.72 -7.58 -23.86
C CYS E 22 41.72 -7.17 -22.40
N THR E 23 42.85 -7.40 -21.72
CA THR E 23 42.97 -7.13 -20.30
C THR E 23 43.50 -5.71 -20.07
N ALA E 24 42.87 -4.99 -19.15
CA ALA E 24 43.30 -3.64 -18.82
C ALA E 24 44.48 -3.65 -17.86
N SER E 25 45.33 -2.63 -17.98
CA SER E 25 46.55 -2.54 -17.18
C SER E 25 46.73 -1.08 -16.75
N GLY E 26 46.58 -0.83 -15.45
CA GLY E 26 46.73 0.50 -14.90
C GLY E 26 45.45 1.30 -14.76
N PHE E 27 44.29 0.69 -14.96
CA PHE E 27 43.00 1.36 -14.85
C PHE E 27 41.90 0.31 -14.79
N ASN E 28 40.82 0.63 -14.08
CA ASN E 28 39.67 -0.26 -14.03
C ASN E 28 38.94 -0.23 -15.37
N ILE E 29 38.67 -1.42 -15.92
CA ILE E 29 38.02 -1.50 -17.21
C ILE E 29 36.61 -0.94 -17.16
N LYS E 30 36.01 -0.87 -15.96
CA LYS E 30 34.67 -0.35 -15.80
C LYS E 30 34.56 1.13 -16.20
N ASP E 31 35.70 1.80 -16.42
CA ASP E 31 35.69 3.26 -16.55
C ASP E 31 34.97 3.72 -17.80
N THR E 32 35.26 3.11 -18.94
CA THR E 32 34.88 3.67 -20.24
C THR E 32 34.25 2.61 -21.12
N TYR E 33 33.78 3.06 -22.28
CA TYR E 33 33.44 2.16 -23.37
C TYR E 33 34.69 1.41 -23.82
N VAL E 34 34.47 0.22 -24.38
CA VAL E 34 35.54 -0.57 -24.97
C VAL E 34 35.06 -1.05 -26.33
N HIS E 35 35.76 -0.65 -27.39
CA HIS E 35 35.41 -1.00 -28.76
C HIS E 35 36.34 -2.07 -29.30
N TRP E 36 35.84 -2.83 -30.27
CA TRP E 36 36.62 -3.81 -31.02
C TRP E 36 36.66 -3.39 -32.48
N VAL E 37 37.84 -3.52 -33.10
CA VAL E 37 38.04 -3.08 -34.48
C VAL E 37 38.80 -4.18 -35.24
N LYS E 38 38.37 -4.42 -36.48
CA LYS E 38 38.94 -5.43 -37.36
C LYS E 38 39.75 -4.76 -38.46
N GLN E 39 40.94 -5.28 -38.74
CA GLN E 39 41.83 -4.69 -39.74
C GLN E 39 42.29 -5.76 -40.71
N ARG E 40 41.97 -5.57 -41.99
CA ARG E 40 42.44 -6.39 -43.09
C ARG E 40 43.32 -5.57 -44.02
N PRO E 41 44.22 -6.21 -44.78
CA PRO E 41 45.06 -5.43 -45.70
C PRO E 41 44.28 -4.70 -46.78
N GLU E 42 43.37 -5.40 -47.47
CA GLU E 42 42.67 -4.81 -48.60
C GLU E 42 41.50 -3.94 -48.16
N GLN E 43 40.55 -4.54 -47.43
CA GLN E 43 39.32 -3.83 -47.06
C GLN E 43 39.61 -2.64 -46.17
N GLY E 44 40.58 -2.75 -45.28
CA GLY E 44 40.90 -1.68 -44.37
C GLY E 44 40.37 -1.92 -42.98
N LEU E 45 40.02 -0.84 -42.27
CA LEU E 45 39.54 -0.93 -40.89
C LEU E 45 38.02 -1.01 -40.86
N GLU E 46 37.50 -1.78 -39.92
CA GLU E 46 36.06 -1.96 -39.77
C GLU E 46 35.70 -2.04 -38.29
N TRP E 47 34.78 -1.19 -37.87
CA TRP E 47 34.32 -1.16 -36.48
C TRP E 47 33.34 -2.30 -36.25
N ILE E 48 33.57 -3.08 -35.18
CA ILE E 48 32.73 -4.22 -34.86
C ILE E 48 31.62 -3.80 -33.89
N GLY E 49 32.01 -3.25 -32.76
CA GLY E 49 31.03 -2.86 -31.76
C GLY E 49 31.69 -2.31 -30.52
N ARG E 50 30.89 -2.14 -29.47
CA ARG E 50 31.35 -1.61 -28.20
C ARG E 50 30.63 -2.31 -27.06
N ILE E 51 31.09 -2.02 -25.84
CA ILE E 51 30.45 -2.53 -24.62
C ILE E 51 30.74 -1.57 -23.49
N ASP E 52 29.79 -1.46 -22.57
CA ASP E 52 29.95 -0.67 -21.35
C ASP E 52 30.17 -1.64 -20.19
N PRO E 53 31.41 -1.87 -19.75
CA PRO E 53 31.66 -2.87 -18.69
C PRO E 53 31.00 -2.53 -17.37
N ALA E 54 30.44 -1.33 -17.21
CA ALA E 54 29.72 -0.98 -16.00
C ALA E 54 28.31 -1.53 -15.94
N ASN E 55 27.87 -2.24 -16.98
CA ASN E 55 26.51 -2.80 -17.00
C ASN E 55 26.42 -3.97 -17.96
N GLY E 56 27.22 -3.97 -19.01
CA GLY E 56 27.23 -5.04 -19.98
C GLY E 56 26.42 -4.80 -21.23
N TYR E 57 25.87 -3.60 -21.42
CA TYR E 57 25.12 -3.30 -22.63
C TYR E 57 26.06 -3.13 -23.82
N THR E 58 25.56 -3.50 -25.00
CA THR E 58 26.41 -3.59 -26.19
C THR E 58 25.73 -2.96 -27.40
N LYS E 59 26.55 -2.43 -28.29
CA LYS E 59 26.15 -1.95 -29.61
C LYS E 59 27.02 -2.62 -30.66
N TYR E 60 26.45 -2.92 -31.82
CA TYR E 60 27.18 -3.61 -32.88
C TYR E 60 26.95 -2.92 -34.22
N ASP E 61 27.90 -3.14 -35.13
CA ASP E 61 27.67 -2.89 -36.55
C ASP E 61 26.83 -4.03 -37.10
N PRO E 62 25.68 -3.74 -37.74
CA PRO E 62 24.77 -4.83 -38.17
C PRO E 62 25.41 -5.87 -39.07
N LYS E 63 26.57 -5.56 -39.64
CA LYS E 63 27.27 -6.52 -40.47
C LYS E 63 27.78 -7.72 -39.66
N PHE E 64 28.15 -7.49 -38.40
CA PHE E 64 28.75 -8.52 -37.56
C PHE E 64 27.74 -9.19 -36.63
N GLN E 65 26.47 -9.21 -37.02
CA GLN E 65 25.45 -9.80 -36.17
C GLN E 65 25.49 -11.31 -36.28
N GLY E 66 25.30 -11.97 -35.15
CA GLY E 66 25.47 -13.41 -35.05
C GLY E 66 26.91 -13.83 -34.92
N LYS E 67 27.79 -13.25 -35.75
CA LYS E 67 29.20 -13.63 -35.71
C LYS E 67 29.87 -13.09 -34.44
N ALA E 68 29.87 -11.77 -34.27
CA ALA E 68 30.58 -11.15 -33.16
C ALA E 68 29.71 -11.08 -31.92
N THR E 69 30.31 -11.33 -30.76
CA THR E 69 29.61 -11.25 -29.48
C THR E 69 30.60 -10.75 -28.44
N ILE E 70 30.38 -9.54 -27.94
CA ILE E 70 31.28 -8.88 -27.00
C ILE E 70 30.74 -9.04 -25.59
N THR E 71 31.61 -9.42 -24.66
CA THR E 71 31.26 -9.58 -23.25
C THR E 71 32.36 -8.96 -22.40
N ALA E 72 32.20 -9.03 -21.08
CA ALA E 72 33.21 -8.50 -20.16
C ALA E 72 32.93 -9.00 -18.75
N ASP E 73 33.99 -9.13 -17.97
CA ASP E 73 33.93 -9.57 -16.57
C ASP E 73 34.74 -8.60 -15.73
N THR E 74 34.06 -7.81 -14.89
CA THR E 74 34.76 -6.82 -14.08
C THR E 74 35.74 -7.46 -13.11
N SER E 75 35.49 -8.70 -12.69
CA SER E 75 36.41 -9.40 -11.81
C SER E 75 37.73 -9.70 -12.50
N SER E 76 37.67 -10.17 -13.75
CA SER E 76 38.88 -10.39 -14.54
C SER E 76 39.47 -9.11 -15.09
N ASN E 77 38.71 -8.00 -15.04
CA ASN E 77 39.14 -6.73 -15.62
C ASN E 77 39.48 -6.90 -17.10
N THR E 78 38.63 -7.63 -17.82
CA THR E 78 38.91 -8.02 -19.19
C THR E 78 37.64 -8.00 -20.02
N ALA E 79 37.74 -7.47 -21.23
CA ALA E 79 36.67 -7.51 -22.21
C ALA E 79 37.03 -8.52 -23.30
N TYR E 80 36.05 -9.34 -23.68
CA TYR E 80 36.25 -10.41 -24.64
C TYR E 80 35.53 -10.10 -25.96
N LEU E 81 35.98 -10.78 -27.02
CA LEU E 81 35.30 -10.77 -28.32
C LEU E 81 35.21 -12.21 -28.80
N GLN E 82 34.02 -12.80 -28.70
CA GLN E 82 33.79 -14.16 -29.15
C GLN E 82 33.35 -14.14 -30.62
N LEU E 83 34.11 -14.83 -31.46
CA LEU E 83 33.79 -14.99 -32.87
C LEU E 83 33.35 -16.44 -33.11
N SER E 84 32.24 -16.61 -33.82
CA SER E 84 31.68 -17.93 -34.06
C SER E 84 31.44 -18.12 -35.56
N SER E 85 31.50 -19.37 -35.99
CA SER E 85 31.30 -19.76 -37.39
C SER E 85 32.26 -18.99 -38.31
N LEU E 86 33.54 -19.32 -38.14
CA LEU E 86 34.60 -18.58 -38.82
C LEU E 86 34.72 -19.01 -40.28
N THR E 87 35.24 -18.08 -41.09
CA THR E 87 35.52 -18.30 -42.50
C THR E 87 36.91 -17.78 -42.82
N SER E 88 37.30 -17.88 -44.09
CA SER E 88 38.55 -17.27 -44.53
C SER E 88 38.47 -15.75 -44.56
N GLU E 89 37.26 -15.18 -44.65
CA GLU E 89 37.09 -13.74 -44.64
C GLU E 89 37.17 -13.15 -43.24
N ASP E 90 37.21 -13.99 -42.20
CA ASP E 90 37.39 -13.52 -40.83
C ASP E 90 38.87 -13.53 -40.41
N THR E 91 39.78 -13.79 -41.34
CA THR E 91 41.21 -13.75 -41.06
C THR E 91 41.66 -12.30 -41.08
N ALA E 92 42.05 -11.77 -39.91
CA ALA E 92 42.42 -10.37 -39.76
C ALA E 92 43.08 -10.16 -38.42
N VAL E 93 43.49 -8.92 -38.17
CA VAL E 93 43.99 -8.47 -36.87
C VAL E 93 42.88 -7.71 -36.17
N TYR E 94 42.69 -8.00 -34.88
CA TYR E 94 41.60 -7.43 -34.11
C TYR E 94 42.15 -6.63 -32.93
N TYR E 95 41.66 -5.39 -32.78
CA TYR E 95 42.12 -4.46 -31.76
C TYR E 95 40.98 -4.10 -30.82
N CYS E 96 41.30 -3.92 -29.54
CA CYS E 96 40.39 -3.29 -28.60
C CYS E 96 40.80 -1.84 -28.39
N VAL E 97 39.80 -0.97 -28.26
CA VAL E 97 40.02 0.47 -28.21
C VAL E 97 39.22 1.06 -27.05
N ARG E 98 39.75 2.12 -26.46
CA ARG E 98 39.03 2.91 -25.47
C ARG E 98 39.46 4.37 -25.61
N PRO E 99 38.57 5.31 -25.31
CA PRO E 99 38.92 6.72 -25.47
C PRO E 99 39.79 7.23 -24.32
N LEU E 100 40.35 8.42 -24.53
CA LEU E 100 41.14 9.10 -23.48
C LEU E 100 40.23 9.96 -22.62
N TYR E 101 39.72 11.05 -23.19
CA TYR E 101 38.82 11.95 -22.49
C TYR E 101 37.41 11.90 -23.08
N ASP E 102 37.27 12.26 -24.35
CA ASP E 102 35.99 12.25 -25.04
C ASP E 102 35.33 10.88 -24.91
N TYR E 103 34.11 10.85 -24.37
CA TYR E 103 33.40 9.59 -24.15
C TYR E 103 33.36 8.73 -25.42
N TYR E 104 33.26 9.34 -26.59
CA TYR E 104 32.98 8.62 -27.82
C TYR E 104 34.20 8.47 -28.73
N ALA E 105 35.39 8.82 -28.24
CA ALA E 105 36.58 8.80 -29.08
C ALA E 105 37.20 7.41 -29.12
N MET E 106 38.22 7.28 -29.98
CA MET E 106 38.97 6.04 -30.17
C MET E 106 40.45 6.42 -30.13
N ASP E 107 41.05 6.38 -28.93
CA ASP E 107 42.38 6.95 -28.74
C ASP E 107 43.42 5.94 -28.27
N TYR E 108 43.10 5.09 -27.30
CA TYR E 108 44.03 4.10 -26.79
C TYR E 108 43.72 2.75 -27.44
N TRP E 109 44.75 2.13 -28.03
CA TRP E 109 44.61 0.89 -28.77
C TRP E 109 45.54 -0.17 -28.21
N GLY E 110 45.08 -1.42 -28.22
CA GLY E 110 45.92 -2.53 -27.86
C GLY E 110 46.97 -2.82 -28.92
N GLN E 111 47.70 -3.90 -28.70
CA GLN E 111 48.73 -4.30 -29.65
C GLN E 111 48.20 -5.15 -30.80
N GLY E 112 46.99 -5.70 -30.66
CA GLY E 112 46.37 -6.44 -31.74
C GLY E 112 46.64 -7.93 -31.73
N THR E 113 45.59 -8.72 -31.97
CA THR E 113 45.67 -10.18 -32.01
C THR E 113 45.41 -10.64 -33.45
N SER E 114 46.37 -11.34 -34.02
CA SER E 114 46.22 -11.87 -35.37
C SER E 114 45.52 -13.22 -35.30
N VAL E 115 44.37 -13.32 -35.97
CA VAL E 115 43.56 -14.53 -35.99
C VAL E 115 43.61 -15.11 -37.41
N THR E 116 44.13 -16.33 -37.52
CA THR E 116 44.26 -17.00 -38.80
C THR E 116 43.33 -18.20 -38.85
N VAL E 117 42.50 -18.25 -39.89
CA VAL E 117 41.52 -19.32 -40.08
C VAL E 117 41.93 -20.11 -41.31
N SER E 118 42.22 -21.40 -41.12
CA SER E 118 42.68 -22.25 -42.21
C SER E 118 42.45 -23.71 -41.84
N SER E 119 42.30 -24.54 -42.87
CA SER E 119 42.08 -25.98 -42.67
C SER E 119 43.37 -26.78 -42.66
N ALA E 120 44.41 -26.29 -43.34
CA ALA E 120 45.64 -27.07 -43.48
C ALA E 120 46.29 -27.31 -42.12
N LYS E 121 46.92 -28.47 -42.00
CA LYS E 121 47.64 -28.85 -40.79
C LYS E 121 49.09 -28.39 -40.89
N THR E 122 49.87 -28.67 -39.84
CA THR E 122 51.28 -28.32 -39.84
C THR E 122 51.99 -28.96 -41.02
N THR E 123 52.76 -28.15 -41.74
CA THR E 123 53.42 -28.60 -42.96
C THR E 123 54.79 -27.94 -43.03
N ALA E 124 55.79 -28.73 -43.36
CA ALA E 124 57.18 -28.30 -43.46
C ALA E 124 57.48 -27.78 -44.88
N PRO E 125 58.29 -26.73 -45.00
CA PRO E 125 58.52 -26.13 -46.31
C PRO E 125 59.53 -26.91 -47.15
N SER E 126 59.49 -26.63 -48.46
CA SER E 126 60.51 -27.09 -49.39
C SER E 126 61.50 -25.97 -49.66
N VAL E 127 62.63 -26.34 -50.27
CA VAL E 127 63.68 -25.37 -50.60
C VAL E 127 64.19 -25.69 -52.00
N TYR E 128 64.14 -24.69 -52.88
CA TYR E 128 64.55 -24.84 -54.28
C TYR E 128 65.58 -23.78 -54.62
N PRO E 129 66.77 -24.17 -55.09
CA PRO E 129 67.78 -23.18 -55.46
C PRO E 129 67.50 -22.57 -56.82
N LEU E 130 67.80 -21.27 -56.96
CA LEU E 130 67.57 -20.53 -58.19
C LEU E 130 68.86 -19.88 -58.65
N ALA E 131 69.36 -20.31 -59.80
CA ALA E 131 70.58 -19.81 -60.41
C ALA E 131 70.27 -19.18 -61.76
N PRO E 132 71.15 -18.33 -62.27
CA PRO E 132 70.88 -17.67 -63.57
C PRO E 132 70.79 -18.67 -64.71
N VAL E 133 70.32 -18.17 -65.85
CA VAL E 133 70.16 -18.98 -67.05
C VAL E 133 71.50 -19.12 -67.77
N CYS E 134 71.68 -20.24 -68.45
CA CYS E 134 72.87 -20.47 -69.29
C CYS E 134 72.97 -19.41 -70.39
N SER E 140 79.37 -8.01 -64.36
CA SER E 140 79.95 -7.26 -63.25
C SER E 140 79.21 -7.54 -61.95
N SER E 141 78.00 -8.10 -62.06
CA SER E 141 77.19 -8.41 -60.89
C SER E 141 76.23 -9.55 -61.25
N VAL E 142 75.76 -10.25 -60.22
CA VAL E 142 74.91 -11.42 -60.41
C VAL E 142 73.92 -11.51 -59.25
N THR E 143 72.73 -12.03 -59.54
CA THR E 143 71.66 -12.17 -58.55
C THR E 143 71.28 -13.64 -58.43
N LEU E 144 71.07 -14.10 -57.19
CA LEU E 144 70.68 -15.46 -56.89
C LEU E 144 69.24 -15.50 -56.38
N GLY E 145 68.79 -16.69 -55.99
CA GLY E 145 67.43 -16.86 -55.51
C GLY E 145 67.31 -18.08 -54.63
N CYS E 146 66.24 -18.10 -53.84
CA CYS E 146 66.00 -19.19 -52.89
C CYS E 146 64.50 -19.27 -52.62
N LEU E 147 63.80 -20.07 -53.42
CA LEU E 147 62.36 -20.20 -53.30
C LEU E 147 62.00 -21.21 -52.20
N VAL E 148 61.00 -20.86 -51.40
CA VAL E 148 60.51 -21.70 -50.32
C VAL E 148 58.99 -21.78 -50.42
N LYS E 149 58.45 -22.99 -50.48
CA LYS E 149 57.03 -23.16 -50.75
C LYS E 149 56.48 -24.37 -49.99
N GLY E 150 55.19 -24.29 -49.66
CA GLY E 150 54.47 -25.40 -49.10
C GLY E 150 54.68 -25.58 -47.61
N TYR E 151 54.19 -24.64 -46.80
CA TYR E 151 54.36 -24.74 -45.36
C TYR E 151 53.21 -24.04 -44.65
N PHE E 152 53.08 -24.34 -43.37
CA PHE E 152 52.04 -23.81 -42.49
C PHE E 152 52.33 -24.26 -41.06
N PRO E 153 52.19 -23.37 -40.06
CA PRO E 153 51.83 -21.96 -40.26
C PRO E 153 53.04 -21.04 -40.33
N GLU E 154 52.78 -19.73 -40.28
CA GLU E 154 53.84 -18.75 -40.24
C GLU E 154 54.49 -18.72 -38.85
N PRO E 155 55.72 -18.19 -38.75
CA PRO E 155 56.59 -17.66 -39.79
C PRO E 155 57.80 -18.56 -40.09
N VAL E 156 58.79 -18.01 -40.80
CA VAL E 156 59.99 -18.76 -41.17
C VAL E 156 61.19 -17.81 -41.10
N THR E 157 62.38 -18.39 -41.05
CA THR E 157 63.64 -17.65 -40.95
C THR E 157 64.52 -18.05 -42.13
N LEU E 158 64.69 -17.12 -43.08
CA LEU E 158 65.54 -17.33 -44.24
C LEU E 158 66.79 -16.49 -44.08
N THR E 159 67.94 -17.16 -44.08
CA THR E 159 69.23 -16.51 -44.04
C THR E 159 70.12 -17.09 -45.12
N TRP E 160 71.21 -16.38 -45.43
CA TRP E 160 72.16 -16.80 -46.45
C TRP E 160 73.50 -17.07 -45.77
N ASN E 161 74.02 -18.30 -45.96
CA ASN E 161 75.21 -18.76 -45.26
C ASN E 161 75.05 -18.65 -43.75
N SER E 162 73.86 -19.02 -43.26
CA SER E 162 73.54 -19.10 -41.84
C SER E 162 73.57 -17.72 -41.17
N GLY E 163 73.00 -16.72 -41.84
CA GLY E 163 72.96 -15.37 -41.32
C GLY E 163 74.18 -14.53 -41.61
N SER E 164 75.10 -15.04 -42.43
CA SER E 164 76.34 -14.33 -42.74
C SER E 164 76.04 -13.03 -43.44
N LEU E 165 75.70 -13.10 -44.74
CA LEU E 165 75.42 -11.90 -45.52
C LEU E 165 73.98 -11.47 -45.31
N SER E 166 73.80 -10.23 -44.86
CA SER E 166 72.49 -9.61 -44.74
C SER E 166 72.34 -8.35 -45.57
N SER E 167 73.42 -7.61 -45.81
CA SER E 167 73.38 -6.39 -46.62
C SER E 167 73.10 -6.76 -48.08
N GLY E 168 71.90 -6.42 -48.56
CA GLY E 168 71.53 -6.73 -49.93
C GLY E 168 70.72 -8.01 -50.04
N VAL E 169 69.83 -8.24 -49.08
CA VAL E 169 69.00 -9.44 -49.02
C VAL E 169 67.55 -8.97 -48.96
N HIS E 170 66.84 -9.09 -50.09
CA HIS E 170 65.45 -8.67 -50.16
C HIS E 170 64.58 -9.90 -49.94
N THR E 171 64.30 -10.19 -48.67
CA THR E 171 63.40 -11.28 -48.30
C THR E 171 61.97 -10.76 -48.38
N PHE E 172 61.19 -11.32 -49.31
CA PHE E 172 59.85 -10.82 -49.57
C PHE E 172 58.84 -11.43 -48.59
N PRO E 173 57.72 -10.75 -48.36
CA PRO E 173 56.68 -11.30 -47.48
C PRO E 173 56.03 -12.53 -48.08
N ALA E 174 55.65 -13.46 -47.21
CA ALA E 174 55.00 -14.68 -47.66
C ALA E 174 53.60 -14.38 -48.18
N VAL E 175 53.14 -15.21 -49.12
CA VAL E 175 51.84 -15.06 -49.76
C VAL E 175 51.05 -16.34 -49.57
N LEU E 176 49.74 -16.22 -49.39
CA LEU E 176 48.88 -17.38 -49.20
C LEU E 176 48.56 -18.03 -50.53
N GLN E 177 48.69 -19.37 -50.58
CA GLN E 177 48.42 -20.14 -51.81
C GLN E 177 47.71 -21.43 -51.40
N SER E 178 46.38 -21.39 -51.40
CA SER E 178 45.53 -22.54 -51.11
C SER E 178 45.92 -23.21 -49.78
N ASP E 179 45.74 -22.44 -48.71
CA ASP E 179 46.02 -22.87 -47.34
C ASP E 179 47.49 -23.21 -47.11
N LEU E 180 48.39 -22.75 -47.98
CA LEU E 180 49.82 -22.97 -47.84
C LEU E 180 50.57 -21.77 -48.37
N TYR E 181 51.62 -21.37 -47.65
CA TYR E 181 52.34 -20.14 -47.97
C TYR E 181 53.48 -20.40 -48.94
N THR E 182 54.03 -19.31 -49.48
CA THR E 182 55.13 -19.38 -50.44
C THR E 182 55.99 -18.14 -50.26
N LEU E 183 57.18 -18.31 -49.68
CA LEU E 183 58.10 -17.21 -49.43
C LEU E 183 59.30 -17.30 -50.35
N SER E 184 59.81 -16.15 -50.76
CA SER E 184 60.94 -16.07 -51.68
C SER E 184 61.86 -14.92 -51.27
N SER E 185 63.17 -15.12 -51.47
CA SER E 185 64.17 -14.12 -51.14
C SER E 185 65.21 -14.07 -52.24
N SER E 186 66.06 -13.04 -52.17
CA SER E 186 67.06 -12.81 -53.20
C SER E 186 68.27 -12.10 -52.60
N VAL E 187 69.41 -12.23 -53.27
CA VAL E 187 70.65 -11.61 -52.84
C VAL E 187 71.48 -11.30 -54.07
N THR E 188 72.30 -10.25 -53.99
CA THR E 188 73.12 -9.79 -55.10
C THR E 188 74.56 -9.61 -54.65
N VAL E 189 75.50 -10.04 -55.50
CA VAL E 189 76.93 -9.86 -55.26
C VAL E 189 77.63 -9.52 -56.57
N THR E 190 78.96 -9.39 -56.52
CA THR E 190 79.74 -9.12 -57.72
C THR E 190 80.08 -10.42 -58.44
N SER E 191 80.58 -10.28 -59.68
CA SER E 191 80.98 -11.45 -60.46
C SER E 191 82.17 -12.17 -59.87
N SER E 192 82.92 -11.52 -58.96
CA SER E 192 84.06 -12.13 -58.30
C SER E 192 83.69 -12.71 -56.93
N THR E 193 82.44 -13.13 -56.77
CA THR E 193 81.99 -13.71 -55.50
C THR E 193 81.31 -15.05 -55.74
N TRP E 194 80.75 -15.23 -56.95
CA TRP E 194 80.04 -16.45 -57.32
C TRP E 194 80.20 -16.64 -58.83
N PRO E 195 80.56 -17.84 -59.30
CA PRO E 195 80.84 -19.05 -58.52
C PRO E 195 82.31 -19.21 -58.15
N SER E 196 82.86 -18.24 -57.41
CA SER E 196 84.20 -18.35 -56.86
C SER E 196 84.20 -18.72 -55.38
N GLN E 197 83.05 -18.64 -54.71
CA GLN E 197 82.92 -18.97 -53.30
C GLN E 197 81.62 -19.71 -53.07
N SER E 198 81.68 -20.75 -52.24
CA SER E 198 80.49 -21.56 -51.98
C SER E 198 79.41 -20.72 -51.30
N ILE E 199 78.17 -20.90 -51.76
CA ILE E 199 77.02 -20.15 -51.24
C ILE E 199 75.84 -21.09 -51.10
N THR E 200 75.17 -21.05 -49.95
CA THR E 200 74.00 -21.86 -49.66
C THR E 200 72.95 -20.98 -48.98
N CYS E 201 71.67 -21.31 -49.22
CA CYS E 201 70.55 -20.58 -48.63
C CYS E 201 69.99 -21.38 -47.46
N ASN E 202 69.93 -20.74 -46.28
CA ASN E 202 69.41 -21.37 -45.08
C ASN E 202 67.95 -21.03 -44.87
N VAL E 203 67.18 -22.01 -44.37
CA VAL E 203 65.76 -21.86 -44.10
C VAL E 203 65.45 -22.62 -42.81
N ALA E 204 64.51 -22.09 -42.01
CA ALA E 204 64.11 -22.75 -40.79
C ALA E 204 62.63 -22.49 -40.55
N HIS E 205 61.92 -23.49 -40.05
CA HIS E 205 60.48 -23.42 -39.78
C HIS E 205 60.21 -23.90 -38.36
N PRO E 206 60.07 -22.98 -37.39
CA PRO E 206 59.91 -23.40 -35.99
C PRO E 206 58.70 -24.27 -35.73
N ALA E 207 57.64 -24.15 -36.53
CA ALA E 207 56.41 -24.90 -36.28
C ALA E 207 56.65 -26.40 -36.38
N SER E 208 57.36 -26.84 -37.43
CA SER E 208 57.68 -28.24 -37.61
C SER E 208 59.10 -28.59 -37.19
N SER E 209 59.87 -27.62 -36.68
CA SER E 209 61.21 -27.85 -36.14
C SER E 209 62.14 -28.43 -37.20
N THR E 210 62.24 -27.74 -38.34
CA THR E 210 63.08 -28.16 -39.45
C THR E 210 64.04 -27.05 -39.82
N LYS E 211 65.22 -27.44 -40.32
CA LYS E 211 66.30 -26.51 -40.64
C LYS E 211 67.06 -26.99 -41.89
N VAL E 212 66.34 -27.09 -43.02
CA VAL E 212 66.92 -27.59 -44.26
C VAL E 212 67.46 -26.40 -45.07
N ASP E 213 68.51 -26.65 -45.85
CA ASP E 213 69.12 -25.63 -46.69
C ASP E 213 69.61 -26.28 -47.98
N LYS E 214 69.61 -25.50 -49.06
CA LYS E 214 69.98 -25.98 -50.38
C LYS E 214 71.10 -25.11 -50.96
N LYS E 215 72.12 -25.76 -51.51
CA LYS E 215 73.27 -25.08 -52.07
C LYS E 215 72.99 -24.64 -53.50
N ILE E 216 73.25 -23.36 -53.80
CA ILE E 216 73.02 -22.83 -55.14
C ILE E 216 74.11 -23.34 -56.08
N GLU E 217 73.70 -23.97 -57.18
CA GLU E 217 74.62 -24.50 -58.18
C GLU E 217 74.48 -23.76 -59.50
N PRO E 218 75.58 -23.48 -60.19
CA PRO E 218 75.48 -22.85 -61.51
C PRO E 218 74.85 -23.79 -62.53
N ARG E 219 74.24 -23.20 -63.54
CA ARG E 219 73.59 -23.98 -64.59
C ARG E 219 74.52 -24.15 -65.78
N ASP F 1 25.11 4.09 -43.24
CA ASP F 1 26.35 4.42 -42.56
C ASP F 1 27.02 5.60 -43.22
N ILE F 2 28.00 6.20 -42.54
CA ILE F 2 28.72 7.37 -43.04
C ILE F 2 29.96 6.89 -43.77
N LEU F 3 30.17 7.39 -44.98
CA LEU F 3 31.33 7.04 -45.77
C LEU F 3 32.44 8.06 -45.57
N MET F 4 33.63 7.57 -45.24
CA MET F 4 34.80 8.42 -45.02
C MET F 4 35.76 8.25 -46.20
N THR F 5 35.96 9.32 -46.94
CA THR F 5 36.88 9.33 -48.07
C THR F 5 38.17 10.02 -47.65
N GLN F 6 39.27 9.27 -47.64
CA GLN F 6 40.56 9.78 -47.22
C GLN F 6 41.49 9.83 -48.42
N SER F 7 42.02 11.02 -48.71
CA SER F 7 42.91 11.23 -49.84
C SER F 7 44.10 12.07 -49.41
N PRO F 8 45.28 11.87 -50.03
CA PRO F 8 45.54 10.87 -51.07
C PRO F 8 45.76 9.46 -50.52
N SER F 9 45.74 8.45 -51.39
CA SER F 9 46.01 7.09 -50.95
C SER F 9 47.46 6.89 -50.52
N SER F 10 48.37 7.72 -51.05
CA SER F 10 49.78 7.65 -50.71
C SER F 10 50.49 8.87 -51.30
N MET F 11 51.47 9.39 -50.57
CA MET F 11 52.22 10.56 -51.02
C MET F 11 53.71 10.35 -50.78
N SER F 12 54.52 10.81 -51.74
CA SER F 12 55.97 10.73 -51.64
C SER F 12 56.50 12.08 -51.19
N VAL F 13 57.08 12.13 -49.99
CA VAL F 13 57.55 13.37 -49.37
C VAL F 13 58.89 13.12 -48.70
N SER F 14 59.47 14.17 -48.14
CA SER F 14 60.79 14.12 -47.52
C SER F 14 60.74 14.73 -46.12
N LEU F 15 61.89 14.70 -45.45
CA LEU F 15 61.99 15.24 -44.10
C LEU F 15 61.94 16.77 -44.13
N GLY F 16 61.39 17.34 -43.05
CA GLY F 16 61.25 18.76 -42.94
C GLY F 16 60.09 19.36 -43.71
N ASP F 17 59.41 18.58 -44.55
CA ASP F 17 58.29 19.10 -45.32
C ASP F 17 57.07 19.31 -44.42
N THR F 18 56.12 20.08 -44.94
CA THR F 18 54.85 20.36 -44.27
C THR F 18 53.73 19.83 -45.14
N VAL F 19 53.10 18.74 -44.71
CA VAL F 19 52.09 18.04 -45.49
C VAL F 19 50.75 18.12 -44.77
N SER F 20 49.70 17.71 -45.48
CA SER F 20 48.35 17.69 -44.94
C SER F 20 47.57 16.54 -45.56
N ILE F 21 46.73 15.89 -44.74
CA ILE F 21 45.88 14.79 -45.18
C ILE F 21 44.44 15.21 -45.02
N THR F 22 43.66 15.09 -46.09
CA THR F 22 42.25 15.46 -46.08
C THR F 22 41.38 14.24 -45.84
N CYS F 23 40.20 14.49 -45.30
CA CYS F 23 39.21 13.45 -45.00
C CYS F 23 37.84 14.03 -45.25
N HIS F 24 37.06 13.38 -46.12
CA HIS F 24 35.72 13.85 -46.48
C HIS F 24 34.69 12.82 -46.06
N ALA F 25 33.66 13.28 -45.37
CA ALA F 25 32.55 12.43 -44.98
C ALA F 25 31.36 12.67 -45.89
N SER F 26 30.53 11.64 -46.06
CA SER F 26 29.34 11.76 -46.90
C SER F 26 28.31 12.73 -46.33
N GLN F 27 28.46 13.16 -45.08
CA GLN F 27 27.60 14.16 -44.48
C GLN F 27 28.38 14.89 -43.40
N GLY F 28 27.82 15.99 -42.91
CA GLY F 28 28.48 16.72 -41.83
C GLY F 28 28.54 15.88 -40.56
N ILE F 29 29.64 16.03 -39.83
CA ILE F 29 29.82 15.30 -38.58
C ILE F 29 30.14 16.22 -37.41
N SER F 30 30.26 17.53 -37.63
CA SER F 30 30.40 18.53 -36.56
C SER F 30 31.60 18.22 -35.67
N SER F 31 32.74 17.95 -36.30
CA SER F 31 34.04 17.77 -35.64
C SER F 31 34.12 16.49 -34.81
N ASN F 32 33.23 15.52 -35.03
CA ASN F 32 33.24 14.26 -34.28
C ASN F 32 34.19 13.25 -34.94
N ILE F 33 35.43 13.69 -35.12
CA ILE F 33 36.42 12.93 -35.88
C ILE F 33 37.69 12.75 -35.06
N GLY F 34 38.39 11.65 -35.34
CA GLY F 34 39.69 11.40 -34.74
C GLY F 34 40.69 11.02 -35.81
N TRP F 35 41.96 11.06 -35.43
CA TRP F 35 43.06 10.73 -36.31
C TRP F 35 43.99 9.73 -35.65
N LEU F 36 44.54 8.80 -36.46
CA LEU F 36 45.30 7.66 -35.96
C LEU F 36 46.61 7.49 -36.72
N GLN F 37 47.57 6.84 -36.06
CA GLN F 37 48.88 6.56 -36.64
C GLN F 37 49.20 5.08 -36.42
N GLN F 38 49.82 4.47 -37.42
CA GLN F 38 50.22 3.06 -37.35
C GLN F 38 51.62 2.93 -37.91
N LYS F 39 52.62 2.93 -37.03
CA LYS F 39 54.00 2.80 -37.46
C LYS F 39 54.26 1.39 -38.01
N PRO F 40 55.29 1.24 -38.87
CA PRO F 40 55.51 -0.05 -39.56
C PRO F 40 55.55 -1.25 -38.63
N GLY F 41 54.57 -2.14 -38.76
CA GLY F 41 54.49 -3.35 -37.97
C GLY F 41 53.94 -3.17 -36.58
N LYS F 42 53.94 -1.94 -36.05
CA LYS F 42 53.46 -1.71 -34.69
C LYS F 42 51.95 -1.46 -34.72
N SER F 43 51.39 -1.14 -33.56
CA SER F 43 49.95 -0.99 -33.43
C SER F 43 49.55 0.48 -33.64
N PHE F 44 48.39 0.88 -33.13
CA PHE F 44 47.83 2.20 -33.36
C PHE F 44 48.10 3.13 -32.18
N MET F 45 48.39 4.39 -32.49
CA MET F 45 48.51 5.45 -31.50
C MET F 45 47.45 6.51 -31.79
N GLY F 46 46.94 7.12 -30.72
CA GLY F 46 45.99 8.21 -30.88
C GLY F 46 46.70 9.50 -31.21
N LEU F 47 46.12 10.25 -32.15
CA LEU F 47 46.65 11.55 -32.54
C LEU F 47 45.70 12.68 -32.17
N ILE F 48 44.51 12.70 -32.76
CA ILE F 48 43.53 13.75 -32.55
C ILE F 48 42.22 13.12 -32.11
N TYR F 49 41.50 13.84 -31.25
CA TYR F 49 40.11 13.53 -30.93
C TYR F 49 39.31 14.81 -31.00
N TYR F 50 38.07 14.69 -31.51
CA TYR F 50 37.18 15.83 -31.73
C TYR F 50 37.82 16.86 -32.65
N GLY F 51 38.41 16.40 -33.74
CA GLY F 51 38.88 17.30 -34.81
C GLY F 51 40.15 18.12 -34.67
N THR F 52 40.36 18.75 -33.51
CA THR F 52 41.49 19.65 -33.31
C THR F 52 42.31 19.39 -32.06
N ASN F 53 41.83 18.57 -31.13
CA ASN F 53 42.49 18.40 -29.84
C ASN F 53 43.52 17.27 -29.91
N LEU F 54 44.76 17.60 -29.52
CA LEU F 54 45.84 16.63 -29.52
C LEU F 54 45.72 15.66 -28.35
N VAL F 55 46.03 14.39 -28.59
CA VAL F 55 46.07 13.40 -27.53
C VAL F 55 47.33 13.60 -26.69
N ASP F 56 47.22 13.33 -25.39
CA ASP F 56 48.34 13.51 -24.47
C ASP F 56 49.55 12.69 -24.94
N GLY F 57 50.67 13.37 -25.13
CA GLY F 57 51.91 12.75 -25.57
C GLY F 57 52.27 13.02 -27.01
N VAL F 58 51.32 13.41 -27.84
CA VAL F 58 51.60 13.66 -29.25
C VAL F 58 52.43 14.94 -29.38
N PRO F 59 53.51 14.94 -30.16
CA PRO F 59 54.28 16.17 -30.37
C PRO F 59 53.43 17.26 -30.99
N SER F 60 53.80 18.51 -30.71
CA SER F 60 52.99 19.66 -31.12
C SER F 60 53.05 19.91 -32.62
N ARG F 61 53.90 19.21 -33.37
CA ARG F 61 53.98 19.40 -34.81
C ARG F 61 52.75 18.88 -35.53
N PHE F 62 51.93 18.06 -34.88
CA PHE F 62 50.65 17.64 -35.45
C PHE F 62 49.58 18.68 -35.14
N SER F 63 48.56 18.72 -36.00
CA SER F 63 47.47 19.68 -35.83
C SER F 63 46.26 19.31 -36.68
N GLY F 64 45.08 19.34 -36.08
CA GLY F 64 43.85 19.07 -36.78
C GLY F 64 43.06 20.34 -37.06
N SER F 65 42.20 20.27 -38.07
CA SER F 65 41.40 21.43 -38.48
C SER F 65 40.29 20.93 -39.41
N GLY F 66 39.34 21.81 -39.67
CA GLY F 66 38.22 21.54 -40.56
C GLY F 66 36.89 21.69 -39.84
N SER F 67 35.83 21.59 -40.64
CA SER F 67 34.47 21.68 -40.13
C SER F 67 33.52 21.08 -41.15
N GLY F 68 32.29 20.84 -40.71
CA GLY F 68 31.26 20.28 -41.58
C GLY F 68 31.54 18.86 -42.01
N ALA F 69 31.95 18.67 -43.26
CA ALA F 69 32.24 17.35 -43.81
C ALA F 69 33.61 17.28 -44.47
N ASP F 70 34.49 18.24 -44.18
CA ASP F 70 35.84 18.29 -44.74
C ASP F 70 36.80 18.66 -43.63
N TYR F 71 37.73 17.76 -43.31
CA TYR F 71 38.66 17.94 -42.21
C TYR F 71 40.06 17.58 -42.68
N SER F 72 41.06 18.17 -42.04
CA SER F 72 42.44 18.01 -42.47
C SER F 72 43.36 17.81 -41.28
N LEU F 73 44.30 16.88 -41.43
CA LEU F 73 45.42 16.70 -40.52
C LEU F 73 46.65 17.37 -41.12
N THR F 74 47.59 17.78 -40.26
CA THR F 74 48.75 18.52 -40.74
C THR F 74 49.95 18.23 -39.86
N ILE F 75 51.06 17.85 -40.50
CA ILE F 75 52.33 17.61 -39.81
C ILE F 75 53.34 18.62 -40.34
N SER F 76 53.76 19.55 -39.49
CA SER F 76 54.79 20.52 -39.85
C SER F 76 56.16 19.95 -39.52
N SER F 77 57.07 19.98 -40.50
CA SER F 77 58.42 19.44 -40.36
C SER F 77 58.39 17.95 -40.03
N LEU F 78 58.34 17.10 -41.06
CA LEU F 78 58.26 15.67 -40.85
C LEU F 78 59.52 15.13 -40.20
N ASP F 79 59.34 14.16 -39.29
CA ASP F 79 60.43 13.46 -38.64
C ASP F 79 60.49 12.02 -39.14
N SER F 80 61.63 11.38 -38.92
CA SER F 80 61.83 10.01 -39.38
C SER F 80 60.78 9.06 -38.82
N GLU F 81 60.25 9.36 -37.64
CA GLU F 81 59.21 8.50 -37.06
C GLU F 81 57.88 8.64 -37.80
N ASP F 82 57.62 9.81 -38.37
CA ASP F 82 56.30 10.11 -38.92
C ASP F 82 56.00 9.35 -40.20
N PHE F 83 56.98 8.68 -40.81
CA PHE F 83 56.71 7.88 -41.99
C PHE F 83 55.95 6.62 -41.58
N ALA F 84 54.62 6.69 -41.62
CA ALA F 84 53.77 5.62 -41.18
C ALA F 84 52.44 5.71 -41.92
N ASP F 85 51.45 4.94 -41.48
CA ASP F 85 50.09 4.99 -42.00
C ASP F 85 49.24 5.89 -41.12
N TYR F 86 48.19 6.45 -41.71
CA TYR F 86 47.27 7.35 -41.01
C TYR F 86 45.85 7.09 -41.48
N TYR F 87 44.90 7.19 -40.56
CA TYR F 87 43.49 6.96 -40.85
C TYR F 87 42.66 8.00 -40.10
N CYS F 88 41.54 8.39 -40.71
CA CYS F 88 40.57 9.27 -40.07
C CYS F 88 39.32 8.46 -39.72
N VAL F 89 38.82 8.64 -38.50
CA VAL F 89 37.66 7.91 -38.00
C VAL F 89 36.60 8.91 -37.55
N GLN F 90 35.35 8.63 -37.88
CA GLN F 90 34.22 9.44 -37.42
C GLN F 90 33.45 8.67 -36.36
N TYR F 91 32.88 9.42 -35.40
CA TYR F 91 32.00 8.82 -34.41
C TYR F 91 30.78 9.71 -34.15
N ALA F 92 30.33 10.44 -35.17
CA ALA F 92 29.10 11.21 -35.05
C ALA F 92 27.87 10.33 -35.12
N GLN F 93 27.99 9.13 -35.71
CA GLN F 93 26.89 8.19 -35.79
C GLN F 93 27.41 6.79 -35.57
N LEU F 94 26.49 5.90 -35.20
CA LEU F 94 26.82 4.48 -35.21
C LEU F 94 26.30 3.86 -36.50
N PRO F 95 27.07 2.96 -37.15
CA PRO F 95 28.39 2.48 -36.74
C PRO F 95 29.53 3.46 -37.03
N TYR F 96 30.59 3.42 -36.23
CA TYR F 96 31.79 4.16 -36.55
C TYR F 96 32.37 3.66 -37.87
N THR F 97 32.99 4.57 -38.62
CA THR F 97 33.54 4.22 -39.93
C THR F 97 34.90 4.88 -40.11
N PHE F 98 35.83 4.16 -40.72
CA PHE F 98 37.20 4.60 -40.91
C PHE F 98 37.43 5.02 -42.37
N GLY F 99 38.55 5.71 -42.59
CA GLY F 99 38.94 6.07 -43.93
C GLY F 99 39.69 4.97 -44.64
N GLY F 100 39.95 5.21 -45.94
CA GLY F 100 40.71 4.25 -46.73
C GLY F 100 42.17 4.13 -46.32
N GLY F 101 42.72 5.18 -45.72
CA GLY F 101 44.08 5.17 -45.24
C GLY F 101 45.00 6.01 -46.10
N THR F 102 46.09 6.46 -45.49
CA THR F 102 47.14 7.20 -46.18
C THR F 102 48.49 6.63 -45.77
N LYS F 103 49.39 6.51 -46.73
CA LYS F 103 50.73 5.97 -46.50
C LYS F 103 51.76 7.01 -46.94
N LEU F 104 52.56 7.48 -45.99
CA LEU F 104 53.62 8.43 -46.28
C LEU F 104 54.91 7.68 -46.61
N GLU F 105 55.48 7.99 -47.78
CA GLU F 105 56.68 7.32 -48.27
C GLU F 105 57.76 8.36 -48.55
N ILE F 106 59.00 7.89 -48.53
CA ILE F 106 60.15 8.78 -48.66
C ILE F 106 60.41 9.07 -50.13
N LYS F 107 60.42 10.36 -50.48
CA LYS F 107 60.72 10.79 -51.84
C LYS F 107 62.21 10.61 -52.13
N ARG F 108 62.52 10.26 -53.38
CA ARG F 108 63.89 10.07 -53.81
C ARG F 108 63.93 10.05 -55.34
N ALA F 109 65.14 9.97 -55.87
CA ALA F 109 65.31 9.90 -57.31
C ALA F 109 64.70 8.61 -57.86
N ASP F 110 64.25 8.67 -59.11
CA ASP F 110 63.65 7.50 -59.75
C ASP F 110 64.73 6.49 -60.11
N ALA F 111 64.46 5.21 -59.82
CA ALA F 111 65.40 4.13 -60.08
C ALA F 111 64.70 3.01 -60.84
N ALA F 112 65.38 2.49 -61.85
CA ALA F 112 64.86 1.43 -62.70
C ALA F 112 65.04 0.06 -62.03
N PRO F 113 64.16 -0.89 -62.31
CA PRO F 113 64.23 -2.19 -61.64
C PRO F 113 65.31 -3.09 -62.22
N THR F 114 65.86 -3.94 -61.34
CA THR F 114 66.88 -4.93 -61.71
C THR F 114 66.17 -6.27 -61.91
N VAL F 115 65.81 -6.56 -63.16
CA VAL F 115 65.07 -7.78 -63.49
C VAL F 115 66.02 -8.96 -63.50
N SER F 116 65.53 -10.12 -63.04
CA SER F 116 66.35 -11.33 -62.98
C SER F 116 65.41 -12.52 -63.00
N ILE F 117 65.43 -13.27 -64.10
CA ILE F 117 64.55 -14.42 -64.26
C ILE F 117 65.31 -15.70 -63.87
N PHE F 118 64.59 -16.64 -63.25
CA PHE F 118 65.19 -17.88 -62.77
C PHE F 118 64.27 -19.06 -63.06
N PRO F 119 64.75 -20.04 -63.83
CA PRO F 119 63.92 -21.20 -64.19
C PRO F 119 63.76 -22.15 -63.01
N PRO F 120 62.98 -23.22 -63.15
CA PRO F 120 62.81 -24.16 -62.04
C PRO F 120 64.10 -24.88 -61.68
N SER F 121 64.23 -25.24 -60.41
CA SER F 121 65.38 -25.97 -59.93
C SER F 121 65.27 -27.44 -60.32
N SER F 122 66.29 -28.21 -59.97
CA SER F 122 66.25 -29.66 -60.19
C SER F 122 65.55 -30.39 -59.05
N GLU F 123 65.62 -29.83 -57.84
CA GLU F 123 64.90 -30.39 -56.70
C GLU F 123 63.40 -30.11 -56.77
N GLN F 124 62.95 -29.21 -57.65
CA GLN F 124 61.55 -28.89 -57.82
C GLN F 124 60.90 -29.67 -58.97
N LEU F 125 61.59 -29.79 -60.11
CA LEU F 125 61.08 -30.57 -61.23
C LEU F 125 60.98 -32.06 -60.92
N THR F 126 61.57 -32.52 -59.82
CA THR F 126 61.47 -33.92 -59.42
C THR F 126 60.21 -34.21 -58.61
N SER F 127 59.65 -33.21 -57.92
CA SER F 127 58.43 -33.38 -57.14
C SER F 127 57.17 -33.12 -57.96
N GLY F 128 57.25 -33.21 -59.28
CA GLY F 128 56.09 -32.99 -60.13
C GLY F 128 55.58 -31.57 -60.07
N GLY F 129 56.47 -30.59 -60.27
CA GLY F 129 56.08 -29.20 -60.23
C GLY F 129 57.14 -28.33 -60.85
N ALA F 130 56.84 -27.03 -60.90
CA ALA F 130 57.75 -26.05 -61.49
C ALA F 130 57.31 -24.66 -61.07
N SER F 131 58.29 -23.77 -60.90
CA SER F 131 58.02 -22.37 -60.57
C SER F 131 59.12 -21.49 -61.15
N VAL F 132 58.75 -20.59 -62.04
CA VAL F 132 59.67 -19.62 -62.63
C VAL F 132 59.54 -18.31 -61.86
N VAL F 133 60.63 -17.92 -61.21
CA VAL F 133 60.67 -16.71 -60.40
C VAL F 133 61.30 -15.60 -61.23
N CYS F 134 60.89 -14.35 -60.94
CA CYS F 134 61.37 -13.18 -61.68
C CYS F 134 61.44 -12.03 -60.68
N PHE F 135 62.66 -11.72 -60.21
CA PHE F 135 62.86 -10.69 -59.20
C PHE F 135 63.01 -9.31 -59.82
N LEU F 136 62.49 -8.29 -59.12
CA LEU F 136 62.58 -6.89 -59.55
C LEU F 136 63.02 -6.09 -58.32
N ASN F 137 64.32 -6.06 -58.07
CA ASN F 137 64.87 -5.49 -56.85
C ASN F 137 65.23 -4.02 -57.03
N ASN F 138 65.02 -3.25 -55.97
CA ASN F 138 65.49 -1.86 -55.85
C ASN F 138 65.04 -0.99 -57.00
N PHE F 139 63.85 -0.39 -56.88
CA PHE F 139 63.34 0.54 -57.88
C PHE F 139 62.52 1.61 -57.19
N TYR F 140 62.16 2.64 -57.96
CA TYR F 140 61.36 3.75 -57.43
C TYR F 140 60.75 4.50 -58.60
N PRO F 141 59.47 4.90 -58.52
CA PRO F 141 58.52 4.69 -57.42
C PRO F 141 58.01 3.25 -57.31
N LYS F 142 57.07 3.04 -56.38
CA LYS F 142 56.57 1.70 -56.10
C LYS F 142 55.71 1.14 -57.25
N ASP F 143 55.13 2.00 -58.07
CA ASP F 143 54.25 1.56 -59.13
C ASP F 143 55.01 0.75 -60.17
N ILE F 144 54.54 -0.47 -60.44
CA ILE F 144 55.19 -1.35 -61.39
C ILE F 144 54.19 -2.43 -61.81
N ASN F 145 54.28 -2.86 -63.06
CA ASN F 145 53.42 -3.90 -63.61
C ASN F 145 54.28 -5.00 -64.19
N VAL F 146 54.02 -6.24 -63.76
CA VAL F 146 54.70 -7.40 -64.30
C VAL F 146 53.75 -8.13 -65.24
N LYS F 147 54.28 -8.62 -66.35
CA LYS F 147 53.50 -9.32 -67.36
C LYS F 147 54.25 -10.57 -67.78
N TRP F 148 53.52 -11.67 -67.96
CA TRP F 148 54.09 -12.95 -68.33
C TRP F 148 53.60 -13.37 -69.71
N LYS F 149 54.52 -13.82 -70.55
CA LYS F 149 54.22 -14.25 -71.91
C LYS F 149 54.88 -15.59 -72.17
N ILE F 150 54.07 -16.64 -72.32
CA ILE F 150 54.56 -17.96 -72.71
C ILE F 150 54.51 -18.02 -74.24
N ASP F 151 55.66 -17.85 -74.87
CA ASP F 151 55.78 -17.82 -76.33
C ASP F 151 54.95 -16.68 -76.92
N GLY F 152 55.15 -15.47 -76.39
CA GLY F 152 54.45 -14.30 -76.89
C GLY F 152 53.04 -14.15 -76.37
N SER F 153 52.39 -15.25 -76.03
CA SER F 153 51.02 -15.23 -75.55
C SER F 153 50.98 -14.86 -74.06
N GLU F 154 50.17 -13.86 -73.72
CA GLU F 154 50.10 -13.38 -72.35
C GLU F 154 49.64 -14.48 -71.39
N ARG F 155 50.07 -14.37 -70.14
CA ARG F 155 49.75 -15.34 -69.10
C ARG F 155 49.27 -14.59 -67.86
N GLN F 156 48.07 -14.94 -67.39
CA GLN F 156 47.50 -14.36 -66.18
C GLN F 156 47.10 -15.42 -65.16
N ASN F 157 47.41 -16.69 -65.42
CA ASN F 157 46.94 -17.80 -64.60
C ASN F 157 48.06 -18.28 -63.67
N GLY F 158 47.74 -18.37 -62.38
CA GLY F 158 48.65 -18.94 -61.40
C GLY F 158 49.86 -18.09 -61.10
N VAL F 159 49.65 -16.80 -60.86
CA VAL F 159 50.73 -15.85 -60.61
C VAL F 159 50.69 -15.47 -59.12
N LEU F 160 51.85 -15.47 -58.49
CA LEU F 160 51.99 -15.12 -57.07
C LEU F 160 53.00 -13.99 -56.94
N ASN F 161 52.52 -12.79 -56.63
CA ASN F 161 53.37 -11.61 -56.50
C ASN F 161 53.47 -11.20 -55.03
N SER F 162 54.63 -10.64 -54.68
CA SER F 162 54.89 -10.18 -53.32
C SER F 162 55.74 -8.93 -53.36
N TRP F 163 55.37 -7.95 -52.53
CA TRP F 163 56.05 -6.66 -52.47
C TRP F 163 56.68 -6.47 -51.11
N THR F 164 57.93 -5.97 -51.10
CA THR F 164 58.57 -5.54 -49.88
C THR F 164 58.23 -4.08 -49.61
N ASP F 165 58.16 -3.72 -48.33
CA ASP F 165 57.98 -2.34 -47.96
C ASP F 165 59.20 -1.53 -48.40
N GLN F 166 59.08 -0.21 -48.33
CA GLN F 166 60.18 0.66 -48.72
C GLN F 166 61.42 0.34 -47.89
N ASP F 167 62.45 -0.15 -48.56
CA ASP F 167 63.66 -0.61 -47.88
C ASP F 167 64.28 0.53 -47.09
N SER F 168 64.41 0.33 -45.77
CA SER F 168 65.03 1.34 -44.92
C SER F 168 66.46 1.66 -45.33
N LYS F 169 67.12 0.74 -46.04
CA LYS F 169 68.50 0.96 -46.47
C LYS F 169 68.59 2.13 -47.46
N ASP F 170 67.95 1.97 -48.62
CA ASP F 170 68.07 2.96 -49.70
C ASP F 170 66.73 3.46 -50.21
N SER F 171 65.65 3.22 -49.46
CA SER F 171 64.32 3.74 -49.80
C SER F 171 63.85 3.25 -51.16
N THR F 172 64.17 1.99 -51.49
CA THR F 172 63.77 1.38 -52.75
C THR F 172 62.84 0.20 -52.48
N TYR F 173 61.91 0.00 -53.40
CA TYR F 173 60.99 -1.12 -53.33
C TYR F 173 61.49 -2.28 -54.16
N SER F 174 61.02 -3.48 -53.82
CA SER F 174 61.40 -4.70 -54.54
C SER F 174 60.15 -5.55 -54.75
N MET F 175 60.17 -6.33 -55.83
CA MET F 175 59.01 -7.11 -56.22
C MET F 175 59.42 -8.52 -56.61
N SER F 176 58.59 -9.50 -56.25
CA SER F 176 58.79 -10.90 -56.58
C SER F 176 57.59 -11.42 -57.35
N SER F 177 57.83 -12.40 -58.22
CA SER F 177 56.77 -12.95 -59.07
C SER F 177 57.06 -14.42 -59.35
N THR F 178 56.11 -15.28 -59.03
CA THR F 178 56.27 -16.73 -59.17
C THR F 178 55.12 -17.29 -59.99
N LEU F 179 55.42 -17.69 -61.23
CA LEU F 179 54.44 -18.35 -62.10
C LEU F 179 54.57 -19.85 -61.89
N THR F 180 53.53 -20.46 -61.33
CA THR F 180 53.54 -21.86 -60.93
C THR F 180 52.62 -22.69 -61.84
N LEU F 181 53.03 -23.92 -62.11
CA LEU F 181 52.21 -24.90 -62.83
C LEU F 181 52.84 -26.27 -62.65
N THR F 182 52.21 -27.28 -63.24
CA THR F 182 52.67 -28.66 -63.14
C THR F 182 53.86 -28.89 -64.06
N LYS F 183 54.66 -29.90 -63.71
CA LYS F 183 55.78 -30.31 -64.56
C LYS F 183 55.30 -30.73 -65.95
N ASP F 184 54.11 -31.33 -66.03
CA ASP F 184 53.57 -31.74 -67.32
C ASP F 184 53.29 -30.54 -68.22
N GLU F 185 52.77 -29.46 -67.65
CA GLU F 185 52.46 -28.26 -68.43
C GLU F 185 53.72 -27.46 -68.76
N TYR F 186 54.73 -27.52 -67.89
CA TYR F 186 55.97 -26.77 -68.15
C TYR F 186 56.69 -27.31 -69.38
N GLU F 187 56.76 -28.63 -69.52
CA GLU F 187 57.41 -29.27 -70.66
C GLU F 187 56.57 -29.22 -71.93
N ARG F 188 55.87 -28.11 -72.15
CA ARG F 188 55.06 -27.89 -73.35
C ARG F 188 55.56 -26.75 -74.22
N HIS F 189 56.33 -25.82 -73.67
CA HIS F 189 56.78 -24.63 -74.37
C HIS F 189 58.27 -24.46 -74.16
N ASN F 190 58.86 -23.45 -74.82
CA ASN F 190 60.29 -23.20 -74.73
C ASN F 190 60.61 -21.80 -74.23
N SER F 191 60.10 -20.76 -74.89
CA SER F 191 60.43 -19.38 -74.54
C SER F 191 59.46 -18.88 -73.45
N TYR F 192 60.02 -18.42 -72.34
CA TYR F 192 59.24 -17.87 -71.23
C TYR F 192 59.73 -16.45 -70.97
N THR F 193 58.86 -15.47 -71.23
CA THR F 193 59.19 -14.06 -71.11
C THR F 193 58.70 -13.50 -69.77
N CYS F 194 59.37 -12.43 -69.31
CA CYS F 194 59.02 -11.74 -68.07
C CYS F 194 59.18 -10.24 -68.29
N GLU F 195 58.10 -9.59 -68.72
CA GLU F 195 58.13 -8.15 -68.96
C GLU F 195 57.89 -7.37 -67.67
N ALA F 196 58.14 -6.06 -67.74
CA ALA F 196 57.99 -5.20 -66.57
C ALA F 196 57.85 -3.76 -67.03
N THR F 197 56.77 -3.10 -66.64
CA THR F 197 56.50 -1.72 -67.03
C THR F 197 56.83 -0.78 -65.88
N HIS F 198 57.55 0.30 -66.18
CA HIS F 198 57.97 1.26 -65.17
C HIS F 198 58.12 2.64 -65.81
N LYS F 199 58.00 3.68 -64.98
CA LYS F 199 58.07 5.05 -65.49
C LYS F 199 59.49 5.45 -65.89
N THR F 200 60.51 4.80 -65.32
CA THR F 200 61.89 5.10 -65.70
C THR F 200 62.23 4.54 -67.07
N SER F 201 61.41 3.62 -67.60
CA SER F 201 61.68 2.94 -68.85
C SER F 201 60.48 3.12 -69.78
N THR F 202 60.67 3.90 -70.84
CA THR F 202 59.61 4.04 -71.84
C THR F 202 59.24 2.70 -72.47
N SER F 203 60.21 1.78 -72.55
CA SER F 203 60.01 0.44 -73.09
C SER F 203 60.02 -0.59 -71.95
N PRO F 204 59.31 -1.70 -72.12
CA PRO F 204 59.31 -2.74 -71.08
C PRO F 204 60.60 -3.55 -71.07
N ILE F 205 61.21 -3.70 -69.89
CA ILE F 205 62.40 -4.52 -69.74
C ILE F 205 62.01 -5.99 -69.85
N VAL F 206 62.88 -6.79 -70.47
CA VAL F 206 62.55 -8.16 -70.85
C VAL F 206 63.65 -9.11 -70.38
N LYS F 207 63.24 -10.31 -69.95
CA LYS F 207 64.16 -11.40 -69.64
C LYS F 207 63.51 -12.71 -70.06
N SER F 208 64.17 -13.47 -70.93
CA SER F 208 63.63 -14.71 -71.46
C SER F 208 64.67 -15.82 -71.33
N PHE F 209 64.25 -17.04 -71.67
CA PHE F 209 65.14 -18.20 -71.69
C PHE F 209 64.45 -19.33 -72.44
N ASN F 210 65.24 -20.32 -72.86
CA ASN F 210 64.74 -21.53 -73.50
C ASN F 210 64.66 -22.66 -72.48
N ARG F 211 63.62 -23.48 -72.60
CA ARG F 211 63.37 -24.55 -71.64
C ARG F 211 64.49 -25.59 -71.72
N ASN F 212 65.20 -25.78 -70.61
CA ASN F 212 66.30 -26.72 -70.51
C ASN F 212 67.31 -26.50 -71.63
N GLU F 213 68.21 -25.54 -71.45
CA GLU F 213 69.14 -25.12 -72.51
C GLU F 213 70.43 -25.94 -72.46
N CYS F 214 71.23 -25.73 -71.42
CA CYS F 214 72.51 -26.42 -71.26
C CYS F 214 72.34 -27.94 -71.31
N GLU G 1 -25.96 -12.32 35.72
CA GLU G 1 -27.39 -12.04 35.81
C GLU G 1 -27.71 -10.71 35.16
N VAL G 2 -28.98 -10.50 34.84
CA VAL G 2 -29.44 -9.27 34.21
C VAL G 2 -30.07 -8.38 35.28
N GLN G 3 -29.54 -7.17 35.45
CA GLN G 3 -30.07 -6.20 36.38
C GLN G 3 -29.99 -4.81 35.77
N LEU G 4 -31.05 -4.02 35.98
CA LEU G 4 -31.12 -2.66 35.49
C LEU G 4 -31.12 -1.73 36.71
N GLN G 5 -30.04 -0.97 36.86
CA GLN G 5 -29.87 -0.07 37.99
C GLN G 5 -30.06 1.37 37.51
N GLN G 6 -31.11 2.01 38.02
CA GLN G 6 -31.49 3.34 37.60
C GLN G 6 -30.91 4.39 38.56
N SER G 7 -31.12 5.65 38.22
CA SER G 7 -30.62 6.75 39.03
C SER G 7 -31.50 6.95 40.27
N GLY G 8 -30.93 7.61 41.26
CA GLY G 8 -31.67 7.94 42.46
C GLY G 8 -32.84 8.86 42.15
N ALA G 9 -33.73 8.96 43.15
CA ALA G 9 -34.90 9.81 43.02
C ALA G 9 -34.48 11.24 42.73
N GLU G 10 -35.31 11.94 41.95
CA GLU G 10 -35.04 13.32 41.57
C GLU G 10 -36.12 14.22 42.14
N LEU G 11 -35.72 15.44 42.50
CA LEU G 11 -36.62 16.41 43.12
C LEU G 11 -36.36 17.76 42.45
N VAL G 12 -37.25 18.14 41.53
CA VAL G 12 -37.01 19.27 40.64
C VAL G 12 -38.22 20.20 40.65
N LYS G 13 -38.03 21.38 40.07
CA LYS G 13 -39.03 22.45 39.97
C LYS G 13 -39.71 22.43 38.61
N PRO G 14 -40.91 23.02 38.50
CA PRO G 14 -41.59 23.06 37.20
C PRO G 14 -40.85 23.93 36.20
N GLY G 15 -40.94 23.53 34.93
CA GLY G 15 -40.26 24.22 33.86
C GLY G 15 -38.84 23.80 33.62
N ALA G 16 -38.23 23.06 34.55
CA ALA G 16 -36.84 22.65 34.42
C ALA G 16 -36.75 21.33 33.64
N SER G 17 -35.55 20.78 33.53
CA SER G 17 -35.34 19.50 32.86
C SER G 17 -34.57 18.57 33.79
N VAL G 18 -34.67 17.27 33.50
CA VAL G 18 -34.02 16.24 34.30
C VAL G 18 -33.65 15.09 33.37
N LYS G 19 -32.58 14.38 33.70
CA LYS G 19 -32.08 13.29 32.86
C LYS G 19 -31.87 12.07 33.73
N LEU G 20 -32.80 11.12 33.65
CA LEU G 20 -32.66 9.86 34.38
C LEU G 20 -31.73 8.91 33.65
N SER G 21 -31.16 7.97 34.39
CA SER G 21 -30.21 7.02 33.83
C SER G 21 -30.63 5.60 34.14
N CYS G 22 -30.19 4.68 33.27
CA CYS G 22 -30.50 3.25 33.39
C CYS G 22 -29.23 2.50 32.95
N THR G 23 -28.47 2.01 33.93
CA THR G 23 -27.18 1.40 33.68
C THR G 23 -27.30 -0.12 33.70
N ALA G 24 -26.72 -0.77 32.69
CA ALA G 24 -26.81 -2.22 32.56
C ALA G 24 -25.78 -2.91 33.45
N SER G 25 -26.20 -4.03 34.06
CA SER G 25 -25.36 -4.77 34.99
C SER G 25 -25.44 -6.25 34.63
N GLY G 26 -24.32 -6.82 34.21
CA GLY G 26 -24.28 -8.23 33.85
C GLY G 26 -24.52 -8.53 32.40
N PHE G 27 -24.62 -7.52 31.55
CA PHE G 27 -24.85 -7.71 30.12
C PHE G 27 -24.47 -6.41 29.42
N ASN G 28 -24.54 -6.43 28.09
CA ASN G 28 -24.24 -5.27 27.27
C ASN G 28 -25.55 -4.56 26.94
N ILE G 29 -25.62 -3.25 27.25
CA ILE G 29 -26.83 -2.47 26.99
C ILE G 29 -27.20 -2.52 25.52
N LYS G 30 -26.21 -2.72 24.65
CA LYS G 30 -26.40 -2.77 23.22
C LYS G 30 -27.21 -3.98 22.75
N ASP G 31 -27.47 -4.95 23.64
CA ASP G 31 -28.01 -6.23 23.21
C ASP G 31 -29.46 -6.11 22.70
N THR G 32 -30.32 -5.40 23.43
CA THR G 32 -31.75 -5.43 23.17
C THR G 32 -32.29 -4.01 23.01
N TYR G 33 -33.60 -3.92 22.84
CA TYR G 33 -34.31 -2.66 23.00
C TYR G 33 -34.32 -2.26 24.47
N VAL G 34 -34.48 -0.95 24.70
CA VAL G 34 -34.63 -0.41 26.05
C VAL G 34 -35.82 0.54 26.05
N HIS G 35 -36.85 0.19 26.81
CA HIS G 35 -38.07 0.98 26.89
C HIS G 35 -38.09 1.79 28.18
N TRP G 36 -38.95 2.82 28.19
CA TRP G 36 -39.20 3.62 29.38
C TRP G 36 -40.70 3.65 29.63
N VAL G 37 -41.10 3.37 30.86
CA VAL G 37 -42.51 3.27 31.25
C VAL G 37 -42.76 4.20 32.41
N LYS G 38 -43.86 4.95 32.34
CA LYS G 38 -44.25 5.90 33.37
C LYS G 38 -45.41 5.31 34.17
N GLN G 39 -45.33 5.42 35.50
CA GLN G 39 -46.34 4.87 36.39
C GLN G 39 -46.86 5.93 37.33
N ARG G 40 -48.18 6.00 37.46
CA ARG G 40 -48.87 6.87 38.40
C ARG G 40 -49.98 6.08 39.07
N PRO G 41 -50.42 6.50 40.26
CA PRO G 41 -51.46 5.73 40.95
C PRO G 41 -52.82 5.77 40.25
N GLU G 42 -53.24 6.94 39.76
CA GLU G 42 -54.54 7.06 39.10
C GLU G 42 -54.46 6.61 37.65
N GLN G 43 -53.57 7.23 36.86
CA GLN G 43 -53.49 6.95 35.44
C GLN G 43 -52.90 5.58 35.13
N GLY G 44 -52.19 4.98 36.09
CA GLY G 44 -51.61 3.67 35.88
C GLY G 44 -50.30 3.70 35.11
N LEU G 45 -50.10 2.71 34.24
CA LEU G 45 -48.87 2.56 33.49
C LEU G 45 -49.04 3.10 32.08
N GLU G 46 -48.03 3.81 31.59
CA GLU G 46 -48.02 4.37 30.25
C GLU G 46 -46.65 4.17 29.63
N TRP G 47 -46.64 3.77 28.36
CA TRP G 47 -45.40 3.52 27.64
C TRP G 47 -44.89 4.82 27.03
N ILE G 48 -43.63 5.15 27.33
CA ILE G 48 -43.03 6.39 26.84
C ILE G 48 -42.41 6.16 25.47
N GLY G 49 -41.41 5.28 25.41
CA GLY G 49 -40.73 5.04 24.16
C GLY G 49 -39.67 3.96 24.29
N ARG G 50 -38.86 3.83 23.25
CA ARG G 50 -37.81 2.82 23.20
C ARG G 50 -36.60 3.36 22.44
N ILE G 51 -35.50 2.63 22.54
CA ILE G 51 -34.29 2.96 21.81
C ILE G 51 -33.50 1.67 21.57
N ASP G 52 -32.89 1.58 20.39
CA ASP G 52 -31.98 0.50 20.06
C ASP G 52 -30.56 1.02 20.23
N PRO G 53 -29.94 0.83 21.40
CA PRO G 53 -28.65 1.49 21.67
C PRO G 53 -27.54 1.12 20.70
N ALA G 54 -27.72 0.11 19.86
CA ALA G 54 -26.70 -0.22 18.87
C ALA G 54 -26.63 0.83 17.78
N ASN G 55 -27.74 1.52 17.50
CA ASN G 55 -27.80 2.52 16.43
C ASN G 55 -28.37 3.85 16.87
N GLY G 56 -29.09 3.92 17.99
CA GLY G 56 -29.63 5.17 18.49
C GLY G 56 -31.02 5.53 18.00
N TYR G 57 -31.67 4.67 17.22
CA TYR G 57 -32.99 4.96 16.72
C TYR G 57 -34.03 4.79 17.82
N THR G 58 -35.07 5.63 17.76
CA THR G 58 -36.03 5.74 18.86
C THR G 58 -37.46 5.72 18.32
N LYS G 59 -38.38 5.29 19.17
CA LYS G 59 -39.81 5.36 18.92
C LYS G 59 -40.50 5.93 20.15
N TYR G 60 -41.57 6.69 19.95
CA TYR G 60 -42.25 7.36 21.04
C TYR G 60 -43.76 7.27 20.87
N ASP G 61 -44.46 7.23 21.99
CA ASP G 61 -45.90 7.48 21.99
C ASP G 61 -46.14 8.95 21.65
N PRO G 62 -47.08 9.26 20.75
CA PRO G 62 -47.35 10.67 20.42
C PRO G 62 -47.68 11.54 21.64
N LYS G 63 -48.01 10.90 22.77
CA LYS G 63 -48.37 11.67 23.96
C LYS G 63 -47.15 12.31 24.60
N PHE G 64 -45.96 11.73 24.42
CA PHE G 64 -44.75 12.24 25.05
C PHE G 64 -43.84 12.98 24.08
N GLN G 65 -44.24 13.13 22.81
CA GLN G 65 -43.41 13.84 21.84
C GLN G 65 -43.24 15.30 22.26
N GLY G 66 -42.01 15.67 22.61
CA GLY G 66 -41.75 17.01 23.10
C GLY G 66 -41.12 17.00 24.48
N LYS G 67 -41.68 16.20 25.39
CA LYS G 67 -41.15 16.10 26.74
C LYS G 67 -40.11 15.00 26.88
N ALA G 68 -40.37 13.82 26.31
CA ALA G 68 -39.49 12.68 26.47
C ALA G 68 -38.39 12.68 25.42
N THR G 69 -37.16 12.42 25.87
CA THR G 69 -36.02 12.30 24.98
C THR G 69 -35.15 11.15 25.49
N ILE G 70 -35.03 10.10 24.68
CA ILE G 70 -34.33 8.89 25.08
C ILE G 70 -33.02 8.81 24.30
N THR G 71 -31.92 8.55 25.02
CA THR G 71 -30.60 8.45 24.44
C THR G 71 -29.88 7.25 25.03
N ALA G 72 -28.71 6.94 24.48
CA ALA G 72 -27.95 5.78 24.94
C ALA G 72 -26.47 5.96 24.61
N ASP G 73 -25.61 5.72 25.59
CA ASP G 73 -24.16 5.77 25.41
C ASP G 73 -23.60 4.37 25.70
N THR G 74 -23.31 3.62 24.64
CA THR G 74 -22.81 2.26 24.80
C THR G 74 -21.50 2.22 25.58
N SER G 75 -20.77 3.33 25.63
CA SER G 75 -19.52 3.38 26.38
C SER G 75 -19.76 3.11 27.86
N SER G 76 -20.57 3.95 28.50
CA SER G 76 -20.91 3.76 29.90
C SER G 76 -22.03 2.74 30.11
N ASN G 77 -22.43 2.03 29.05
CA ASN G 77 -23.44 0.95 29.14
C ASN G 77 -24.71 1.43 29.82
N THR G 78 -25.14 2.64 29.48
CA THR G 78 -26.22 3.32 30.17
C THR G 78 -27.18 3.94 29.18
N ALA G 79 -28.48 3.84 29.47
CA ALA G 79 -29.52 4.49 28.69
C ALA G 79 -30.16 5.59 29.53
N TYR G 80 -30.49 6.70 28.86
CA TYR G 80 -30.98 7.89 29.55
C TYR G 80 -32.39 8.24 29.09
N LEU G 81 -33.10 8.98 29.95
CA LEU G 81 -34.42 9.52 29.66
C LEU G 81 -34.45 10.97 30.11
N GLN G 82 -34.51 11.90 29.15
CA GLN G 82 -34.55 13.32 29.46
C GLN G 82 -35.98 13.84 29.34
N LEU G 83 -36.44 14.53 30.38
CA LEU G 83 -37.75 15.17 30.42
C LEU G 83 -37.57 16.67 30.51
N SER G 84 -38.38 17.42 29.76
CA SER G 84 -38.25 18.86 29.68
C SER G 84 -39.58 19.53 30.00
N SER G 85 -39.50 20.82 30.32
CA SER G 85 -40.66 21.64 30.67
C SER G 85 -41.57 20.90 31.65
N LEU G 86 -40.97 20.50 32.76
CA LEU G 86 -41.63 19.60 33.70
C LEU G 86 -42.89 20.24 34.29
N THR G 87 -43.79 19.37 34.76
CA THR G 87 -45.10 19.78 35.25
C THR G 87 -45.46 18.88 36.43
N SER G 88 -46.46 19.32 37.21
CA SER G 88 -46.99 18.48 38.28
C SER G 88 -47.45 17.13 37.76
N GLU G 89 -47.95 17.08 36.53
CA GLU G 89 -48.37 15.82 35.95
C GLU G 89 -47.19 14.92 35.61
N ASP G 90 -45.98 15.49 35.47
CA ASP G 90 -44.79 14.67 35.25
C ASP G 90 -44.27 14.03 36.53
N THR G 91 -44.93 14.28 37.66
CA THR G 91 -44.57 13.59 38.90
C THR G 91 -45.05 12.16 38.83
N ALA G 92 -44.10 11.22 38.81
CA ALA G 92 -44.41 9.81 38.62
C ALA G 92 -43.13 9.02 38.91
N VAL G 93 -43.28 7.69 38.89
CA VAL G 93 -42.14 6.77 38.96
C VAL G 93 -41.85 6.29 37.55
N TYR G 94 -40.57 6.23 37.20
CA TYR G 94 -40.14 5.94 35.84
C TYR G 94 -39.26 4.70 35.83
N TYR G 95 -39.61 3.73 34.99
CA TYR G 95 -38.91 2.45 34.91
C TYR G 95 -38.31 2.28 33.53
N CYS G 96 -37.12 1.69 33.45
CA CYS G 96 -36.56 1.23 32.19
C CYS G 96 -36.73 -0.27 32.08
N VAL G 97 -37.06 -0.74 30.87
CA VAL G 97 -37.45 -2.12 30.64
C VAL G 97 -36.68 -2.67 29.44
N ARG G 98 -36.39 -3.96 29.46
CA ARG G 98 -35.83 -4.68 28.34
C ARG G 98 -36.45 -6.07 28.28
N PRO G 99 -36.48 -6.68 27.10
CA PRO G 99 -37.02 -8.04 27.00
C PRO G 99 -35.99 -9.09 27.38
N LEU G 100 -36.49 -10.29 27.65
CA LEU G 100 -35.64 -11.44 27.96
C LEU G 100 -35.20 -12.16 26.69
N TYR G 101 -36.16 -12.74 25.97
CA TYR G 101 -35.89 -13.40 24.69
C TYR G 101 -36.61 -12.72 23.55
N ASP G 102 -37.94 -12.60 23.64
CA ASP G 102 -38.74 -11.99 22.59
C ASP G 102 -38.29 -10.56 22.34
N TYR G 103 -37.90 -10.26 21.10
CA TYR G 103 -37.42 -8.93 20.75
C TYR G 103 -38.34 -7.82 21.23
N TYR G 104 -39.65 -8.09 21.27
CA TYR G 104 -40.64 -7.04 21.49
C TYR G 104 -41.25 -7.04 22.90
N ALA G 105 -40.77 -7.92 23.79
CA ALA G 105 -41.43 -8.09 25.08
C ALA G 105 -40.90 -7.08 26.12
N MET G 106 -41.42 -7.20 27.36
CA MET G 106 -41.14 -6.26 28.46
C MET G 106 -41.01 -7.09 29.73
N ASP G 107 -39.82 -7.69 29.93
CA ASP G 107 -39.65 -8.75 30.92
C ASP G 107 -38.78 -8.36 32.10
N TYR G 108 -37.63 -7.73 31.87
CA TYR G 108 -36.76 -7.28 32.96
C TYR G 108 -36.98 -5.79 33.21
N TRP G 109 -37.05 -5.42 34.49
CA TRP G 109 -37.42 -4.08 34.90
C TRP G 109 -36.42 -3.52 35.89
N GLY G 110 -36.07 -2.25 35.72
CA GLY G 110 -35.29 -1.56 36.72
C GLY G 110 -36.08 -1.34 37.99
N GLN G 111 -35.39 -0.82 39.02
CA GLN G 111 -36.08 -0.60 40.28
C GLN G 111 -37.05 0.57 40.20
N GLY G 112 -36.79 1.53 39.32
CA GLY G 112 -37.65 2.69 39.19
C GLY G 112 -37.07 3.93 39.83
N THR G 113 -37.15 5.06 39.11
CA THR G 113 -36.63 6.34 39.59
C THR G 113 -37.82 7.23 39.95
N SER G 114 -37.86 7.68 41.20
CA SER G 114 -38.95 8.54 41.68
C SER G 114 -38.69 9.99 41.27
N VAL G 115 -39.69 10.63 40.69
CA VAL G 115 -39.60 12.01 40.25
C VAL G 115 -40.70 12.80 40.93
N THR G 116 -40.34 13.95 41.50
CA THR G 116 -41.29 14.85 42.13
C THR G 116 -41.05 16.26 41.63
N VAL G 117 -42.08 16.88 41.05
CA VAL G 117 -42.02 18.25 40.57
C VAL G 117 -42.83 19.12 41.54
N SER G 118 -42.22 20.20 42.01
CA SER G 118 -42.88 21.09 42.96
C SER G 118 -42.05 22.35 43.10
N SER G 119 -42.76 23.48 43.31
CA SER G 119 -42.11 24.75 43.62
C SER G 119 -41.87 24.94 45.10
N ALA G 120 -42.30 24.00 45.94
CA ALA G 120 -42.19 24.15 47.38
C ALA G 120 -40.74 24.20 47.81
N LYS G 121 -40.46 24.97 48.84
CA LYS G 121 -39.15 25.04 49.47
C LYS G 121 -39.06 24.02 50.60
N THR G 122 -37.85 23.80 51.09
CA THR G 122 -37.63 22.85 52.19
C THR G 122 -38.28 23.40 53.45
N THR G 123 -39.43 22.83 53.81
CA THR G 123 -40.22 23.29 54.95
C THR G 123 -40.28 22.19 56.01
N ALA G 124 -40.11 22.59 57.26
CA ALA G 124 -40.14 21.65 58.38
C ALA G 124 -41.58 21.33 58.78
N PRO G 125 -41.82 20.11 59.28
CA PRO G 125 -43.19 19.73 59.63
C PRO G 125 -43.68 20.40 60.90
N SER G 126 -45.00 20.50 61.00
CA SER G 126 -45.68 20.99 62.20
C SER G 126 -46.32 19.79 62.88
N VAL G 127 -45.83 19.45 64.07
CA VAL G 127 -46.27 18.28 64.80
C VAL G 127 -47.29 18.71 65.85
N TYR G 128 -48.44 18.04 65.86
CA TYR G 128 -49.57 18.41 66.72
C TYR G 128 -50.05 17.19 67.48
N PRO G 129 -50.11 17.24 68.82
CA PRO G 129 -50.65 16.12 69.58
C PRO G 129 -52.16 16.01 69.41
N LEU G 130 -52.65 14.77 69.43
CA LEU G 130 -54.06 14.48 69.20
C LEU G 130 -54.58 13.64 70.36
N ALA G 131 -55.15 14.33 71.38
CA ALA G 131 -55.76 13.66 72.52
C ALA G 131 -57.26 13.53 72.32
N PRO G 132 -57.88 12.47 72.85
CA PRO G 132 -59.33 12.31 72.69
C PRO G 132 -60.13 13.37 73.45
N VAL G 133 -61.45 13.24 73.45
CA VAL G 133 -62.33 14.22 74.08
C VAL G 133 -62.84 13.65 75.41
N CYS G 134 -63.20 14.55 76.32
CA CYS G 134 -63.68 14.18 77.65
C CYS G 134 -64.88 13.23 77.59
N THR G 138 -63.17 6.38 78.15
CA THR G 138 -64.49 5.93 78.58
C THR G 138 -64.65 4.42 78.40
N GLY G 139 -64.00 3.88 77.37
CA GLY G 139 -64.06 2.46 77.07
C GLY G 139 -62.88 1.71 77.64
N SER G 140 -62.66 0.50 77.12
CA SER G 140 -61.52 -0.30 77.51
C SER G 140 -60.30 -0.05 76.62
N SER G 141 -60.51 0.46 75.40
CA SER G 141 -59.44 0.71 74.46
C SER G 141 -59.38 2.21 74.16
N VAL G 142 -58.20 2.79 74.32
CA VAL G 142 -57.97 4.20 74.07
C VAL G 142 -57.12 4.35 72.81
N THR G 143 -57.27 5.49 72.13
CA THR G 143 -56.59 5.73 70.86
C THR G 143 -56.11 7.17 70.83
N LEU G 144 -54.80 7.37 70.62
CA LEU G 144 -54.19 8.67 70.48
C LEU G 144 -53.80 8.91 69.02
N GLY G 145 -53.13 10.04 68.77
CA GLY G 145 -52.78 10.38 67.41
C GLY G 145 -51.67 11.42 67.36
N CYS G 146 -51.20 11.67 66.15
CA CYS G 146 -50.12 12.63 65.93
C CYS G 146 -50.19 13.12 64.49
N LEU G 147 -50.32 14.43 64.31
CA LEU G 147 -50.47 15.04 63.00
C LEU G 147 -49.18 15.73 62.58
N VAL G 148 -48.68 15.40 61.39
CA VAL G 148 -47.44 15.95 60.85
C VAL G 148 -47.83 16.70 59.58
N LYS G 149 -47.91 18.02 59.67
CA LYS G 149 -48.52 18.83 58.63
C LYS G 149 -47.55 19.84 58.04
N GLY G 150 -47.69 20.08 56.74
CA GLY G 150 -47.00 21.16 56.05
C GLY G 150 -45.49 21.03 55.94
N TYR G 151 -45.00 19.86 55.55
CA TYR G 151 -43.57 19.65 55.37
C TYR G 151 -43.27 19.31 53.92
N PHE G 152 -42.00 19.49 53.55
CA PHE G 152 -41.52 19.21 52.21
C PHE G 152 -39.99 19.19 52.21
N PRO G 153 -39.37 18.23 51.51
CA PRO G 153 -40.01 17.13 50.78
C PRO G 153 -40.21 15.89 51.65
N GLU G 154 -40.55 14.78 51.00
CA GLU G 154 -40.63 13.48 51.66
C GLU G 154 -39.23 12.92 51.91
N PRO G 155 -39.09 11.92 52.80
CA PRO G 155 -40.10 11.37 53.72
C PRO G 155 -39.90 11.80 55.17
N VAL G 156 -40.66 11.18 56.08
CA VAL G 156 -40.53 11.42 57.51
C VAL G 156 -40.64 10.08 58.22
N THR G 157 -39.96 9.97 59.36
CA THR G 157 -39.98 8.77 60.18
C THR G 157 -40.70 9.09 61.48
N LEU G 158 -41.77 8.35 61.77
CA LEU G 158 -42.60 8.58 62.94
C LEU G 158 -42.60 7.33 63.81
N THR G 159 -42.32 7.52 65.10
CA THR G 159 -42.35 6.44 66.08
C THR G 159 -43.02 6.94 67.34
N TRP G 160 -43.22 6.03 68.29
CA TRP G 160 -43.81 6.34 69.58
C TRP G 160 -42.88 5.87 70.68
N ASN G 161 -42.61 6.75 71.65
CA ASN G 161 -41.69 6.47 72.76
C ASN G 161 -40.30 6.08 72.25
N SER G 162 -39.91 6.62 71.09
CA SER G 162 -38.62 6.34 70.46
C SER G 162 -38.51 4.86 70.08
N GLY G 163 -39.46 4.41 69.27
CA GLY G 163 -39.50 3.05 68.78
C GLY G 163 -39.99 2.01 69.77
N SER G 164 -40.19 2.37 71.03
CA SER G 164 -40.66 1.44 72.05
C SER G 164 -42.04 0.90 71.69
N LEU G 165 -43.05 1.77 71.69
CA LEU G 165 -44.41 1.38 71.35
C LEU G 165 -44.51 1.23 69.85
N SER G 166 -44.44 -0.01 69.37
CA SER G 166 -44.47 -0.32 67.94
C SER G 166 -45.73 -1.05 67.53
N SER G 167 -46.18 -2.04 68.29
CA SER G 167 -47.36 -2.81 67.94
C SER G 167 -48.63 -2.03 68.23
N GLY G 168 -49.66 -2.29 67.43
CA GLY G 168 -50.92 -1.56 67.55
C GLY G 168 -50.85 -0.15 67.04
N VAL G 169 -50.12 0.09 65.95
CA VAL G 169 -49.89 1.42 65.42
C VAL G 169 -50.23 1.43 63.94
N HIS G 170 -50.75 2.58 63.48
CA HIS G 170 -51.06 2.78 62.06
C HIS G 170 -50.52 4.15 61.65
N THR G 171 -49.41 4.17 60.92
CA THR G 171 -48.87 5.40 60.36
C THR G 171 -49.29 5.47 58.89
N PHE G 172 -50.10 6.46 58.56
CA PHE G 172 -50.73 6.56 57.25
C PHE G 172 -49.79 7.19 56.22
N PRO G 173 -49.96 6.86 54.94
CA PRO G 173 -49.11 7.46 53.91
C PRO G 173 -49.30 8.97 53.83
N ALA G 174 -48.22 9.65 53.44
CA ALA G 174 -48.26 11.09 53.29
C ALA G 174 -49.17 11.49 52.13
N VAL G 175 -49.75 12.68 52.22
CA VAL G 175 -50.63 13.22 51.20
C VAL G 175 -50.16 14.65 50.87
N LEU G 176 -50.33 15.05 49.62
CA LEU G 176 -49.91 16.37 49.16
C LEU G 176 -51.04 17.37 49.34
N GLN G 177 -50.82 18.37 50.20
CA GLN G 177 -51.80 19.42 50.50
C GLN G 177 -51.21 20.77 50.10
N SER G 178 -51.55 21.22 48.89
CA SER G 178 -51.11 22.52 48.37
C SER G 178 -49.59 22.64 48.42
N ASP G 179 -48.94 21.74 47.69
CA ASP G 179 -47.50 21.65 47.50
C ASP G 179 -46.74 21.27 48.77
N LEU G 180 -47.43 21.03 49.88
CA LEU G 180 -46.80 20.58 51.11
C LEU G 180 -47.43 19.26 51.53
N TYR G 181 -46.68 18.46 52.29
CA TYR G 181 -47.14 17.13 52.66
C TYR G 181 -47.77 17.13 54.05
N THR G 182 -48.71 16.21 54.24
CA THR G 182 -49.39 16.02 55.52
C THR G 182 -49.44 14.52 55.82
N LEU G 183 -49.10 14.17 57.06
CA LEU G 183 -49.07 12.77 57.48
C LEU G 183 -49.67 12.68 58.88
N SER G 184 -50.26 11.53 59.19
CA SER G 184 -50.87 11.30 60.49
C SER G 184 -50.58 9.87 60.92
N SER G 185 -50.67 9.64 62.23
CA SER G 185 -50.41 8.32 62.78
C SER G 185 -51.24 8.13 64.05
N SER G 186 -51.76 6.92 64.23
CA SER G 186 -52.57 6.58 65.39
C SER G 186 -51.94 5.44 66.16
N VAL G 187 -52.42 5.25 67.38
CA VAL G 187 -51.92 4.18 68.25
C VAL G 187 -53.00 3.84 69.26
N THR G 188 -53.11 2.55 69.59
CA THR G 188 -54.16 2.05 70.46
C THR G 188 -53.57 1.16 71.55
N VAL G 189 -53.94 1.44 72.80
CA VAL G 189 -53.56 0.61 73.94
C VAL G 189 -54.75 0.49 74.89
N THR G 190 -54.50 0.01 76.10
CA THR G 190 -55.54 -0.12 77.11
C THR G 190 -55.68 1.19 77.90
N SER G 191 -56.83 1.33 78.57
CA SER G 191 -57.09 2.54 79.33
C SER G 191 -56.16 2.68 80.53
N SER G 192 -55.67 1.55 81.07
CA SER G 192 -54.75 1.59 82.19
C SER G 192 -53.35 2.03 81.80
N THR G 193 -53.05 2.12 80.49
CA THR G 193 -51.75 2.56 80.03
C THR G 193 -51.65 4.08 79.89
N TRP G 194 -52.75 4.75 79.53
CA TRP G 194 -52.75 6.19 79.32
C TRP G 194 -53.90 6.84 80.08
N PRO G 195 -53.69 8.01 80.70
CA PRO G 195 -52.44 8.76 80.78
C PRO G 195 -51.47 8.23 81.82
N SER G 196 -51.66 6.97 82.23
CA SER G 196 -50.82 6.38 83.27
C SER G 196 -49.35 6.36 82.85
N GLN G 197 -49.07 6.17 81.56
CA GLN G 197 -47.71 6.11 81.06
C GLN G 197 -47.52 7.14 79.96
N SER G 198 -46.44 7.90 80.05
CA SER G 198 -46.17 8.97 79.08
C SER G 198 -46.02 8.40 77.67
N ILE G 199 -46.77 8.97 76.73
CA ILE G 199 -46.71 8.59 75.32
C ILE G 199 -46.28 9.80 74.52
N THR G 200 -45.27 9.62 73.67
CA THR G 200 -44.66 10.70 72.90
C THR G 200 -44.66 10.33 71.43
N CYS G 201 -44.75 11.36 70.57
CA CYS G 201 -44.71 11.20 69.12
C CYS G 201 -43.40 11.78 68.61
N ASN G 202 -42.50 10.91 68.15
CA ASN G 202 -41.19 11.32 67.68
C ASN G 202 -41.21 11.44 66.15
N VAL G 203 -41.01 12.66 65.65
CA VAL G 203 -41.08 12.96 64.22
C VAL G 203 -39.73 13.50 63.78
N ALA G 204 -39.15 12.87 62.76
CA ALA G 204 -37.86 13.27 62.21
C ALA G 204 -38.03 13.64 60.74
N HIS G 205 -37.51 14.80 60.35
CA HIS G 205 -37.52 15.25 58.95
C HIS G 205 -36.08 15.53 58.55
N PRO G 206 -35.36 14.53 58.04
CA PRO G 206 -33.93 14.73 57.70
C PRO G 206 -33.67 15.82 56.67
N ALA G 207 -34.65 16.17 55.84
CA ALA G 207 -34.43 17.20 54.82
C ALA G 207 -34.01 18.51 55.47
N SER G 208 -34.88 19.10 56.29
CA SER G 208 -34.54 20.29 57.06
C SER G 208 -33.78 19.96 58.35
N SER G 209 -33.54 18.68 58.62
CA SER G 209 -32.82 18.22 59.81
C SER G 209 -33.51 18.70 61.09
N THR G 210 -34.68 18.10 61.34
CA THR G 210 -35.49 18.42 62.51
C THR G 210 -36.06 17.14 63.10
N LYS G 211 -35.92 16.96 64.41
CA LYS G 211 -36.48 15.82 65.13
C LYS G 211 -37.28 16.36 66.32
N VAL G 212 -38.52 16.75 66.06
CA VAL G 212 -39.42 17.26 67.09
C VAL G 212 -40.11 16.09 67.79
N ASP G 213 -40.45 16.28 69.06
CA ASP G 213 -41.16 15.28 69.85
C ASP G 213 -42.22 15.96 70.70
N LYS G 214 -43.48 15.53 70.55
CA LYS G 214 -44.61 16.09 71.28
C LYS G 214 -45.22 15.02 72.16
N LYS G 215 -45.24 15.27 73.47
CA LYS G 215 -45.92 14.36 74.39
C LYS G 215 -47.42 14.63 74.33
N ILE G 216 -48.20 13.55 74.26
CA ILE G 216 -49.65 13.68 74.19
C ILE G 216 -50.19 13.96 75.59
N GLU G 217 -50.94 15.05 75.73
CA GLU G 217 -51.54 15.43 76.99
C GLU G 217 -53.06 15.46 76.86
N PRO G 218 -53.79 14.93 77.85
CA PRO G 218 -55.26 14.89 77.75
C PRO G 218 -55.89 16.27 77.81
N ARG G 219 -57.21 16.32 77.91
CA ARG G 219 -57.94 17.58 77.93
C ARG G 219 -58.70 17.75 79.23
N ASP H 1 -54.77 3.86 19.26
CA ASP H 1 -54.03 2.96 20.15
C ASP H 1 -54.92 1.83 20.64
N ILE H 2 -54.31 0.72 21.05
CA ILE H 2 -55.04 -0.46 21.49
C ILE H 2 -55.38 -0.31 22.97
N LEU H 3 -56.67 -0.41 23.29
CA LEU H 3 -57.13 -0.30 24.67
C LEU H 3 -57.10 -1.66 25.35
N MET H 4 -56.49 -1.71 26.53
CA MET H 4 -56.35 -2.95 27.30
C MET H 4 -57.28 -2.87 28.50
N THR H 5 -58.41 -3.56 28.42
CA THR H 5 -59.37 -3.61 29.52
C THR H 5 -59.08 -4.87 30.34
N GLN H 6 -58.47 -4.68 31.51
CA GLN H 6 -58.13 -5.75 32.41
C GLN H 6 -59.18 -5.83 33.52
N SER H 7 -59.60 -7.04 33.86
CA SER H 7 -60.64 -7.26 34.84
C SER H 7 -60.35 -8.53 35.60
N PRO H 8 -60.70 -8.60 36.91
CA PRO H 8 -61.33 -7.54 37.70
C PRO H 8 -60.33 -6.55 38.28
N SER H 9 -60.82 -5.45 38.86
CA SER H 9 -59.93 -4.46 39.45
C SER H 9 -59.24 -5.02 40.69
N SER H 10 -59.90 -5.90 41.43
CA SER H 10 -59.32 -6.53 42.61
C SER H 10 -60.17 -7.74 42.97
N MET H 11 -59.63 -8.59 43.84
CA MET H 11 -60.35 -9.76 44.29
C MET H 11 -59.84 -10.17 45.66
N SER H 12 -60.76 -10.59 46.52
CA SER H 12 -60.42 -11.07 47.86
C SER H 12 -60.44 -12.60 47.83
N VAL H 13 -59.27 -13.20 48.02
CA VAL H 13 -59.09 -14.65 47.92
C VAL H 13 -58.16 -15.11 49.05
N SER H 14 -57.94 -16.42 49.12
CA SER H 14 -57.17 -17.03 50.19
C SER H 14 -56.06 -17.90 49.61
N LEU H 15 -55.16 -18.32 50.49
CA LEU H 15 -54.02 -19.16 50.09
C LEU H 15 -54.51 -20.49 49.54
N GLY H 16 -53.80 -21.00 48.53
CA GLY H 16 -54.17 -22.25 47.91
C GLY H 16 -55.29 -22.18 46.91
N ASP H 17 -55.98 -21.03 46.79
CA ASP H 17 -57.03 -20.90 45.81
C ASP H 17 -56.49 -20.92 44.40
N THR H 18 -57.37 -21.22 43.45
CA THR H 18 -57.06 -21.17 42.02
C THR H 18 -57.86 -20.02 41.43
N VAL H 19 -57.16 -18.96 41.00
CA VAL H 19 -57.80 -17.73 40.55
C VAL H 19 -57.35 -17.45 39.12
N SER H 20 -58.09 -16.56 38.46
CA SER H 20 -57.81 -16.23 37.07
C SER H 20 -58.07 -14.75 36.82
N ILE H 21 -57.06 -14.07 36.27
CA ILE H 21 -57.20 -12.69 35.81
C ILE H 21 -57.34 -12.71 34.30
N THR H 22 -58.17 -11.80 33.76
CA THR H 22 -58.39 -11.71 32.32
C THR H 22 -58.00 -10.35 31.80
N CYS H 23 -57.85 -10.26 30.49
CA CYS H 23 -57.41 -9.04 29.83
C CYS H 23 -58.02 -9.03 28.43
N HIS H 24 -58.79 -7.99 28.12
CA HIS H 24 -59.49 -7.88 26.84
C HIS H 24 -58.94 -6.71 26.06
N ALA H 25 -58.65 -6.93 24.79
CA ALA H 25 -58.09 -5.91 23.91
C ALA H 25 -59.15 -5.41 22.93
N SER H 26 -58.97 -4.18 22.47
CA SER H 26 -59.89 -3.58 21.50
C SER H 26 -59.82 -4.27 20.13
N GLN H 27 -58.79 -5.08 19.90
CA GLN H 27 -58.64 -5.79 18.63
C GLN H 27 -57.76 -7.00 18.87
N GLY H 28 -57.68 -7.85 17.84
CA GLY H 28 -56.80 -9.00 17.91
C GLY H 28 -55.35 -8.60 18.08
N ILE H 29 -54.63 -9.36 18.92
CA ILE H 29 -53.20 -9.16 19.13
C ILE H 29 -52.40 -10.44 18.98
N SER H 30 -53.03 -11.55 18.60
CA SER H 30 -52.35 -12.82 18.30
C SER H 30 -51.25 -13.16 19.30
N SER H 31 -51.67 -13.28 20.56
CA SER H 31 -50.84 -13.75 21.66
C SER H 31 -49.64 -12.86 21.95
N ASN H 32 -49.65 -11.62 21.44
CA ASN H 32 -48.55 -10.69 21.69
C ASN H 32 -48.83 -9.90 22.97
N ILE H 33 -48.86 -10.63 24.09
CA ILE H 33 -49.23 -10.06 25.38
C ILE H 33 -48.26 -10.55 26.45
N GLY H 34 -47.97 -9.67 27.41
CA GLY H 34 -47.15 -10.03 28.56
C GLY H 34 -47.87 -9.82 29.87
N TRP H 35 -47.41 -10.47 30.92
CA TRP H 35 -48.00 -10.33 32.24
C TRP H 35 -46.93 -9.94 33.25
N LEU H 36 -47.28 -9.05 34.17
CA LEU H 36 -46.31 -8.44 35.07
C LEU H 36 -46.79 -8.54 36.51
N GLN H 37 -45.83 -8.52 37.44
CA GLN H 37 -46.12 -8.58 38.87
C GLN H 37 -45.33 -7.49 39.58
N GLN H 38 -46.01 -6.80 40.50
CA GLN H 38 -45.41 -5.74 41.30
C GLN H 38 -45.76 -5.98 42.76
N LYS H 39 -44.86 -6.62 43.49
CA LYS H 39 -45.07 -6.83 44.91
C LYS H 39 -45.10 -5.47 45.61
N PRO H 40 -45.90 -5.34 46.68
CA PRO H 40 -46.16 -4.03 47.28
C PRO H 40 -44.89 -3.24 47.55
N GLY H 41 -44.87 -2.00 47.06
CA GLY H 41 -43.75 -1.11 47.29
C GLY H 41 -42.44 -1.60 46.72
N LYS H 42 -42.49 -2.25 45.56
CA LYS H 42 -41.30 -2.77 44.90
C LYS H 42 -41.43 -2.60 43.40
N SER H 43 -40.45 -3.14 42.66
CA SER H 43 -40.42 -2.98 41.22
C SER H 43 -41.29 -4.03 40.54
N PHE H 44 -41.11 -4.21 39.23
CA PHE H 44 -41.86 -5.19 38.45
C PHE H 44 -40.99 -6.40 38.14
N MET H 45 -41.65 -7.55 37.99
CA MET H 45 -41.01 -8.78 37.55
C MET H 45 -41.83 -9.36 36.41
N GLY H 46 -41.16 -9.86 35.38
CA GLY H 46 -41.87 -10.44 34.24
C GLY H 46 -42.37 -11.84 34.55
N LEU H 47 -43.63 -12.11 34.18
CA LEU H 47 -44.23 -13.41 34.39
C LEU H 47 -44.40 -14.18 33.08
N ILE H 48 -45.10 -13.60 32.11
CA ILE H 48 -45.42 -14.27 30.86
C ILE H 48 -45.00 -13.39 29.69
N TYR H 49 -44.57 -14.02 28.60
CA TYR H 49 -44.40 -13.31 27.34
C TYR H 49 -44.94 -14.18 26.22
N TYR H 50 -45.34 -13.52 25.13
CA TYR H 50 -46.03 -14.16 24.01
C TYR H 50 -47.21 -15.02 24.49
N GLY H 51 -47.95 -14.49 25.45
CA GLY H 51 -49.21 -15.09 25.83
C GLY H 51 -49.14 -16.26 26.80
N THR H 52 -48.17 -17.15 26.60
CA THR H 52 -48.11 -18.39 27.38
C THR H 52 -46.74 -18.72 27.96
N ASN H 53 -45.66 -18.13 27.47
CA ASN H 53 -44.32 -18.58 27.83
C ASN H 53 -43.87 -17.99 29.16
N LEU H 54 -43.36 -18.86 30.03
CA LEU H 54 -42.91 -18.42 31.35
C LEU H 54 -41.55 -17.73 31.23
N VAL H 55 -41.43 -16.58 31.90
CA VAL H 55 -40.12 -15.95 32.05
C VAL H 55 -39.26 -16.80 32.96
N ASP H 56 -37.97 -16.91 32.63
CA ASP H 56 -37.05 -17.72 33.42
C ASP H 56 -37.08 -17.30 34.88
N GLY H 57 -37.24 -18.27 35.77
CA GLY H 57 -37.25 -18.04 37.20
C GLY H 57 -38.62 -17.98 37.82
N VAL H 58 -39.68 -17.95 37.03
CA VAL H 58 -41.06 -17.86 37.53
C VAL H 58 -41.57 -19.26 37.84
N PRO H 59 -42.26 -19.46 38.97
CA PRO H 59 -42.77 -20.80 39.29
C PRO H 59 -43.83 -21.28 38.31
N SER H 60 -43.96 -22.60 38.22
CA SER H 60 -44.85 -23.24 37.26
C SER H 60 -46.32 -23.14 37.64
N ARG H 61 -46.64 -22.70 38.85
CA ARG H 61 -48.04 -22.49 39.22
C ARG H 61 -48.66 -21.35 38.42
N PHE H 62 -47.83 -20.45 37.87
CA PHE H 62 -48.31 -19.44 36.93
C PHE H 62 -48.51 -20.06 35.55
N SER H 63 -49.46 -19.49 34.81
CA SER H 63 -49.74 -19.98 33.45
C SER H 63 -50.64 -19.00 32.71
N GLY H 64 -50.27 -18.66 31.46
CA GLY H 64 -51.05 -17.76 30.64
C GLY H 64 -51.74 -18.50 29.52
N SER H 65 -52.90 -17.99 29.09
CA SER H 65 -53.67 -18.62 28.03
C SER H 65 -54.56 -17.57 27.38
N GLY H 66 -55.18 -17.96 26.28
CA GLY H 66 -56.05 -17.08 25.52
C GLY H 66 -55.57 -16.93 24.09
N SER H 67 -56.43 -16.28 23.29
CA SER H 67 -56.14 -16.06 21.88
C SER H 67 -56.98 -14.89 21.39
N GLY H 68 -56.67 -14.45 20.17
CA GLY H 68 -57.38 -13.35 19.53
C GLY H 68 -57.32 -12.06 20.31
N ALA H 69 -58.34 -11.79 21.12
CA ALA H 69 -58.38 -10.57 21.91
C ALA H 69 -58.78 -10.82 23.36
N ASP H 70 -58.75 -12.07 23.83
CA ASP H 70 -59.16 -12.39 25.20
C ASP H 70 -58.13 -13.36 25.77
N TYR H 71 -57.40 -12.91 26.78
CA TYR H 71 -56.32 -13.68 27.38
C TYR H 71 -56.55 -13.79 28.88
N SER H 72 -55.79 -14.69 29.51
CA SER H 72 -56.01 -15.01 30.90
C SER H 72 -54.69 -15.37 31.57
N LEU H 73 -54.55 -14.94 32.83
CA LEU H 73 -53.45 -15.34 33.69
C LEU H 73 -54.03 -16.12 34.87
N THR H 74 -53.47 -17.29 35.15
CA THR H 74 -54.02 -18.18 36.15
C THR H 74 -52.94 -18.58 37.14
N ILE H 75 -53.28 -18.55 38.43
CA ILE H 75 -52.39 -18.95 39.50
C ILE H 75 -53.01 -20.14 40.23
N SER H 76 -52.35 -21.28 40.17
CA SER H 76 -52.84 -22.49 40.83
C SER H 76 -52.19 -22.60 42.21
N SER H 77 -53.02 -22.65 43.25
CA SER H 77 -52.56 -22.71 44.64
C SER H 77 -51.76 -21.47 44.98
N LEU H 78 -52.44 -20.43 45.46
CA LEU H 78 -51.78 -19.16 45.76
C LEU H 78 -50.78 -19.31 46.88
N ASP H 79 -49.66 -18.59 46.77
CA ASP H 79 -48.65 -18.51 47.80
C ASP H 79 -48.72 -17.16 48.48
N SER H 80 -48.14 -17.10 49.69
CA SER H 80 -48.15 -15.86 50.46
C SER H 80 -47.50 -14.71 49.72
N GLU H 81 -46.56 -15.01 48.81
CA GLU H 81 -45.91 -13.95 48.04
C GLU H 81 -46.70 -13.49 46.84
N ASP H 82 -47.73 -14.23 46.43
CA ASP H 82 -48.48 -13.91 45.21
C ASP H 82 -49.49 -12.79 45.41
N PHE H 83 -49.75 -12.36 46.63
CA PHE H 83 -50.62 -11.22 46.88
C PHE H 83 -49.89 -9.94 46.47
N ALA H 84 -50.25 -9.40 45.31
CA ALA H 84 -49.59 -8.22 44.76
C ALA H 84 -50.43 -7.68 43.62
N ASP H 85 -49.83 -6.78 42.82
CA ASP H 85 -50.46 -6.21 41.64
C ASP H 85 -50.05 -6.98 40.39
N TYR H 86 -50.97 -7.07 39.44
CA TYR H 86 -50.73 -7.76 38.18
C TYR H 86 -51.27 -6.93 37.03
N TYR H 87 -50.47 -6.80 35.97
CA TYR H 87 -50.84 -6.01 34.80
C TYR H 87 -50.63 -6.82 33.53
N CYS H 88 -51.45 -6.52 32.52
CA CYS H 88 -51.25 -7.07 31.18
C CYS H 88 -50.77 -5.96 30.25
N VAL H 89 -49.86 -6.29 29.34
CA VAL H 89 -49.32 -5.33 28.38
C VAL H 89 -49.31 -5.98 27.00
N GLN H 90 -49.85 -5.28 26.02
CA GLN H 90 -49.81 -5.74 24.63
C GLN H 90 -48.67 -5.06 23.90
N TYR H 91 -47.95 -5.84 23.09
CA TYR H 91 -46.95 -5.29 22.18
C TYR H 91 -47.23 -5.69 20.74
N ALA H 92 -48.50 -5.89 20.41
CA ALA H 92 -48.88 -6.17 19.04
C ALA H 92 -48.67 -4.95 18.15
N GLN H 93 -48.83 -3.75 18.71
CA GLN H 93 -48.67 -2.52 17.96
C GLN H 93 -48.01 -1.47 18.84
N LEU H 94 -47.24 -0.61 18.22
CA LEU H 94 -46.79 0.59 18.90
C LEU H 94 -47.88 1.66 18.82
N PRO H 95 -48.14 2.40 19.91
CA PRO H 95 -47.44 2.31 21.20
C PRO H 95 -47.90 1.14 22.05
N TYR H 96 -46.98 0.55 22.82
CA TYR H 96 -47.37 -0.44 23.81
C TYR H 96 -48.37 0.17 24.78
N THR H 97 -49.38 -0.61 25.16
CA THR H 97 -50.39 -0.14 26.10
C THR H 97 -50.63 -1.19 27.17
N PHE H 98 -50.94 -0.71 28.38
CA PHE H 98 -51.07 -1.54 29.56
C PHE H 98 -52.53 -1.64 29.99
N GLY H 99 -52.84 -2.71 30.72
CA GLY H 99 -54.13 -2.85 31.35
C GLY H 99 -54.23 -2.05 32.63
N GLY H 100 -55.46 -1.97 33.15
CA GLY H 100 -55.70 -1.18 34.34
C GLY H 100 -54.95 -1.68 35.56
N GLY H 101 -54.81 -2.98 35.69
CA GLY H 101 -54.16 -3.56 36.85
C GLY H 101 -55.13 -4.36 37.70
N THR H 102 -54.60 -5.34 38.41
CA THR H 102 -55.39 -6.21 39.26
C THR H 102 -54.63 -6.46 40.56
N LYS H 103 -55.27 -6.17 41.69
CA LYS H 103 -54.65 -6.35 43.00
C LYS H 103 -55.26 -7.56 43.68
N LEU H 104 -54.40 -8.48 44.12
CA LEU H 104 -54.81 -9.64 44.90
C LEU H 104 -54.72 -9.29 46.38
N GLU H 105 -55.83 -9.46 47.10
CA GLU H 105 -55.91 -9.10 48.50
C GLU H 105 -56.30 -10.30 49.34
N ILE H 106 -55.77 -10.36 50.57
CA ILE H 106 -56.11 -11.43 51.49
C ILE H 106 -57.58 -11.31 51.89
N LYS H 107 -58.28 -12.44 51.89
CA LYS H 107 -59.67 -12.50 52.28
C LYS H 107 -59.80 -12.93 53.74
N ARG H 108 -60.77 -12.36 54.43
CA ARG H 108 -60.98 -12.63 55.85
C ARG H 108 -62.43 -12.32 56.20
N ALA H 109 -62.77 -12.51 57.47
CA ALA H 109 -64.09 -12.18 57.96
C ALA H 109 -64.25 -10.68 58.08
N ASP H 110 -65.45 -10.19 57.81
CA ASP H 110 -65.73 -8.76 57.93
C ASP H 110 -65.45 -8.29 59.35
N ALA H 111 -65.18 -7.00 59.49
CA ALA H 111 -64.86 -6.42 60.79
C ALA H 111 -65.20 -4.94 60.77
N ALA H 112 -65.99 -4.50 61.75
CA ALA H 112 -66.38 -3.10 61.85
C ALA H 112 -65.18 -2.25 62.26
N PRO H 113 -65.12 -1.01 61.79
CA PRO H 113 -64.00 -0.13 62.15
C PRO H 113 -64.13 0.44 63.55
N THR H 114 -62.98 0.82 64.11
CA THR H 114 -62.91 1.50 65.39
C THR H 114 -62.66 2.98 65.13
N VAL H 115 -63.71 3.78 65.23
CA VAL H 115 -63.66 5.19 64.89
C VAL H 115 -63.15 5.99 66.09
N SER H 116 -62.48 7.10 65.80
CA SER H 116 -61.97 8.00 66.82
C SER H 116 -61.84 9.39 66.21
N ILE H 117 -62.35 10.41 66.92
CA ILE H 117 -62.31 11.78 66.44
C ILE H 117 -61.41 12.60 67.35
N PHE H 118 -60.68 13.55 66.75
CA PHE H 118 -59.67 14.33 67.46
C PHE H 118 -59.81 15.79 67.09
N PRO H 119 -60.19 16.66 68.04
CA PRO H 119 -60.30 18.10 67.75
C PRO H 119 -58.93 18.70 67.46
N PRO H 120 -58.88 19.95 67.02
CA PRO H 120 -57.58 20.60 66.82
C PRO H 120 -56.81 20.69 68.12
N SER H 121 -55.49 20.47 68.03
CA SER H 121 -54.63 20.68 69.19
C SER H 121 -54.59 22.16 69.55
N SER H 122 -53.96 22.45 70.68
CA SER H 122 -53.79 23.84 71.07
C SER H 122 -52.68 24.52 70.28
N GLU H 123 -51.62 23.78 69.96
CA GLU H 123 -50.52 24.34 69.18
C GLU H 123 -51.01 24.82 67.80
N GLN H 124 -51.94 24.07 67.20
CA GLN H 124 -52.42 24.43 65.87
C GLN H 124 -53.34 25.66 65.93
N LEU H 125 -54.17 25.75 66.98
CA LEU H 125 -55.12 26.86 67.05
C LEU H 125 -54.43 28.20 67.26
N THR H 126 -53.31 28.22 68.00
CA THR H 126 -52.61 29.48 68.25
C THR H 126 -51.85 29.99 67.03
N SER H 127 -51.71 29.19 65.98
CA SER H 127 -51.03 29.62 64.76
C SER H 127 -51.98 30.14 63.69
N GLY H 128 -53.26 29.74 63.72
CA GLY H 128 -54.23 30.25 62.76
C GLY H 128 -54.91 29.20 61.91
N GLY H 129 -54.78 27.93 62.29
CA GLY H 129 -55.42 26.85 61.58
C GLY H 129 -56.21 25.97 62.54
N ALA H 130 -56.93 25.02 61.97
CA ALA H 130 -57.77 24.12 62.76
C ALA H 130 -58.04 22.86 61.96
N SER H 131 -57.55 21.72 62.44
CA SER H 131 -57.70 20.45 61.75
C SER H 131 -58.37 19.44 62.67
N VAL H 132 -59.53 18.94 62.25
CA VAL H 132 -60.18 17.82 62.92
C VAL H 132 -59.75 16.54 62.22
N VAL H 133 -59.40 15.52 63.01
CA VAL H 133 -58.92 14.25 62.50
C VAL H 133 -59.91 13.17 62.90
N CYS H 134 -60.14 12.22 61.99
CA CYS H 134 -61.08 11.12 62.22
C CYS H 134 -60.42 9.83 61.77
N PHE H 135 -60.02 8.99 62.71
CA PHE H 135 -59.38 7.72 62.41
C PHE H 135 -60.41 6.61 62.30
N LEU H 136 -60.22 5.73 61.32
CA LEU H 136 -61.06 4.55 61.12
C LEU H 136 -60.12 3.38 60.93
N ASN H 137 -59.93 2.58 61.99
CA ASN H 137 -58.85 1.60 62.05
C ASN H 137 -59.38 0.17 62.06
N ASN H 138 -58.63 -0.72 61.41
CA ASN H 138 -58.85 -2.16 61.43
C ASN H 138 -60.26 -2.54 61.00
N PHE H 139 -60.49 -2.65 59.69
CA PHE H 139 -61.80 -3.05 59.19
C PHE H 139 -61.61 -3.89 57.93
N TYR H 140 -62.70 -4.56 57.53
CA TYR H 140 -62.73 -5.38 56.33
C TYR H 140 -64.19 -5.51 55.92
N PRO H 141 -64.51 -5.44 54.61
CA PRO H 141 -63.59 -5.22 53.49
C PRO H 141 -63.12 -3.77 53.36
N LYS H 142 -62.42 -3.46 52.27
CA LYS H 142 -61.82 -2.14 52.12
C LYS H 142 -62.84 -1.05 51.80
N ASP H 143 -64.01 -1.40 51.28
CA ASP H 143 -64.96 -0.41 50.79
C ASP H 143 -65.58 0.35 51.95
N ILE H 144 -65.41 1.67 51.96
CA ILE H 144 -65.85 2.51 53.06
C ILE H 144 -66.03 3.94 52.57
N ASN H 145 -66.98 4.66 53.15
CA ASN H 145 -67.30 6.04 52.77
C ASN H 145 -67.36 6.89 54.02
N VAL H 146 -66.49 7.90 54.10
CA VAL H 146 -66.48 8.84 55.22
C VAL H 146 -67.25 10.09 54.82
N LYS H 147 -67.93 10.69 55.79
CA LYS H 147 -68.74 11.87 55.55
C LYS H 147 -68.57 12.82 56.71
N TRP H 148 -68.18 14.06 56.43
CA TRP H 148 -67.99 15.07 57.46
C TRP H 148 -69.22 15.93 57.59
N LYS H 149 -69.60 16.26 58.83
CA LYS H 149 -70.78 17.06 59.10
C LYS H 149 -70.46 18.16 60.10
N ILE H 150 -70.78 19.40 59.74
CA ILE H 150 -70.61 20.56 60.60
C ILE H 150 -72.01 21.07 60.97
N ASP H 151 -72.32 21.07 62.26
CA ASP H 151 -73.66 21.41 62.74
C ASP H 151 -74.71 20.54 62.05
N GLY H 152 -74.36 19.29 61.79
CA GLY H 152 -75.24 18.33 61.17
C GLY H 152 -75.24 18.35 59.65
N SER H 153 -74.69 19.40 59.03
CA SER H 153 -74.74 19.57 57.59
C SER H 153 -73.45 19.07 56.95
N GLU H 154 -73.58 18.42 55.80
CA GLU H 154 -72.43 17.83 55.15
C GLU H 154 -71.46 18.90 54.66
N ARG H 155 -70.17 18.59 54.71
CA ARG H 155 -69.11 19.47 54.26
C ARG H 155 -68.15 18.66 53.37
N GLN H 156 -67.87 19.17 52.18
CA GLN H 156 -67.06 18.46 51.20
C GLN H 156 -65.79 19.20 50.77
N ASN H 157 -65.56 20.41 51.26
CA ASN H 157 -64.45 21.24 50.83
C ASN H 157 -63.38 21.26 51.91
N GLY H 158 -62.16 20.87 51.54
CA GLY H 158 -61.05 20.85 52.47
C GLY H 158 -60.80 19.54 53.17
N VAL H 159 -61.29 18.42 52.63
CA VAL H 159 -61.12 17.10 53.23
C VAL H 159 -59.93 16.43 52.57
N LEU H 160 -59.17 15.66 53.36
CA LEU H 160 -57.91 15.08 52.92
C LEU H 160 -57.82 13.66 53.48
N ASN H 161 -58.00 12.66 52.63
CA ASN H 161 -58.09 11.27 53.07
C ASN H 161 -56.80 10.50 52.73
N SER H 162 -56.57 9.44 53.48
CA SER H 162 -55.39 8.61 53.31
C SER H 162 -55.68 7.20 53.80
N TRP H 163 -55.33 6.19 53.01
CA TRP H 163 -55.58 4.80 53.32
C TRP H 163 -54.26 4.05 53.44
N THR H 164 -54.31 2.89 54.11
CA THR H 164 -53.17 2.01 54.25
C THR H 164 -53.38 0.76 53.40
N ASP H 165 -52.27 0.12 53.04
CA ASP H 165 -52.35 -1.20 52.43
C ASP H 165 -52.89 -2.21 53.44
N GLN H 166 -53.28 -3.38 52.93
CA GLN H 166 -53.77 -4.43 53.80
C GLN H 166 -52.71 -4.79 54.83
N ASP H 167 -53.08 -4.70 56.11
CA ASP H 167 -52.11 -4.93 57.18
C ASP H 167 -51.53 -6.34 57.10
N SER H 168 -50.30 -6.48 57.58
CA SER H 168 -49.62 -7.77 57.52
C SER H 168 -50.10 -8.71 58.63
N LYS H 169 -50.47 -8.19 59.78
CA LYS H 169 -50.85 -9.03 60.91
C LYS H 169 -52.27 -9.58 60.76
N ASP H 170 -53.27 -8.69 60.84
CA ASP H 170 -54.67 -9.10 60.83
C ASP H 170 -55.34 -8.94 59.48
N SER H 171 -54.63 -8.43 58.47
CA SER H 171 -55.15 -8.30 57.10
C SER H 171 -56.39 -7.41 57.06
N THR H 172 -56.35 -6.30 57.79
CA THR H 172 -57.41 -5.30 57.78
C THR H 172 -56.91 -4.02 57.13
N TYR H 173 -57.83 -3.08 56.96
CA TYR H 173 -57.52 -1.79 56.37
C TYR H 173 -57.83 -0.67 57.36
N SER H 174 -57.23 0.49 57.12
CA SER H 174 -57.41 1.64 58.00
C SER H 174 -57.39 2.91 57.17
N MET H 175 -58.04 3.95 57.69
CA MET H 175 -58.24 5.18 56.94
C MET H 175 -58.09 6.39 57.85
N SER H 176 -57.45 7.43 57.33
CA SER H 176 -57.29 8.70 58.03
C SER H 176 -57.95 9.80 57.23
N SER H 177 -58.93 10.47 57.83
CA SER H 177 -59.59 11.61 57.21
C SER H 177 -59.29 12.86 58.03
N THR H 178 -58.98 13.96 57.36
CA THR H 178 -58.56 15.19 58.02
C THR H 178 -59.26 16.38 57.39
N LEU H 179 -60.18 16.99 58.13
CA LEU H 179 -60.86 18.20 57.70
C LEU H 179 -60.09 19.42 58.22
N THR H 180 -59.73 20.32 57.31
CA THR H 180 -58.91 21.47 57.64
C THR H 180 -59.66 22.76 57.33
N LEU H 181 -59.77 23.63 58.32
CA LEU H 181 -60.41 24.94 58.19
C LEU H 181 -59.46 26.01 58.73
N THR H 182 -59.89 27.27 58.66
CA THR H 182 -59.18 28.33 59.33
C THR H 182 -59.57 28.37 60.81
N LYS H 183 -58.83 29.15 61.58
CA LYS H 183 -59.22 29.36 62.97
C LYS H 183 -60.50 30.18 63.05
N ASP H 184 -60.65 31.17 62.17
CA ASP H 184 -61.83 32.04 62.19
C ASP H 184 -63.08 31.27 61.79
N GLU H 185 -62.97 30.28 60.89
CA GLU H 185 -64.12 29.51 60.46
C GLU H 185 -64.43 28.33 61.37
N TYR H 186 -63.43 27.78 62.06
CA TYR H 186 -63.64 26.68 63.00
C TYR H 186 -64.52 27.09 64.17
N GLU H 187 -64.56 28.39 64.51
CA GLU H 187 -65.33 28.87 65.66
C GLU H 187 -66.69 29.41 65.30
N ARG H 188 -67.02 29.51 64.00
CA ARG H 188 -68.37 29.88 63.60
C ARG H 188 -69.38 28.79 63.94
N HIS H 189 -68.93 27.56 64.12
CA HIS H 189 -69.80 26.41 64.32
C HIS H 189 -69.44 25.72 65.63
N ASN H 190 -70.28 24.78 66.04
CA ASN H 190 -70.14 24.13 67.34
C ASN H 190 -69.93 22.63 67.24
N SER H 191 -70.72 21.92 66.44
CA SER H 191 -70.70 20.46 66.39
C SER H 191 -69.90 19.97 65.19
N TYR H 192 -69.00 19.03 65.43
CA TYR H 192 -68.17 18.43 64.39
C TYR H 192 -68.33 16.92 64.42
N THR H 193 -68.65 16.34 63.27
CA THR H 193 -69.05 14.94 63.18
C THR H 193 -68.37 14.29 61.98
N CYS H 194 -68.04 13.01 62.11
CA CYS H 194 -67.62 12.19 60.97
C CYS H 194 -68.37 10.87 61.00
N GLU H 195 -69.16 10.62 59.95
CA GLU H 195 -69.92 9.38 59.82
C GLU H 195 -69.15 8.36 59.00
N ALA H 196 -69.33 7.09 59.34
CA ALA H 196 -68.64 5.98 58.68
C ALA H 196 -69.69 4.99 58.15
N THR H 197 -69.65 4.72 56.85
CA THR H 197 -70.62 3.86 56.18
C THR H 197 -69.91 2.59 55.71
N HIS H 198 -70.16 1.49 56.41
CA HIS H 198 -69.53 0.21 56.11
C HIS H 198 -70.59 -0.87 55.99
N LYS H 199 -70.24 -1.94 55.26
CA LYS H 199 -71.19 -3.03 55.06
C LYS H 199 -71.40 -3.86 56.32
N THR H 200 -70.82 -3.47 57.45
CA THR H 200 -70.99 -4.18 58.71
C THR H 200 -72.16 -3.65 59.54
N SER H 201 -72.80 -2.56 59.11
CA SER H 201 -73.92 -2.00 59.85
C SER H 201 -74.72 -1.08 58.95
N THR H 202 -76.04 -1.30 58.90
CA THR H 202 -76.91 -0.43 58.13
C THR H 202 -76.97 0.98 58.71
N SER H 203 -76.65 1.12 60.00
CA SER H 203 -76.56 2.43 60.63
C SER H 203 -75.14 2.94 60.56
N PRO H 204 -74.91 4.18 60.13
CA PRO H 204 -73.54 4.70 60.06
C PRO H 204 -72.94 4.87 61.44
N ILE H 205 -71.68 4.50 61.58
CA ILE H 205 -70.97 4.64 62.85
C ILE H 205 -70.57 6.11 63.01
N VAL H 206 -71.14 6.77 64.02
CA VAL H 206 -71.02 8.21 64.21
C VAL H 206 -70.16 8.48 65.43
N LYS H 207 -69.18 9.37 65.27
CA LYS H 207 -68.41 9.90 66.39
C LYS H 207 -68.24 11.39 66.19
N SER H 208 -68.41 12.15 67.27
CA SER H 208 -68.44 13.60 67.16
C SER H 208 -68.02 14.23 68.49
N PHE H 209 -67.96 15.56 68.50
CA PHE H 209 -67.66 16.33 69.70
C PHE H 209 -68.23 17.73 69.51
N ASN H 210 -68.14 18.53 70.56
CA ASN H 210 -68.60 19.92 70.54
C ASN H 210 -67.48 20.84 70.99
N ARG H 211 -67.27 21.93 70.24
CA ARG H 211 -66.26 22.91 70.59
C ARG H 211 -66.56 23.53 71.95
N ASN H 212 -65.50 24.03 72.60
CA ASN H 212 -65.56 24.60 73.95
C ASN H 212 -65.93 23.53 74.97
N GLU H 213 -67.05 22.86 74.75
CA GLU H 213 -67.54 21.83 75.66
C GLU H 213 -66.57 20.65 75.73
N CYS H 214 -66.33 20.16 76.94
CA CYS H 214 -65.55 18.94 77.17
C CYS H 214 -65.74 18.48 78.61
C1 NAG I . -2.54 -9.69 -9.54
C2 NAG I . -2.90 -9.23 -8.13
C3 NAG I . -1.70 -8.53 -7.47
C4 NAG I . -0.43 -9.36 -7.59
C5 NAG I . -0.20 -9.78 -9.03
C6 NAG I . 0.97 -10.71 -9.21
C7 NAG I . -5.31 -8.75 -8.11
C8 NAG I . -6.36 -7.68 -8.14
N2 NAG I . -4.04 -8.33 -8.16
O3 NAG I . -2.02 -8.32 -6.10
O4 NAG I . 0.70 -8.59 -7.16
O5 NAG I . -1.36 -10.49 -9.50
O6 NAG I . 1.08 -11.64 -8.14
O7 NAG I . -5.60 -9.95 -8.05
C1 NAG I . 1.37 -9.24 -6.04
C2 NAG I . 2.79 -8.69 -5.93
C3 NAG I . 3.51 -9.40 -4.79
C4 NAG I . 2.73 -9.22 -3.49
C5 NAG I . 1.27 -9.65 -3.65
C6 NAG I . 0.42 -9.28 -2.46
C7 NAG I . 3.76 -7.79 -7.99
C8 NAG I . 4.54 -8.09 -9.23
N2 NAG I . 3.52 -8.83 -7.18
O3 NAG I . 4.82 -8.84 -4.66
O4 NAG I . 3.32 -10.02 -2.47
O5 NAG I . 0.67 -9.01 -4.79
O6 NAG I . 0.17 -7.89 -2.42
O7 NAG I . 3.36 -6.65 -7.73
C1 BMA I . 4.07 -9.19 -1.54
C2 BMA I . 4.11 -9.91 -0.20
C3 BMA I . 4.70 -8.96 0.83
C4 BMA I . 6.05 -8.33 0.38
C5 BMA I . 6.09 -7.95 -1.16
C6 BMA I . 7.51 -7.83 -1.71
O2 BMA I . 4.96 -11.04 -0.28
O3 BMA I . 4.90 -9.64 2.07
O4 BMA I . 6.30 -7.17 1.17
O5 BMA I . 5.41 -8.96 -1.95
O6 BMA I . 7.48 -8.01 -3.13
C1 MAN I . 4.36 -8.92 3.19
C2 MAN I . 4.86 -9.62 4.47
C3 MAN I . 4.30 -11.06 4.56
C4 MAN I . 2.78 -11.11 4.35
C5 MAN I . 2.37 -10.27 3.11
C6 MAN I . 0.86 -10.17 2.91
O2 MAN I . 4.40 -8.96 5.65
O3 MAN I . 4.61 -11.65 5.82
O4 MAN I . 2.34 -12.47 4.19
O5 MAN I . 2.96 -8.91 3.18
O6 MAN I . 0.65 -9.58 1.62
C1 MAN I . 8.65 -7.39 -3.73
C2 MAN I . 8.55 -5.80 -3.56
C3 MAN I . 7.72 -5.11 -4.68
C4 MAN I . 7.97 -5.73 -6.07
C5 MAN I . 7.86 -7.29 -6.03
C6 MAN I . 8.11 -7.94 -7.40
O2 MAN I . 9.85 -5.18 -3.60
O3 MAN I . 7.94 -3.70 -4.73
O4 MAN I . 7.03 -5.17 -7.02
O5 MAN I . 8.84 -7.80 -5.10
O6 MAN I . 7.80 -6.98 -8.41
C1 NAG J . 19.47 -24.65 -35.18
C2 NAG J . 19.80 -25.85 -36.09
C3 NAG J . 21.05 -26.59 -35.59
C4 NAG J . 22.20 -25.61 -35.39
C5 NAG J . 21.75 -24.49 -34.45
C6 NAG J . 22.81 -23.44 -34.19
C7 NAG J . 17.61 -26.54 -36.93
C8 NAG J . 16.54 -27.59 -36.89
N2 NAG J . 18.68 -26.76 -36.16
O3 NAG J . 21.42 -27.56 -36.56
O4 NAG J . 23.31 -26.27 -34.79
O5 NAG J . 20.63 -23.82 -35.03
O6 NAG J . 22.39 -22.52 -33.21
O7 NAG J . 17.51 -25.53 -37.62
C1 NAG J . 24.38 -26.58 -35.71
C2 NAG J . 25.35 -27.48 -34.94
C3 NAG J . 26.51 -27.93 -35.82
C4 NAG J . 25.98 -28.54 -37.12
C5 NAG J . 25.02 -27.58 -37.81
C6 NAG J . 24.41 -28.14 -39.07
C7 NAG J . 25.36 -26.97 -32.52
C8 NAG J . 24.25 -27.99 -32.38
N2 NAG J . 25.84 -26.78 -33.76
O3 NAG J . 27.29 -28.89 -35.12
O4 NAG J . 27.04 -28.88 -38.01
O5 NAG J . 23.95 -27.25 -36.92
O6 NAG J . 25.33 -28.18 -40.16
O7 NAG J . 25.80 -26.37 -31.55
C1 NAG K . 10.07 8.37 16.06
C2 NAG K . 11.14 7.59 15.29
C3 NAG K . 11.56 6.36 16.09
C4 NAG K . 12.05 6.78 17.47
C5 NAG K . 10.96 7.57 18.18
C6 NAG K . 11.42 8.14 19.52
C7 NAG K . 11.24 7.64 12.84
C8 NAG K . 10.64 7.14 11.55
N2 NAG K . 10.67 7.20 13.96
O3 NAG K . 12.60 5.68 15.40
O4 NAG K . 12.38 5.63 18.25
O5 NAG K . 10.56 8.69 17.38
O6 NAG K . 12.74 8.67 19.43
O7 NAG K . 12.20 8.41 12.85
C1 NAG K . 13.76 5.62 18.70
C2 NAG K . 13.87 4.47 19.70
C3 NAG K . 15.30 4.35 20.22
C4 NAG K . 16.28 4.22 19.05
C5 NAG K . 16.09 5.36 18.06
C6 NAG K . 16.94 5.22 16.81
C7 NAG K . 11.80 3.98 20.94
C8 NAG K . 10.96 4.32 22.14
N2 NAG K . 12.94 4.66 20.81
O3 NAG K . 15.40 3.20 21.06
O4 NAG K . 17.63 4.26 19.53
O5 NAG K . 14.73 5.43 17.63
O6 NAG K . 16.52 4.14 15.98
O7 NAG K . 11.46 3.10 20.14
C1 BMA K . 18.24 2.95 19.63
C2 BMA K . 19.76 3.16 19.66
C3 BMA K . 20.48 1.80 19.77
C4 BMA K . 19.93 0.94 20.93
C5 BMA K . 18.36 0.90 20.92
C6 BMA K . 17.79 0.26 22.19
O2 BMA K . 20.10 3.90 20.81
O3 BMA K . 21.90 1.97 19.96
O4 BMA K . 20.48 -0.39 20.85
O5 BMA K . 17.81 2.25 20.78
O6 BMA K . 17.99 -1.14 22.09
C1 MAN K . 22.62 1.63 18.75
C2 MAN K . 24.16 1.57 19.02
C3 MAN K . 24.72 2.97 19.32
C4 MAN K . 24.29 3.99 18.25
C5 MAN K . 22.77 3.93 18.05
C6 MAN K . 22.25 4.86 16.99
O2 MAN K . 24.90 1.10 17.86
O3 MAN K . 26.14 2.95 19.40
O4 MAN K . 24.68 5.33 18.64
O5 MAN K . 22.33 2.56 17.73
O6 MAN K . 20.85 4.60 16.90
C1 NAG L . -5.45 21.34 45.52
C2 NAG L . -5.92 22.49 46.42
C3 NAG L . -4.95 22.70 47.59
C4 NAG L . -4.75 21.39 48.33
C5 NAG L . -4.24 20.33 47.36
C6 NAG L . -4.01 18.98 48.00
C7 NAG L . -7.15 24.00 44.91
C8 NAG L . -7.14 25.31 44.19
N2 NAG L . -6.07 23.72 45.66
O3 NAG L . -5.50 23.67 48.48
O4 NAG L . -3.87 21.54 49.43
O5 NAG L . -5.21 20.15 46.31
O6 NAG L . -5.21 18.21 48.04
O7 NAG L . -8.11 23.22 44.84
C1 NAG L . -4.64 21.45 50.64
C2 NAG L . -3.64 21.40 51.80
C3 NAG L . -4.38 21.35 53.15
C4 NAG L . -5.35 22.51 53.25
C5 NAG L . -6.32 22.50 52.07
C6 NAG L . -7.28 23.67 52.07
C7 NAG L . -1.52 20.34 51.14
C8 NAG L . -1.06 21.72 50.75
N2 NAG L . -2.75 20.25 51.65
O3 NAG L . -3.42 21.44 54.20
O4 NAG L . -6.11 22.42 54.46
O5 NAG L . -5.57 22.56 50.84
O6 NAG L . -6.78 24.81 51.40
O7 NAG L . -0.80 19.36 51.01
S SO4 M . -26.73 -49.35 -6.10
O1 SO4 M . -26.13 -50.45 -6.90
O2 SO4 M . -27.33 -49.96 -4.87
O3 SO4 M . -25.72 -48.32 -5.75
O4 SO4 M . -27.80 -48.65 -6.87
S SO4 N . 5.05 -42.31 -0.23
O1 SO4 N . 5.39 -43.44 0.67
O2 SO4 N . 3.64 -42.53 -0.67
O3 SO4 N . 5.93 -42.31 -1.41
O4 SO4 N . 5.22 -41.01 0.47
CA CA O . -6.76 -23.07 22.15
CA CA P . 0.53 -32.57 13.98
CA CA Q . -2.88 -44.46 10.05
CA CA R . -15.78 -50.24 11.70
S SO4 S . -0.89 -12.10 5.94
O1 SO4 S . -1.17 -12.76 4.62
O2 SO4 S . -1.50 -12.93 7.03
O3 SO4 S . 0.56 -12.00 6.25
O4 SO4 S . -1.43 -10.72 5.91
S SO4 T . -7.35 -6.60 8.83
O1 SO4 T . -6.18 -7.06 8.03
O2 SO4 T . -8.56 -7.38 8.44
O3 SO4 T . -7.05 -6.84 10.27
O4 SO4 T . -7.60 -5.16 8.59
MG MG U . -22.68 -4.26 -12.18
CA CA V . -24.02 -9.42 -9.51
C1 NAG W . 18.23 -29.06 -43.91
C2 NAG W . 17.86 -28.04 -45.00
C3 NAG W . 19.10 -27.58 -45.77
C4 NAG W . 20.15 -27.04 -44.80
C5 NAG W . 20.50 -28.13 -43.78
C6 NAG W . 21.48 -27.66 -42.73
C7 NAG W . 15.68 -28.04 -46.18
C8 NAG W . 14.80 -28.76 -47.16
N2 NAG W . 16.88 -28.61 -45.92
O3 NAG W . 18.74 -26.54 -46.66
O4 NAG W . 21.32 -26.60 -45.47
O5 NAG W . 19.31 -28.53 -43.08
O6 NAG W . 20.85 -27.39 -41.48
O7 NAG W . 15.33 -26.99 -45.64
C1 MWI X . -20.36 -2.19 0.76
C10 MWI X . -20.74 -3.47 4.48
C11 MWI X . -20.01 -1.83 -3.37
C12 MWI X . -21.08 -2.26 -4.32
C13 MWI X . -21.22 -1.61 -5.57
C14 MWI X . -22.23 -2.00 -6.50
C15 MWI X . -21.94 -3.33 -4.01
C16 MWI X . -23.09 -3.08 -6.15
C17 MWI X . -22.30 -1.24 -7.82
C18 MWI X . -24.29 -3.17 -8.33
C19 MWI X . -22.94 -3.73 -4.92
C2 MWI X . -20.29 -3.15 1.98
C20 MWI X . -24.63 -1.67 -8.46
C21 MWI X . -25.34 -4.08 -9.03
C22 MWI X . -23.81 0.66 -8.28
C23 MWI X . -25.37 -3.87 -10.54
C3 MWI X . -19.05 -2.14 -0.05
C4 MWI X . -21.53 -2.51 -0.22
C5 MWI X . -18.85 -3.61 2.28
C6 MWI X . -20.87 -2.52 3.26
C7 MWI X . -19.18 -1.10 -1.18
C8 MWI X . -21.57 -1.51 -1.40
C9 MWI X . -18.73 -4.49 3.55
N1 MWI X . -20.27 -1.51 -2.08
N2 MWI X . -19.32 -3.81 4.72
N3 MWI X . -24.11 -3.58 -6.96
N4 MWI X . -23.64 -0.80 -8.20
O1 MWI X . -18.85 -1.78 -3.80
O2 MWI X . -25.78 -1.32 -8.78
O3 MWI X . -24.26 -3.71 -11.11
O4 MWI X . -26.50 -3.88 -11.08
S SO4 Y . 15.05 24.98 -16.50
O1 SO4 Y . 14.79 24.29 -15.22
O2 SO4 Y . 14.07 24.51 -17.51
O3 SO4 Y . 16.42 24.65 -17.00
O4 SO4 Y . 14.89 26.46 -16.31
S SO4 Z . 31.17 31.75 29.51
O1 SO4 Z . 32.18 30.67 29.23
O2 SO4 Z . 29.93 31.12 30.02
O3 SO4 Z . 31.78 32.69 30.50
O4 SO4 Z . 30.81 32.56 28.32
S SO4 AA . 25.73 1.47 6.24
O1 SO4 AA . 24.95 1.45 7.51
O2 SO4 AA . 25.15 0.46 5.30
O3 SO4 AA . 27.16 1.18 6.58
O4 SO4 AA . 25.59 2.81 5.61
CL CL BA . 23.71 50.61 3.27
CL CL CA . 44.01 48.77 3.09
CA CA DA . 43.96 12.55 7.78
CA CA EA . 40.44 21.24 19.24
CA CA FA . 40.50 34.08 19.91
CA CA GA . 42.27 42.75 8.89
S SO4 HA . 25.50 5.09 14.74
O1 SO4 HA . 25.85 3.85 15.48
O2 SO4 HA . 24.36 4.85 13.81
O3 SO4 HA . 26.70 5.57 13.98
O4 SO4 HA . 25.12 6.19 15.68
MG MG IA . 3.35 9.95 -4.01
CA CA JA . 7.47 14.60 -4.45
C1 NAG KA . -11.97 27.67 48.06
C2 NAG KA . -13.37 27.41 47.48
C3 NAG KA . -14.27 26.75 48.52
C4 NAG KA . -13.61 25.50 49.10
C5 NAG KA . -12.24 25.86 49.66
C6 NAG KA . -11.47 24.67 50.17
C7 NAG KA . -14.57 28.74 45.78
C8 NAG KA . -15.14 30.08 45.44
N2 NAG KA . -13.98 28.64 46.98
O3 NAG KA . -15.52 26.42 47.92
O4 NAG KA . -14.43 24.93 50.11
O5 NAG KA . -11.44 26.46 48.64
O6 NAG KA . -10.12 24.99 50.44
O7 NAG KA . -14.64 27.79 45.00
CL CL LA . -14.69 21.83 21.06
C1 MWI MA . 15.05 4.20 -4.81
C10 MWI MA . 18.79 4.94 -5.89
C11 MWI MA . 11.04 4.81 -3.76
C12 MWI MA . 10.15 5.77 -4.51
C13 MWI MA . 8.75 5.57 -4.53
C14 MWI MA . 7.88 6.45 -5.22
C15 MWI MA . 10.68 6.90 -5.16
C16 MWI MA . 8.43 7.58 -5.89
C17 MWI MA . 6.39 6.13 -5.18
C18 MWI MA . 6.26 8.68 -6.48
C19 MWI MA . 9.83 7.79 -5.85
C2 MWI MA . 16.50 4.75 -4.69
C20 MWI MA . 5.52 7.46 -7.07
C21 MWI MA . 5.81 10.03 -7.10
C22 MWI MA . 4.97 5.06 -6.90
C23 MWI MA . 4.31 10.29 -7.01
C3 MWI MA . 14.40 3.91 -3.42
C4 MWI MA . 14.07 5.08 -5.64
C5 MWI MA . 17.24 4.03 -3.53
C6 MWI MA . 17.29 4.57 -6.00
C7 MWI MA . 12.99 3.32 -3.57
C8 MWI MA . 12.67 4.43 -5.70
C9 MWI MA . 18.75 4.33 -3.52
N1 MWI MA . 12.14 4.26 -4.33
N2 MWI MA . 19.38 4.09 -4.84
N3 MWI MA . 7.71 8.53 -6.59
N4 MWI MA . 5.62 6.28 -6.42
O1 MWI MA . 10.73 4.55 -2.60
O2 MWI MA . 4.88 7.58 -8.11
O3 MWI MA . 3.73 9.82 -6.01
O4 MWI MA . 3.76 10.96 -7.92
S SO4 NA . -54.74 -15.46 17.09
O1 SO4 NA . -53.41 -15.57 16.42
O2 SO4 NA . -55.54 -16.69 16.82
O3 SO4 NA . -54.55 -15.34 18.56
O4 SO4 NA . -55.42 -14.24 16.57
#